data_3O8J
#
_entry.id   3O8J
#
_cell.length_a   92.068
_cell.length_b   118.159
_cell.length_c   120.659
_cell.angle_alpha   60.84
_cell.angle_beta   67.77
_cell.angle_gamma   81.92
#
_symmetry.space_group_name_H-M   'P 1'
#
loop_
_entity.id
_entity.type
_entity.pdbx_description
1 polymer '2-methylcitrate synthase'
2 non-polymer GLYCEROL
3 water water
#
_entity_poly.entity_id   1
_entity_poly.type   'polypeptide(L)'
_entity_poly.pdbx_seq_one_letter_code
;MRGSHHHHHHGMASHMTDTTILQNNTHVIKPKKSVALSGVPAGNTALCTVGKSGNDLHYRGYDILDLAEHCEFEEVAHLL
IHGKLPTRDELNAYKSKLKALRGLPANVRTVLEALPAASHPMDVMRTGVSALGCTLPEKEGHTVSGARDIADKLLASLSS
ILLYWYHYSHNGERIQPETDDDSIGGHFLHLLHGEKPTQSWEKAMHISLVLYAEHEFNASTFTSRVIAGTGSDVYSAIIG
AIGALRGPKHGGANEVSLEIQQRYETPDEAEADIRKRVENKEVVIGFGHPVYTIADPRHQVIKRVAKQLSEEGGSLKMYH
IADRLETVMWETKKMFPNLDWFSAVSYNMMGVPTEMFTPLFVIARVTGWAAHIIEQRQDNKIIRPSANYTGPEDRPFVSI
DDRC
;
_entity_poly.pdbx_strand_id   A,B,C,D,E,F,G,H,I,J
#
# COMPACT_ATOMS: atom_id res chain seq x y z
N PRO A 41 -47.77 -13.23 31.78
CA PRO A 41 -48.08 -11.82 31.53
C PRO A 41 -46.81 -11.00 31.30
N ALA A 42 -45.91 -11.55 30.47
CA ALA A 42 -44.56 -11.02 30.25
C ALA A 42 -44.48 -9.57 29.72
N GLY A 43 -45.55 -9.12 29.07
CA GLY A 43 -45.62 -7.75 28.54
C GLY A 43 -46.84 -7.50 27.66
N ASN A 44 -47.14 -6.23 27.40
CA ASN A 44 -48.27 -5.86 26.57
C ASN A 44 -47.84 -5.57 25.13
N THR A 45 -48.65 -5.98 24.16
CA THR A 45 -48.38 -5.67 22.77
C THR A 45 -49.62 -5.27 21.99
N ALA A 46 -49.47 -4.29 21.11
CA ALA A 46 -50.54 -3.87 20.22
C ALA A 46 -50.29 -4.31 18.76
N LEU A 47 -49.43 -5.30 18.58
CA LEU A 47 -48.84 -5.58 17.27
C LEU A 47 -49.45 -6.75 16.52
N CYS A 48 -49.75 -7.82 17.23
CA CYS A 48 -50.04 -9.10 16.61
C CYS A 48 -50.82 -10.02 17.52
N THR A 49 -51.82 -10.71 16.94
CA THR A 49 -52.53 -11.78 17.61
C THR A 49 -52.22 -13.10 16.92
N VAL A 50 -52.15 -14.18 17.69
CA VAL A 50 -51.80 -15.50 17.17
C VAL A 50 -52.68 -16.58 17.76
N GLY A 51 -53.45 -17.24 16.91
CA GLY A 51 -54.20 -18.44 17.31
C GLY A 51 -55.30 -18.23 18.34
N LYS A 52 -55.96 -17.08 18.29
CA LYS A 52 -57.15 -16.82 19.12
C LYS A 52 -58.29 -17.76 18.73
N SER A 53 -58.40 -18.04 17.42
CA SER A 53 -59.34 -19.02 16.89
C SER A 53 -58.69 -20.39 16.67
N GLY A 54 -57.37 -20.44 16.72
CA GLY A 54 -56.64 -21.71 16.55
C GLY A 54 -55.86 -21.85 15.27
N ASN A 55 -56.15 -20.98 14.29
CA ASN A 55 -55.59 -21.04 12.96
C ASN A 55 -55.42 -19.64 12.32
N ASP A 56 -55.24 -18.65 13.17
CA ASP A 56 -55.42 -17.24 12.80
C ASP A 56 -54.16 -16.42 13.08
N LEU A 57 -53.89 -15.42 12.23
CA LEU A 57 -52.74 -14.53 12.39
C LEU A 57 -53.06 -13.14 11.88
N HIS A 58 -52.83 -12.15 12.74
CA HIS A 58 -53.11 -10.76 12.40
C HIS A 58 -51.93 -9.84 12.76
N TYR A 59 -51.55 -8.96 11.84
CA TYR A 59 -50.59 -7.91 12.13
C TYR A 59 -51.36 -6.61 12.27
N ARG A 60 -51.34 -6.03 13.47
CA ARG A 60 -52.16 -4.85 13.78
C ARG A 60 -53.60 -4.99 13.27
N GLY A 61 -54.23 -6.13 13.59
CA GLY A 61 -55.63 -6.38 13.26
C GLY A 61 -55.89 -6.75 11.81
N TYR A 62 -54.86 -6.66 10.97
CA TYR A 62 -54.99 -7.10 9.59
C TYR A 62 -54.69 -8.59 9.44
N ASP A 63 -55.56 -9.30 8.72
CA ASP A 63 -55.44 -10.74 8.51
C ASP A 63 -54.27 -11.07 7.57
N ILE A 64 -53.42 -11.99 8.01
CA ILE A 64 -52.22 -12.40 7.26
C ILE A 64 -52.58 -12.91 5.86
N LEU A 65 -53.74 -13.56 5.76
CA LEU A 65 -54.23 -14.04 4.46
C LEU A 65 -54.37 -12.90 3.46
N ASP A 66 -54.94 -11.78 3.91
CA ASP A 66 -55.09 -10.59 3.07
C ASP A 66 -53.74 -9.93 2.72
N LEU A 67 -52.86 -9.82 3.73
CA LEU A 67 -51.55 -9.18 3.56
C LEU A 67 -50.70 -9.90 2.52
N ALA A 68 -50.60 -11.23 2.67
CA ALA A 68 -49.81 -12.06 1.77
C ALA A 68 -50.38 -12.10 0.34
N GLU A 69 -51.70 -11.98 0.21
CA GLU A 69 -52.28 -11.90 -1.13
C GLU A 69 -52.06 -10.55 -1.80
N HIS A 70 -52.17 -9.47 -1.04
CA HIS A 70 -52.22 -8.13 -1.65
C HIS A 70 -51.02 -7.20 -1.45
N CYS A 71 -50.14 -7.51 -0.51
CA CYS A 71 -49.08 -6.57 -0.14
C CYS A 71 -47.69 -6.90 -0.62
N GLU A 72 -47.00 -5.88 -1.13
CA GLU A 72 -45.54 -5.93 -1.23
C GLU A 72 -45.07 -6.04 0.22
N PHE A 73 -43.92 -6.68 0.43
CA PHE A 73 -43.34 -6.77 1.76
C PHE A 73 -43.13 -5.37 2.36
N GLU A 74 -42.64 -4.46 1.52
CA GLU A 74 -42.47 -3.05 1.86
C GLU A 74 -43.70 -2.45 2.54
N GLU A 75 -44.89 -2.90 2.12
CA GLU A 75 -46.16 -2.46 2.71
C GLU A 75 -46.39 -3.01 4.11
N VAL A 76 -45.95 -4.25 4.35
CA VAL A 76 -46.05 -4.83 5.69
C VAL A 76 -44.96 -4.24 6.60
N ALA A 77 -43.76 -4.07 6.06
CA ALA A 77 -42.70 -3.36 6.77
C ALA A 77 -43.24 -2.01 7.29
N HIS A 78 -43.91 -1.28 6.40
CA HIS A 78 -44.43 0.05 6.75
C HIS A 78 -45.47 -0.03 7.86
N LEU A 79 -46.28 -1.10 7.83
CA LEU A 79 -47.33 -1.33 8.81
C LEU A 79 -46.75 -1.60 10.20
N LEU A 80 -45.65 -2.33 10.26
CA LEU A 80 -45.08 -2.70 11.54
C LEU A 80 -44.18 -1.58 12.08
N ILE A 81 -43.34 -1.04 11.20
CA ILE A 81 -42.37 0.00 11.57
C ILE A 81 -43.01 1.38 11.71
N HIS A 82 -43.78 1.81 10.71
CA HIS A 82 -44.32 3.16 10.73
C HIS A 82 -45.79 3.24 11.19
N GLY A 83 -46.41 2.09 11.42
CA GLY A 83 -47.70 2.03 12.11
C GLY A 83 -48.92 1.85 11.23
N LYS A 84 -48.80 2.18 9.95
CA LYS A 84 -49.96 2.07 9.06
C LYS A 84 -49.63 1.51 7.69
N LEU A 85 -50.63 0.87 7.10
CA LEU A 85 -50.64 0.52 5.70
C LEU A 85 -50.53 1.81 4.89
N PRO A 86 -49.49 1.93 4.06
CA PRO A 86 -49.23 3.20 3.39
C PRO A 86 -50.19 3.49 2.22
N THR A 87 -50.43 4.78 1.98
CA THR A 87 -51.08 5.24 0.76
C THR A 87 -50.08 5.05 -0.37
N ARG A 88 -50.54 5.08 -1.62
CA ARG A 88 -49.65 4.90 -2.76
C ARG A 88 -48.46 5.87 -2.67
N ASP A 89 -48.78 7.15 -2.45
CA ASP A 89 -47.76 8.19 -2.31
C ASP A 89 -46.74 7.86 -1.21
N GLU A 90 -47.21 7.42 -0.04
CA GLU A 90 -46.31 7.03 1.07
C GLU A 90 -45.42 5.82 0.75
N LEU A 91 -45.93 4.87 -0.04
CA LEU A 91 -45.14 3.74 -0.52
C LEU A 91 -44.06 4.17 -1.52
N ASN A 92 -44.44 4.98 -2.49
CA ASN A 92 -43.49 5.54 -3.46
C ASN A 92 -42.29 6.16 -2.75
N ALA A 93 -42.55 7.01 -1.75
CA ALA A 93 -41.51 7.65 -0.95
C ALA A 93 -40.73 6.66 -0.07
N TYR A 94 -41.41 5.67 0.48
CA TYR A 94 -40.77 4.68 1.37
C TYR A 94 -39.78 3.82 0.61
N LYS A 95 -40.13 3.52 -0.64
CA LYS A 95 -39.33 2.64 -1.49
C LYS A 95 -38.15 3.41 -2.04
N SER A 96 -38.39 4.66 -2.40
CA SER A 96 -37.32 5.57 -2.77
C SER A 96 -36.33 5.79 -1.61
N LYS A 97 -36.84 5.81 -0.38
CA LYS A 97 -36.00 5.98 0.79
C LYS A 97 -35.17 4.71 1.06
N LEU A 98 -35.81 3.55 0.97
CA LEU A 98 -35.13 2.26 1.20
C LEU A 98 -34.11 1.89 0.11
N LYS A 99 -34.40 2.30 -1.12
CA LYS A 99 -33.54 2.02 -2.27
C LYS A 99 -32.21 2.74 -2.13
N ALA A 100 -32.27 3.96 -1.61
CA ALA A 100 -31.09 4.77 -1.32
C ALA A 100 -30.38 4.44 0.00
N LEU A 101 -30.97 3.57 0.82
CA LEU A 101 -30.35 3.12 2.08
C LEU A 101 -29.56 1.79 1.99
N ARG A 102 -29.26 1.35 0.77
CA ARG A 102 -28.68 0.01 0.55
C ARG A 102 -27.17 -0.03 0.68
N GLY A 103 -26.58 1.15 0.86
CA GLY A 103 -25.15 1.33 0.81
C GLY A 103 -24.45 0.80 2.05
N LEU A 104 -23.14 0.61 1.91
CA LEU A 104 -22.31 0.13 2.99
C LEU A 104 -21.18 1.08 3.20
N PRO A 105 -21.06 1.63 4.42
CA PRO A 105 -19.99 2.53 4.79
C PRO A 105 -18.61 1.93 4.50
N ALA A 106 -17.66 2.80 4.17
CA ALA A 106 -16.26 2.41 3.91
C ALA A 106 -15.67 1.52 5.01
N ASN A 107 -15.90 1.90 6.26
CA ASN A 107 -15.34 1.18 7.40
C ASN A 107 -16.03 -0.20 7.58
N VAL A 108 -17.32 -0.24 7.30
CA VAL A 108 -18.15 -1.45 7.44
C VAL A 108 -17.80 -2.50 6.40
N ARG A 109 -17.54 -2.03 5.19
CA ARG A 109 -16.95 -2.85 4.14
C ARG A 109 -15.66 -3.55 4.63
N THR A 110 -14.73 -2.74 5.14
CA THR A 110 -13.49 -3.22 5.72
C THR A 110 -13.73 -4.29 6.79
N VAL A 111 -14.74 -4.07 7.63
CA VAL A 111 -15.14 -5.07 8.62
C VAL A 111 -15.57 -6.39 7.97
N LEU A 112 -16.52 -6.31 7.05
CA LEU A 112 -17.02 -7.50 6.32
C LEU A 112 -15.90 -8.24 5.59
N GLU A 113 -14.94 -7.49 5.06
CA GLU A 113 -13.81 -8.11 4.33
C GLU A 113 -12.93 -8.97 5.24
N ALA A 114 -12.94 -8.70 6.55
CA ALA A 114 -12.08 -9.46 7.48
C ALA A 114 -12.73 -10.76 7.97
N LEU A 115 -14.00 -10.96 7.63
CA LEU A 115 -14.73 -12.12 8.09
C LEU A 115 -14.49 -13.25 7.13
N PRO A 116 -13.95 -14.37 7.64
CA PRO A 116 -13.56 -15.45 6.74
C PRO A 116 -14.76 -16.05 6.01
N ALA A 117 -14.50 -16.67 4.87
CA ALA A 117 -15.52 -17.33 4.06
C ALA A 117 -16.38 -18.34 4.83
N ALA A 118 -15.82 -18.97 5.86
CA ALA A 118 -16.51 -20.06 6.58
C ALA A 118 -17.40 -19.61 7.76
N SER A 119 -17.51 -18.31 7.94
CA SER A 119 -18.38 -17.75 8.97
C SER A 119 -19.81 -18.19 8.75
N HIS A 120 -20.50 -18.44 9.86
CA HIS A 120 -21.93 -18.61 9.81
C HIS A 120 -22.48 -17.32 9.24
N PRO A 121 -23.41 -17.41 8.28
CA PRO A 121 -23.94 -16.19 7.66
C PRO A 121 -24.70 -15.32 8.67
N MET A 122 -25.29 -15.96 9.67
CA MET A 122 -25.95 -15.25 10.75
C MET A 122 -24.95 -14.44 11.59
N ASP A 123 -23.77 -15.04 11.82
CA ASP A 123 -22.66 -14.36 12.52
C ASP A 123 -22.10 -13.19 11.70
N VAL A 124 -22.22 -13.29 10.37
CA VAL A 124 -21.85 -12.18 9.48
C VAL A 124 -22.80 -10.99 9.64
N MET A 125 -24.10 -11.28 9.55
CA MET A 125 -25.11 -10.25 9.82
C MET A 125 -24.85 -9.63 11.19
N ARG A 126 -24.74 -10.49 12.21
CA ARG A 126 -24.51 -10.06 13.59
C ARG A 126 -23.37 -9.06 13.64
N THR A 127 -22.21 -9.42 13.08
CA THR A 127 -21.04 -8.54 13.04
C THR A 127 -21.28 -7.25 12.29
N GLY A 128 -21.90 -7.37 11.12
CA GLY A 128 -22.17 -6.21 10.25
C GLY A 128 -23.05 -5.19 10.91
N VAL A 129 -24.17 -5.66 11.48
CA VAL A 129 -25.07 -4.83 12.24
C VAL A 129 -24.34 -4.25 13.46
N SER A 130 -23.45 -5.04 14.05
CA SER A 130 -22.69 -4.56 15.19
C SER A 130 -21.81 -3.37 14.81
N ALA A 131 -21.02 -3.53 13.74
CA ALA A 131 -20.13 -2.48 13.27
C ALA A 131 -20.90 -1.24 12.82
N LEU A 132 -22.08 -1.46 12.24
CA LEU A 132 -22.91 -0.34 11.78
C LEU A 132 -23.41 0.50 12.96
N GLY A 133 -23.71 -0.17 14.08
CA GLY A 133 -24.10 0.53 15.31
C GLY A 133 -23.01 1.43 15.87
N CYS A 134 -21.75 1.07 15.61
CA CYS A 134 -20.62 1.93 15.94
C CYS A 134 -20.50 3.06 14.93
N THR A 135 -20.99 2.84 13.73
CA THR A 135 -20.78 3.77 12.64
C THR A 135 -21.91 4.81 12.51
N LEU A 136 -23.15 4.34 12.48
CA LEU A 136 -24.32 5.23 12.43
C LEU A 136 -25.14 5.02 13.71
N PRO A 137 -24.57 5.43 14.87
CA PRO A 137 -25.18 5.11 16.16
C PRO A 137 -26.49 5.87 16.39
N GLU A 138 -27.35 5.30 17.20
CA GLU A 138 -28.54 6.00 17.64
C GLU A 138 -28.11 7.20 18.50
N LYS A 139 -28.79 8.34 18.32
CA LYS A 139 -28.52 9.51 19.16
C LYS A 139 -29.02 9.23 20.58
N GLU A 140 -28.43 9.87 21.58
CA GLU A 140 -28.64 9.42 22.95
C GLU A 140 -30.09 9.46 23.42
N GLY A 141 -30.90 10.35 22.83
CA GLY A 141 -32.33 10.48 23.14
C GLY A 141 -33.21 9.25 22.92
N HIS A 142 -32.85 8.40 21.98
CA HIS A 142 -33.66 7.23 21.63
C HIS A 142 -35.12 7.61 21.29
N THR A 143 -35.28 8.59 20.42
CA THR A 143 -36.61 8.99 19.94
C THR A 143 -37.22 7.92 19.02
N VAL A 144 -38.54 7.90 18.94
CA VAL A 144 -39.26 6.96 18.08
C VAL A 144 -38.81 7.09 16.61
N SER A 145 -38.69 8.33 16.16
CA SER A 145 -38.30 8.67 14.80
C SER A 145 -36.91 8.19 14.39
N GLY A 146 -35.95 8.29 15.32
CA GLY A 146 -34.60 7.78 15.13
C GLY A 146 -34.54 6.25 15.11
N ALA A 147 -35.37 5.60 15.93
CA ALA A 147 -35.47 4.14 15.94
C ALA A 147 -35.94 3.63 14.59
N ARG A 148 -36.99 4.24 14.05
CA ARG A 148 -37.52 3.84 12.74
C ARG A 148 -36.52 4.09 11.62
N ASP A 149 -35.63 5.06 11.80
CA ASP A 149 -34.62 5.34 10.81
C ASP A 149 -33.61 4.21 10.77
N ILE A 150 -33.28 3.69 11.95
CA ILE A 150 -32.35 2.58 12.07
C ILE A 150 -32.99 1.29 11.57
N ALA A 151 -34.25 1.06 11.92
CA ALA A 151 -34.94 -0.13 11.41
C ALA A 151 -34.96 -0.13 9.89
N ASP A 152 -35.24 1.05 9.30
CA ASP A 152 -35.30 1.23 7.83
C ASP A 152 -33.94 1.00 7.17
N LYS A 153 -32.89 1.61 7.71
CA LYS A 153 -31.53 1.38 7.24
C LYS A 153 -31.21 -0.11 7.28
N LEU A 154 -31.47 -0.72 8.44
CA LEU A 154 -31.20 -2.15 8.62
C LEU A 154 -32.02 -3.02 7.65
N LEU A 155 -33.27 -2.64 7.40
CA LEU A 155 -34.17 -3.39 6.52
C LEU A 155 -33.64 -3.37 5.08
N ALA A 156 -33.02 -2.25 4.72
CA ALA A 156 -32.59 -1.98 3.36
C ALA A 156 -31.20 -2.53 3.09
N SER A 157 -30.38 -2.65 4.12
CA SER A 157 -28.98 -3.03 3.94
C SER A 157 -28.61 -4.41 4.48
N LEU A 158 -29.51 -5.05 5.21
CA LEU A 158 -29.18 -6.38 5.73
C LEU A 158 -28.74 -7.28 4.60
N SER A 159 -29.43 -7.20 3.46
CA SER A 159 -29.06 -7.94 2.27
C SER A 159 -27.70 -7.54 1.73
N SER A 160 -27.38 -6.25 1.80
CA SER A 160 -26.08 -5.76 1.35
C SER A 160 -24.96 -6.30 2.23
N ILE A 161 -25.20 -6.34 3.54
CA ILE A 161 -24.19 -6.80 4.51
C ILE A 161 -23.84 -8.24 4.22
N LEU A 162 -24.88 -9.09 4.15
CA LEU A 162 -24.74 -10.52 3.92
C LEU A 162 -23.98 -10.80 2.63
N LEU A 163 -24.45 -10.21 1.54
CA LEU A 163 -24.02 -10.62 0.22
C LEU A 163 -22.70 -10.00 -0.25
N TYR A 164 -22.42 -8.79 0.20
CA TYR A 164 -21.10 -8.22 0.00
C TYR A 164 -20.06 -9.15 0.63
N TRP A 165 -20.32 -9.62 1.84
CA TRP A 165 -19.40 -10.53 2.51
C TRP A 165 -19.24 -11.82 1.72
N TYR A 166 -20.38 -12.42 1.38
CA TYR A 166 -20.40 -13.69 0.67
C TYR A 166 -19.54 -13.58 -0.58
N HIS A 167 -19.87 -12.62 -1.43
CA HIS A 167 -19.21 -12.49 -2.73
C HIS A 167 -17.75 -12.04 -2.65
N TYR A 168 -17.38 -11.38 -1.56
CA TYR A 168 -15.96 -11.08 -1.36
C TYR A 168 -15.23 -12.31 -0.85
N SER A 169 -15.74 -12.89 0.24
CA SER A 169 -15.10 -14.05 0.84
C SER A 169 -15.07 -15.28 -0.09
N HIS A 170 -16.17 -15.53 -0.80
CA HIS A 170 -16.29 -16.73 -1.64
C HIS A 170 -15.84 -16.56 -3.09
N ASN A 171 -15.95 -15.35 -3.63
CA ASN A 171 -15.67 -15.13 -5.05
C ASN A 171 -14.65 -14.05 -5.34
N GLY A 172 -14.11 -13.45 -4.29
CA GLY A 172 -13.08 -12.43 -4.42
C GLY A 172 -13.55 -11.14 -5.08
N GLU A 173 -14.84 -10.87 -5.01
CA GLU A 173 -15.39 -9.71 -5.70
C GLU A 173 -16.02 -8.70 -4.74
N ARG A 174 -15.67 -7.43 -4.95
CA ARG A 174 -16.36 -6.32 -4.27
C ARG A 174 -17.61 -5.94 -5.07
N ILE A 175 -18.78 -6.46 -4.69
CA ILE A 175 -20.00 -6.18 -5.47
C ILE A 175 -20.52 -4.75 -5.22
N GLN A 176 -21.36 -4.25 -6.12
CA GLN A 176 -22.04 -2.98 -5.92
C GLN A 176 -23.38 -3.25 -5.24
N PRO A 177 -23.54 -2.85 -3.97
CA PRO A 177 -24.81 -3.14 -3.31
C PRO A 177 -25.97 -2.21 -3.69
N GLU A 178 -25.67 -1.03 -4.23
CA GLU A 178 -26.68 -0.04 -4.54
C GLU A 178 -27.25 -0.25 -5.94
N THR A 179 -28.12 -1.26 -6.05
CA THR A 179 -28.66 -1.66 -7.33
C THR A 179 -29.96 -0.91 -7.64
N ASP A 180 -30.56 -1.21 -8.78
CA ASP A 180 -31.80 -0.54 -9.22
C ASP A 180 -33.06 -1.40 -9.01
N ASP A 181 -32.91 -2.53 -8.34
CA ASP A 181 -34.04 -3.37 -7.99
C ASP A 181 -35.03 -2.58 -7.14
N ASP A 182 -36.33 -2.86 -7.34
CA ASP A 182 -37.39 -2.07 -6.73
C ASP A 182 -38.09 -2.73 -5.55
N SER A 183 -37.40 -3.69 -4.93
CA SER A 183 -37.90 -4.31 -3.71
C SER A 183 -36.76 -5.00 -2.99
N ILE A 184 -36.89 -5.12 -1.68
CA ILE A 184 -35.91 -5.76 -0.82
C ILE A 184 -35.68 -7.19 -1.31
N GLY A 185 -36.77 -7.93 -1.46
CA GLY A 185 -36.73 -9.29 -1.94
C GLY A 185 -35.97 -9.40 -3.25
N GLY A 186 -36.33 -8.54 -4.21
CA GLY A 186 -35.68 -8.53 -5.53
C GLY A 186 -34.21 -8.14 -5.47
N HIS A 187 -33.90 -7.22 -4.55
CA HIS A 187 -32.53 -6.82 -4.25
C HIS A 187 -31.69 -8.01 -3.72
N PHE A 188 -32.24 -8.74 -2.75
CA PHE A 188 -31.57 -9.94 -2.22
C PHE A 188 -31.14 -10.86 -3.35
N LEU A 189 -32.11 -11.33 -4.13
CA LEU A 189 -31.87 -12.25 -5.25
C LEU A 189 -30.88 -11.73 -6.31
N HIS A 190 -30.91 -10.44 -6.59
CA HIS A 190 -29.92 -9.84 -7.48
C HIS A 190 -28.49 -10.02 -6.94
N LEU A 191 -28.25 -9.58 -5.71
CA LEU A 191 -26.93 -9.72 -5.11
C LEU A 191 -26.51 -11.18 -4.89
N LEU A 192 -27.48 -12.07 -4.69
CA LEU A 192 -27.13 -13.49 -4.50
C LEU A 192 -26.73 -14.12 -5.82
N HIS A 193 -27.54 -13.90 -6.85
CA HIS A 193 -27.37 -14.58 -8.13
C HIS A 193 -26.52 -13.83 -9.15
N GLY A 194 -26.34 -12.52 -8.95
CA GLY A 194 -25.59 -11.70 -9.90
C GLY A 194 -26.45 -11.20 -11.04
N GLU A 195 -27.74 -11.52 -11.00
CA GLU A 195 -28.69 -11.04 -12.00
C GLU A 195 -30.03 -10.71 -11.37
N LYS A 196 -30.74 -9.77 -11.98
CA LYS A 196 -32.12 -9.45 -11.59
C LYS A 196 -32.93 -10.74 -11.67
N PRO A 197 -33.79 -10.98 -10.67
CA PRO A 197 -34.64 -12.16 -10.72
C PRO A 197 -35.83 -11.95 -11.65
N THR A 198 -36.51 -13.06 -11.99
CA THR A 198 -37.79 -12.97 -12.68
C THR A 198 -38.80 -12.26 -11.79
N GLN A 199 -39.78 -11.62 -12.43
CA GLN A 199 -40.93 -11.03 -11.79
C GLN A 199 -41.52 -12.01 -10.76
N SER A 200 -41.59 -13.28 -11.16
CA SER A 200 -42.22 -14.34 -10.38
C SER A 200 -41.49 -14.61 -9.08
N TRP A 201 -40.16 -14.66 -9.16
CA TRP A 201 -39.31 -14.79 -7.98
C TRP A 201 -39.46 -13.57 -7.10
N GLU A 202 -39.48 -12.39 -7.70
CA GLU A 202 -39.69 -11.17 -6.90
C GLU A 202 -40.97 -11.27 -6.07
N LYS A 203 -42.07 -11.64 -6.71
CA LYS A 203 -43.35 -11.71 -6.01
C LYS A 203 -43.40 -12.78 -4.92
N ALA A 204 -42.77 -13.93 -5.20
CA ALA A 204 -42.60 -15.00 -4.20
C ALA A 204 -41.83 -14.52 -2.97
N MET A 205 -40.76 -13.73 -3.18
CA MET A 205 -40.01 -13.11 -2.06
C MET A 205 -40.90 -12.18 -1.26
N HIS A 206 -41.65 -11.31 -1.95
CA HIS A 206 -42.63 -10.45 -1.30
C HIS A 206 -43.46 -11.26 -0.31
N ILE A 207 -44.09 -12.33 -0.80
CA ILE A 207 -44.99 -13.17 -0.02
C ILE A 207 -44.27 -13.83 1.17
N SER A 208 -43.14 -14.48 0.91
CA SER A 208 -42.37 -15.16 1.96
C SER A 208 -42.06 -14.21 3.11
N LEU A 209 -41.60 -13.03 2.76
CA LEU A 209 -41.12 -12.06 3.73
C LEU A 209 -42.26 -11.44 4.50
N VAL A 210 -43.44 -11.37 3.88
CA VAL A 210 -44.65 -10.95 4.57
C VAL A 210 -44.97 -11.99 5.62
N LEU A 211 -44.81 -13.27 5.28
CA LEU A 211 -45.24 -14.36 6.15
C LEU A 211 -44.40 -14.45 7.41
N TYR A 212 -43.12 -14.10 7.28
CA TYR A 212 -42.15 -14.17 8.36
C TYR A 212 -41.98 -12.86 9.11
N ALA A 213 -42.78 -11.85 8.76
CA ALA A 213 -42.51 -10.48 9.26
C ALA A 213 -42.67 -10.28 10.76
N GLU A 214 -43.64 -10.97 11.37
CA GLU A 214 -44.02 -10.73 12.76
C GLU A 214 -44.73 -11.97 13.29
N HIS A 215 -44.48 -12.30 14.56
CA HIS A 215 -45.21 -13.42 15.18
C HIS A 215 -45.32 -13.31 16.71
N GLU A 216 -45.65 -12.12 17.22
CA GLU A 216 -45.86 -11.87 18.66
C GLU A 216 -44.61 -12.29 19.48
N PHE A 217 -44.79 -12.76 20.70
CA PHE A 217 -43.64 -13.15 21.53
C PHE A 217 -43.13 -14.53 21.20
N ASN A 218 -41.81 -14.61 21.18
CA ASN A 218 -41.06 -15.82 20.94
C ASN A 218 -39.64 -15.48 21.36
N ALA A 219 -38.73 -16.44 21.30
CA ALA A 219 -37.38 -16.24 21.80
C ALA A 219 -36.70 -14.98 21.24
N SER A 220 -36.71 -14.80 19.91
CA SER A 220 -36.01 -13.67 19.30
C SER A 220 -36.71 -12.33 19.60
N THR A 221 -38.03 -12.31 19.52
CA THR A 221 -38.77 -11.08 19.81
C THR A 221 -38.64 -10.68 21.27
N PHE A 222 -38.79 -11.65 22.17
CA PHE A 222 -38.68 -11.38 23.60
C PHE A 222 -37.29 -10.88 23.99
N THR A 223 -36.25 -11.46 23.37
CA THR A 223 -34.88 -10.98 23.52
C THR A 223 -34.76 -9.50 23.12
N SER A 224 -35.33 -9.13 21.97
CA SER A 224 -35.31 -7.74 21.54
C SER A 224 -35.97 -6.83 22.56
N ARG A 225 -37.02 -7.31 23.23
CA ARG A 225 -37.72 -6.48 24.23
C ARG A 225 -37.01 -6.41 25.58
N VAL A 226 -36.35 -7.49 25.98
CA VAL A 226 -35.52 -7.50 27.18
C VAL A 226 -34.37 -6.48 27.03
N ILE A 227 -33.62 -6.58 25.94
CA ILE A 227 -32.52 -5.66 25.68
C ILE A 227 -33.02 -4.22 25.63
N ALA A 228 -34.13 -3.99 24.93
CA ALA A 228 -34.76 -2.67 24.87
C ALA A 228 -35.24 -2.14 26.23
N GLY A 229 -35.65 -3.04 27.11
CA GLY A 229 -36.13 -2.69 28.45
C GLY A 229 -35.05 -2.24 29.42
N THR A 230 -33.78 -2.36 29.01
CA THR A 230 -32.70 -1.81 29.81
C THR A 230 -32.36 -0.37 29.38
N GLY A 231 -33.01 0.11 28.33
CA GLY A 231 -32.73 1.44 27.79
C GLY A 231 -31.61 1.41 26.76
N SER A 232 -31.24 0.20 26.35
CA SER A 232 -30.22 -0.05 25.34
C SER A 232 -30.68 0.40 23.94
N ASP A 233 -29.73 0.42 23.00
CA ASP A 233 -30.00 0.92 21.66
C ASP A 233 -30.56 -0.15 20.71
N VAL A 234 -31.16 0.33 19.62
CA VAL A 234 -31.85 -0.52 18.65
C VAL A 234 -30.96 -1.62 18.08
N TYR A 235 -29.71 -1.28 17.79
CA TYR A 235 -28.76 -2.24 17.22
C TYR A 235 -28.54 -3.38 18.20
N SER A 236 -28.28 -3.05 19.47
CA SER A 236 -28.13 -4.06 20.53
C SER A 236 -29.36 -4.96 20.64
N ALA A 237 -30.56 -4.38 20.59
CA ALA A 237 -31.77 -5.19 20.67
C ALA A 237 -31.87 -6.14 19.47
N ILE A 238 -31.51 -5.63 18.29
CA ILE A 238 -31.61 -6.41 17.06
C ILE A 238 -30.54 -7.49 17.01
N ILE A 239 -29.34 -7.16 17.46
CA ILE A 239 -28.19 -8.06 17.46
C ILE A 239 -28.40 -9.28 18.35
N GLY A 240 -29.01 -9.07 19.51
CA GLY A 240 -29.42 -10.17 20.38
C GLY A 240 -30.50 -11.04 19.74
N ALA A 241 -31.49 -10.39 19.11
CA ALA A 241 -32.56 -11.12 18.41
C ALA A 241 -31.99 -12.05 17.35
N ILE A 242 -31.03 -11.55 16.59
CA ILE A 242 -30.28 -12.34 15.60
C ILE A 242 -29.61 -13.56 16.25
N GLY A 243 -28.94 -13.33 17.38
CA GLY A 243 -28.33 -14.42 18.16
C GLY A 243 -29.34 -15.51 18.51
N ALA A 244 -30.52 -15.10 18.99
CA ALA A 244 -31.56 -16.06 19.33
C ALA A 244 -32.03 -16.79 18.09
N LEU A 245 -32.30 -16.06 17.02
CA LEU A 245 -32.83 -16.67 15.77
C LEU A 245 -31.85 -17.65 15.12
N ARG A 246 -30.58 -17.56 15.48
CA ARG A 246 -29.53 -18.40 14.91
C ARG A 246 -29.59 -19.83 15.47
N GLY A 247 -30.19 -19.99 16.65
CA GLY A 247 -30.39 -21.31 17.22
C GLY A 247 -31.32 -22.15 16.36
N PRO A 248 -30.91 -23.39 16.04
CA PRO A 248 -31.63 -24.31 15.17
C PRO A 248 -33.03 -24.65 15.67
N LYS A 249 -33.26 -24.52 16.97
CA LYS A 249 -34.59 -24.78 17.51
C LYS A 249 -35.54 -23.61 17.22
N HIS A 250 -35.00 -22.47 16.81
CA HIS A 250 -35.79 -21.26 16.64
C HIS A 250 -35.75 -20.68 15.23
N GLY A 251 -34.56 -20.50 14.68
CA GLY A 251 -34.44 -19.76 13.43
C GLY A 251 -34.31 -20.60 12.19
N GLY A 252 -33.71 -21.79 12.34
CA GLY A 252 -33.41 -22.64 11.19
C GLY A 252 -34.11 -23.97 11.20
N ALA A 253 -35.42 -23.96 11.42
CA ALA A 253 -36.22 -25.17 11.27
C ALA A 253 -36.47 -25.49 9.80
N ASN A 254 -36.47 -24.48 8.93
CA ASN A 254 -36.66 -24.77 7.50
C ASN A 254 -35.42 -25.34 6.80
N GLU A 255 -34.25 -25.20 7.44
CA GLU A 255 -33.01 -25.79 6.94
C GLU A 255 -33.00 -27.29 7.16
N VAL A 256 -33.45 -27.72 8.33
CA VAL A 256 -33.62 -29.14 8.62
C VAL A 256 -34.83 -29.72 7.86
N SER A 257 -35.86 -28.91 7.62
CA SER A 257 -36.99 -29.32 6.78
C SER A 257 -36.50 -29.70 5.38
N LEU A 258 -35.63 -28.88 4.83
CA LEU A 258 -35.00 -29.14 3.52
C LEU A 258 -34.17 -30.42 3.54
N GLU A 259 -33.34 -30.59 4.57
CA GLU A 259 -32.56 -31.82 4.76
C GLU A 259 -33.44 -33.07 4.73
N ILE A 260 -34.57 -33.00 5.44
CA ILE A 260 -35.57 -34.09 5.46
C ILE A 260 -36.09 -34.37 4.05
N GLN A 261 -36.66 -33.36 3.41
CA GLN A 261 -37.24 -33.50 2.07
C GLN A 261 -36.24 -34.01 1.04
N GLN A 262 -34.97 -33.66 1.22
CA GLN A 262 -33.92 -34.04 0.28
C GLN A 262 -33.22 -35.38 0.56
N ARG A 263 -33.61 -36.05 1.64
CA ARG A 263 -33.20 -37.43 1.92
C ARG A 263 -33.69 -38.39 0.84
N TYR A 264 -34.84 -38.08 0.24
CA TYR A 264 -35.60 -39.06 -0.53
C TYR A 264 -35.75 -38.72 -2.01
N GLU A 265 -35.86 -39.75 -2.82
CA GLU A 265 -36.01 -39.62 -4.27
C GLU A 265 -37.47 -39.75 -4.74
N THR A 266 -38.32 -40.34 -3.88
CA THR A 266 -39.71 -40.57 -4.23
C THR A 266 -40.65 -40.39 -3.00
N PRO A 267 -41.89 -39.91 -3.24
CA PRO A 267 -42.94 -39.87 -2.21
C PRO A 267 -43.13 -41.20 -1.46
N ASP A 268 -43.26 -42.30 -2.20
CA ASP A 268 -43.37 -43.65 -1.65
C ASP A 268 -42.25 -43.94 -0.63
N GLU A 269 -41.01 -43.62 -1.00
CA GLU A 269 -39.85 -43.87 -0.13
C GLU A 269 -39.85 -42.95 1.08
N ALA A 270 -40.13 -41.66 0.85
CA ALA A 270 -40.24 -40.66 1.91
C ALA A 270 -41.24 -41.09 2.99
N GLU A 271 -42.40 -41.57 2.54
CA GLU A 271 -43.45 -42.06 3.41
C GLU A 271 -43.02 -43.26 4.28
N ALA A 272 -42.28 -44.18 3.68
CA ALA A 272 -41.83 -45.37 4.41
C ALA A 272 -40.88 -45.02 5.56
N ASP A 273 -39.90 -44.16 5.29
CA ASP A 273 -38.88 -43.81 6.28
C ASP A 273 -39.45 -42.93 7.42
N ILE A 274 -40.23 -41.92 7.07
CA ILE A 274 -40.82 -41.02 8.08
C ILE A 274 -41.80 -41.75 9.00
N ARG A 275 -42.62 -42.65 8.44
CA ARG A 275 -43.56 -43.38 9.28
C ARG A 275 -42.87 -44.43 10.17
N LYS A 276 -41.69 -44.86 9.75
CA LYS A 276 -40.81 -45.69 10.58
C LYS A 276 -40.17 -44.87 11.71
N ARG A 277 -39.72 -43.65 11.39
CA ARG A 277 -39.17 -42.73 12.40
C ARG A 277 -40.22 -42.27 13.41
N VAL A 278 -41.44 -42.01 12.92
CA VAL A 278 -42.55 -41.61 13.78
C VAL A 278 -42.97 -42.72 14.75
N GLU A 279 -43.02 -43.95 14.24
CA GLU A 279 -43.27 -45.13 15.09
C GLU A 279 -42.23 -45.22 16.20
N ASN A 280 -40.99 -44.85 15.87
CA ASN A 280 -39.88 -44.88 16.82
C ASN A 280 -39.76 -43.57 17.60
N LYS A 281 -40.89 -42.86 17.70
CA LYS A 281 -41.06 -41.66 18.52
C LYS A 281 -40.15 -40.48 18.15
N GLU A 282 -39.70 -40.43 16.90
CA GLU A 282 -38.89 -39.30 16.44
C GLU A 282 -39.71 -38.03 16.18
N VAL A 283 -39.09 -36.89 16.43
CA VAL A 283 -39.70 -35.60 16.14
C VAL A 283 -39.43 -35.29 14.68
N VAL A 284 -40.46 -34.84 13.97
CA VAL A 284 -40.31 -34.43 12.58
C VAL A 284 -40.44 -32.93 12.52
N ILE A 285 -39.31 -32.28 12.27
CA ILE A 285 -39.24 -30.82 12.20
C ILE A 285 -40.11 -30.26 11.07
N GLY A 286 -40.78 -29.14 11.33
CA GLY A 286 -41.65 -28.51 10.35
C GLY A 286 -43.12 -28.77 10.61
N PHE A 287 -43.39 -29.61 11.64
CA PHE A 287 -44.76 -29.93 12.04
C PHE A 287 -45.06 -29.47 13.48
N GLY A 288 -46.32 -29.15 13.72
CA GLY A 288 -46.78 -28.67 15.02
C GLY A 288 -46.48 -27.20 15.26
N HIS A 289 -47.09 -26.66 16.31
CA HIS A 289 -46.82 -25.30 16.76
C HIS A 289 -47.24 -25.12 18.21
N PRO A 290 -46.47 -24.33 19.00
CA PRO A 290 -46.84 -24.17 20.40
C PRO A 290 -48.12 -23.35 20.56
N VAL A 291 -48.40 -22.47 19.61
CA VAL A 291 -49.59 -21.61 19.72
C VAL A 291 -50.79 -22.13 18.92
N TYR A 292 -50.60 -22.42 17.64
CA TYR A 292 -51.69 -22.89 16.78
C TYR A 292 -52.16 -24.27 17.17
N THR A 293 -53.46 -24.42 17.40
CA THR A 293 -54.02 -25.74 17.69
C THR A 293 -54.71 -26.37 16.47
N ILE A 294 -55.00 -25.57 15.45
CA ILE A 294 -55.70 -26.11 14.28
C ILE A 294 -54.82 -26.15 13.03
N ALA A 295 -54.29 -25.01 12.64
CA ALA A 295 -53.42 -24.91 11.46
C ALA A 295 -52.53 -23.70 11.59
N ASP A 296 -51.40 -23.71 10.90
CA ASP A 296 -50.61 -22.49 10.68
C ASP A 296 -51.18 -21.77 9.43
N PRO A 297 -51.79 -20.59 9.61
CA PRO A 297 -52.38 -19.96 8.44
C PRO A 297 -51.34 -19.61 7.39
N ARG A 298 -50.06 -19.54 7.78
CA ARG A 298 -48.98 -19.22 6.85
C ARG A 298 -48.62 -20.39 5.91
N HIS A 299 -48.91 -21.62 6.36
CA HIS A 299 -48.62 -22.82 5.58
C HIS A 299 -49.35 -22.86 4.25
N GLN A 300 -50.68 -22.73 4.25
CA GLN A 300 -51.45 -22.74 2.99
C GLN A 300 -50.84 -21.78 1.96
N VAL A 301 -50.36 -20.62 2.44
CA VAL A 301 -49.93 -19.57 1.54
C VAL A 301 -48.59 -19.92 0.91
N ILE A 302 -47.67 -20.45 1.70
CA ILE A 302 -46.34 -20.80 1.19
C ILE A 302 -46.37 -22.10 0.35
N LYS A 303 -47.33 -22.97 0.65
CA LYS A 303 -47.54 -24.17 -0.16
C LYS A 303 -47.90 -23.80 -1.59
N ARG A 304 -48.84 -22.87 -1.75
CA ARG A 304 -49.19 -22.38 -3.07
C ARG A 304 -47.97 -21.75 -3.75
N VAL A 305 -47.24 -20.92 -3.02
CA VAL A 305 -46.03 -20.30 -3.56
C VAL A 305 -45.03 -21.35 -4.07
N ALA A 306 -44.70 -22.32 -3.20
CA ALA A 306 -43.84 -23.45 -3.54
C ALA A 306 -44.33 -24.29 -4.71
N LYS A 307 -45.66 -24.45 -4.85
CA LYS A 307 -46.18 -25.17 -6.00
C LYS A 307 -45.89 -24.46 -7.31
N GLN A 308 -46.12 -23.15 -7.34
CA GLN A 308 -45.84 -22.36 -8.55
C GLN A 308 -44.36 -22.29 -8.90
N LEU A 309 -43.50 -22.14 -7.89
CA LEU A 309 -42.06 -22.12 -8.10
C LEU A 309 -41.53 -23.45 -8.67
N SER A 310 -41.99 -24.56 -8.09
CA SER A 310 -41.60 -25.90 -8.51
C SER A 310 -42.07 -26.22 -9.92
N GLU A 311 -43.21 -25.67 -10.32
CA GLU A 311 -43.78 -25.90 -11.65
C GLU A 311 -43.14 -25.02 -12.73
N GLU A 312 -42.83 -23.77 -12.37
CA GLU A 312 -42.19 -22.83 -13.30
C GLU A 312 -40.76 -23.27 -13.62
N GLY A 313 -40.04 -23.75 -12.61
CA GLY A 313 -38.68 -24.24 -12.76
C GLY A 313 -38.62 -25.57 -13.51
N GLY A 314 -39.42 -26.52 -13.05
CA GLY A 314 -39.58 -27.80 -13.74
C GLY A 314 -39.78 -28.97 -12.78
N SER A 315 -38.96 -29.00 -11.72
CA SER A 315 -38.91 -30.12 -10.76
C SER A 315 -39.97 -30.05 -9.66
N LEU A 316 -40.66 -31.16 -9.44
CA LEU A 316 -41.64 -31.26 -8.37
C LEU A 316 -41.32 -32.36 -7.36
N LYS A 317 -40.19 -33.03 -7.57
CA LYS A 317 -39.72 -34.10 -6.68
C LYS A 317 -39.83 -33.67 -5.21
N MET A 318 -39.25 -32.52 -4.87
CA MET A 318 -39.27 -32.00 -3.51
C MET A 318 -40.68 -31.64 -3.01
N TYR A 319 -41.48 -31.04 -3.88
CA TYR A 319 -42.84 -30.65 -3.51
C TYR A 319 -43.73 -31.86 -3.25
N HIS A 320 -43.61 -32.86 -4.11
CA HIS A 320 -44.42 -34.06 -4.01
C HIS A 320 -44.05 -34.88 -2.80
N ILE A 321 -42.81 -34.72 -2.34
CA ILE A 321 -42.36 -35.35 -1.10
C ILE A 321 -42.90 -34.58 0.10
N ALA A 322 -42.73 -33.26 0.09
CA ALA A 322 -43.22 -32.43 1.20
C ALA A 322 -44.73 -32.56 1.37
N ASP A 323 -45.44 -32.55 0.23
CA ASP A 323 -46.89 -32.63 0.17
C ASP A 323 -47.37 -34.00 0.63
N ARG A 324 -46.63 -35.04 0.26
CA ARG A 324 -46.89 -36.41 0.70
C ARG A 324 -46.65 -36.57 2.20
N LEU A 325 -45.52 -36.06 2.69
CA LEU A 325 -45.22 -36.20 4.11
C LEU A 325 -46.22 -35.49 5.02
N GLU A 326 -46.78 -34.38 4.51
CA GLU A 326 -47.88 -33.68 5.16
C GLU A 326 -49.04 -34.63 5.44
N THR A 327 -49.46 -35.40 4.44
CA THR A 327 -50.53 -36.37 4.61
C THR A 327 -50.17 -37.38 5.69
N VAL A 328 -48.97 -37.94 5.60
CA VAL A 328 -48.48 -38.97 6.53
C VAL A 328 -48.50 -38.48 7.98
N MET A 329 -48.01 -37.26 8.22
CA MET A 329 -47.99 -36.66 9.56
C MET A 329 -49.37 -36.43 10.14
N TRP A 330 -50.34 -36.17 9.26
CA TRP A 330 -51.73 -36.07 9.68
C TRP A 330 -52.32 -37.42 10.11
N GLU A 331 -52.23 -38.45 9.27
CA GLU A 331 -52.82 -39.77 9.58
C GLU A 331 -52.19 -40.35 10.83
N THR A 332 -50.88 -40.17 10.96
CA THR A 332 -50.10 -40.82 12.02
C THR A 332 -50.15 -40.10 13.37
N LYS A 333 -50.00 -38.78 13.38
CA LYS A 333 -49.92 -38.05 14.65
C LYS A 333 -50.89 -36.87 14.78
N LYS A 334 -51.80 -36.71 13.82
CA LYS A 334 -52.67 -35.53 13.75
C LYS A 334 -51.88 -34.23 14.00
N MET A 335 -50.78 -34.08 13.25
CA MET A 335 -49.93 -32.89 13.31
C MET A 335 -50.09 -32.16 11.99
N PHE A 336 -50.33 -30.86 12.06
CA PHE A 336 -50.40 -30.03 10.87
C PHE A 336 -49.00 -29.47 10.55
N PRO A 337 -48.74 -29.14 9.28
CA PRO A 337 -47.45 -28.53 8.96
C PRO A 337 -47.43 -27.04 9.33
N ASN A 338 -46.33 -26.61 9.93
CA ASN A 338 -46.10 -25.19 10.18
C ASN A 338 -45.32 -24.58 9.03
N LEU A 339 -45.21 -23.25 9.01
CA LEU A 339 -44.62 -22.52 7.89
C LEU A 339 -43.26 -23.03 7.41
N ASP A 340 -42.45 -23.54 8.34
CA ASP A 340 -41.10 -23.98 8.00
C ASP A 340 -41.01 -25.25 7.15
N TRP A 341 -42.16 -25.81 6.76
CA TRP A 341 -42.16 -27.03 5.96
C TRP A 341 -42.06 -26.73 4.46
N PHE A 342 -42.99 -25.93 3.93
CA PHE A 342 -42.94 -25.62 2.50
C PHE A 342 -42.03 -24.44 2.13
N SER A 343 -41.64 -23.60 3.09
CA SER A 343 -40.75 -22.48 2.79
C SER A 343 -39.38 -22.97 2.36
N ALA A 344 -39.04 -24.20 2.75
CA ALA A 344 -37.84 -24.88 2.31
C ALA A 344 -37.85 -25.07 0.82
N VAL A 345 -38.97 -25.61 0.34
CA VAL A 345 -39.14 -25.90 -1.07
C VAL A 345 -39.07 -24.59 -1.86
N SER A 346 -39.85 -23.60 -1.45
CA SER A 346 -39.94 -22.36 -2.23
C SER A 346 -38.59 -21.64 -2.28
N TYR A 347 -37.93 -21.47 -1.14
CA TYR A 347 -36.59 -20.86 -1.12
C TYR A 347 -35.60 -21.66 -1.99
N ASN A 348 -35.69 -23.00 -1.92
CA ASN A 348 -34.84 -23.88 -2.75
C ASN A 348 -35.02 -23.65 -4.23
N MET A 349 -36.28 -23.47 -4.65
CA MET A 349 -36.59 -23.25 -6.07
C MET A 349 -36.04 -21.93 -6.57
N MET A 350 -35.80 -21.01 -5.62
CA MET A 350 -35.22 -19.70 -5.91
C MET A 350 -33.69 -19.66 -5.75
N GLY A 351 -33.07 -20.83 -5.64
CA GLY A 351 -31.62 -20.96 -5.64
C GLY A 351 -30.94 -20.46 -4.38
N VAL A 352 -31.72 -20.32 -3.30
CA VAL A 352 -31.20 -19.83 -2.03
C VAL A 352 -30.45 -20.94 -1.33
N PRO A 353 -29.13 -20.74 -1.10
CA PRO A 353 -28.37 -21.71 -0.32
C PRO A 353 -29.00 -21.89 1.07
N THR A 354 -28.98 -23.13 1.56
CA THR A 354 -29.60 -23.47 2.82
C THR A 354 -29.17 -22.57 3.97
N GLU A 355 -27.88 -22.21 3.98
CA GLU A 355 -27.32 -21.40 5.04
C GLU A 355 -27.81 -19.95 4.96
N MET A 356 -28.55 -19.63 3.91
CA MET A 356 -29.13 -18.29 3.80
C MET A 356 -30.60 -18.25 4.18
N PHE A 357 -31.16 -19.39 4.57
CA PHE A 357 -32.53 -19.45 5.04
C PHE A 357 -32.75 -18.51 6.24
N THR A 358 -32.00 -18.71 7.32
CA THR A 358 -32.21 -17.93 8.53
C THR A 358 -31.81 -16.46 8.35
N PRO A 359 -30.75 -16.17 7.57
CA PRO A 359 -30.50 -14.78 7.20
C PRO A 359 -31.71 -14.08 6.55
N LEU A 360 -32.43 -14.81 5.68
CA LEU A 360 -33.65 -14.26 5.08
C LEU A 360 -34.79 -14.08 6.09
N PHE A 361 -34.83 -14.94 7.11
CA PHE A 361 -35.79 -14.82 8.20
C PHE A 361 -35.50 -13.51 8.98
N VAL A 362 -34.22 -13.15 9.13
CA VAL A 362 -33.83 -11.87 9.74
C VAL A 362 -34.33 -10.65 8.92
N ILE A 363 -34.07 -10.65 7.61
CA ILE A 363 -34.57 -9.59 6.75
C ILE A 363 -36.09 -9.35 6.93
N ALA A 364 -36.85 -10.44 7.04
CA ALA A 364 -38.28 -10.35 7.22
C ALA A 364 -38.65 -9.89 8.64
N ARG A 365 -38.15 -10.62 9.64
CA ARG A 365 -38.53 -10.41 11.04
C ARG A 365 -37.94 -9.14 11.70
N VAL A 366 -36.94 -8.52 11.08
CA VAL A 366 -36.42 -7.26 11.61
C VAL A 366 -37.52 -6.18 11.71
N THR A 367 -38.57 -6.30 10.89
CA THR A 367 -39.70 -5.36 10.96
C THR A 367 -40.49 -5.54 12.25
N GLY A 368 -40.82 -6.79 12.58
CA GLY A 368 -41.49 -7.13 13.83
C GLY A 368 -40.65 -6.72 15.03
N TRP A 369 -39.38 -7.15 15.04
CA TRP A 369 -38.47 -6.78 16.13
C TRP A 369 -38.45 -5.28 16.34
N ALA A 370 -38.26 -4.51 15.25
CA ALA A 370 -38.19 -3.06 15.34
C ALA A 370 -39.47 -2.49 15.94
N ALA A 371 -40.62 -2.95 15.47
CA ALA A 371 -41.88 -2.54 16.08
C ALA A 371 -41.96 -2.94 17.57
N HIS A 372 -41.39 -4.10 17.91
CA HIS A 372 -41.43 -4.57 19.29
C HIS A 372 -40.48 -3.80 20.19
N ILE A 373 -39.35 -3.38 19.63
CA ILE A 373 -38.42 -2.53 20.32
C ILE A 373 -39.09 -1.20 20.67
N ILE A 374 -39.72 -0.59 19.67
CA ILE A 374 -40.41 0.68 19.85
C ILE A 374 -41.50 0.61 20.94
N GLU A 375 -42.18 -0.52 21.00
CA GLU A 375 -43.27 -0.73 21.94
C GLU A 375 -42.81 -0.85 23.39
N GLN A 376 -41.72 -1.60 23.60
CA GLN A 376 -41.17 -1.82 24.94
C GLN A 376 -40.68 -0.51 25.55
N ARG A 377 -40.09 0.35 24.72
CA ARG A 377 -39.65 1.67 25.17
C ARG A 377 -40.82 2.57 25.57
N GLN A 378 -41.97 2.40 24.90
CA GLN A 378 -43.13 3.24 25.20
C GLN A 378 -43.82 2.79 26.49
N ASP A 379 -44.35 1.57 26.48
CA ASP A 379 -44.98 1.01 27.67
C ASP A 379 -43.93 0.21 28.40
N ASN A 380 -43.03 0.93 29.07
CA ASN A 380 -41.88 0.33 29.72
C ASN A 380 -42.18 -0.32 31.08
N LYS A 381 -41.66 -1.53 31.27
CA LYS A 381 -41.81 -2.27 32.53
C LYS A 381 -40.68 -3.30 32.76
N ILE A 382 -39.47 -2.78 32.98
CA ILE A 382 -38.30 -3.55 33.48
C ILE A 382 -37.95 -4.84 32.70
N ILE A 383 -37.22 -5.74 33.37
CA ILE A 383 -36.94 -7.10 32.88
C ILE A 383 -37.39 -8.11 33.94
N ARG A 384 -36.75 -8.06 35.12
CA ARG A 384 -37.31 -8.59 36.40
C ARG A 384 -37.45 -10.12 36.63
N PRO A 385 -36.77 -10.97 35.82
CA PRO A 385 -37.06 -12.39 36.05
C PRO A 385 -36.35 -12.93 37.30
N SER A 386 -36.88 -14.02 37.83
CA SER A 386 -36.27 -14.67 38.99
C SER A 386 -36.12 -16.17 38.76
N ALA A 387 -35.33 -16.82 39.60
CA ALA A 387 -35.11 -18.25 39.47
C ALA A 387 -35.45 -18.96 40.76
N ASN A 388 -35.67 -20.27 40.67
CA ASN A 388 -35.68 -21.14 41.83
C ASN A 388 -34.30 -21.74 41.97
N TYR A 389 -33.87 -21.98 43.21
CA TYR A 389 -32.50 -22.40 43.50
C TYR A 389 -32.35 -23.87 43.84
N THR A 390 -31.39 -24.52 43.17
CA THR A 390 -31.14 -25.95 43.33
C THR A 390 -29.69 -26.24 43.71
N GLY A 391 -28.87 -25.21 43.80
CA GLY A 391 -27.45 -25.40 44.11
C GLY A 391 -27.13 -25.82 45.54
N PRO A 392 -25.82 -25.93 45.86
CA PRO A 392 -25.41 -26.31 47.22
C PRO A 392 -25.82 -25.29 48.29
N GLU A 393 -26.27 -25.78 49.43
CA GLU A 393 -26.63 -24.94 50.57
C GLU A 393 -25.35 -24.30 51.10
N ASP A 394 -25.48 -23.13 51.74
CA ASP A 394 -24.33 -22.39 52.28
C ASP A 394 -23.20 -23.31 52.78
N ARG A 395 -22.05 -23.25 52.13
CA ARG A 395 -20.91 -24.08 52.54
C ARG A 395 -19.68 -23.27 52.98
N PRO A 396 -18.82 -23.86 53.84
CA PRO A 396 -17.65 -23.10 54.30
C PRO A 396 -16.64 -22.88 53.19
N PHE A 397 -15.97 -21.73 53.23
CA PHE A 397 -14.88 -21.43 52.32
C PHE A 397 -13.67 -22.29 52.67
N VAL A 398 -13.11 -22.93 51.65
CA VAL A 398 -11.82 -23.59 51.78
C VAL A 398 -10.80 -22.72 51.08
N SER A 399 -9.78 -22.31 51.83
CA SER A 399 -8.65 -21.57 51.29
C SER A 399 -7.85 -22.42 50.29
N ILE A 400 -7.29 -21.75 49.27
CA ILE A 400 -6.67 -22.43 48.13
C ILE A 400 -5.66 -23.55 48.43
N ASP A 401 -4.77 -23.33 49.40
CA ASP A 401 -3.71 -24.28 49.67
C ASP A 401 -4.22 -25.48 50.47
N ASP A 402 -5.44 -25.36 50.97
CA ASP A 402 -6.12 -26.42 51.72
C ASP A 402 -7.24 -27.11 50.93
N ARG A 403 -7.33 -26.89 49.62
CA ARG A 403 -8.30 -27.62 48.79
C ARG A 403 -7.66 -28.89 48.20
N CYS A 404 -8.50 -29.89 47.93
CA CYS A 404 -8.03 -31.15 47.33
C CYS A 404 -8.86 -31.54 46.11
N PRO B 41 -40.79 -17.06 38.91
CA PRO B 41 -39.56 -17.82 38.64
C PRO B 41 -39.47 -18.27 37.18
N ALA B 42 -38.47 -17.72 36.47
CA ALA B 42 -38.29 -17.95 35.03
C ALA B 42 -37.51 -19.22 34.69
N GLY B 43 -36.78 -19.76 35.65
CA GLY B 43 -36.00 -20.98 35.43
C GLY B 43 -35.38 -21.52 36.72
N ASN B 44 -34.74 -22.67 36.61
CA ASN B 44 -34.00 -23.28 37.71
C ASN B 44 -32.53 -22.90 37.60
N THR B 45 -31.86 -22.68 38.73
CA THR B 45 -30.41 -22.48 38.73
C THR B 45 -29.70 -23.05 39.96
N ALA B 46 -28.49 -23.55 39.74
CA ALA B 46 -27.63 -24.03 40.82
C ALA B 46 -26.50 -23.03 41.12
N LEU B 47 -26.59 -21.85 40.52
CA LEU B 47 -25.46 -20.94 40.48
C LEU B 47 -25.38 -19.93 41.61
N CYS B 48 -26.53 -19.41 42.01
CA CYS B 48 -26.54 -18.20 42.81
C CYS B 48 -27.80 -18.01 43.63
N THR B 49 -27.59 -17.61 44.89
CA THR B 49 -28.66 -17.22 45.80
C THR B 49 -28.42 -15.81 46.33
N VAL B 50 -29.47 -14.99 46.29
CA VAL B 50 -29.39 -13.59 46.71
C VAL B 50 -30.69 -13.10 47.34
N GLY B 51 -30.57 -12.54 48.54
CA GLY B 51 -31.69 -11.84 49.20
C GLY B 51 -32.67 -12.68 49.99
N LYS B 52 -32.30 -13.91 50.31
CA LYS B 52 -33.14 -14.80 51.14
C LYS B 52 -33.23 -14.30 52.59
N SER B 53 -32.19 -13.62 53.06
CA SER B 53 -32.18 -13.01 54.37
C SER B 53 -32.38 -11.49 54.23
N GLY B 54 -32.41 -11.05 52.98
CA GLY B 54 -32.53 -9.63 52.66
C GLY B 54 -31.19 -8.98 52.39
N ASN B 55 -30.11 -9.72 52.58
CA ASN B 55 -28.74 -9.18 52.49
C ASN B 55 -27.62 -10.24 52.34
N ASP B 56 -27.91 -11.34 51.65
CA ASP B 56 -26.90 -12.37 51.41
C ASP B 56 -26.66 -12.63 49.92
N LEU B 57 -25.43 -12.98 49.58
CA LEU B 57 -25.09 -13.38 48.22
C LEU B 57 -24.13 -14.56 48.20
N HIS B 58 -24.50 -15.60 47.45
CA HIS B 58 -23.68 -16.81 47.33
C HIS B 58 -23.45 -17.24 45.88
N TYR B 59 -22.22 -17.64 45.58
CA TYR B 59 -21.86 -18.23 44.29
C TYR B 59 -21.63 -19.70 44.52
N ARG B 60 -22.46 -20.55 43.90
CA ARG B 60 -22.42 -22.00 44.11
C ARG B 60 -22.21 -22.40 45.59
N GLY B 61 -22.91 -21.70 46.49
CA GLY B 61 -22.87 -22.04 47.92
C GLY B 61 -21.91 -21.22 48.75
N TYR B 62 -20.91 -20.64 48.09
CA TYR B 62 -19.88 -19.90 48.80
C TYR B 62 -20.30 -18.45 49.04
N ASP B 63 -20.01 -17.94 50.23
CA ASP B 63 -20.35 -16.56 50.58
C ASP B 63 -19.45 -15.57 49.83
N ILE B 64 -20.07 -14.53 49.29
CA ILE B 64 -19.35 -13.46 48.57
C ILE B 64 -18.37 -12.72 49.48
N LEU B 65 -18.69 -12.65 50.77
CA LEU B 65 -17.80 -12.02 51.73
C LEU B 65 -16.48 -12.78 51.80
N ASP B 66 -16.56 -14.10 51.94
CA ASP B 66 -15.37 -14.97 51.92
C ASP B 66 -14.64 -14.93 50.57
N LEU B 67 -15.42 -14.96 49.49
CA LEU B 67 -14.90 -14.94 48.12
C LEU B 67 -14.13 -13.65 47.79
N ALA B 68 -14.73 -12.51 48.13
CA ALA B 68 -14.06 -11.21 47.98
C ALA B 68 -12.81 -11.10 48.87
N GLU B 69 -12.91 -11.56 50.12
CA GLU B 69 -11.78 -11.49 51.04
C GLU B 69 -10.53 -12.23 50.55
N HIS B 70 -10.71 -13.51 50.14
CA HIS B 70 -9.59 -14.42 49.89
C HIS B 70 -9.22 -14.68 48.43
N CYS B 71 -10.21 -14.68 47.54
CA CYS B 71 -9.97 -15.15 46.18
C CYS B 71 -9.41 -14.11 45.24
N GLU B 72 -8.55 -14.55 44.33
CA GLU B 72 -8.27 -13.80 43.14
C GLU B 72 -9.52 -13.94 42.29
N PHE B 73 -9.81 -12.97 41.44
CA PHE B 73 -10.95 -13.05 40.54
C PHE B 73 -10.93 -14.37 39.76
N GLU B 74 -9.77 -14.71 39.22
CA GLU B 74 -9.57 -15.94 38.45
C GLU B 74 -10.11 -17.19 39.17
N GLU B 75 -9.92 -17.26 40.49
CA GLU B 75 -10.48 -18.34 41.32
C GLU B 75 -12.02 -18.38 41.19
N VAL B 76 -12.65 -17.21 41.24
CA VAL B 76 -14.09 -17.05 41.08
C VAL B 76 -14.56 -17.42 39.63
N ALA B 77 -13.81 -16.96 38.63
CA ALA B 77 -14.04 -17.31 37.21
C ALA B 77 -13.94 -18.82 36.97
N HIS B 78 -13.04 -19.47 37.72
CA HIS B 78 -12.88 -20.91 37.67
C HIS B 78 -14.06 -21.60 38.36
N LEU B 79 -14.48 -21.08 39.51
CA LEU B 79 -15.70 -21.55 40.19
C LEU B 79 -16.95 -21.52 39.31
N LEU B 80 -17.15 -20.41 38.60
CA LEU B 80 -18.35 -20.26 37.75
C LEU B 80 -18.27 -21.06 36.45
N ILE B 81 -17.22 -20.83 35.66
CA ILE B 81 -17.03 -21.46 34.37
C ILE B 81 -16.72 -22.94 34.49
N HIS B 82 -15.75 -23.28 35.34
CA HIS B 82 -15.30 -24.65 35.45
C HIS B 82 -15.89 -25.41 36.62
N GLY B 83 -16.80 -24.77 37.36
CA GLY B 83 -17.60 -25.47 38.35
C GLY B 83 -17.11 -25.47 39.79
N LYS B 84 -15.83 -25.21 40.02
CA LYS B 84 -15.26 -25.33 41.36
C LYS B 84 -14.07 -24.43 41.69
N LEU B 85 -13.92 -24.12 42.97
CA LEU B 85 -12.72 -23.48 43.47
C LEU B 85 -11.52 -24.35 43.09
N PRO B 86 -10.55 -23.77 42.39
CA PRO B 86 -9.44 -24.59 41.92
C PRO B 86 -8.45 -24.86 43.05
N THR B 87 -7.75 -26.00 42.96
CA THR B 87 -6.56 -26.21 43.79
C THR B 87 -5.51 -25.20 43.37
N ARG B 88 -4.40 -25.16 44.10
CA ARG B 88 -3.22 -24.42 43.69
C ARG B 88 -2.76 -24.79 42.27
N ASP B 89 -2.64 -26.10 42.00
CA ASP B 89 -2.19 -26.60 40.70
C ASP B 89 -3.18 -26.30 39.58
N GLU B 90 -4.46 -26.35 39.90
CA GLU B 90 -5.50 -25.99 38.96
C GLU B 90 -5.43 -24.50 38.69
N LEU B 91 -5.15 -23.71 39.71
CA LEU B 91 -5.03 -22.27 39.51
C LEU B 91 -3.84 -21.89 38.62
N ASN B 92 -2.66 -22.40 38.95
CA ASN B 92 -1.47 -22.18 38.12
C ASN B 92 -1.72 -22.47 36.62
N ALA B 93 -2.18 -23.67 36.30
CA ALA B 93 -2.51 -24.06 34.93
C ALA B 93 -3.54 -23.14 34.31
N TYR B 94 -4.55 -22.76 35.09
CA TYR B 94 -5.60 -21.87 34.59
C TYR B 94 -5.09 -20.46 34.28
N LYS B 95 -4.16 -19.96 35.09
CA LYS B 95 -3.66 -18.60 34.95
C LYS B 95 -2.63 -18.48 33.84
N SER B 96 -1.91 -19.57 33.61
CA SER B 96 -1.02 -19.70 32.48
C SER B 96 -1.82 -19.80 31.18
N LYS B 97 -2.85 -20.66 31.18
CA LYS B 97 -3.79 -20.79 30.07
C LYS B 97 -4.40 -19.43 29.68
N LEU B 98 -4.95 -18.72 30.66
CA LEU B 98 -5.53 -17.40 30.40
C LEU B 98 -4.50 -16.39 29.89
N LYS B 99 -3.31 -16.42 30.47
CA LYS B 99 -2.21 -15.54 30.06
C LYS B 99 -1.86 -15.69 28.56
N ALA B 100 -1.95 -16.91 28.04
CA ALA B 100 -1.69 -17.19 26.63
C ALA B 100 -2.86 -16.88 25.68
N LEU B 101 -4.02 -16.53 26.24
CA LEU B 101 -5.22 -16.31 25.42
C LEU B 101 -5.57 -14.82 25.23
N ARG B 102 -4.64 -13.93 25.62
CA ARG B 102 -4.87 -12.48 25.60
C ARG B 102 -4.70 -11.85 24.23
N GLY B 103 -4.33 -12.65 23.23
CA GLY B 103 -4.03 -12.11 21.92
C GLY B 103 -5.23 -11.85 21.02
N LEU B 104 -5.01 -11.04 19.99
CA LEU B 104 -6.03 -10.71 19.02
C LEU B 104 -5.64 -11.18 17.63
N PRO B 105 -6.48 -12.03 17.01
CA PRO B 105 -6.32 -12.46 15.62
C PRO B 105 -6.06 -11.30 14.67
N ALA B 106 -5.18 -11.52 13.70
CA ALA B 106 -4.88 -10.51 12.68
C ALA B 106 -6.15 -9.85 12.13
N ASN B 107 -7.14 -10.66 11.76
CA ASN B 107 -8.37 -10.13 11.15
C ASN B 107 -9.27 -9.39 12.14
N VAL B 108 -9.26 -9.80 13.40
CA VAL B 108 -9.98 -9.10 14.48
C VAL B 108 -9.38 -7.72 14.71
N ARG B 109 -8.05 -7.63 14.61
CA ARG B 109 -7.35 -6.33 14.71
C ARG B 109 -7.80 -5.34 13.62
N THR B 110 -7.93 -5.86 12.39
CA THR B 110 -8.50 -5.14 11.27
C THR B 110 -9.96 -4.69 11.55
N VAL B 111 -10.75 -5.55 12.21
CA VAL B 111 -12.11 -5.20 12.55
C VAL B 111 -12.14 -4.05 13.56
N LEU B 112 -11.46 -4.24 14.68
CA LEU B 112 -11.29 -3.21 15.69
C LEU B 112 -10.76 -1.87 15.15
N GLU B 113 -9.76 -1.90 14.26
CA GLU B 113 -9.20 -0.65 13.73
C GLU B 113 -10.22 0.14 12.87
N ALA B 114 -11.27 -0.53 12.43
CA ALA B 114 -12.29 0.07 11.55
C ALA B 114 -13.38 0.83 12.32
N LEU B 115 -13.45 0.58 13.63
CA LEU B 115 -14.48 1.16 14.49
C LEU B 115 -14.01 2.51 14.97
N PRO B 116 -14.84 3.55 14.77
CA PRO B 116 -14.40 4.92 15.02
C PRO B 116 -14.15 5.20 16.49
N ALA B 117 -13.40 6.26 16.78
CA ALA B 117 -13.11 6.67 18.17
C ALA B 117 -14.35 6.92 19.04
N ALA B 118 -15.42 7.44 18.44
CA ALA B 118 -16.64 7.82 19.18
C ALA B 118 -17.59 6.65 19.46
N SER B 119 -17.18 5.43 19.10
CA SER B 119 -17.97 4.25 19.39
C SER B 119 -18.22 4.09 20.89
N HIS B 120 -19.43 3.68 21.24
CA HIS B 120 -19.72 3.26 22.60
C HIS B 120 -18.78 2.10 22.89
N PRO B 121 -17.98 2.20 23.98
CA PRO B 121 -17.05 1.10 24.27
C PRO B 121 -17.77 -0.24 24.42
N MET B 122 -19.03 -0.23 24.85
CA MET B 122 -19.81 -1.48 24.89
C MET B 122 -20.00 -2.06 23.48
N ASP B 123 -20.22 -1.19 22.48
CA ASP B 123 -20.41 -1.63 21.10
C ASP B 123 -19.12 -2.13 20.47
N VAL B 124 -18.00 -1.61 20.98
CA VAL B 124 -16.69 -2.09 20.56
C VAL B 124 -16.52 -3.56 21.01
N MET B 125 -16.82 -3.82 22.28
CA MET B 125 -16.74 -5.17 22.84
C MET B 125 -17.69 -6.11 22.11
N ARG B 126 -18.87 -5.60 21.81
CA ARG B 126 -19.90 -6.37 21.12
C ARG B 126 -19.40 -6.79 19.74
N THR B 127 -18.78 -5.86 19.02
CA THR B 127 -18.28 -6.12 17.66
C THR B 127 -17.09 -7.08 17.66
N GLY B 128 -16.14 -6.86 18.57
CA GLY B 128 -14.95 -7.68 18.70
C GLY B 128 -15.29 -9.14 18.99
N VAL B 129 -16.21 -9.36 19.92
CA VAL B 129 -16.67 -10.69 20.28
C VAL B 129 -17.33 -11.31 19.08
N SER B 130 -18.21 -10.54 18.44
CA SER B 130 -18.90 -10.97 17.22
C SER B 130 -17.91 -11.39 16.13
N ALA B 131 -16.90 -10.55 15.85
CA ALA B 131 -15.86 -10.90 14.88
C ALA B 131 -15.12 -12.18 15.27
N LEU B 132 -14.86 -12.29 16.58
CA LEU B 132 -14.13 -13.43 17.12
C LEU B 132 -14.96 -14.70 16.92
N GLY B 133 -16.27 -14.59 17.15
CA GLY B 133 -17.17 -15.70 16.86
C GLY B 133 -17.06 -16.25 15.44
N CYS B 134 -16.81 -15.37 14.48
CA CYS B 134 -16.62 -15.78 13.07
C CYS B 134 -15.25 -16.38 12.84
N THR B 135 -14.32 -16.12 13.74
CA THR B 135 -12.92 -16.42 13.50
C THR B 135 -12.51 -17.69 14.22
N LEU B 136 -12.99 -17.86 15.45
CA LEU B 136 -12.74 -19.05 16.24
C LEU B 136 -14.08 -19.63 16.65
N PRO B 137 -14.84 -20.13 15.67
CA PRO B 137 -16.21 -20.49 16.00
C PRO B 137 -16.29 -21.74 16.86
N GLU B 138 -17.38 -21.83 17.62
CA GLU B 138 -17.72 -23.04 18.36
C GLU B 138 -17.95 -24.18 17.39
N LYS B 139 -17.45 -25.37 17.75
CA LYS B 139 -17.69 -26.59 16.98
C LYS B 139 -19.17 -26.98 17.09
N GLU B 140 -19.71 -27.48 15.98
CA GLU B 140 -21.16 -27.62 15.86
C GLU B 140 -21.76 -28.63 16.85
N GLY B 141 -20.89 -29.37 17.55
CA GLY B 141 -21.30 -30.22 18.67
C GLY B 141 -21.75 -29.48 19.93
N HIS B 142 -21.19 -28.31 20.18
CA HIS B 142 -21.50 -27.51 21.39
C HIS B 142 -21.19 -28.26 22.67
N THR B 143 -19.95 -28.70 22.81
CA THR B 143 -19.54 -29.43 24.01
C THR B 143 -19.39 -28.47 25.20
N VAL B 144 -19.57 -29.02 26.40
CA VAL B 144 -19.40 -28.24 27.63
C VAL B 144 -17.96 -27.71 27.64
N SER B 145 -17.04 -28.55 27.20
CA SER B 145 -15.61 -28.26 27.18
C SER B 145 -15.29 -27.13 26.21
N GLY B 146 -15.91 -27.19 25.03
CA GLY B 146 -15.77 -26.16 24.02
C GLY B 146 -16.36 -24.84 24.48
N ALA B 147 -17.49 -24.89 25.18
CA ALA B 147 -18.10 -23.70 25.76
C ALA B 147 -17.15 -23.01 26.75
N ARG B 148 -16.47 -23.79 27.56
CA ARG B 148 -15.54 -23.25 28.53
C ARG B 148 -14.31 -22.63 27.89
N ASP B 149 -13.79 -23.26 26.83
CA ASP B 149 -12.66 -22.71 26.09
C ASP B 149 -13.00 -21.35 25.50
N ILE B 150 -14.24 -21.17 25.06
CA ILE B 150 -14.65 -19.88 24.52
C ILE B 150 -14.79 -18.88 25.63
N ALA B 151 -15.54 -19.27 26.65
CA ALA B 151 -15.59 -18.49 27.89
C ALA B 151 -14.20 -17.99 28.24
N ASP B 152 -13.24 -18.90 28.38
CA ASP B 152 -11.86 -18.59 28.80
C ASP B 152 -11.12 -17.65 27.85
N LYS B 153 -11.36 -17.82 26.56
CA LYS B 153 -10.82 -16.94 25.53
C LYS B 153 -11.40 -15.53 25.67
N LEU B 154 -12.73 -15.43 25.72
CA LEU B 154 -13.38 -14.13 25.92
C LEU B 154 -12.87 -13.44 27.18
N LEU B 155 -12.92 -14.17 28.30
CA LEU B 155 -12.45 -13.67 29.59
C LEU B 155 -11.04 -13.08 29.53
N ALA B 156 -10.12 -13.76 28.85
CA ALA B 156 -8.74 -13.29 28.76
C ALA B 156 -8.55 -12.12 27.81
N SER B 157 -9.40 -12.03 26.78
CA SER B 157 -9.16 -11.12 25.64
C SER B 157 -10.07 -9.90 25.57
N LEU B 158 -11.12 -9.85 26.38
CA LEU B 158 -12.05 -8.70 26.33
C LEU B 158 -11.31 -7.42 26.65
N SER B 159 -10.44 -7.46 27.65
CA SER B 159 -9.62 -6.31 27.93
C SER B 159 -8.86 -5.88 26.67
N SER B 160 -8.30 -6.87 25.97
CA SER B 160 -7.47 -6.61 24.80
C SER B 160 -8.28 -6.02 23.69
N ILE B 161 -9.53 -6.46 23.57
CA ILE B 161 -10.41 -5.99 22.51
C ILE B 161 -10.69 -4.51 22.75
N LEU B 162 -11.14 -4.19 23.95
CA LEU B 162 -11.47 -2.82 24.34
C LEU B 162 -10.26 -1.90 24.15
N LEU B 163 -9.18 -2.22 24.87
CA LEU B 163 -8.07 -1.28 24.99
C LEU B 163 -7.24 -1.13 23.70
N TYR B 164 -7.10 -2.22 22.94
CA TYR B 164 -6.50 -2.12 21.60
C TYR B 164 -7.29 -1.18 20.68
N TRP B 165 -8.62 -1.29 20.67
CA TRP B 165 -9.46 -0.35 19.92
C TRP B 165 -9.25 1.08 20.45
N TYR B 166 -9.25 1.19 21.78
CA TYR B 166 -9.13 2.47 22.45
C TYR B 166 -7.84 3.19 22.12
N HIS B 167 -6.72 2.49 22.20
CA HIS B 167 -5.46 3.18 22.00
C HIS B 167 -5.17 3.46 20.51
N TYR B 168 -5.65 2.60 19.62
CA TYR B 168 -5.51 2.87 18.19
C TYR B 168 -6.33 4.08 17.77
N SER B 169 -7.62 4.06 18.09
CA SER B 169 -8.57 5.10 17.67
C SER B 169 -8.31 6.43 18.36
N HIS B 170 -7.96 6.37 19.64
CA HIS B 170 -7.77 7.60 20.41
C HIS B 170 -6.36 8.14 20.29
N ASN B 171 -5.36 7.25 20.17
CA ASN B 171 -3.96 7.67 20.25
C ASN B 171 -3.11 7.27 19.05
N GLY B 172 -3.69 6.50 18.14
CA GLY B 172 -3.01 6.10 16.92
C GLY B 172 -1.97 5.01 17.07
N GLU B 173 -1.98 4.31 18.22
CA GLU B 173 -0.98 3.27 18.51
C GLU B 173 -1.59 1.88 18.44
N ARG B 174 -0.84 0.94 17.88
CA ARG B 174 -1.16 -0.47 18.00
C ARG B 174 -0.38 -1.06 19.17
N ILE B 175 -1.05 -1.19 20.31
CA ILE B 175 -0.39 -1.69 21.52
C ILE B 175 -0.19 -3.20 21.46
N GLN B 176 0.64 -3.71 22.36
CA GLN B 176 0.85 -5.14 22.54
C GLN B 176 -0.15 -5.70 23.55
N PRO B 177 -1.06 -6.56 23.12
CA PRO B 177 -2.02 -7.13 24.08
C PRO B 177 -1.41 -8.16 25.03
N GLU B 178 -0.31 -8.80 24.64
CA GLU B 178 0.20 -9.96 25.38
C GLU B 178 1.24 -9.57 26.42
N THR B 179 0.76 -9.05 27.55
CA THR B 179 1.64 -8.53 28.60
C THR B 179 2.12 -9.65 29.50
N ASP B 180 3.10 -9.35 30.34
CA ASP B 180 3.52 -10.31 31.33
C ASP B 180 2.66 -10.27 32.62
N ASP B 181 1.74 -9.31 32.73
CA ASP B 181 0.83 -9.21 33.87
C ASP B 181 0.19 -10.54 34.27
N ASP B 182 0.06 -10.74 35.58
CA ASP B 182 -0.32 -12.03 36.14
C ASP B 182 -1.78 -12.18 36.51
N SER B 183 -2.59 -11.19 36.19
CA SER B 183 -4.00 -11.25 36.53
C SER B 183 -4.80 -10.47 35.52
N ILE B 184 -6.10 -10.70 35.50
CA ILE B 184 -6.97 -10.09 34.51
C ILE B 184 -7.13 -8.58 34.78
N GLY B 185 -7.42 -8.24 36.02
CA GLY B 185 -7.51 -6.84 36.41
C GLY B 185 -6.21 -6.09 36.16
N GLY B 186 -5.07 -6.74 36.46
CA GLY B 186 -3.76 -6.11 36.29
C GLY B 186 -3.40 -5.89 34.84
N HIS B 187 -3.80 -6.84 34.00
CA HIS B 187 -3.69 -6.72 32.55
C HIS B 187 -4.50 -5.54 32.06
N PHE B 188 -5.73 -5.43 32.56
CA PHE B 188 -6.64 -4.31 32.24
C PHE B 188 -5.98 -2.97 32.49
N LEU B 189 -5.51 -2.78 33.72
CA LEU B 189 -4.91 -1.52 34.14
C LEU B 189 -3.65 -1.19 33.35
N HIS B 190 -2.81 -2.21 33.10
CA HIS B 190 -1.59 -2.02 32.34
C HIS B 190 -1.93 -1.48 30.95
N LEU B 191 -2.84 -2.18 30.26
CA LEU B 191 -3.25 -1.81 28.91
C LEU B 191 -3.96 -0.47 28.87
N LEU B 192 -4.57 -0.05 29.98
CA LEU B 192 -5.27 1.23 30.00
C LEU B 192 -4.29 2.36 30.16
N HIS B 193 -3.41 2.25 31.15
CA HIS B 193 -2.48 3.32 31.53
C HIS B 193 -1.10 3.27 30.88
N GLY B 194 -0.81 2.18 30.17
CA GLY B 194 0.49 2.01 29.52
C GLY B 194 1.59 1.64 30.50
N GLU B 195 1.21 1.38 31.75
CA GLU B 195 2.15 0.83 32.75
C GLU B 195 1.50 -0.13 33.75
N LYS B 196 2.31 -1.02 34.31
CA LYS B 196 1.87 -1.98 35.31
C LYS B 196 1.28 -1.23 36.52
N PRO B 197 0.08 -1.63 36.99
CA PRO B 197 -0.53 -0.98 38.16
C PRO B 197 0.14 -1.42 39.47
N THR B 198 -0.04 -0.64 40.53
CA THR B 198 0.47 -1.06 41.83
C THR B 198 -0.15 -2.39 42.25
N GLN B 199 0.53 -3.06 43.18
CA GLN B 199 0.04 -4.28 43.81
C GLN B 199 -1.31 -3.94 44.43
N SER B 200 -1.41 -2.72 44.94
CA SER B 200 -2.64 -2.22 45.55
C SER B 200 -3.79 -2.13 44.56
N TRP B 201 -3.53 -1.60 43.36
CA TRP B 201 -4.60 -1.44 42.36
C TRP B 201 -5.04 -2.77 41.77
N GLU B 202 -4.09 -3.68 41.65
CA GLU B 202 -4.36 -5.05 41.22
C GLU B 202 -5.24 -5.84 42.18
N LYS B 203 -5.02 -5.70 43.49
CA LYS B 203 -5.81 -6.42 44.50
C LYS B 203 -7.25 -5.91 44.56
N ALA B 204 -7.39 -4.59 44.49
CA ALA B 204 -8.69 -3.94 44.48
C ALA B 204 -9.46 -4.32 43.21
N MET B 205 -8.74 -4.44 42.10
CA MET B 205 -9.34 -4.91 40.87
C MET B 205 -9.86 -6.34 41.03
N HIS B 206 -9.10 -7.21 41.70
CA HIS B 206 -9.56 -8.56 42.04
C HIS B 206 -10.89 -8.50 42.78
N ILE B 207 -10.97 -7.67 43.82
CA ILE B 207 -12.19 -7.50 44.61
C ILE B 207 -13.36 -6.95 43.76
N SER B 208 -13.13 -5.90 42.97
CA SER B 208 -14.17 -5.36 42.08
C SER B 208 -14.81 -6.44 41.21
N LEU B 209 -13.97 -7.10 40.40
CA LEU B 209 -14.41 -8.12 39.45
C LEU B 209 -15.16 -9.27 40.12
N VAL B 210 -14.71 -9.67 41.30
CA VAL B 210 -15.36 -10.74 42.04
C VAL B 210 -16.79 -10.32 42.43
N LEU B 211 -16.94 -9.08 42.89
CA LEU B 211 -18.25 -8.59 43.32
C LEU B 211 -19.27 -8.52 42.19
N TYR B 212 -18.78 -8.52 40.95
CA TYR B 212 -19.61 -8.24 39.77
C TYR B 212 -19.84 -9.51 38.91
N ALA B 213 -19.16 -10.59 39.29
CA ALA B 213 -19.10 -11.82 38.51
C ALA B 213 -20.43 -12.53 38.23
N GLU B 214 -21.35 -12.50 39.20
CA GLU B 214 -22.55 -13.30 39.12
C GLU B 214 -23.66 -12.66 39.92
N HIS B 215 -24.90 -12.71 39.42
CA HIS B 215 -26.05 -12.20 40.15
C HIS B 215 -27.39 -12.82 39.74
N GLU B 216 -27.39 -14.13 39.61
CA GLU B 216 -28.59 -14.92 39.37
C GLU B 216 -29.30 -14.40 38.11
N PHE B 217 -30.62 -14.29 38.15
CA PHE B 217 -31.37 -13.82 36.99
C PHE B 217 -31.57 -12.31 37.01
N ASN B 218 -31.06 -11.68 35.98
CA ASN B 218 -31.25 -10.29 35.71
C ASN B 218 -31.40 -10.18 34.19
N ALA B 219 -31.53 -8.96 33.67
CA ALA B 219 -31.77 -8.75 32.24
C ALA B 219 -30.71 -9.39 31.34
N SER B 220 -29.43 -9.15 31.61
CA SER B 220 -28.34 -9.67 30.75
C SER B 220 -28.17 -11.19 30.87
N THR B 221 -28.22 -11.69 32.10
CA THR B 221 -28.07 -13.12 32.31
C THR B 221 -29.25 -13.83 31.70
N PHE B 222 -30.45 -13.32 31.96
CA PHE B 222 -31.64 -13.93 31.41
C PHE B 222 -31.59 -13.96 29.87
N THR B 223 -31.06 -12.89 29.28
CA THR B 223 -30.91 -12.80 27.83
C THR B 223 -29.99 -13.90 27.32
N SER B 224 -28.83 -14.06 27.96
CA SER B 224 -27.88 -15.10 27.60
C SER B 224 -28.56 -16.44 27.63
N ARG B 225 -29.45 -16.64 28.60
CA ARG B 225 -30.13 -17.93 28.78
C ARG B 225 -31.17 -18.20 27.70
N VAL B 226 -31.92 -17.17 27.32
CA VAL B 226 -32.93 -17.24 26.27
C VAL B 226 -32.25 -17.58 24.95
N ILE B 227 -31.09 -17.00 24.71
CA ILE B 227 -30.33 -17.24 23.50
C ILE B 227 -29.70 -18.64 23.50
N ALA B 228 -29.10 -19.04 24.62
CA ALA B 228 -28.62 -20.42 24.78
C ALA B 228 -29.74 -21.45 24.54
N GLY B 229 -30.94 -21.12 25.01
CA GLY B 229 -32.10 -22.02 24.96
C GLY B 229 -32.60 -22.38 23.58
N THR B 230 -32.34 -21.55 22.59
CA THR B 230 -32.69 -21.85 21.19
C THR B 230 -31.69 -22.81 20.53
N GLY B 231 -30.61 -23.15 21.22
CA GLY B 231 -29.53 -23.96 20.65
C GLY B 231 -28.43 -23.16 20.00
N SER B 232 -28.49 -21.84 20.17
CA SER B 232 -27.52 -20.92 19.59
C SER B 232 -26.13 -21.03 20.25
N ASP B 233 -25.13 -20.37 19.64
CA ASP B 233 -23.74 -20.48 20.09
C ASP B 233 -23.43 -19.57 21.27
N VAL B 234 -22.38 -19.90 22.00
CA VAL B 234 -21.89 -19.10 23.14
C VAL B 234 -21.74 -17.64 22.77
N TYR B 235 -20.97 -17.34 21.71
CA TYR B 235 -20.73 -15.94 21.34
C TYR B 235 -22.03 -15.17 21.23
N SER B 236 -23.02 -15.73 20.55
CA SER B 236 -24.27 -15.02 20.34
C SER B 236 -24.96 -14.74 21.67
N ALA B 237 -25.00 -15.76 22.51
CA ALA B 237 -25.61 -15.61 23.84
C ALA B 237 -24.85 -14.57 24.69
N ILE B 238 -23.54 -14.50 24.56
CA ILE B 238 -22.76 -13.45 25.24
C ILE B 238 -22.96 -12.06 24.63
N ILE B 239 -23.20 -12.01 23.32
CA ILE B 239 -23.38 -10.76 22.58
C ILE B 239 -24.74 -10.10 22.82
N GLY B 240 -25.79 -10.90 22.94
CA GLY B 240 -27.07 -10.39 23.43
C GLY B 240 -26.99 -9.85 24.86
N ALA B 241 -26.26 -10.57 25.71
CA ALA B 241 -26.09 -10.18 27.11
C ALA B 241 -25.44 -8.80 27.22
N ILE B 242 -24.34 -8.61 26.48
CA ILE B 242 -23.62 -7.33 26.39
C ILE B 242 -24.54 -6.20 25.98
N GLY B 243 -25.44 -6.47 25.03
CA GLY B 243 -26.37 -5.44 24.55
C GLY B 243 -27.34 -5.03 25.64
N ALA B 244 -27.84 -6.01 26.39
CA ALA B 244 -28.70 -5.74 27.55
C ALA B 244 -27.97 -4.97 28.64
N LEU B 245 -26.72 -5.34 28.94
CA LEU B 245 -25.94 -4.67 30.00
C LEU B 245 -25.57 -3.21 29.65
N ARG B 246 -25.58 -2.89 28.35
CA ARG B 246 -25.30 -1.55 27.85
C ARG B 246 -26.37 -0.54 28.27
N GLY B 247 -27.62 -0.99 28.35
CA GLY B 247 -28.71 -0.15 28.83
C GLY B 247 -28.47 0.43 30.21
N PRO B 248 -28.62 1.75 30.35
CA PRO B 248 -28.33 2.47 31.60
C PRO B 248 -29.20 2.07 32.79
N LYS B 249 -30.34 1.42 32.54
CA LYS B 249 -31.17 0.90 33.64
C LYS B 249 -30.62 -0.42 34.20
N HIS B 250 -29.60 -0.96 33.52
CA HIS B 250 -29.02 -2.24 33.88
C HIS B 250 -27.53 -2.15 34.19
N GLY B 251 -26.70 -1.92 33.18
CA GLY B 251 -25.25 -1.88 33.37
C GLY B 251 -24.66 -0.50 33.48
N GLY B 252 -25.46 0.51 33.20
CA GLY B 252 -24.98 1.89 33.22
C GLY B 252 -24.82 2.53 34.61
N ALA B 253 -25.53 1.98 35.59
CA ALA B 253 -25.72 2.62 36.90
C ALA B 253 -24.55 3.43 37.48
N ASN B 254 -23.40 2.79 37.67
CA ASN B 254 -22.28 3.46 38.34
C ASN B 254 -21.65 4.59 37.54
N GLU B 255 -21.93 4.62 36.23
CA GLU B 255 -21.47 5.69 35.36
C GLU B 255 -22.10 7.00 35.82
N VAL B 256 -23.36 6.91 36.26
CA VAL B 256 -24.03 8.10 36.76
C VAL B 256 -23.87 8.29 38.28
N SER B 257 -23.57 7.22 39.01
CA SER B 257 -23.20 7.39 40.42
C SER B 257 -21.98 8.30 40.54
N LEU B 258 -21.03 8.13 39.61
CA LEU B 258 -19.86 8.98 39.51
C LEU B 258 -20.26 10.39 39.06
N GLU B 259 -21.27 10.49 38.20
CA GLU B 259 -21.72 11.79 37.69
C GLU B 259 -22.37 12.63 38.79
N ILE B 260 -23.09 11.96 39.69
CA ILE B 260 -23.68 12.60 40.86
C ILE B 260 -22.59 12.99 41.86
N GLN B 261 -21.66 12.08 42.11
CA GLN B 261 -20.61 12.29 43.10
C GLN B 261 -19.64 13.42 42.73
N GLN B 262 -19.52 13.69 41.43
CA GLN B 262 -18.57 14.68 40.94
C GLN B 262 -19.18 16.07 40.78
N ARG B 263 -20.51 16.14 40.85
CA ARG B 263 -21.25 17.41 40.84
C ARG B 263 -20.81 18.31 41.98
N TYR B 264 -20.52 17.71 43.12
CA TYR B 264 -20.43 18.47 44.35
C TYR B 264 -19.04 18.74 44.86
N GLU B 265 -18.88 19.96 45.35
CA GLU B 265 -17.64 20.51 45.82
C GLU B 265 -17.34 20.03 47.25
N THR B 266 -18.41 19.80 48.03
CA THR B 266 -18.29 19.49 49.45
C THR B 266 -19.42 18.55 49.90
N PRO B 267 -19.22 17.78 51.00
CA PRO B 267 -20.28 16.93 51.56
C PRO B 267 -21.52 17.69 52.01
N ASP B 268 -21.33 18.92 52.51
CA ASP B 268 -22.45 19.78 52.91
C ASP B 268 -23.37 20.14 51.74
N GLU B 269 -22.76 20.52 50.61
CA GLU B 269 -23.50 21.02 49.46
C GLU B 269 -24.09 19.89 48.61
N ALA B 270 -23.55 18.69 48.80
CA ALA B 270 -24.13 17.48 48.22
C ALA B 270 -25.44 17.16 48.94
N GLU B 271 -25.37 17.12 50.28
CA GLU B 271 -26.53 16.92 51.15
C GLU B 271 -27.68 17.84 50.77
N ALA B 272 -27.40 19.13 50.69
CA ALA B 272 -28.40 20.15 50.35
C ALA B 272 -29.04 19.91 48.99
N ASP B 273 -28.23 19.64 47.98
CA ASP B 273 -28.77 19.43 46.62
C ASP B 273 -29.56 18.14 46.45
N ILE B 274 -29.14 17.07 47.13
CA ILE B 274 -29.83 15.78 46.98
C ILE B 274 -31.18 15.73 47.69
N ARG B 275 -31.25 16.25 48.91
CA ARG B 275 -32.54 16.27 49.62
C ARG B 275 -33.52 17.24 48.96
N LYS B 276 -32.96 18.18 48.20
CA LYS B 276 -33.73 19.07 47.34
C LYS B 276 -34.26 18.30 46.13
N ARG B 277 -33.42 17.43 45.58
CA ARG B 277 -33.76 16.61 44.41
C ARG B 277 -34.73 15.48 44.75
N VAL B 278 -34.63 14.95 45.97
CA VAL B 278 -35.54 13.89 46.43
C VAL B 278 -36.94 14.42 46.76
N GLU B 279 -37.00 15.66 47.25
CA GLU B 279 -38.27 16.33 47.57
C GLU B 279 -39.05 16.67 46.30
N ASN B 280 -38.34 16.65 45.18
CA ASN B 280 -38.88 16.87 43.84
C ASN B 280 -39.07 15.52 43.11
N LYS B 281 -39.18 14.45 43.90
CA LYS B 281 -39.46 13.09 43.41
C LYS B 281 -38.48 12.56 42.36
N GLU B 282 -37.20 12.85 42.57
CA GLU B 282 -36.17 12.27 41.71
C GLU B 282 -35.66 10.95 42.27
N VAL B 283 -35.34 10.03 41.37
CA VAL B 283 -34.69 8.77 41.73
C VAL B 283 -33.20 9.05 41.71
N VAL B 284 -32.54 8.82 42.84
CA VAL B 284 -31.09 8.91 42.90
C VAL B 284 -30.48 7.54 42.60
N ILE B 285 -29.73 7.46 41.50
CA ILE B 285 -29.16 6.19 41.03
C ILE B 285 -28.01 5.74 41.93
N GLY B 286 -27.93 4.43 42.16
CA GLY B 286 -26.93 3.85 43.04
C GLY B 286 -27.54 3.41 44.36
N PHE B 287 -28.86 3.56 44.45
CA PHE B 287 -29.61 3.28 45.68
C PHE B 287 -30.84 2.39 45.43
N GLY B 288 -31.04 1.44 46.34
CA GLY B 288 -32.13 0.48 46.19
C GLY B 288 -31.78 -0.67 45.28
N HIS B 289 -32.59 -1.71 45.33
CA HIS B 289 -32.37 -2.92 44.55
C HIS B 289 -33.66 -3.72 44.55
N PRO B 290 -34.00 -4.32 43.38
CA PRO B 290 -35.20 -5.17 43.27
C PRO B 290 -35.31 -6.23 44.38
N VAL B 291 -34.31 -7.10 44.49
CA VAL B 291 -34.36 -8.26 45.40
C VAL B 291 -34.06 -7.91 46.85
N TYR B 292 -32.93 -7.23 47.10
CA TYR B 292 -32.48 -6.92 48.47
C TYR B 292 -33.44 -5.98 49.20
N THR B 293 -33.82 -6.37 50.42
CA THR B 293 -34.75 -5.57 51.24
C THR B 293 -34.07 -4.85 52.41
N ILE B 294 -32.86 -5.29 52.74
CA ILE B 294 -32.16 -4.80 53.92
C ILE B 294 -30.82 -4.16 53.53
N ALA B 295 -30.04 -4.86 52.70
CA ALA B 295 -28.76 -4.33 52.19
C ALA B 295 -28.24 -5.09 50.98
N ASP B 296 -27.49 -4.39 50.13
CA ASP B 296 -26.65 -5.03 49.12
C ASP B 296 -25.34 -5.47 49.81
N PRO B 297 -25.11 -6.79 49.91
CA PRO B 297 -23.93 -7.31 50.63
C PRO B 297 -22.59 -6.95 49.97
N ARG B 298 -22.61 -6.64 48.67
CA ARG B 298 -21.38 -6.29 47.96
C ARG B 298 -20.92 -4.87 48.30
N HIS B 299 -21.87 -4.04 48.71
CA HIS B 299 -21.61 -2.64 49.02
C HIS B 299 -20.57 -2.42 50.10
N GLN B 300 -20.67 -3.14 51.23
CA GLN B 300 -19.76 -2.94 52.35
C GLN B 300 -18.33 -3.28 51.95
N VAL B 301 -18.20 -4.22 51.00
CA VAL B 301 -16.91 -4.66 50.51
C VAL B 301 -16.32 -3.54 49.66
N ILE B 302 -17.11 -3.06 48.69
CA ILE B 302 -16.64 -2.05 47.75
C ILE B 302 -16.40 -0.69 48.43
N LYS B 303 -17.17 -0.38 49.47
CA LYS B 303 -16.94 0.83 50.27
C LYS B 303 -15.55 0.79 50.91
N ARG B 304 -15.22 -0.35 51.52
CA ARG B 304 -13.94 -0.59 52.17
C ARG B 304 -12.76 -0.44 51.19
N VAL B 305 -12.93 -0.96 49.97
CA VAL B 305 -11.94 -0.85 48.89
C VAL B 305 -11.74 0.62 48.47
N ALA B 306 -12.85 1.27 48.12
CA ALA B 306 -12.89 2.70 47.84
C ALA B 306 -12.19 3.52 48.92
N LYS B 307 -12.45 3.20 50.19
CA LYS B 307 -11.85 3.91 51.31
C LYS B 307 -10.33 3.78 51.27
N GLN B 308 -9.84 2.54 51.20
CA GLN B 308 -8.40 2.28 51.13
C GLN B 308 -7.76 2.93 49.90
N LEU B 309 -8.39 2.78 48.74
CA LEU B 309 -7.90 3.39 47.49
C LEU B 309 -7.82 4.91 47.57
N SER B 310 -8.82 5.52 48.22
CA SER B 310 -8.85 6.97 48.38
C SER B 310 -7.77 7.42 49.37
N GLU B 311 -7.63 6.68 50.46
CA GLU B 311 -6.59 6.93 51.47
C GLU B 311 -5.19 6.81 50.88
N GLU B 312 -4.93 5.70 50.21
CA GLU B 312 -3.61 5.42 49.67
C GLU B 312 -3.15 6.53 48.70
N GLY B 313 -4.09 7.02 47.89
CA GLY B 313 -3.86 8.20 47.04
C GLY B 313 -3.61 9.44 47.87
N GLY B 314 -4.36 9.58 48.96
CA GLY B 314 -4.28 10.75 49.82
C GLY B 314 -5.50 11.65 49.72
N SER B 315 -6.44 11.27 48.85
CA SER B 315 -7.65 12.07 48.63
C SER B 315 -8.92 11.29 48.99
N LEU B 316 -9.59 11.73 50.05
CA LEU B 316 -10.86 11.11 50.43
C LEU B 316 -12.06 12.04 50.15
N LYS B 317 -11.85 13.00 49.26
CA LYS B 317 -12.91 13.94 48.89
C LYS B 317 -14.16 13.20 48.43
N MET B 318 -14.06 12.58 47.24
CA MET B 318 -15.18 11.87 46.62
C MET B 318 -15.81 10.82 47.54
N TYR B 319 -14.96 10.12 48.30
CA TYR B 319 -15.43 9.11 49.27
C TYR B 319 -16.30 9.69 50.38
N HIS B 320 -15.89 10.83 50.94
CA HIS B 320 -16.68 11.52 51.97
C HIS B 320 -17.99 12.05 51.41
N ILE B 321 -18.00 12.41 50.13
CA ILE B 321 -19.22 12.88 49.49
C ILE B 321 -20.21 11.71 49.33
N ALA B 322 -19.70 10.59 48.80
CA ALA B 322 -20.51 9.38 48.65
C ALA B 322 -21.02 8.89 50.00
N ASP B 323 -20.16 8.94 51.02
CA ASP B 323 -20.49 8.49 52.37
C ASP B 323 -21.57 9.35 53.03
N ARG B 324 -21.56 10.64 52.70
CA ARG B 324 -22.52 11.60 53.20
C ARG B 324 -23.90 11.39 52.58
N LEU B 325 -23.90 11.24 51.26
CA LEU B 325 -25.14 11.08 50.53
C LEU B 325 -25.78 9.75 50.85
N GLU B 326 -24.97 8.81 51.34
CA GLU B 326 -25.45 7.52 51.79
C GLU B 326 -26.29 7.70 53.05
N THR B 327 -25.77 8.49 53.98
CA THR B 327 -26.50 8.81 55.21
C THR B 327 -27.77 9.56 54.85
N VAL B 328 -27.64 10.52 53.95
CA VAL B 328 -28.74 11.38 53.53
C VAL B 328 -29.84 10.60 52.80
N MET B 329 -29.44 9.65 51.96
CA MET B 329 -30.40 8.83 51.24
C MET B 329 -31.22 7.93 52.17
N TRP B 330 -30.63 7.58 53.31
CA TRP B 330 -31.34 6.78 54.30
C TRP B 330 -32.34 7.61 55.12
N GLU B 331 -31.90 8.79 55.56
CA GLU B 331 -32.77 9.74 56.27
C GLU B 331 -34.00 10.10 55.45
N THR B 332 -33.76 10.41 54.18
CA THR B 332 -34.78 10.93 53.29
C THR B 332 -35.74 9.86 52.77
N LYS B 333 -35.20 8.75 52.27
CA LYS B 333 -35.98 7.81 51.48
C LYS B 333 -35.98 6.37 52.01
N LYS B 334 -35.14 6.11 53.00
CA LYS B 334 -34.94 4.77 53.57
C LYS B 334 -34.41 3.81 52.51
N MET B 335 -33.44 4.29 51.74
CA MET B 335 -32.79 3.49 50.73
C MET B 335 -31.32 3.26 51.09
N PHE B 336 -30.88 2.02 50.87
CA PHE B 336 -29.50 1.60 51.08
C PHE B 336 -28.73 1.75 49.76
N PRO B 337 -27.40 1.96 49.83
CA PRO B 337 -26.60 2.02 48.61
C PRO B 337 -26.36 0.63 48.02
N ASN B 338 -26.41 0.53 46.69
CA ASN B 338 -26.06 -0.73 46.04
C ASN B 338 -24.61 -0.67 45.57
N LEU B 339 -24.10 -1.81 45.09
CA LEU B 339 -22.72 -1.95 44.64
C LEU B 339 -22.26 -0.81 43.73
N ASP B 340 -23.18 -0.25 42.96
CA ASP B 340 -22.84 0.79 42.01
C ASP B 340 -22.63 2.15 42.62
N TRP B 341 -22.78 2.25 43.94
CA TRP B 341 -22.56 3.54 44.59
C TRP B 341 -21.07 3.78 44.83
N PHE B 342 -20.43 2.92 45.61
CA PHE B 342 -18.99 3.09 45.91
C PHE B 342 -18.01 2.52 44.88
N SER B 343 -18.48 1.66 43.96
CA SER B 343 -17.61 1.17 42.87
C SER B 343 -17.15 2.33 41.99
N ALA B 344 -18.04 3.32 41.83
CA ALA B 344 -17.74 4.61 41.22
C ALA B 344 -16.47 5.25 41.80
N VAL B 345 -16.41 5.35 43.12
CA VAL B 345 -15.24 5.93 43.80
C VAL B 345 -14.01 5.05 43.62
N SER B 346 -14.13 3.75 43.85
CA SER B 346 -12.95 2.87 43.72
C SER B 346 -12.38 2.84 42.30
N TYR B 347 -13.24 2.69 41.30
CA TYR B 347 -12.78 2.70 39.92
C TYR B 347 -12.09 4.01 39.55
N ASN B 348 -12.74 5.13 39.87
CA ASN B 348 -12.24 6.45 39.51
C ASN B 348 -10.88 6.75 40.15
N MET B 349 -10.68 6.29 41.39
CA MET B 349 -9.37 6.37 42.06
C MET B 349 -8.30 5.60 41.31
N MET B 350 -8.72 4.54 40.63
CA MET B 350 -7.83 3.74 39.79
C MET B 350 -7.73 4.31 38.37
N GLY B 351 -8.29 5.49 38.16
CA GLY B 351 -8.14 6.19 36.88
C GLY B 351 -8.89 5.55 35.73
N VAL B 352 -9.97 4.83 36.03
CA VAL B 352 -10.78 4.24 34.97
C VAL B 352 -11.69 5.31 34.38
N PRO B 353 -11.57 5.58 33.08
CA PRO B 353 -12.51 6.48 32.42
C PRO B 353 -13.96 6.02 32.65
N THR B 354 -14.88 6.96 32.81
CA THR B 354 -16.29 6.67 33.04
C THR B 354 -16.89 5.69 32.00
N GLU B 355 -16.59 5.91 30.72
CA GLU B 355 -17.13 5.12 29.64
C GLU B 355 -16.57 3.70 29.60
N MET B 356 -15.72 3.36 30.56
CA MET B 356 -15.19 2.01 30.67
C MET B 356 -15.71 1.24 31.88
N PHE B 357 -16.54 1.90 32.68
CA PHE B 357 -17.20 1.23 33.81
C PHE B 357 -17.98 0.00 33.35
N THR B 358 -18.91 0.16 32.43
CA THR B 358 -19.71 -0.99 31.97
C THR B 358 -18.88 -2.10 31.32
N PRO B 359 -17.92 -1.73 30.44
CA PRO B 359 -16.99 -2.76 29.92
C PRO B 359 -16.33 -3.62 31.01
N LEU B 360 -15.94 -3.01 32.13
CA LEU B 360 -15.45 -3.79 33.28
C LEU B 360 -16.53 -4.73 33.84
N PHE B 361 -17.76 -4.23 33.90
CA PHE B 361 -18.91 -5.07 34.25
C PHE B 361 -18.94 -6.32 33.35
N VAL B 362 -18.61 -6.16 32.07
CA VAL B 362 -18.61 -7.29 31.10
C VAL B 362 -17.46 -8.28 31.33
N ILE B 363 -16.29 -7.76 31.70
CA ILE B 363 -15.14 -8.62 32.02
C ILE B 363 -15.43 -9.49 33.26
N ALA B 364 -16.12 -8.90 34.23
CA ALA B 364 -16.52 -9.63 35.43
C ALA B 364 -17.68 -10.57 35.13
N ARG B 365 -18.73 -10.04 34.48
CA ARG B 365 -20.00 -10.76 34.40
C ARG B 365 -20.02 -11.86 33.36
N VAL B 366 -19.06 -11.82 32.44
CA VAL B 366 -18.98 -12.85 31.39
C VAL B 366 -18.82 -14.23 32.03
N THR B 367 -18.30 -14.24 33.26
CA THR B 367 -18.11 -15.47 34.01
C THR B 367 -19.43 -16.09 34.46
N GLY B 368 -20.32 -15.29 35.04
CA GLY B 368 -21.70 -15.74 35.28
C GLY B 368 -22.43 -16.12 34.00
N TRP B 369 -22.33 -15.28 32.98
CA TRP B 369 -23.03 -15.57 31.73
C TRP B 369 -22.64 -16.96 31.23
N ALA B 370 -21.34 -17.22 31.22
CA ALA B 370 -20.78 -18.47 30.72
C ALA B 370 -21.24 -19.62 31.56
N ALA B 371 -21.41 -19.40 32.86
CA ALA B 371 -21.94 -20.44 33.72
C ALA B 371 -23.41 -20.71 33.41
N HIS B 372 -24.19 -19.64 33.25
CA HIS B 372 -25.63 -19.74 32.96
C HIS B 372 -25.94 -20.30 31.57
N ILE B 373 -25.12 -19.97 30.58
CA ILE B 373 -25.26 -20.50 29.24
C ILE B 373 -25.06 -22.02 29.28
N ILE B 374 -24.03 -22.46 30.01
CA ILE B 374 -23.69 -23.87 30.14
C ILE B 374 -24.80 -24.63 30.90
N GLU B 375 -25.30 -24.02 31.96
CA GLU B 375 -26.38 -24.61 32.74
C GLU B 375 -27.69 -24.74 31.95
N GLN B 376 -27.98 -23.73 31.14
CA GLN B 376 -29.18 -23.74 30.30
C GLN B 376 -29.14 -24.87 29.27
N ARG B 377 -27.97 -25.16 28.74
CA ARG B 377 -27.83 -26.21 27.73
C ARG B 377 -28.12 -27.59 28.32
N GLN B 378 -27.78 -27.78 29.61
CA GLN B 378 -27.85 -29.09 30.26
C GLN B 378 -29.23 -29.50 30.73
N ASP B 379 -30.01 -28.53 31.15
CA ASP B 379 -31.41 -28.77 31.44
C ASP B 379 -32.18 -27.74 30.63
N ASN B 380 -32.25 -27.97 29.32
CA ASN B 380 -32.77 -26.97 28.39
C ASN B 380 -34.29 -26.87 28.42
N LYS B 381 -34.81 -26.66 29.62
CA LYS B 381 -36.20 -26.32 29.81
C LYS B 381 -36.38 -24.90 29.31
N ILE B 382 -37.48 -24.67 28.60
CA ILE B 382 -37.82 -23.35 28.10
C ILE B 382 -39.22 -22.94 28.57
N ILE B 383 -39.35 -21.68 29.00
CA ILE B 383 -40.64 -21.10 29.38
C ILE B 383 -41.11 -20.16 28.27
N ARG B 384 -41.98 -20.68 27.40
CA ARG B 384 -42.47 -19.94 26.23
C ARG B 384 -43.11 -18.61 26.64
N PRO B 385 -42.44 -17.49 26.31
CA PRO B 385 -42.97 -16.18 26.71
C PRO B 385 -44.21 -15.83 25.89
N SER B 386 -45.23 -15.31 26.57
CA SER B 386 -46.44 -14.87 25.89
C SER B 386 -46.98 -13.56 26.48
N ALA B 387 -47.73 -12.82 25.66
CA ALA B 387 -48.07 -11.44 25.95
C ALA B 387 -49.56 -11.20 26.19
N ASN B 388 -49.89 -10.00 26.67
CA ASN B 388 -51.26 -9.52 26.75
C ASN B 388 -51.53 -8.49 25.66
N TYR B 389 -52.55 -8.75 24.85
CA TYR B 389 -52.85 -7.93 23.66
C TYR B 389 -53.67 -6.67 23.97
N THR B 390 -53.27 -5.55 23.37
CA THR B 390 -53.97 -4.27 23.53
C THR B 390 -54.13 -3.52 22.21
N GLY B 391 -54.00 -4.22 21.09
CA GLY B 391 -54.16 -3.59 19.78
C GLY B 391 -55.57 -3.62 19.27
N PRO B 392 -55.77 -3.26 17.99
CA PRO B 392 -57.13 -3.23 17.43
C PRO B 392 -57.67 -4.63 17.09
N GLU B 393 -58.99 -4.77 17.19
CA GLU B 393 -59.72 -5.99 16.77
C GLU B 393 -59.46 -6.27 15.28
N ASP B 394 -59.73 -7.51 14.87
CA ASP B 394 -59.73 -7.87 13.46
C ASP B 394 -60.53 -6.84 12.65
N ARG B 395 -59.93 -6.33 11.57
CA ARG B 395 -60.54 -5.30 10.73
C ARG B 395 -60.34 -5.65 9.25
N PRO B 396 -61.29 -5.27 8.38
CA PRO B 396 -61.17 -5.69 6.99
C PRO B 396 -59.96 -5.07 6.33
N PHE B 397 -59.44 -5.70 5.28
CA PHE B 397 -58.32 -5.16 4.53
C PHE B 397 -58.75 -3.95 3.72
N VAL B 398 -57.92 -2.91 3.78
CA VAL B 398 -58.11 -1.74 2.93
C VAL B 398 -57.11 -1.83 1.78
N SER B 399 -57.60 -1.61 0.57
CA SER B 399 -56.79 -1.67 -0.64
C SER B 399 -55.99 -0.39 -0.72
N ILE B 400 -54.88 -0.40 -1.46
CA ILE B 400 -53.96 0.75 -1.48
C ILE B 400 -54.58 2.09 -1.91
N ASP B 401 -55.45 2.05 -2.92
CA ASP B 401 -56.11 3.26 -3.37
C ASP B 401 -57.23 3.68 -2.40
N ASP B 402 -57.74 2.71 -1.64
CA ASP B 402 -58.86 2.93 -0.71
C ASP B 402 -58.47 3.60 0.61
N ARG B 403 -57.18 3.76 0.86
CA ARG B 403 -56.72 4.31 2.14
C ARG B 403 -56.28 5.78 2.07
N CYS B 404 -56.26 6.35 0.87
CA CYS B 404 -55.94 7.76 0.69
C CYS B 404 -57.15 8.64 0.98
N PRO C 41 -8.24 -56.89 -5.55
CA PRO C 41 -9.25 -57.43 -4.64
C PRO C 41 -9.26 -56.72 -3.28
N ALA C 42 -8.93 -55.42 -3.28
CA ALA C 42 -8.79 -54.64 -2.05
C ALA C 42 -10.13 -54.32 -1.39
N GLY C 43 -10.99 -53.58 -2.08
CA GLY C 43 -12.30 -53.21 -1.56
C GLY C 43 -13.47 -53.60 -2.43
N ASN C 44 -14.67 -53.34 -1.93
CA ASN C 44 -15.91 -53.50 -2.70
C ASN C 44 -16.24 -52.20 -3.41
N THR C 45 -16.88 -52.30 -4.57
CA THR C 45 -17.26 -51.10 -5.34
C THR C 45 -18.43 -51.36 -6.29
N ALA C 46 -19.26 -50.35 -6.48
CA ALA C 46 -20.42 -50.43 -7.39
C ALA C 46 -20.26 -49.52 -8.60
N LEU C 47 -19.06 -48.96 -8.76
CA LEU C 47 -18.83 -47.86 -9.67
C LEU C 47 -18.45 -48.23 -11.10
N CYS C 48 -17.63 -49.27 -11.25
CA CYS C 48 -16.97 -49.54 -12.52
C CYS C 48 -16.50 -50.99 -12.68
N THR C 49 -16.80 -51.57 -13.84
CA THR C 49 -16.20 -52.85 -14.26
C THR C 49 -15.11 -52.60 -15.29
N VAL C 50 -14.04 -53.37 -15.23
CA VAL C 50 -12.90 -53.19 -16.13
C VAL C 50 -12.37 -54.51 -16.73
N GLY C 51 -12.52 -54.64 -18.05
CA GLY C 51 -11.87 -55.70 -18.81
C GLY C 51 -12.30 -57.12 -18.48
N LYS C 52 -13.51 -57.26 -17.95
CA LYS C 52 -14.11 -58.58 -17.72
C LYS C 52 -14.34 -59.34 -19.04
N SER C 53 -14.28 -58.64 -20.16
CA SER C 53 -14.43 -59.26 -21.48
C SER C 53 -13.13 -59.19 -22.27
N GLY C 54 -12.59 -57.98 -22.39
CA GLY C 54 -11.38 -57.76 -23.14
C GLY C 54 -11.32 -56.36 -23.73
N ASN C 55 -12.51 -55.79 -23.99
CA ASN C 55 -12.62 -54.48 -24.64
C ASN C 55 -13.80 -53.64 -24.14
N ASP C 56 -14.18 -53.83 -22.88
CA ASP C 56 -15.40 -53.24 -22.32
C ASP C 56 -15.17 -52.34 -21.11
N LEU C 57 -15.96 -51.27 -21.00
CA LEU C 57 -15.92 -50.36 -19.85
C LEU C 57 -17.30 -49.81 -19.51
N HIS C 58 -17.65 -49.87 -18.22
CA HIS C 58 -18.96 -49.46 -17.74
C HIS C 58 -18.88 -48.57 -16.50
N TYR C 59 -19.63 -47.47 -16.52
CA TYR C 59 -19.82 -46.61 -15.35
C TYR C 59 -21.20 -46.91 -14.80
N ARG C 60 -21.24 -47.45 -13.58
CA ARG C 60 -22.51 -47.78 -12.91
C ARG C 60 -23.46 -48.62 -13.79
N GLY C 61 -22.89 -49.45 -14.66
CA GLY C 61 -23.69 -50.30 -15.56
C GLY C 61 -23.82 -49.79 -16.98
N TYR C 62 -23.65 -48.48 -17.19
CA TYR C 62 -23.80 -47.90 -18.53
C TYR C 62 -22.49 -48.01 -19.30
N ASP C 63 -22.59 -48.40 -20.57
CA ASP C 63 -21.42 -48.55 -21.44
C ASP C 63 -20.85 -47.22 -21.88
N ILE C 64 -19.53 -47.11 -21.80
CA ILE C 64 -18.80 -45.86 -22.11
C ILE C 64 -19.00 -45.38 -23.56
N LEU C 65 -19.28 -46.31 -24.47
CA LEU C 65 -19.59 -45.94 -25.85
C LEU C 65 -20.85 -45.11 -25.94
N ASP C 66 -21.87 -45.49 -25.16
CA ASP C 66 -23.14 -44.77 -25.13
C ASP C 66 -23.02 -43.45 -24.36
N LEU C 67 -22.22 -43.45 -23.28
CA LEU C 67 -21.97 -42.24 -22.50
C LEU C 67 -21.29 -41.19 -23.34
N ALA C 68 -20.25 -41.61 -24.07
CA ALA C 68 -19.44 -40.71 -24.87
C ALA C 68 -20.17 -40.14 -26.10
N GLU C 69 -21.01 -40.95 -26.73
CA GLU C 69 -21.82 -40.46 -27.86
C GLU C 69 -22.96 -39.56 -27.42
N HIS C 70 -23.63 -39.91 -26.32
CA HIS C 70 -24.88 -39.22 -25.97
C HIS C 70 -24.83 -38.17 -24.84
N CYS C 71 -23.88 -38.30 -23.93
CA CYS C 71 -23.87 -37.43 -22.74
C CYS C 71 -22.94 -36.24 -22.86
N GLU C 72 -23.32 -35.13 -22.22
CA GLU C 72 -22.37 -34.08 -21.88
C GLU C 72 -21.59 -34.59 -20.68
N PHE C 73 -20.38 -34.07 -20.49
CA PHE C 73 -19.58 -34.44 -19.32
C PHE C 73 -20.35 -34.30 -18.01
N GLU C 74 -21.17 -33.26 -17.90
CA GLU C 74 -21.97 -32.97 -16.69
C GLU C 74 -22.93 -34.11 -16.33
N GLU C 75 -23.48 -34.77 -17.35
CA GLU C 75 -24.38 -35.90 -17.15
C GLU C 75 -23.65 -37.09 -16.50
N VAL C 76 -22.39 -37.28 -16.89
CA VAL C 76 -21.57 -38.36 -16.36
C VAL C 76 -21.00 -37.95 -15.00
N ALA C 77 -20.76 -36.65 -14.82
CA ALA C 77 -20.40 -36.08 -13.53
C ALA C 77 -21.52 -36.37 -12.53
N HIS C 78 -22.75 -36.06 -12.94
CA HIS C 78 -23.93 -36.33 -12.14
C HIS C 78 -24.10 -37.82 -11.83
N LEU C 79 -23.89 -38.66 -12.83
CA LEU C 79 -23.97 -40.13 -12.65
C LEU C 79 -23.02 -40.62 -11.56
N LEU C 80 -21.79 -40.10 -11.55
CA LEU C 80 -20.78 -40.54 -10.60
C LEU C 80 -20.99 -39.93 -9.22
N ILE C 81 -20.96 -38.59 -9.15
CA ILE C 81 -21.05 -37.89 -7.88
C ILE C 81 -22.40 -38.15 -7.20
N HIS C 82 -23.49 -37.98 -7.93
CA HIS C 82 -24.83 -38.09 -7.33
C HIS C 82 -25.44 -39.49 -7.40
N GLY C 83 -25.06 -40.27 -8.41
CA GLY C 83 -25.48 -41.65 -8.49
C GLY C 83 -26.36 -42.04 -9.67
N LYS C 84 -26.79 -41.07 -10.45
CA LYS C 84 -27.70 -41.34 -11.56
C LYS C 84 -27.55 -40.37 -12.71
N LEU C 85 -27.87 -40.83 -13.92
CA LEU C 85 -28.04 -39.97 -15.08
C LEU C 85 -29.18 -39.00 -14.79
N PRO C 86 -28.96 -37.69 -14.98
CA PRO C 86 -29.97 -36.71 -14.61
C PRO C 86 -31.14 -36.63 -15.60
N THR C 87 -32.32 -36.27 -15.10
CA THR C 87 -33.42 -35.88 -15.97
C THR C 87 -33.08 -34.54 -16.62
N ARG C 88 -33.89 -34.13 -17.59
CA ARG C 88 -33.72 -32.83 -18.23
C ARG C 88 -33.61 -31.73 -17.17
N ASP C 89 -34.57 -31.73 -16.23
CA ASP C 89 -34.67 -30.72 -15.18
C ASP C 89 -33.50 -30.80 -14.19
N GLU C 90 -33.16 -32.01 -13.76
CA GLU C 90 -32.03 -32.25 -12.85
C GLU C 90 -30.73 -31.68 -13.42
N LEU C 91 -30.54 -31.85 -14.73
CA LEU C 91 -29.36 -31.34 -15.42
C LEU C 91 -29.35 -29.82 -15.51
N ASN C 92 -30.49 -29.25 -15.88
CA ASN C 92 -30.62 -27.79 -15.94
C ASN C 92 -30.32 -27.11 -14.60
N ALA C 93 -30.72 -27.73 -13.50
CA ALA C 93 -30.43 -27.20 -12.17
C ALA C 93 -28.95 -27.44 -11.80
N TYR C 94 -28.45 -28.63 -12.13
CA TYR C 94 -27.04 -29.00 -11.88
C TYR C 94 -26.07 -28.09 -12.63
N LYS C 95 -26.43 -27.73 -13.87
CA LYS C 95 -25.62 -26.86 -14.71
C LYS C 95 -25.57 -25.44 -14.18
N SER C 96 -26.69 -24.96 -13.64
CA SER C 96 -26.77 -23.63 -13.06
C SER C 96 -25.93 -23.56 -11.78
N LYS C 97 -26.06 -24.61 -10.96
CA LYS C 97 -25.31 -24.73 -9.72
C LYS C 97 -23.82 -24.66 -9.99
N LEU C 98 -23.34 -25.57 -10.84
CA LEU C 98 -21.92 -25.64 -11.21
C LEU C 98 -21.42 -24.33 -11.80
N LYS C 99 -22.27 -23.66 -12.59
CA LYS C 99 -21.93 -22.36 -13.19
C LYS C 99 -21.59 -21.29 -12.14
N ALA C 100 -22.36 -21.24 -11.06
CA ALA C 100 -22.15 -20.32 -9.94
C ALA C 100 -21.05 -20.77 -8.96
N LEU C 101 -20.47 -21.94 -9.18
CA LEU C 101 -19.49 -22.48 -8.25
C LEU C 101 -18.05 -22.32 -8.75
N ARG C 102 -17.88 -21.49 -9.79
CA ARG C 102 -16.61 -21.36 -10.50
C ARG C 102 -15.64 -20.36 -9.87
N GLY C 103 -16.14 -19.57 -8.92
CA GLY C 103 -15.37 -18.47 -8.36
C GLY C 103 -14.32 -18.88 -7.37
N LEU C 104 -13.39 -17.95 -7.14
CA LEU C 104 -12.24 -18.17 -6.28
C LEU C 104 -12.29 -17.22 -5.11
N PRO C 105 -12.29 -17.78 -3.89
CA PRO C 105 -12.27 -16.98 -2.66
C PRO C 105 -11.10 -15.99 -2.62
N ALA C 106 -11.35 -14.79 -2.09
CA ALA C 106 -10.32 -13.73 -1.99
C ALA C 106 -8.98 -14.20 -1.45
N ASN C 107 -9.03 -15.07 -0.44
CA ASN C 107 -7.81 -15.62 0.15
C ASN C 107 -7.14 -16.68 -0.73
N VAL C 108 -7.94 -17.42 -1.47
CA VAL C 108 -7.43 -18.46 -2.37
C VAL C 108 -6.68 -17.83 -3.55
N ARG C 109 -7.12 -16.64 -3.96
CA ARG C 109 -6.43 -15.87 -5.01
C ARG C 109 -5.03 -15.48 -4.53
N THR C 110 -4.97 -14.97 -3.31
CA THR C 110 -3.71 -14.59 -2.65
C THR C 110 -2.73 -15.76 -2.65
N VAL C 111 -3.20 -16.95 -2.27
CA VAL C 111 -2.40 -18.17 -2.34
C VAL C 111 -1.89 -18.44 -3.77
N LEU C 112 -2.81 -18.38 -4.73
CA LEU C 112 -2.49 -18.64 -6.14
C LEU C 112 -1.47 -17.65 -6.71
N GLU C 113 -1.51 -16.41 -6.23
CA GLU C 113 -0.64 -15.37 -6.76
C GLU C 113 0.80 -15.48 -6.24
N ALA C 114 0.97 -16.25 -5.17
CA ALA C 114 2.26 -16.45 -4.51
C ALA C 114 3.02 -17.65 -5.05
N LEU C 115 2.38 -18.44 -5.91
CA LEU C 115 3.04 -19.61 -6.48
C LEU C 115 3.71 -19.22 -7.78
N PRO C 116 5.01 -19.47 -7.89
CA PRO C 116 5.79 -18.96 -9.04
C PRO C 116 5.35 -19.56 -10.37
N ALA C 117 5.68 -18.87 -11.46
CA ALA C 117 5.32 -19.29 -12.82
C ALA C 117 5.85 -20.66 -13.24
N ALA C 118 6.98 -21.08 -12.69
CA ALA C 118 7.60 -22.36 -13.03
C ALA C 118 7.03 -23.53 -12.22
N SER C 119 6.09 -23.25 -11.32
CA SER C 119 5.36 -24.30 -10.60
C SER C 119 4.82 -25.39 -11.51
N HIS C 120 4.89 -26.63 -11.05
CA HIS C 120 4.22 -27.71 -11.73
C HIS C 120 2.71 -27.47 -11.62
N PRO C 121 1.99 -27.49 -12.76
CA PRO C 121 0.54 -27.25 -12.76
C PRO C 121 -0.28 -28.19 -11.85
N MET C 122 0.24 -29.39 -11.60
CA MET C 122 -0.40 -30.35 -10.70
C MET C 122 -0.22 -29.90 -9.25
N ASP C 123 0.95 -29.34 -8.97
CA ASP C 123 1.27 -28.79 -7.65
C ASP C 123 0.47 -27.53 -7.34
N VAL C 124 0.15 -26.77 -8.39
CA VAL C 124 -0.68 -25.56 -8.26
C VAL C 124 -2.13 -25.94 -7.94
N MET C 125 -2.62 -27.00 -8.57
CA MET C 125 -3.97 -27.52 -8.27
C MET C 125 -4.01 -28.09 -6.85
N ARG C 126 -3.02 -28.91 -6.52
CA ARG C 126 -2.80 -29.41 -5.18
C ARG C 126 -2.90 -28.27 -4.14
N THR C 127 -2.08 -27.23 -4.30
CA THR C 127 -2.05 -26.15 -3.31
C THR C 127 -3.39 -25.43 -3.25
N GLY C 128 -4.00 -25.24 -4.42
CA GLY C 128 -5.29 -24.57 -4.56
C GLY C 128 -6.38 -25.27 -3.79
N VAL C 129 -6.56 -26.56 -4.09
CA VAL C 129 -7.52 -27.40 -3.35
C VAL C 129 -7.18 -27.41 -1.85
N SER C 130 -5.90 -27.56 -1.51
CA SER C 130 -5.49 -27.49 -0.10
C SER C 130 -5.93 -26.19 0.58
N ALA C 131 -5.65 -25.05 -0.02
CA ALA C 131 -6.14 -23.77 0.52
C ALA C 131 -7.67 -23.71 0.59
N LEU C 132 -8.33 -24.27 -0.42
CA LEU C 132 -9.77 -24.31 -0.44
C LEU C 132 -10.31 -25.18 0.69
N GLY C 133 -9.56 -26.22 1.01
CA GLY C 133 -9.93 -27.12 2.09
C GLY C 133 -9.96 -26.40 3.41
N CYS C 134 -9.00 -25.48 3.59
CA CYS C 134 -8.91 -24.59 4.76
C CYS C 134 -9.98 -23.50 4.79
N THR C 135 -10.53 -23.16 3.63
CA THR C 135 -11.36 -21.97 3.49
C THR C 135 -12.85 -22.29 3.57
N LEU C 136 -13.26 -23.35 2.88
CA LEU C 136 -14.62 -23.85 2.94
C LEU C 136 -14.57 -25.29 3.42
N PRO C 137 -14.22 -25.50 4.68
CA PRO C 137 -13.90 -26.88 5.05
C PRO C 137 -15.14 -27.76 5.07
N GLU C 138 -14.93 -29.08 5.12
CA GLU C 138 -16.03 -30.00 5.38
C GLU C 138 -16.42 -29.89 6.86
N LYS C 139 -17.72 -29.86 7.13
CA LYS C 139 -18.25 -29.90 8.50
C LYS C 139 -17.88 -31.23 9.12
N GLU C 140 -17.86 -31.29 10.45
CA GLU C 140 -17.41 -32.47 11.19
C GLU C 140 -18.09 -33.77 10.78
N GLY C 141 -19.40 -33.68 10.51
CA GLY C 141 -20.23 -34.85 10.22
C GLY C 141 -19.84 -35.69 9.00
N HIS C 142 -19.22 -35.07 8.01
CA HIS C 142 -18.83 -35.78 6.76
C HIS C 142 -20.02 -36.43 6.04
N THR C 143 -21.17 -35.75 6.03
CA THR C 143 -22.37 -36.30 5.38
C THR C 143 -22.18 -36.52 3.88
N VAL C 144 -22.99 -37.41 3.32
CA VAL C 144 -23.02 -37.67 1.88
C VAL C 144 -23.24 -36.38 1.07
N SER C 145 -24.22 -35.59 1.48
CA SER C 145 -24.53 -34.32 0.81
C SER C 145 -23.39 -33.31 0.85
N GLY C 146 -22.74 -33.19 2.01
CA GLY C 146 -21.55 -32.34 2.17
C GLY C 146 -20.40 -32.74 1.25
N ALA C 147 -20.12 -34.05 1.21
CA ALA C 147 -19.08 -34.61 0.34
C ALA C 147 -19.38 -34.32 -1.12
N ARG C 148 -20.64 -34.43 -1.51
CA ARG C 148 -21.05 -34.11 -2.88
C ARG C 148 -20.87 -32.64 -3.17
N ASP C 149 -21.38 -31.78 -2.29
CA ASP C 149 -21.20 -30.33 -2.40
C ASP C 149 -19.74 -29.93 -2.65
N ILE C 150 -18.83 -30.60 -1.96
CA ILE C 150 -17.39 -30.32 -2.13
C ILE C 150 -16.93 -30.78 -3.50
N ALA C 151 -17.29 -32.01 -3.86
CA ALA C 151 -17.00 -32.53 -5.20
C ALA C 151 -17.47 -31.57 -6.28
N ASP C 152 -18.67 -31.02 -6.12
CA ASP C 152 -19.27 -30.08 -7.08
C ASP C 152 -18.54 -28.73 -7.15
N LYS C 153 -18.07 -28.25 -6.01
CA LYS C 153 -17.23 -27.05 -5.95
C LYS C 153 -15.92 -27.28 -6.69
N LEU C 154 -15.21 -28.35 -6.34
CA LEU C 154 -13.95 -28.71 -6.97
C LEU C 154 -14.13 -28.88 -8.48
N LEU C 155 -15.02 -29.78 -8.87
CA LEU C 155 -15.36 -30.00 -10.27
C LEU C 155 -15.50 -28.70 -11.06
N ALA C 156 -16.24 -27.74 -10.53
CA ALA C 156 -16.48 -26.49 -11.22
C ALA C 156 -15.34 -25.47 -11.10
N SER C 157 -14.53 -25.55 -10.03
CA SER C 157 -13.51 -24.52 -9.81
C SER C 157 -12.06 -24.96 -10.09
N LEU C 158 -11.87 -26.22 -10.49
CA LEU C 158 -10.49 -26.70 -10.71
C LEU C 158 -9.82 -25.98 -11.86
N SER C 159 -10.60 -25.67 -12.88
CA SER C 159 -10.14 -24.91 -14.03
C SER C 159 -9.82 -23.48 -13.63
N SER C 160 -10.57 -22.96 -12.67
CA SER C 160 -10.36 -21.62 -12.18
C SER C 160 -9.02 -21.55 -11.45
N ILE C 161 -8.82 -22.50 -10.55
CA ILE C 161 -7.60 -22.55 -9.79
C ILE C 161 -6.39 -22.60 -10.73
N LEU C 162 -6.43 -23.51 -11.70
CA LEU C 162 -5.30 -23.71 -12.59
C LEU C 162 -5.02 -22.45 -13.39
N LEU C 163 -6.05 -22.01 -14.14
CA LEU C 163 -5.88 -20.97 -15.15
C LEU C 163 -5.75 -19.57 -14.59
N TYR C 164 -6.26 -19.37 -13.37
CA TYR C 164 -6.09 -18.08 -12.69
C TYR C 164 -4.62 -17.94 -12.31
N TRP C 165 -4.02 -19.01 -11.78
CA TRP C 165 -2.60 -19.02 -11.51
C TRP C 165 -1.77 -18.85 -12.77
N TYR C 166 -2.16 -19.56 -13.84
CA TYR C 166 -1.42 -19.52 -15.10
C TYR C 166 -1.28 -18.10 -15.68
N HIS C 167 -2.39 -17.39 -15.73
CA HIS C 167 -2.40 -16.12 -16.42
C HIS C 167 -1.79 -15.01 -15.57
N TYR C 168 -1.93 -15.14 -14.25
CA TYR C 168 -1.29 -14.20 -13.35
C TYR C 168 0.22 -14.32 -13.43
N SER C 169 0.72 -15.51 -13.09
CA SER C 169 2.15 -15.79 -13.03
C SER C 169 2.84 -15.66 -14.40
N HIS C 170 2.13 -16.05 -15.46
CA HIS C 170 2.68 -16.02 -16.83
C HIS C 170 2.44 -14.70 -17.57
N ASN C 171 1.28 -14.08 -17.35
CA ASN C 171 0.88 -12.93 -18.15
C ASN C 171 0.61 -11.67 -17.35
N GLY C 172 0.78 -11.79 -16.03
CA GLY C 172 0.55 -10.66 -15.12
C GLY C 172 -0.90 -10.20 -15.04
N GLU C 173 -1.80 -11.03 -15.55
CA GLU C 173 -3.24 -10.70 -15.62
C GLU C 173 -4.03 -11.36 -14.50
N ARG C 174 -5.04 -10.65 -13.99
CA ARG C 174 -6.03 -11.26 -13.10
C ARG C 174 -7.33 -11.50 -13.88
N ILE C 175 -7.55 -12.75 -14.27
CA ILE C 175 -8.72 -13.09 -15.08
C ILE C 175 -9.99 -13.28 -14.25
N GLN C 176 -11.14 -13.20 -14.92
CA GLN C 176 -12.40 -13.48 -14.27
C GLN C 176 -12.79 -14.93 -14.52
N PRO C 177 -12.72 -15.78 -13.47
CA PRO C 177 -13.04 -17.21 -13.57
C PRO C 177 -14.52 -17.49 -13.81
N GLU C 178 -15.38 -16.53 -13.47
CA GLU C 178 -16.83 -16.70 -13.57
C GLU C 178 -17.34 -16.18 -14.90
N THR C 179 -17.53 -17.09 -15.85
CA THR C 179 -17.86 -16.75 -17.23
C THR C 179 -19.26 -17.25 -17.60
N ASP C 180 -19.69 -16.91 -18.81
CA ASP C 180 -21.00 -17.30 -19.32
C ASP C 180 -21.01 -18.74 -19.92
N ASP C 181 -19.83 -19.32 -20.13
CA ASP C 181 -19.72 -20.70 -20.70
C ASP C 181 -20.64 -21.69 -20.00
N ASP C 182 -21.24 -22.58 -20.78
CA ASP C 182 -22.27 -23.45 -20.27
C ASP C 182 -21.81 -24.88 -20.01
N SER C 183 -20.51 -25.12 -20.12
CA SER C 183 -19.95 -26.41 -19.73
C SER C 183 -18.58 -26.21 -19.09
N ILE C 184 -18.12 -27.25 -18.38
CA ILE C 184 -16.81 -27.27 -17.74
C ILE C 184 -15.71 -27.24 -18.80
N GLY C 185 -15.85 -28.10 -19.80
CA GLY C 185 -14.88 -28.20 -20.88
C GLY C 185 -14.74 -26.91 -21.68
N GLY C 186 -15.87 -26.22 -21.91
CA GLY C 186 -15.87 -24.94 -22.59
C GLY C 186 -15.31 -23.81 -21.75
N HIS C 187 -15.60 -23.86 -20.44
CA HIS C 187 -15.03 -22.93 -19.47
C HIS C 187 -13.50 -23.05 -19.37
N PHE C 188 -13.00 -24.29 -19.35
CA PHE C 188 -11.55 -24.51 -19.35
C PHE C 188 -10.91 -23.85 -20.57
N LEU C 189 -11.43 -24.15 -21.74
CA LEU C 189 -10.90 -23.62 -23.00
C LEU C 189 -10.97 -22.10 -23.06
N HIS C 190 -12.12 -21.54 -22.66
CA HIS C 190 -12.28 -20.09 -22.55
C HIS C 190 -11.20 -19.50 -21.65
N LEU C 191 -11.05 -20.03 -20.44
CA LEU C 191 -10.07 -19.48 -19.50
C LEU C 191 -8.65 -19.52 -20.05
N LEU C 192 -8.31 -20.63 -20.72
CA LEU C 192 -6.96 -20.87 -21.23
C LEU C 192 -6.58 -19.97 -22.39
N HIS C 193 -7.45 -19.93 -23.40
CA HIS C 193 -7.21 -19.18 -24.65
C HIS C 193 -7.67 -17.72 -24.58
N GLY C 194 -8.55 -17.42 -23.62
CA GLY C 194 -9.06 -16.07 -23.43
C GLY C 194 -10.12 -15.68 -24.46
N GLU C 195 -10.72 -16.69 -25.08
CA GLU C 195 -11.84 -16.49 -26.01
C GLU C 195 -12.72 -17.72 -25.91
N LYS C 196 -13.99 -17.55 -26.25
CA LYS C 196 -14.95 -18.63 -26.17
C LYS C 196 -14.62 -19.63 -27.29
N PRO C 197 -14.56 -20.93 -26.96
CA PRO C 197 -14.23 -21.92 -28.00
C PRO C 197 -15.42 -22.17 -28.93
N THR C 198 -15.18 -22.83 -30.06
CA THR C 198 -16.24 -23.24 -30.98
C THR C 198 -17.10 -24.31 -30.31
N GLN C 199 -18.28 -24.56 -30.87
CA GLN C 199 -19.12 -25.64 -30.37
C GLN C 199 -18.45 -27.00 -30.65
N SER C 200 -17.64 -27.02 -31.71
CA SER C 200 -16.89 -28.20 -32.14
C SER C 200 -15.95 -28.70 -31.04
N TRP C 201 -15.05 -27.82 -30.59
CA TRP C 201 -14.13 -28.10 -29.49
C TRP C 201 -14.89 -28.41 -28.19
N GLU C 202 -15.95 -27.66 -27.93
CA GLU C 202 -16.76 -27.86 -26.72
C GLU C 202 -17.27 -29.29 -26.64
N LYS C 203 -17.81 -29.78 -27.75
CA LYS C 203 -18.28 -31.17 -27.85
C LYS C 203 -17.14 -32.16 -27.65
N ALA C 204 -15.97 -31.82 -28.17
CA ALA C 204 -14.79 -32.67 -28.05
C ALA C 204 -14.27 -32.73 -26.61
N MET C 205 -14.36 -31.62 -25.88
CA MET C 205 -13.98 -31.60 -24.48
C MET C 205 -14.95 -32.47 -23.69
N HIS C 206 -16.24 -32.35 -23.99
CA HIS C 206 -17.27 -33.20 -23.38
C HIS C 206 -16.92 -34.68 -23.48
N ILE C 207 -16.56 -35.11 -24.69
CA ILE C 207 -16.27 -36.52 -24.95
C ILE C 207 -15.01 -36.97 -24.19
N SER C 208 -13.95 -36.15 -24.25
CA SER C 208 -12.67 -36.44 -23.61
C SER C 208 -12.81 -36.62 -22.12
N LEU C 209 -13.49 -35.68 -21.47
CA LEU C 209 -13.66 -35.69 -20.01
C LEU C 209 -14.53 -36.85 -19.52
N VAL C 210 -15.43 -37.32 -20.37
CA VAL C 210 -16.23 -38.51 -20.09
C VAL C 210 -15.37 -39.78 -20.18
N LEU C 211 -14.46 -39.80 -21.15
CA LEU C 211 -13.54 -40.94 -21.32
C LEU C 211 -12.60 -41.10 -20.12
N TYR C 212 -12.19 -39.97 -19.53
CA TYR C 212 -11.25 -39.96 -18.41
C TYR C 212 -11.89 -39.95 -17.02
N ALA C 213 -13.23 -39.89 -16.96
CA ALA C 213 -13.94 -39.61 -15.71
C ALA C 213 -13.76 -40.65 -14.60
N GLU C 214 -13.61 -41.92 -14.97
CA GLU C 214 -13.61 -43.00 -14.01
C GLU C 214 -12.92 -44.21 -14.63
N HIS C 215 -12.18 -44.96 -13.81
CA HIS C 215 -11.55 -46.18 -14.30
C HIS C 215 -11.18 -47.15 -13.19
N GLU C 216 -12.14 -47.38 -12.29
CA GLU C 216 -11.98 -48.32 -11.17
C GLU C 216 -10.76 -48.00 -10.30
N PHE C 217 -10.09 -49.06 -9.84
CA PHE C 217 -8.97 -48.94 -8.93
C PHE C 217 -7.67 -48.74 -9.69
N ASN C 218 -6.93 -47.72 -9.27
CA ASN C 218 -5.62 -47.37 -9.79
C ASN C 218 -4.89 -46.65 -8.66
N ALA C 219 -3.63 -46.28 -8.87
CA ALA C 219 -2.83 -45.63 -7.82
C ALA C 219 -3.51 -44.43 -7.15
N SER C 220 -4.23 -43.62 -7.92
CA SER C 220 -4.83 -42.38 -7.43
C SER C 220 -6.18 -42.61 -6.77
N THR C 221 -7.01 -43.42 -7.42
CA THR C 221 -8.30 -43.79 -6.86
C THR C 221 -8.11 -44.49 -5.52
N PHE C 222 -7.15 -45.42 -5.49
CA PHE C 222 -6.86 -46.17 -4.28
C PHE C 222 -6.28 -45.28 -3.16
N THR C 223 -5.48 -44.28 -3.54
CA THR C 223 -4.99 -43.26 -2.60
C THR C 223 -6.15 -42.50 -1.95
N SER C 224 -7.10 -42.05 -2.76
CA SER C 224 -8.27 -41.33 -2.27
C SER C 224 -9.06 -42.18 -1.27
N ARG C 225 -9.19 -43.47 -1.59
CA ARG C 225 -9.89 -44.42 -0.75
C ARG C 225 -9.16 -44.72 0.56
N VAL C 226 -7.83 -44.81 0.52
CA VAL C 226 -7.05 -45.03 1.74
C VAL C 226 -7.14 -43.83 2.66
N ILE C 227 -7.05 -42.63 2.09
CA ILE C 227 -7.19 -41.41 2.87
C ILE C 227 -8.63 -41.28 3.40
N ALA C 228 -9.62 -41.51 2.54
CA ALA C 228 -11.01 -41.57 2.99
C ALA C 228 -11.22 -42.59 4.10
N GLY C 229 -10.49 -43.70 4.04
CA GLY C 229 -10.59 -44.79 5.02
C GLY C 229 -10.21 -44.46 6.45
N THR C 230 -9.48 -43.36 6.63
CA THR C 230 -9.05 -42.94 7.96
C THR C 230 -10.09 -42.04 8.64
N GLY C 231 -11.10 -41.60 7.88
CA GLY C 231 -12.07 -40.65 8.41
C GLY C 231 -11.67 -39.21 8.10
N SER C 232 -10.73 -39.07 7.16
CA SER C 232 -10.23 -37.79 6.68
C SER C 232 -11.22 -37.14 5.72
N ASP C 233 -11.00 -35.85 5.44
CA ASP C 233 -11.96 -35.04 4.71
C ASP C 233 -11.82 -35.22 3.19
N VAL C 234 -12.82 -34.75 2.44
CA VAL C 234 -12.83 -34.90 0.99
C VAL C 234 -11.60 -34.27 0.34
N TYR C 235 -11.23 -33.07 0.78
CA TYR C 235 -10.09 -32.35 0.21
C TYR C 235 -8.79 -33.15 0.31
N SER C 236 -8.45 -33.58 1.52
CA SER C 236 -7.30 -34.45 1.75
C SER C 236 -7.21 -35.62 0.78
N ALA C 237 -8.33 -36.32 0.60
CA ALA C 237 -8.34 -37.51 -0.25
C ALA C 237 -8.11 -37.15 -1.72
N ILE C 238 -8.66 -36.03 -2.16
CA ILE C 238 -8.48 -35.60 -3.55
C ILE C 238 -7.05 -35.11 -3.78
N ILE C 239 -6.53 -34.36 -2.81
CA ILE C 239 -5.16 -33.85 -2.82
C ILE C 239 -4.10 -34.96 -2.93
N GLY C 240 -4.36 -36.09 -2.28
CA GLY C 240 -3.47 -37.24 -2.37
C GLY C 240 -3.55 -37.89 -3.73
N ALA C 241 -4.76 -37.92 -4.28
CA ALA C 241 -4.99 -38.46 -5.61
C ALA C 241 -4.31 -37.60 -6.67
N ILE C 242 -4.32 -36.28 -6.47
CA ILE C 242 -3.65 -35.37 -7.42
C ILE C 242 -2.15 -35.68 -7.44
N GLY C 243 -1.53 -35.77 -6.26
CA GLY C 243 -0.11 -36.07 -6.13
C GLY C 243 0.24 -37.44 -6.69
N ALA C 244 -0.70 -38.37 -6.62
CA ALA C 244 -0.55 -39.69 -7.21
C ALA C 244 -0.60 -39.60 -8.72
N LEU C 245 -1.57 -38.83 -9.23
CA LEU C 245 -1.71 -38.61 -10.67
C LEU C 245 -0.55 -37.81 -11.28
N ARG C 246 0.08 -36.97 -10.45
CA ARG C 246 1.26 -36.18 -10.83
C ARG C 246 2.40 -37.03 -11.40
N GLY C 247 2.61 -38.20 -10.81
CA GLY C 247 3.63 -39.14 -11.24
C GLY C 247 3.42 -39.62 -12.67
N PRO C 248 4.50 -39.56 -13.49
CA PRO C 248 4.54 -39.89 -14.91
C PRO C 248 4.10 -41.30 -15.25
N LYS C 249 4.35 -42.26 -14.36
CA LYS C 249 3.98 -43.63 -14.64
C LYS C 249 2.47 -43.83 -14.48
N HIS C 250 1.76 -42.79 -14.08
CA HIS C 250 0.32 -42.85 -13.85
C HIS C 250 -0.46 -41.80 -14.64
N GLY C 251 -0.31 -40.53 -14.26
CA GLY C 251 -1.13 -39.48 -14.85
C GLY C 251 -0.64 -38.82 -16.12
N GLY C 252 0.56 -39.16 -16.60
CA GLY C 252 1.17 -38.39 -17.67
C GLY C 252 1.40 -39.03 -19.03
N ALA C 253 0.90 -40.25 -19.22
CA ALA C 253 1.21 -41.00 -20.43
C ALA C 253 1.03 -40.20 -21.72
N ASN C 254 -0.09 -39.49 -21.86
CA ASN C 254 -0.35 -38.72 -23.10
C ASN C 254 0.61 -37.55 -23.39
N GLU C 255 1.42 -37.16 -22.40
CA GLU C 255 2.47 -36.15 -22.61
C GLU C 255 3.59 -36.76 -23.46
N VAL C 256 4.00 -37.97 -23.10
CA VAL C 256 5.02 -38.66 -23.86
C VAL C 256 4.47 -39.23 -25.17
N SER C 257 3.18 -39.54 -25.21
CA SER C 257 2.51 -39.83 -26.48
C SER C 257 2.65 -38.64 -27.42
N LEU C 258 2.59 -37.44 -26.86
CA LEU C 258 2.70 -36.23 -27.65
C LEU C 258 4.13 -35.99 -28.13
N GLU C 259 5.10 -36.14 -27.24
CA GLU C 259 6.50 -35.94 -27.63
C GLU C 259 7.03 -37.04 -28.55
N ILE C 260 6.39 -38.22 -28.53
CA ILE C 260 6.70 -39.30 -29.47
C ILE C 260 6.21 -38.92 -30.87
N GLN C 261 4.95 -38.48 -30.97
CA GLN C 261 4.33 -38.18 -32.25
C GLN C 261 4.96 -36.98 -32.96
N GLN C 262 5.51 -36.06 -32.20
CA GLN C 262 6.07 -34.81 -32.74
C GLN C 262 7.50 -34.97 -33.27
N ARG C 263 8.17 -36.05 -32.86
CA ARG C 263 9.54 -36.37 -33.30
C ARG C 263 9.69 -36.31 -34.81
N TYR C 264 8.65 -36.74 -35.52
CA TYR C 264 8.72 -37.04 -36.93
C TYR C 264 7.93 -36.07 -37.79
N GLU C 265 8.34 -35.93 -39.06
CA GLU C 265 7.73 -34.99 -40.01
C GLU C 265 6.82 -35.70 -41.02
N THR C 266 6.88 -37.03 -41.04
CA THR C 266 6.16 -37.84 -42.03
C THR C 266 5.90 -39.27 -41.50
N PRO C 267 4.76 -39.88 -41.89
CA PRO C 267 4.40 -41.25 -41.51
C PRO C 267 5.51 -42.30 -41.72
N ASP C 268 6.22 -42.22 -42.85
CA ASP C 268 7.29 -43.16 -43.15
C ASP C 268 8.50 -43.03 -42.20
N GLU C 269 8.91 -41.79 -41.89
CA GLU C 269 10.01 -41.52 -40.95
C GLU C 269 9.68 -42.08 -39.57
N ALA C 270 8.42 -41.91 -39.17
CA ALA C 270 7.88 -42.43 -37.92
C ALA C 270 7.91 -43.95 -37.90
N GLU C 271 7.43 -44.57 -38.98
CA GLU C 271 7.42 -46.02 -39.16
C GLU C 271 8.82 -46.60 -38.96
N ALA C 272 9.80 -46.06 -39.70
CA ALA C 272 11.15 -46.61 -39.75
C ALA C 272 11.92 -46.46 -38.44
N ASP C 273 11.60 -45.45 -37.65
CA ASP C 273 12.31 -45.22 -36.38
C ASP C 273 11.68 -45.98 -35.21
N ILE C 274 10.37 -46.16 -35.24
CA ILE C 274 9.64 -46.90 -34.20
C ILE C 274 10.05 -48.38 -34.19
N ARG C 275 9.81 -49.08 -35.30
CA ARG C 275 10.12 -50.51 -35.38
C ARG C 275 11.62 -50.81 -35.16
N LYS C 276 12.47 -49.80 -35.33
CA LYS C 276 13.86 -49.87 -34.91
C LYS C 276 13.94 -49.95 -33.37
N ARG C 277 13.29 -49.00 -32.71
CA ARG C 277 13.22 -48.93 -31.25
C ARG C 277 12.54 -50.16 -30.62
N VAL C 278 11.51 -50.67 -31.29
CA VAL C 278 10.83 -51.89 -30.86
C VAL C 278 11.81 -53.07 -30.91
N GLU C 279 12.59 -53.13 -31.99
CA GLU C 279 13.62 -54.16 -32.16
C GLU C 279 14.77 -53.97 -31.15
N ASN C 280 14.90 -52.76 -30.61
CA ASN C 280 15.83 -52.49 -29.51
C ASN C 280 15.21 -52.75 -28.14
N LYS C 281 14.01 -53.32 -28.15
CA LYS C 281 13.22 -53.61 -26.94
C LYS C 281 12.77 -52.35 -26.17
N GLU C 282 12.60 -51.24 -26.88
CA GLU C 282 12.11 -50.00 -26.26
C GLU C 282 10.59 -49.99 -26.18
N VAL C 283 10.10 -49.51 -25.04
CA VAL C 283 8.66 -49.38 -24.80
C VAL C 283 8.14 -48.19 -25.58
N VAL C 284 7.06 -48.38 -26.35
CA VAL C 284 6.35 -47.26 -26.97
C VAL C 284 5.13 -46.92 -26.11
N ILE C 285 5.21 -45.79 -25.43
CA ILE C 285 4.17 -45.34 -24.49
C ILE C 285 2.88 -44.98 -25.23
N GLY C 286 1.74 -45.38 -24.64
CA GLY C 286 0.43 -45.17 -25.26
C GLY C 286 -0.11 -46.46 -25.84
N PHE C 287 0.57 -47.55 -25.55
CA PHE C 287 0.18 -48.85 -26.10
C PHE C 287 0.10 -49.93 -25.04
N GLY C 288 -1.00 -50.67 -25.09
CA GLY C 288 -1.31 -51.69 -24.09
C GLY C 288 -1.96 -51.11 -22.85
N HIS C 289 -2.48 -51.99 -22.00
CA HIS C 289 -3.02 -51.59 -20.71
C HIS C 289 -2.92 -52.75 -19.72
N PRO C 290 -2.55 -52.44 -18.45
CA PRO C 290 -2.46 -53.43 -17.37
C PRO C 290 -3.72 -54.31 -17.17
N VAL C 291 -4.89 -53.79 -17.53
CA VAL C 291 -6.14 -54.53 -17.34
C VAL C 291 -6.70 -55.13 -18.63
N TYR C 292 -6.90 -54.28 -19.64
CA TYR C 292 -7.41 -54.70 -20.95
C TYR C 292 -6.50 -55.72 -21.63
N THR C 293 -7.10 -56.71 -22.28
CA THR C 293 -6.36 -57.75 -23.01
C THR C 293 -6.50 -57.56 -24.51
N ILE C 294 -7.73 -57.30 -24.95
CA ILE C 294 -8.05 -57.21 -26.38
C ILE C 294 -7.97 -55.76 -26.89
N ALA C 295 -8.67 -54.84 -26.23
CA ALA C 295 -8.68 -53.42 -26.62
C ALA C 295 -9.13 -52.48 -25.50
N ASP C 296 -8.72 -51.22 -25.61
CA ASP C 296 -9.24 -50.13 -24.79
C ASP C 296 -10.40 -49.50 -25.57
N PRO C 297 -11.65 -49.61 -25.03
CA PRO C 297 -12.85 -49.11 -25.73
C PRO C 297 -12.86 -47.59 -25.87
N ARG C 298 -12.09 -46.92 -25.04
CA ARG C 298 -11.96 -45.47 -25.06
C ARG C 298 -11.20 -44.99 -26.29
N HIS C 299 -10.33 -45.85 -26.82
CA HIS C 299 -9.46 -45.49 -27.95
C HIS C 299 -10.24 -45.15 -29.22
N GLN C 300 -11.16 -46.03 -29.63
CA GLN C 300 -11.89 -45.80 -30.87
C GLN C 300 -12.75 -44.53 -30.79
N VAL C 301 -13.28 -44.24 -29.61
CA VAL C 301 -14.06 -43.02 -29.41
C VAL C 301 -13.18 -41.78 -29.62
N ILE C 302 -12.06 -41.73 -28.90
CA ILE C 302 -11.14 -40.59 -28.96
C ILE C 302 -10.44 -40.40 -30.32
N LYS C 303 -10.07 -41.50 -30.97
CA LYS C 303 -9.49 -41.45 -32.32
C LYS C 303 -10.41 -40.68 -33.28
N ARG C 304 -11.71 -40.97 -33.16
CA ARG C 304 -12.75 -40.36 -33.99
C ARG C 304 -12.94 -38.87 -33.69
N VAL C 305 -12.48 -38.47 -32.50
CA VAL C 305 -12.52 -37.07 -32.10
C VAL C 305 -11.26 -36.36 -32.60
N ALA C 306 -10.13 -37.03 -32.46
CA ALA C 306 -8.85 -36.54 -32.96
C ALA C 306 -8.91 -36.26 -34.46
N LYS C 307 -9.48 -37.20 -35.23
CA LYS C 307 -9.64 -37.04 -36.68
C LYS C 307 -10.57 -35.89 -37.04
N GLN C 308 -11.77 -35.90 -36.46
CA GLN C 308 -12.79 -34.89 -36.71
C GLN C 308 -12.26 -33.47 -36.45
N LEU C 309 -11.43 -33.33 -35.41
CA LEU C 309 -10.77 -32.06 -35.09
C LEU C 309 -9.63 -31.73 -36.05
N SER C 310 -8.84 -32.74 -36.41
CA SER C 310 -7.71 -32.56 -37.31
C SER C 310 -8.12 -32.02 -38.68
N GLU C 311 -9.14 -32.64 -39.27
CA GLU C 311 -9.71 -32.18 -40.55
C GLU C 311 -10.17 -30.71 -40.47
N GLU C 312 -10.89 -30.38 -39.39
CA GLU C 312 -11.52 -29.08 -39.21
C GLU C 312 -10.53 -27.92 -39.06
N GLY C 313 -9.35 -28.21 -38.51
CA GLY C 313 -8.32 -27.18 -38.30
C GLY C 313 -7.15 -27.29 -39.26
N GLY C 314 -7.40 -27.83 -40.44
CA GLY C 314 -6.39 -27.91 -41.50
C GLY C 314 -5.47 -29.11 -41.47
N SER C 315 -4.76 -29.28 -40.34
CA SER C 315 -3.60 -30.18 -40.24
C SER C 315 -3.91 -31.63 -39.81
N LEU C 316 -3.62 -32.59 -40.69
CA LEU C 316 -3.71 -34.02 -40.38
C LEU C 316 -2.32 -34.62 -40.12
N LYS C 317 -1.29 -33.78 -40.19
CA LYS C 317 0.10 -34.21 -40.12
C LYS C 317 0.47 -35.02 -38.88
N MET C 318 -0.39 -34.99 -37.87
CA MET C 318 -0.13 -35.72 -36.63
C MET C 318 -1.09 -36.90 -36.38
N TYR C 319 -2.34 -36.74 -36.80
CA TYR C 319 -3.28 -37.87 -36.84
C TYR C 319 -2.71 -39.02 -37.65
N HIS C 320 -2.25 -38.72 -38.87
CA HIS C 320 -1.66 -39.72 -39.77
C HIS C 320 -0.42 -40.39 -39.17
N ILE C 321 0.42 -39.61 -38.50
CA ILE C 321 1.58 -40.20 -37.80
C ILE C 321 1.10 -41.17 -36.73
N ALA C 322 0.19 -40.70 -35.87
CA ALA C 322 -0.39 -41.54 -34.82
C ALA C 322 -1.08 -42.77 -35.38
N ASP C 323 -1.86 -42.59 -36.45
CA ASP C 323 -2.57 -43.68 -37.11
C ASP C 323 -1.60 -44.77 -37.58
N ARG C 324 -0.55 -44.36 -38.30
CA ARG C 324 0.45 -45.28 -38.82
C ARG C 324 1.15 -46.07 -37.70
N LEU C 325 1.46 -45.40 -36.61
CA LEU C 325 2.19 -46.04 -35.51
C LEU C 325 1.36 -47.10 -34.82
N GLU C 326 0.06 -46.85 -34.72
CA GLU C 326 -0.89 -47.81 -34.16
C GLU C 326 -0.81 -49.17 -34.87
N THR C 327 -0.78 -49.13 -36.20
CA THR C 327 -0.69 -50.34 -37.00
C THR C 327 0.70 -50.97 -36.90
N VAL C 328 1.73 -50.13 -36.89
CA VAL C 328 3.11 -50.59 -36.73
C VAL C 328 3.25 -51.38 -35.44
N MET C 329 2.60 -50.90 -34.38
CA MET C 329 2.62 -51.56 -33.08
C MET C 329 1.75 -52.81 -33.06
N TRP C 330 0.79 -52.87 -33.99
CA TRP C 330 -0.05 -54.03 -34.17
C TRP C 330 0.59 -55.09 -35.09
N GLU C 331 1.63 -54.70 -35.82
CA GLU C 331 2.39 -55.64 -36.66
C GLU C 331 3.54 -56.27 -35.89
N THR C 332 4.33 -55.42 -35.23
CA THR C 332 5.55 -55.83 -34.55
C THR C 332 5.32 -56.54 -33.22
N LYS C 333 4.46 -55.96 -32.38
CA LYS C 333 4.20 -56.51 -31.04
C LYS C 333 2.76 -56.98 -30.85
N LYS C 334 1.93 -56.80 -31.88
CA LYS C 334 0.49 -57.00 -31.78
C LYS C 334 -0.05 -56.31 -30.52
N MET C 335 0.15 -55.00 -30.43
CA MET C 335 -0.30 -54.23 -29.27
C MET C 335 -1.36 -53.21 -29.69
N PHE C 336 -2.40 -53.11 -28.86
CA PHE C 336 -3.46 -52.14 -29.07
C PHE C 336 -3.12 -50.83 -28.39
N PRO C 337 -3.57 -49.70 -28.94
CA PRO C 337 -3.27 -48.41 -28.30
C PRO C 337 -4.26 -48.10 -27.18
N ASN C 338 -3.78 -47.56 -26.07
CA ASN C 338 -4.66 -47.08 -25.01
C ASN C 338 -5.19 -45.67 -25.28
N LEU C 339 -6.07 -45.19 -24.42
CA LEU C 339 -6.70 -43.87 -24.58
C LEU C 339 -5.70 -42.72 -24.74
N ASP C 340 -4.54 -42.85 -24.08
CA ASP C 340 -3.52 -41.79 -24.09
C ASP C 340 -2.86 -41.57 -25.44
N TRP C 341 -2.91 -42.57 -26.32
CA TRP C 341 -2.33 -42.39 -27.64
C TRP C 341 -3.02 -41.26 -28.41
N PHE C 342 -4.31 -41.40 -28.67
CA PHE C 342 -5.03 -40.41 -29.47
C PHE C 342 -5.56 -39.17 -28.74
N SER C 343 -5.68 -39.23 -27.41
CA SER C 343 -6.09 -38.06 -26.66
C SER C 343 -5.09 -36.92 -26.84
N ALA C 344 -3.81 -37.28 -27.02
CA ALA C 344 -2.74 -36.33 -27.30
C ALA C 344 -2.99 -35.51 -28.58
N VAL C 345 -3.47 -36.18 -29.62
CA VAL C 345 -3.74 -35.53 -30.91
C VAL C 345 -4.91 -34.54 -30.75
N SER C 346 -5.97 -34.98 -30.09
CA SER C 346 -7.13 -34.12 -29.88
C SER C 346 -6.82 -32.93 -28.98
N TYR C 347 -6.15 -33.17 -27.85
CA TYR C 347 -5.78 -32.08 -26.96
C TYR C 347 -4.86 -31.05 -27.63
N ASN C 348 -3.91 -31.53 -28.43
CA ASN C 348 -2.96 -30.65 -29.12
C ASN C 348 -3.66 -29.79 -30.17
N MET C 349 -4.69 -30.35 -30.79
CA MET C 349 -5.47 -29.64 -31.81
C MET C 349 -6.32 -28.54 -31.19
N MET C 350 -6.65 -28.69 -29.90
CA MET C 350 -7.45 -27.67 -29.21
C MET C 350 -6.54 -26.62 -28.52
N GLY C 351 -5.24 -26.70 -28.79
CA GLY C 351 -4.27 -25.69 -28.36
C GLY C 351 -3.89 -25.81 -26.91
N VAL C 352 -3.96 -27.03 -26.38
CA VAL C 352 -3.66 -27.30 -24.98
C VAL C 352 -2.19 -27.64 -24.84
N PRO C 353 -1.41 -26.83 -24.06
CA PRO C 353 -0.01 -27.17 -23.80
C PRO C 353 0.12 -28.55 -23.16
N THR C 354 1.29 -29.19 -23.31
CA THR C 354 1.54 -30.51 -22.74
C THR C 354 1.37 -30.48 -21.24
N GLU C 355 1.84 -29.38 -20.64
CA GLU C 355 1.88 -29.23 -19.21
C GLU C 355 0.46 -29.13 -18.63
N MET C 356 -0.54 -29.07 -19.50
CA MET C 356 -1.91 -29.03 -19.04
C MET C 356 -2.72 -30.33 -19.21
N PHE C 357 -2.10 -31.35 -19.80
CA PHE C 357 -2.82 -32.63 -20.05
C PHE C 357 -3.29 -33.25 -18.74
N THR C 358 -2.36 -33.38 -17.80
CA THR C 358 -2.64 -34.00 -16.50
C THR C 358 -3.53 -33.11 -15.62
N PRO C 359 -3.38 -31.78 -15.71
CA PRO C 359 -4.44 -30.94 -15.14
C PRO C 359 -5.84 -31.30 -15.65
N LEU C 360 -5.97 -31.53 -16.95
CA LEU C 360 -7.26 -31.94 -17.52
C LEU C 360 -7.73 -33.31 -17.02
N PHE C 361 -6.77 -34.20 -16.76
CA PHE C 361 -7.05 -35.55 -16.27
C PHE C 361 -7.73 -35.47 -14.89
N VAL C 362 -7.21 -34.58 -14.04
CA VAL C 362 -7.76 -34.30 -12.70
C VAL C 362 -9.18 -33.74 -12.77
N ILE C 363 -9.41 -32.81 -13.70
CA ILE C 363 -10.71 -32.20 -13.87
C ILE C 363 -11.75 -33.27 -14.19
N ALA C 364 -11.37 -34.22 -15.04
CA ALA C 364 -12.25 -35.33 -15.38
C ALA C 364 -12.39 -36.33 -14.24
N ARG C 365 -11.27 -36.80 -13.72
CA ARG C 365 -11.23 -37.94 -12.81
C ARG C 365 -11.75 -37.62 -11.40
N VAL C 366 -11.75 -36.34 -11.02
CA VAL C 366 -12.26 -35.92 -9.71
C VAL C 366 -13.70 -36.42 -9.47
N THR C 367 -14.46 -36.53 -10.55
CA THR C 367 -15.79 -37.13 -10.51
C THR C 367 -15.70 -38.56 -9.96
N GLY C 368 -14.87 -39.39 -10.59
CA GLY C 368 -14.63 -40.76 -10.13
C GLY C 368 -14.09 -40.82 -8.71
N TRP C 369 -13.05 -40.03 -8.44
CA TRP C 369 -12.46 -39.94 -7.11
C TRP C 369 -13.52 -39.66 -6.05
N ALA C 370 -14.37 -38.66 -6.31
CA ALA C 370 -15.42 -38.28 -5.37
C ALA C 370 -16.31 -39.46 -5.06
N ALA C 371 -16.66 -40.22 -6.09
CA ALA C 371 -17.55 -41.36 -5.92
C ALA C 371 -16.88 -42.44 -5.06
N HIS C 372 -15.59 -42.69 -5.30
CA HIS C 372 -14.86 -43.68 -4.55
C HIS C 372 -14.71 -43.31 -3.06
N ILE C 373 -14.54 -42.02 -2.79
CA ILE C 373 -14.49 -41.49 -1.42
C ILE C 373 -15.83 -41.65 -0.71
N ILE C 374 -16.91 -41.25 -1.39
CA ILE C 374 -18.27 -41.41 -0.88
C ILE C 374 -18.60 -42.89 -0.63
N GLU C 375 -18.19 -43.75 -1.56
CA GLU C 375 -18.42 -45.19 -1.43
C GLU C 375 -17.58 -45.78 -0.29
N GLN C 376 -16.34 -45.33 -0.17
CA GLN C 376 -15.40 -45.85 0.83
C GLN C 376 -15.91 -45.60 2.25
N ARG C 377 -16.49 -44.42 2.46
CA ARG C 377 -17.07 -44.04 3.75
C ARG C 377 -18.23 -44.94 4.17
N GLN C 378 -18.96 -45.43 3.18
CA GLN C 378 -20.18 -46.21 3.43
C GLN C 378 -19.90 -47.64 3.91
N ASP C 379 -19.05 -48.37 3.19
CA ASP C 379 -18.58 -49.66 3.67
C ASP C 379 -17.06 -49.66 3.78
N ASN C 380 -16.58 -49.31 4.97
CA ASN C 380 -15.19 -48.98 5.19
C ASN C 380 -14.26 -50.17 5.40
N LYS C 381 -13.33 -50.35 4.45
CA LYS C 381 -12.24 -51.32 4.56
C LYS C 381 -11.51 -51.19 5.89
N PRO C 385 -2.70 -54.91 5.22
CA PRO C 385 -1.62 -54.04 4.72
C PRO C 385 -0.26 -54.73 4.89
N SER C 386 0.05 -55.63 3.95
CA SER C 386 1.17 -56.58 4.09
C SER C 386 2.53 -56.04 3.65
N ALA C 387 3.43 -55.89 4.62
CA ALA C 387 4.86 -55.68 4.36
C ALA C 387 5.66 -56.92 4.76
N ASN C 388 6.66 -57.27 3.95
CA ASN C 388 7.58 -58.36 4.28
C ASN C 388 9.00 -57.83 4.50
N TYR C 389 9.56 -58.14 5.66
CA TYR C 389 10.82 -57.53 6.13
C TYR C 389 12.07 -58.08 5.44
N THR C 390 12.80 -57.18 4.79
CA THR C 390 13.98 -57.55 4.02
C THR C 390 15.22 -56.82 4.55
N GLY C 391 15.20 -56.45 5.83
CA GLY C 391 16.27 -55.67 6.45
C GLY C 391 17.15 -56.41 7.44
N PRO C 392 17.99 -55.65 8.18
CA PRO C 392 18.92 -56.24 9.13
C PRO C 392 18.25 -56.89 10.34
N GLU C 393 18.87 -57.95 10.86
CA GLU C 393 18.43 -58.60 12.09
C GLU C 393 18.67 -57.67 13.28
N ASP C 394 18.05 -58.00 14.41
CA ASP C 394 18.22 -57.22 15.64
C ASP C 394 19.71 -57.05 15.94
N ARG C 395 20.15 -55.79 15.97
CA ARG C 395 21.53 -55.47 16.32
C ARG C 395 21.63 -54.72 17.64
N PRO C 396 22.77 -54.86 18.35
CA PRO C 396 22.96 -54.10 19.59
C PRO C 396 23.12 -52.61 19.33
N PHE C 397 22.74 -51.81 20.32
CA PHE C 397 22.92 -50.37 20.24
C PHE C 397 24.39 -50.00 20.37
N VAL C 398 24.79 -49.02 19.57
CA VAL C 398 26.14 -48.46 19.67
C VAL C 398 26.02 -47.01 20.07
N SER C 399 26.75 -46.63 21.11
CA SER C 399 26.81 -45.25 21.55
C SER C 399 27.53 -44.38 20.50
N ILE C 400 27.27 -43.08 20.52
CA ILE C 400 27.86 -42.15 19.55
C ILE C 400 29.38 -42.25 19.36
N ASP C 401 30.11 -42.31 20.47
CA ASP C 401 31.57 -42.35 20.42
C ASP C 401 32.14 -43.69 19.98
N ASP C 402 31.38 -44.76 20.18
CA ASP C 402 31.81 -46.09 19.75
C ASP C 402 31.37 -46.40 18.32
N ARG C 403 30.87 -45.37 17.61
CA ARG C 403 30.52 -45.51 16.21
C ARG C 403 31.15 -44.40 15.37
N GLY D 43 4.47 -55.21 -0.29
CA GLY D 43 5.61 -54.25 -0.25
C GLY D 43 6.83 -54.72 0.55
N ASN D 44 8.01 -54.46 0.00
CA ASN D 44 9.28 -54.78 0.65
C ASN D 44 9.80 -53.61 1.46
N THR D 45 10.22 -53.87 2.69
CA THR D 45 10.79 -52.83 3.53
C THR D 45 11.93 -53.38 4.39
N ALA D 46 12.95 -52.54 4.60
CA ALA D 46 14.09 -52.87 5.43
C ALA D 46 14.18 -51.94 6.64
N LEU D 47 13.11 -51.18 6.86
CA LEU D 47 13.12 -50.07 7.82
C LEU D 47 12.56 -50.40 9.21
N CYS D 48 11.65 -51.38 9.30
CA CYS D 48 10.93 -51.59 10.56
C CYS D 48 10.31 -52.99 10.75
N THR D 49 10.53 -53.58 11.93
CA THR D 49 9.81 -54.79 12.35
C THR D 49 8.87 -54.50 13.52
N VAL D 50 7.66 -55.04 13.45
CA VAL D 50 6.59 -54.71 14.40
C VAL D 50 5.94 -55.95 15.02
N GLY D 51 6.16 -56.14 16.32
CA GLY D 51 5.44 -57.14 17.11
C GLY D 51 5.77 -58.61 16.87
N LYS D 52 6.96 -58.89 16.37
CA LYS D 52 7.39 -60.26 16.08
C LYS D 52 7.52 -61.15 17.35
N SER D 53 7.39 -60.54 18.53
CA SER D 53 7.36 -61.28 19.81
C SER D 53 6.06 -61.00 20.54
N GLY D 54 5.56 -59.78 20.34
CA GLY D 54 4.32 -59.33 20.97
C GLY D 54 4.46 -58.02 21.72
N ASN D 55 5.71 -57.56 21.82
CA ASN D 55 6.06 -56.45 22.71
C ASN D 55 7.30 -55.70 22.23
N ASP D 56 7.53 -55.71 20.93
CA ASP D 56 8.81 -55.28 20.35
C ASP D 56 8.66 -54.40 19.12
N LEU D 57 9.63 -53.50 18.93
CA LEU D 57 9.71 -52.64 17.74
C LEU D 57 11.17 -52.31 17.44
N HIS D 58 11.53 -52.36 16.15
CA HIS D 58 12.89 -52.03 15.73
C HIS D 58 12.97 -51.04 14.56
N TYR D 59 13.79 -50.00 14.72
CA TYR D 59 14.17 -49.12 13.61
C TYR D 59 15.48 -49.60 13.02
N ARG D 60 15.45 -50.05 11.77
CA ARG D 60 16.65 -50.56 11.08
C ARG D 60 17.49 -51.48 11.96
N GLY D 61 16.83 -52.43 12.63
CA GLY D 61 17.52 -53.38 13.50
C GLY D 61 17.67 -52.96 14.94
N TYR D 62 17.62 -51.66 15.21
CA TYR D 62 17.81 -51.15 16.57
C TYR D 62 16.55 -51.16 17.40
N ASP D 63 16.68 -51.53 18.67
CA ASP D 63 15.57 -51.59 19.61
C ASP D 63 15.11 -50.18 19.99
N ILE D 64 13.80 -49.95 19.88
CA ILE D 64 13.18 -48.66 20.20
C ILE D 64 13.46 -48.20 21.62
N LEU D 65 13.72 -49.17 22.51
CA LEU D 65 14.00 -48.87 23.91
C LEU D 65 15.35 -48.18 24.07
N ASP D 66 16.38 -48.74 23.43
CA ASP D 66 17.72 -48.14 23.44
C ASP D 66 17.70 -46.76 22.77
N LEU D 67 17.03 -46.69 21.63
CA LEU D 67 16.87 -45.46 20.86
C LEU D 67 16.25 -44.33 21.69
N ALA D 68 15.11 -44.62 22.32
CA ALA D 68 14.42 -43.63 23.15
C ALA D 68 15.23 -43.21 24.38
N GLU D 69 15.95 -44.15 24.97
CA GLU D 69 16.77 -43.86 26.15
C GLU D 69 18.03 -43.06 25.83
N HIS D 70 18.68 -43.37 24.71
CA HIS D 70 20.02 -42.81 24.44
C HIS D 70 20.11 -41.79 23.31
N CYS D 71 19.08 -41.69 22.48
CA CYS D 71 19.18 -40.84 21.29
C CYS D 71 18.32 -39.61 21.36
N GLU D 72 18.90 -38.50 20.92
CA GLU D 72 18.12 -37.34 20.52
C GLU D 72 17.25 -37.74 19.32
N PHE D 73 16.17 -37.02 19.09
CA PHE D 73 15.33 -37.27 17.93
C PHE D 73 16.10 -37.10 16.60
N GLU D 74 17.05 -36.17 16.57
CA GLU D 74 17.89 -35.94 15.39
C GLU D 74 18.70 -37.15 14.94
N GLU D 75 19.11 -38.00 15.89
CA GLU D 75 19.85 -39.24 15.57
C GLU D 75 18.96 -40.29 14.92
N VAL D 76 17.73 -40.41 15.40
CA VAL D 76 16.74 -41.33 14.83
C VAL D 76 16.28 -40.84 13.45
N ALA D 77 16.13 -39.53 13.30
CA ALA D 77 15.81 -38.91 12.03
C ALA D 77 16.93 -39.18 11.04
N HIS D 78 18.17 -39.03 11.50
CA HIS D 78 19.35 -39.34 10.68
C HIS D 78 19.43 -40.82 10.35
N LEU D 79 19.12 -41.68 11.34
CA LEU D 79 19.03 -43.12 11.11
C LEU D 79 18.01 -43.47 10.01
N LEU D 80 16.85 -42.84 10.08
CA LEU D 80 15.79 -43.14 9.11
C LEU D 80 16.08 -42.52 7.76
N ILE D 81 16.25 -41.19 7.73
CA ILE D 81 16.44 -40.48 6.46
C ILE D 81 17.78 -40.77 5.79
N HIS D 82 18.86 -40.77 6.57
CA HIS D 82 20.21 -40.97 6.00
C HIS D 82 20.73 -42.41 6.05
N GLY D 83 20.10 -43.27 6.83
CA GLY D 83 20.37 -44.70 6.76
C GLY D 83 21.15 -45.32 7.92
N LYS D 84 21.76 -44.48 8.75
CA LYS D 84 22.55 -44.96 9.87
C LYS D 84 22.59 -43.98 11.04
N LEU D 85 22.91 -44.50 12.22
CA LEU D 85 23.18 -43.65 13.38
C LEU D 85 24.45 -42.85 13.14
N PRO D 86 24.37 -41.53 13.36
CA PRO D 86 25.47 -40.65 13.01
C PRO D 86 26.59 -40.68 14.03
N THR D 87 27.80 -40.35 13.59
CA THR D 87 28.92 -40.11 14.49
C THR D 87 28.69 -38.80 15.21
N ARG D 88 29.53 -38.51 16.20
CA ARG D 88 29.47 -37.23 16.91
C ARG D 88 29.68 -36.08 15.93
N ASP D 89 30.55 -36.28 14.94
CA ASP D 89 30.83 -35.26 13.93
C ASP D 89 29.73 -35.14 12.86
N GLU D 90 29.12 -36.26 12.50
CA GLU D 90 27.95 -36.28 11.60
C GLU D 90 26.75 -35.60 12.25
N LEU D 91 26.57 -35.81 13.56
CA LEU D 91 25.46 -35.22 14.29
C LEU D 91 25.62 -33.71 14.44
N ASN D 92 26.84 -33.27 14.78
CA ASN D 92 27.15 -31.83 14.81
C ASN D 92 26.82 -31.13 13.50
N ALA D 93 27.27 -31.69 12.39
CA ALA D 93 27.03 -31.13 11.05
C ALA D 93 25.54 -31.14 10.67
N TYR D 94 24.86 -32.24 11.01
CA TYR D 94 23.44 -32.41 10.71
C TYR D 94 22.56 -31.45 11.51
N LYS D 95 22.95 -31.21 12.76
CA LYS D 95 22.21 -30.34 13.66
C LYS D 95 22.37 -28.89 13.24
N SER D 96 23.53 -28.57 12.69
CA SER D 96 23.81 -27.25 12.12
C SER D 96 22.97 -27.04 10.87
N LYS D 97 22.94 -28.06 10.01
CA LYS D 97 22.17 -28.06 8.77
C LYS D 97 20.67 -27.86 9.00
N LEU D 98 20.12 -28.59 9.96
CA LEU D 98 18.71 -28.48 10.32
C LEU D 98 18.38 -27.10 10.87
N LYS D 99 19.22 -26.61 11.77
CA LYS D 99 19.06 -25.30 12.40
C LYS D 99 18.86 -24.16 11.41
N ALA D 100 19.63 -24.16 10.32
CA ALA D 100 19.52 -23.14 9.26
C ALA D 100 18.44 -23.44 8.23
N LEU D 101 17.72 -24.54 8.41
CA LEU D 101 16.67 -24.92 7.47
C LEU D 101 15.27 -24.56 7.96
N ARG D 102 15.22 -23.79 9.06
CA ARG D 102 13.95 -23.49 9.74
C ARG D 102 13.15 -22.36 9.12
N GLY D 103 13.77 -21.62 8.21
CA GLY D 103 13.16 -20.43 7.64
C GLY D 103 11.99 -20.71 6.72
N LEU D 104 11.12 -19.69 6.58
CA LEU D 104 9.97 -19.77 5.69
C LEU D 104 10.17 -18.80 4.54
N PRO D 105 10.02 -19.29 3.31
CA PRO D 105 10.18 -18.43 2.11
C PRO D 105 9.12 -17.35 2.08
N ALA D 106 9.49 -16.18 1.56
CA ALA D 106 8.60 -14.99 1.54
C ALA D 106 7.23 -15.28 0.96
N ASN D 107 7.19 -16.03 -0.13
CA ASN D 107 5.93 -16.38 -0.79
C ASN D 107 5.08 -17.34 0.03
N VAL D 108 5.74 -18.19 0.79
CA VAL D 108 5.08 -19.22 1.60
C VAL D 108 4.45 -18.58 2.84
N ARG D 109 5.13 -17.61 3.41
CA ARG D 109 4.59 -16.75 4.48
C ARG D 109 3.25 -16.14 4.04
N THR D 110 3.26 -15.54 2.85
CA THR D 110 2.05 -15.01 2.20
C THR D 110 0.96 -16.07 2.12
N VAL D 111 1.32 -17.28 1.70
CA VAL D 111 0.37 -18.39 1.66
C VAL D 111 -0.19 -18.67 3.08
N LEU D 112 0.70 -18.78 4.06
CA LEU D 112 0.29 -19.06 5.45
C LEU D 112 -0.65 -17.97 5.98
N GLU D 113 -0.35 -16.72 5.64
CA GLU D 113 -1.08 -15.58 6.16
C GLU D 113 -2.50 -15.48 5.61
N ALA D 114 -2.81 -16.28 4.59
CA ALA D 114 -4.09 -16.27 3.91
C ALA D 114 -5.03 -17.34 4.46
N LEU D 115 -4.46 -18.27 5.25
CA LEU D 115 -5.23 -19.37 5.80
C LEU D 115 -5.89 -18.94 7.12
N PRO D 116 -7.23 -19.09 7.23
CA PRO D 116 -7.91 -18.55 8.41
C PRO D 116 -7.50 -19.19 9.74
N ALA D 117 -7.84 -18.51 10.84
CA ALA D 117 -7.62 -19.01 12.18
C ALA D 117 -8.28 -20.36 12.48
N ALA D 118 -9.41 -20.64 11.84
CA ALA D 118 -10.15 -21.89 12.12
C ALA D 118 -9.73 -23.08 11.25
N SER D 119 -8.73 -22.89 10.39
CA SER D 119 -8.20 -23.99 9.58
C SER D 119 -7.78 -25.13 10.47
N HIS D 120 -8.06 -26.35 10.01
CA HIS D 120 -7.50 -27.51 10.69
C HIS D 120 -5.98 -27.36 10.64
N PRO D 121 -5.31 -27.54 11.78
CA PRO D 121 -3.85 -27.41 11.76
C PRO D 121 -3.15 -28.35 10.75
N MET D 122 -3.72 -29.53 10.54
CA MET D 122 -3.14 -30.48 9.57
C MET D 122 -3.27 -29.94 8.14
N ASP D 123 -4.41 -29.30 7.86
CA ASP D 123 -4.67 -28.67 6.55
C ASP D 123 -3.72 -27.53 6.30
N VAL D 124 -3.40 -26.80 7.37
CA VAL D 124 -2.40 -25.74 7.32
C VAL D 124 -1.03 -26.32 6.99
N MET D 125 -0.68 -27.45 7.61
CA MET D 125 0.61 -28.10 7.34
C MET D 125 0.64 -28.62 5.91
N ARG D 126 -0.45 -29.28 5.53
CA ARG D 126 -0.69 -29.70 4.16
C ARG D 126 -0.46 -28.55 3.16
N THR D 127 -1.15 -27.43 3.35
CA THR D 127 -1.09 -26.31 2.39
C THR D 127 0.31 -25.70 2.28
N GLY D 128 0.98 -25.58 3.43
CA GLY D 128 2.35 -25.06 3.51
C GLY D 128 3.40 -25.93 2.84
N VAL D 129 3.33 -27.24 3.07
CA VAL D 129 4.20 -28.18 2.38
C VAL D 129 3.93 -28.09 0.87
N SER D 130 2.66 -27.99 0.51
CA SER D 130 2.24 -27.86 -0.89
C SER D 130 2.80 -26.59 -1.54
N ALA D 131 2.68 -25.45 -0.88
CA ALA D 131 3.30 -24.22 -1.41
C ALA D 131 4.83 -24.35 -1.48
N LEU D 132 5.41 -25.05 -0.52
CA LEU D 132 6.84 -25.27 -0.50
C LEU D 132 7.30 -26.20 -1.63
N GLY D 133 6.43 -27.12 -2.03
CA GLY D 133 6.74 -28.00 -3.15
C GLY D 133 6.85 -27.22 -4.45
N CYS D 134 6.00 -26.21 -4.60
CA CYS D 134 6.01 -25.26 -5.71
C CYS D 134 7.21 -24.31 -5.65
N THR D 135 7.73 -24.09 -4.46
CA THR D 135 8.71 -23.04 -4.23
C THR D 135 10.16 -23.54 -4.35
N LEU D 136 10.46 -24.65 -3.67
CA LEU D 136 11.77 -25.29 -3.77
C LEU D 136 11.59 -26.69 -4.33
N PRO D 137 11.22 -26.80 -5.62
CA PRO D 137 10.82 -28.12 -6.10
C PRO D 137 11.98 -29.11 -6.20
N GLU D 138 11.67 -30.40 -6.03
CA GLU D 138 12.57 -31.48 -6.39
C GLU D 138 12.88 -31.40 -7.89
N LYS D 139 14.15 -31.53 -8.26
CA LYS D 139 14.57 -31.55 -9.67
C LYS D 139 14.00 -32.80 -10.32
N GLU D 140 13.99 -32.82 -11.65
CA GLU D 140 13.34 -33.90 -12.41
C GLU D 140 13.98 -35.27 -12.18
N GLY D 141 15.28 -35.28 -11.92
CA GLY D 141 16.04 -36.51 -11.72
C GLY D 141 15.52 -37.42 -10.62
N HIS D 142 15.07 -36.83 -9.52
CA HIS D 142 14.65 -37.59 -8.32
C HIS D 142 15.78 -38.43 -7.76
N THR D 143 16.91 -37.79 -7.45
CA THR D 143 18.02 -38.47 -6.79
C THR D 143 17.70 -38.78 -5.33
N VAL D 144 18.39 -39.78 -4.79
CA VAL D 144 18.32 -40.12 -3.37
C VAL D 144 18.74 -38.91 -2.52
N SER D 145 19.83 -38.26 -2.92
CA SER D 145 20.37 -37.09 -2.24
C SER D 145 19.36 -35.94 -2.19
N GLY D 146 18.71 -35.69 -3.32
CA GLY D 146 17.67 -34.67 -3.43
C GLY D 146 16.45 -34.96 -2.57
N ALA D 147 16.09 -36.23 -2.47
CA ALA D 147 14.98 -36.67 -1.62
C ALA D 147 15.27 -36.38 -0.15
N ARG D 148 16.45 -36.75 0.32
CA ARG D 148 16.85 -36.53 1.71
C ARG D 148 16.87 -35.05 2.04
N ASP D 149 17.39 -34.25 1.11
CA ASP D 149 17.47 -32.78 1.25
C ASP D 149 16.12 -32.15 1.58
N ILE D 150 15.10 -32.62 0.87
CA ILE D 150 13.73 -32.15 1.05
C ILE D 150 13.20 -32.57 2.42
N ALA D 151 13.41 -33.85 2.75
CA ALA D 151 13.03 -34.42 4.04
C ALA D 151 13.66 -33.60 5.17
N ASP D 152 14.91 -33.21 4.98
CA ASP D 152 15.60 -32.39 5.95
C ASP D 152 15.00 -31.00 6.06
N LYS D 153 14.52 -30.45 4.95
CA LYS D 153 13.86 -29.13 4.94
C LYS D 153 12.49 -29.17 5.64
N LEU D 154 11.70 -30.19 5.31
CA LEU D 154 10.38 -30.38 5.90
C LEU D 154 10.50 -30.67 7.40
N LEU D 155 11.41 -31.58 7.75
CA LEU D 155 11.66 -31.92 9.13
C LEU D 155 11.96 -30.68 9.97
N ALA D 156 12.76 -29.76 9.40
CA ALA D 156 13.15 -28.56 10.12
C ALA D 156 12.09 -27.43 10.10
N SER D 157 11.31 -27.34 9.02
CA SER D 157 10.40 -26.20 8.84
C SER D 157 8.94 -26.50 9.14
N LEU D 158 8.61 -27.77 9.41
CA LEU D 158 7.20 -28.13 9.65
C LEU D 158 6.67 -27.36 10.85
N SER D 159 7.52 -27.19 11.85
CA SER D 159 7.18 -26.42 13.04
C SER D 159 6.98 -24.96 12.66
N SER D 160 7.86 -24.44 11.81
CA SER D 160 7.77 -23.07 11.36
C SER D 160 6.46 -22.83 10.62
N ILE D 161 6.14 -23.72 9.69
CA ILE D 161 4.88 -23.65 8.97
C ILE D 161 3.70 -23.58 9.95
N LEU D 162 3.60 -24.54 10.85
CA LEU D 162 2.45 -24.62 11.77
C LEU D 162 2.29 -23.38 12.62
N LEU D 163 3.37 -23.07 13.36
CA LEU D 163 3.31 -22.09 14.43
C LEU D 163 3.34 -20.66 13.92
N TYR D 164 3.94 -20.46 12.76
CA TYR D 164 3.93 -19.14 12.11
C TYR D 164 2.51 -18.83 11.65
N TRP D 165 1.81 -19.83 11.12
CA TRP D 165 0.42 -19.67 10.78
C TRP D 165 -0.41 -19.39 12.02
N TYR D 166 -0.17 -20.18 13.08
CA TYR D 166 -0.95 -20.10 14.31
C TYR D 166 -0.88 -18.71 14.95
N HIS D 167 0.33 -18.16 15.05
CA HIS D 167 0.52 -16.91 15.79
C HIS D 167 0.06 -15.69 15.03
N TYR D 168 0.08 -15.76 13.70
CA TYR D 168 -0.40 -14.68 12.89
C TYR D 168 -1.92 -14.65 12.92
N SER D 169 -2.55 -15.76 12.53
CA SER D 169 -4.00 -15.87 12.49
C SER D 169 -4.69 -15.71 13.86
N HIS D 170 -4.02 -16.15 14.92
CA HIS D 170 -4.58 -16.12 16.28
C HIS D 170 -4.15 -14.87 17.08
N ASN D 171 -2.91 -14.43 16.88
CA ASN D 171 -2.34 -13.36 17.71
C ASN D 171 -1.96 -12.12 16.92
N GLY D 172 -2.12 -12.18 15.60
CA GLY D 172 -1.78 -11.07 14.71
C GLY D 172 -0.29 -10.74 14.64
N GLU D 173 0.54 -11.72 15.00
CA GLU D 173 1.99 -11.52 15.08
C GLU D 173 2.77 -12.34 14.07
N ARG D 174 3.81 -11.73 13.51
CA ARG D 174 4.75 -12.41 12.63
C ARG D 174 5.94 -12.84 13.46
N ILE D 175 6.03 -14.14 13.72
CA ILE D 175 7.12 -14.66 14.54
C ILE D 175 8.39 -14.90 13.72
N GLN D 176 9.49 -15.01 14.44
CA GLN D 176 10.79 -15.28 13.86
C GLN D 176 11.04 -16.79 13.95
N PRO D 177 10.89 -17.51 12.84
CA PRO D 177 11.00 -18.97 12.84
C PRO D 177 12.43 -19.45 13.06
N GLU D 178 13.41 -18.63 12.69
CA GLU D 178 14.82 -19.02 12.78
C GLU D 178 15.40 -18.76 14.17
N THR D 179 15.06 -19.65 15.10
CA THR D 179 15.47 -19.50 16.51
C THR D 179 16.85 -20.09 16.77
N ASP D 180 17.32 -19.96 18.01
CA ASP D 180 18.63 -20.49 18.42
C ASP D 180 18.52 -21.86 19.12
N ASP D 181 17.29 -22.38 19.25
CA ASP D 181 17.10 -23.72 19.82
C ASP D 181 18.00 -24.74 19.11
N ASP D 182 18.47 -25.71 19.88
CA ASP D 182 19.42 -26.69 19.36
C ASP D 182 18.79 -28.06 19.10
N SER D 183 17.46 -28.13 19.13
CA SER D 183 16.75 -29.35 18.72
C SER D 183 15.40 -29.01 18.12
N ILE D 184 14.85 -29.95 17.36
CA ILE D 184 13.57 -29.80 16.66
C ILE D 184 12.44 -29.62 17.68
N GLY D 185 12.48 -30.45 18.73
CA GLY D 185 11.48 -30.41 19.79
C GLY D 185 11.54 -29.13 20.60
N GLY D 186 12.75 -28.60 20.79
CA GLY D 186 12.94 -27.33 21.51
C GLY D 186 12.43 -26.15 20.70
N HIS D 187 12.66 -26.22 19.39
CA HIS D 187 12.19 -25.23 18.44
C HIS D 187 10.66 -25.16 18.43
N PHE D 188 10.02 -26.33 18.40
CA PHE D 188 8.56 -26.42 18.46
C PHE D 188 8.03 -25.70 19.71
N LEU D 189 8.51 -26.13 20.88
CA LEU D 189 8.06 -25.57 22.17
C LEU D 189 8.36 -24.07 22.32
N HIS D 190 9.49 -23.63 21.76
CA HIS D 190 9.82 -22.22 21.74
C HIS D 190 8.79 -21.42 20.92
N LEU D 191 8.57 -21.82 19.67
CA LEU D 191 7.65 -21.08 18.80
C LEU D 191 6.25 -21.07 19.35
N LEU D 192 5.83 -22.19 19.92
CA LEU D 192 4.49 -22.36 20.46
C LEU D 192 4.19 -21.46 21.65
N HIS D 193 5.00 -21.57 22.70
CA HIS D 193 4.82 -20.84 23.95
C HIS D 193 5.50 -19.48 23.93
N GLY D 194 6.34 -19.24 22.92
CA GLY D 194 7.03 -17.95 22.79
C GLY D 194 8.16 -17.74 23.77
N GLU D 195 8.68 -18.83 24.33
CA GLU D 195 9.88 -18.83 25.17
C GLU D 195 10.57 -20.18 25.04
N LYS D 196 11.87 -20.21 25.28
CA LYS D 196 12.62 -21.47 25.34
C LYS D 196 12.01 -22.36 26.42
N PRO D 197 11.82 -23.66 26.12
CA PRO D 197 11.33 -24.58 27.16
C PRO D 197 12.47 -24.97 28.12
N THR D 198 12.14 -25.68 29.20
CA THR D 198 13.15 -26.24 30.11
C THR D 198 13.93 -27.38 29.44
N GLN D 199 15.05 -27.75 30.05
CA GLN D 199 15.85 -28.86 29.53
C GLN D 199 15.06 -30.16 29.63
N SER D 200 14.22 -30.24 30.67
CA SER D 200 13.36 -31.40 30.91
C SER D 200 12.35 -31.63 29.77
N TRP D 201 11.61 -30.59 29.40
CA TRP D 201 10.63 -30.65 28.31
C TRP D 201 11.32 -30.97 26.98
N GLU D 202 12.43 -30.31 26.70
CA GLU D 202 13.22 -30.56 25.50
C GLU D 202 13.63 -32.03 25.38
N LYS D 203 14.14 -32.60 26.48
CA LYS D 203 14.50 -34.02 26.54
C LYS D 203 13.28 -34.91 26.37
N ALA D 204 12.17 -34.50 26.97
CA ALA D 204 10.92 -35.22 26.85
C ALA D 204 10.40 -35.22 25.41
N MET D 205 10.52 -34.06 24.73
CA MET D 205 10.17 -33.97 23.31
C MET D 205 11.04 -34.91 22.46
N HIS D 206 12.35 -34.96 22.76
CA HIS D 206 13.24 -35.90 22.07
C HIS D 206 12.63 -37.29 22.13
N ILE D 207 12.26 -37.75 23.33
CA ILE D 207 11.73 -39.10 23.50
C ILE D 207 10.41 -39.33 22.75
N SER D 208 9.47 -38.39 22.87
CA SER D 208 8.19 -38.50 22.19
C SER D 208 8.30 -38.60 20.67
N LEU D 209 9.17 -37.80 20.07
CA LEU D 209 9.31 -37.79 18.62
C LEU D 209 9.99 -39.07 18.13
N VAL D 210 10.93 -39.58 18.93
CA VAL D 210 11.60 -40.87 18.65
C VAL D 210 10.59 -42.04 18.67
N LEU D 211 9.69 -42.04 19.65
CA LEU D 211 8.66 -43.09 19.72
C LEU D 211 7.67 -43.04 18.56
N TYR D 212 7.51 -41.86 17.97
CA TYR D 212 6.53 -41.63 16.91
C TYR D 212 7.11 -41.61 15.50
N ALA D 213 8.44 -41.76 15.39
CA ALA D 213 9.16 -41.52 14.14
C ALA D 213 8.84 -42.48 12.99
N GLU D 214 8.60 -43.75 13.33
CA GLU D 214 8.42 -44.81 12.33
C GLU D 214 7.57 -45.92 12.91
N HIS D 215 6.72 -46.52 12.08
CA HIS D 215 5.95 -47.68 12.51
C HIS D 215 5.50 -48.59 11.36
N GLU D 216 6.43 -48.86 10.45
CA GLU D 216 6.20 -49.75 9.30
C GLU D 216 4.96 -49.33 8.51
N PHE D 217 4.23 -50.31 7.97
CA PHE D 217 3.09 -50.05 7.09
C PHE D 217 1.82 -49.74 7.87
N ASN D 218 1.14 -48.71 7.40
CA ASN D 218 -0.11 -48.23 7.94
C ASN D 218 -0.70 -47.28 6.91
N ALA D 219 -1.86 -46.71 7.20
CA ALA D 219 -2.58 -45.87 6.25
C ALA D 219 -1.71 -44.79 5.59
N SER D 220 -0.97 -44.04 6.40
CA SER D 220 -0.22 -42.88 5.93
C SER D 220 1.08 -43.25 5.21
N THR D 221 1.83 -44.16 5.82
CA THR D 221 3.04 -44.70 5.22
C THR D 221 2.76 -45.33 3.85
N PHE D 222 1.70 -46.12 3.77
CA PHE D 222 1.31 -46.76 2.51
C PHE D 222 0.87 -45.72 1.47
N THR D 223 0.11 -44.73 1.91
CA THR D 223 -0.27 -43.62 1.03
C THR D 223 0.95 -42.97 0.41
N SER D 224 1.98 -42.72 1.21
CA SER D 224 3.21 -42.10 0.70
C SER D 224 3.90 -42.99 -0.33
N ARG D 225 3.87 -44.31 -0.10
CA ARG D 225 4.48 -45.29 -1.00
C ARG D 225 3.73 -45.39 -2.33
N VAL D 226 2.40 -45.38 -2.29
CA VAL D 226 1.59 -45.41 -3.51
C VAL D 226 1.89 -44.20 -4.40
N ILE D 227 2.04 -43.04 -3.79
CA ILE D 227 2.33 -41.81 -4.50
C ILE D 227 3.75 -41.84 -5.11
N ALA D 228 4.74 -42.17 -4.28
CA ALA D 228 6.11 -42.44 -4.75
C ALA D 228 6.17 -43.48 -5.88
N GLY D 229 5.30 -44.48 -5.81
CA GLY D 229 5.27 -45.58 -6.78
C GLY D 229 4.97 -45.14 -8.20
N THR D 230 4.31 -43.99 -8.34
CA THR D 230 3.95 -43.47 -9.66
C THR D 230 5.06 -42.63 -10.28
N GLY D 231 6.12 -42.39 -9.52
CA GLY D 231 7.22 -41.55 -9.97
C GLY D 231 7.05 -40.11 -9.55
N SER D 232 6.12 -39.90 -8.60
CA SER D 232 5.78 -38.56 -8.14
C SER D 232 6.82 -38.02 -7.17
N ASP D 233 6.73 -36.72 -6.86
CA ASP D 233 7.77 -36.05 -6.07
C ASP D 233 7.55 -36.24 -4.57
N VAL D 234 8.61 -35.96 -3.80
CA VAL D 234 8.62 -36.16 -2.34
C VAL D 234 7.49 -35.39 -1.68
N TYR D 235 7.31 -34.12 -2.08
CA TYR D 235 6.30 -33.28 -1.46
C TYR D 235 4.91 -33.92 -1.57
N SER D 236 4.51 -34.30 -2.79
CA SER D 236 3.22 -34.95 -3.03
C SER D 236 2.97 -36.13 -2.10
N ALA D 237 3.97 -36.99 -1.97
CA ALA D 237 3.85 -38.20 -1.16
C ALA D 237 3.68 -37.87 0.34
N ILE D 238 4.32 -36.79 0.78
CA ILE D 238 4.20 -36.39 2.18
C ILE D 238 2.85 -35.71 2.43
N ILE D 239 2.37 -34.96 1.45
CA ILE D 239 1.04 -34.34 1.48
C ILE D 239 -0.07 -35.38 1.48
N GLY D 240 0.19 -36.52 0.86
CA GLY D 240 -0.75 -37.64 0.92
C GLY D 240 -0.76 -38.24 2.32
N ALA D 241 0.44 -38.51 2.84
CA ALA D 241 0.59 -39.06 4.17
C ALA D 241 -0.06 -38.17 5.24
N ILE D 242 0.12 -36.86 5.08
CA ILE D 242 -0.51 -35.89 5.98
C ILE D 242 -2.04 -36.02 5.90
N GLY D 243 -2.58 -36.02 4.68
CA GLY D 243 -4.02 -36.20 4.45
C GLY D 243 -4.56 -37.48 5.06
N ALA D 244 -3.76 -38.53 5.04
CA ALA D 244 -4.12 -39.80 5.68
C ALA D 244 -4.09 -39.69 7.20
N LEU D 245 -3.02 -39.12 7.74
CA LEU D 245 -2.86 -39.02 9.20
C LEU D 245 -3.93 -38.13 9.85
N ARG D 246 -4.53 -37.24 9.05
CA ARG D 246 -5.55 -36.30 9.49
C ARG D 246 -6.78 -37.00 10.07
N GLY D 247 -7.16 -38.11 9.44
CA GLY D 247 -8.31 -38.92 9.85
C GLY D 247 -8.21 -39.40 11.29
N PRO D 248 -9.27 -39.15 12.08
CA PRO D 248 -9.34 -39.56 13.47
C PRO D 248 -9.02 -41.04 13.71
N LYS D 249 -9.34 -41.91 12.74
CA LYS D 249 -9.10 -43.34 12.92
C LYS D 249 -7.62 -43.72 12.83
N HIS D 250 -6.79 -42.80 12.37
CA HIS D 250 -5.37 -43.05 12.16
C HIS D 250 -4.46 -42.10 12.97
N GLY D 251 -4.55 -40.80 12.69
CA GLY D 251 -3.74 -39.84 13.41
C GLY D 251 -4.44 -39.25 14.63
N GLY D 252 -5.74 -39.03 14.51
CA GLY D 252 -6.52 -38.39 15.58
C GLY D 252 -6.83 -39.32 16.74
N ALA D 253 -5.79 -39.81 17.40
CA ALA D 253 -5.95 -40.82 18.44
C ALA D 253 -5.69 -40.31 19.86
N ASN D 254 -4.50 -39.81 20.15
CA ASN D 254 -4.23 -39.32 21.51
C ASN D 254 -5.13 -38.15 21.98
N GLU D 255 -5.78 -37.48 21.02
CA GLU D 255 -6.78 -36.44 21.34
C GLU D 255 -7.93 -37.01 22.18
N VAL D 256 -8.44 -38.15 21.75
CA VAL D 256 -9.54 -38.82 22.44
C VAL D 256 -9.07 -39.38 23.78
N SER D 257 -7.81 -39.79 23.85
CA SER D 257 -7.17 -40.16 25.14
C SER D 257 -7.12 -38.99 26.12
N LEU D 258 -6.83 -37.79 25.61
CA LEU D 258 -6.79 -36.60 26.44
C LEU D 258 -8.20 -36.24 26.93
N GLU D 259 -9.18 -36.34 26.03
CA GLU D 259 -10.56 -36.03 26.33
C GLU D 259 -11.16 -37.01 27.35
N ILE D 260 -10.80 -38.30 27.22
CA ILE D 260 -11.26 -39.33 28.14
C ILE D 260 -10.70 -39.07 29.54
N GLN D 261 -9.44 -38.63 29.58
CA GLN D 261 -8.74 -38.42 30.83
C GLN D 261 -9.24 -37.22 31.64
N GLN D 262 -9.82 -36.23 30.95
CA GLN D 262 -10.29 -34.99 31.58
C GLN D 262 -11.77 -35.02 31.96
N ARG D 263 -12.42 -36.16 31.72
CA ARG D 263 -13.82 -36.34 32.10
C ARG D 263 -13.95 -36.37 33.62
N TYR D 264 -12.87 -36.77 34.29
CA TYR D 264 -12.94 -37.20 35.67
C TYR D 264 -12.10 -36.33 36.61
N GLU D 265 -12.52 -36.29 37.88
CA GLU D 265 -11.86 -35.48 38.91
C GLU D 265 -11.05 -36.33 39.89
N THR D 266 -11.25 -37.65 39.84
CA THR D 266 -10.64 -38.59 40.77
C THR D 266 -10.42 -39.97 40.15
N PRO D 267 -9.31 -40.66 40.50
CA PRO D 267 -9.04 -42.02 40.04
C PRO D 267 -10.19 -42.97 40.29
N ASP D 268 -10.89 -42.80 41.42
CA ASP D 268 -12.07 -43.59 41.75
C ASP D 268 -13.22 -43.34 40.76
N GLU D 269 -13.57 -42.06 40.53
CA GLU D 269 -14.65 -41.68 39.60
C GLU D 269 -14.41 -42.18 38.18
N ALA D 270 -13.14 -42.19 37.78
CA ALA D 270 -12.73 -42.66 36.46
C ALA D 270 -13.02 -44.15 36.29
N GLU D 271 -12.65 -44.95 37.29
CA GLU D 271 -12.92 -46.40 37.29
C GLU D 271 -14.42 -46.68 37.16
N ALA D 272 -15.20 -46.14 38.10
CA ALA D 272 -16.66 -46.24 38.06
C ALA D 272 -17.28 -45.31 37.01
N ASP D 273 -16.97 -45.60 35.75
CA ASP D 273 -17.66 -45.03 34.58
C ASP D 273 -17.13 -45.75 33.34
N ILE D 274 -15.81 -45.95 33.29
CA ILE D 274 -15.18 -46.73 32.22
C ILE D 274 -15.66 -48.18 32.26
N ARG D 275 -15.59 -48.80 33.44
CA ARG D 275 -16.05 -50.18 33.57
C ARG D 275 -17.57 -50.26 33.46
N LYS D 276 -18.22 -49.11 33.58
CA LYS D 276 -19.65 -48.98 33.28
C LYS D 276 -19.81 -49.01 31.76
N ARG D 277 -19.05 -48.17 31.07
CA ARG D 277 -19.04 -48.10 29.61
C ARG D 277 -18.49 -49.37 28.94
N VAL D 278 -17.50 -50.01 29.58
CA VAL D 278 -16.95 -51.26 29.05
C VAL D 278 -17.95 -52.40 29.19
N GLU D 279 -18.74 -52.38 30.25
CA GLU D 279 -19.84 -53.34 30.42
C GLU D 279 -20.98 -53.04 29.44
N ASN D 280 -20.96 -51.83 28.88
CA ASN D 280 -21.87 -51.44 27.81
C ASN D 280 -21.27 -51.78 26.44
N LYS D 281 -20.12 -52.45 26.46
CA LYS D 281 -19.34 -52.85 25.27
C LYS D 281 -18.78 -51.67 24.47
N GLU D 282 -18.53 -50.55 25.14
CA GLU D 282 -18.00 -49.34 24.50
C GLU D 282 -16.48 -49.36 24.37
N VAL D 283 -15.98 -48.79 23.27
CA VAL D 283 -14.55 -48.78 22.97
C VAL D 283 -13.81 -47.71 23.77
N VAL D 284 -12.75 -48.13 24.47
CA VAL D 284 -11.86 -47.16 25.11
C VAL D 284 -10.61 -46.99 24.24
N ILE D 285 -10.54 -45.85 23.59
CA ILE D 285 -9.47 -45.57 22.63
C ILE D 285 -8.16 -45.29 23.37
N GLY D 286 -7.07 -45.86 22.86
CA GLY D 286 -5.77 -45.85 23.53
C GLY D 286 -5.42 -47.22 24.06
N PHE D 287 -6.29 -48.19 23.80
CA PHE D 287 -6.09 -49.55 24.29
C PHE D 287 -6.17 -50.59 23.17
N GLY D 288 -5.15 -51.45 23.13
CA GLY D 288 -5.00 -52.44 22.07
C GLY D 288 -4.20 -51.91 20.89
N HIS D 289 -3.70 -52.83 20.07
CA HIS D 289 -3.03 -52.48 18.82
C HIS D 289 -3.24 -53.60 17.80
N PRO D 290 -3.33 -53.25 16.51
CA PRO D 290 -3.43 -54.23 15.42
C PRO D 290 -2.37 -55.34 15.48
N VAL D 291 -1.09 -54.94 15.63
CA VAL D 291 0.01 -55.89 15.56
C VAL D 291 0.42 -56.48 16.92
N TYR D 292 0.57 -55.63 17.93
CA TYR D 292 1.03 -56.08 19.25
C TYR D 292 0.02 -56.99 19.92
N THR D 293 0.52 -58.00 20.63
CA THR D 293 -0.32 -59.00 21.31
C THR D 293 -0.16 -58.94 22.82
N ILE D 294 1.04 -58.56 23.27
CA ILE D 294 1.36 -58.54 24.70
C ILE D 294 1.44 -57.10 25.22
N ALA D 295 2.13 -56.24 24.48
CA ALA D 295 2.39 -54.86 24.90
C ALA D 295 2.83 -53.99 23.72
N ASP D 296 2.54 -52.69 23.83
CA ASP D 296 3.18 -51.70 22.99
C ASP D 296 4.46 -51.29 23.74
N PRO D 297 5.65 -51.53 23.13
CA PRO D 297 6.92 -51.21 23.79
C PRO D 297 7.08 -49.71 24.02
N ARG D 298 6.42 -48.92 23.19
CA ARG D 298 6.46 -47.47 23.28
C ARG D 298 5.70 -46.93 24.51
N HIS D 299 4.79 -47.73 25.04
CA HIS D 299 3.97 -47.35 26.21
C HIS D 299 4.82 -47.07 27.44
N GLN D 300 5.59 -48.06 27.86
CA GLN D 300 6.37 -47.96 29.10
C GLN D 300 7.38 -46.83 29.04
N VAL D 301 7.83 -46.50 27.82
CA VAL D 301 8.76 -45.41 27.63
C VAL D 301 8.06 -44.08 27.90
N ILE D 302 6.91 -43.88 27.28
CA ILE D 302 6.19 -42.60 27.41
C ILE D 302 5.55 -42.41 28.79
N LYS D 303 5.07 -43.50 29.39
CA LYS D 303 4.50 -43.46 30.73
C LYS D 303 5.50 -42.90 31.76
N ARG D 304 6.75 -43.34 31.68
CA ARG D 304 7.82 -42.83 32.55
C ARG D 304 8.06 -41.33 32.34
N VAL D 305 7.97 -40.89 31.08
CA VAL D 305 8.11 -39.49 30.71
C VAL D 305 6.95 -38.67 31.27
N ALA D 306 5.73 -39.17 31.07
CA ALA D 306 4.53 -38.51 31.57
C ALA D 306 4.53 -38.37 33.09
N LYS D 307 5.08 -39.38 33.77
CA LYS D 307 5.22 -39.35 35.22
C LYS D 307 6.22 -38.28 35.64
N GLN D 308 7.41 -38.32 35.05
CA GLN D 308 8.49 -37.38 35.35
C GLN D 308 8.10 -35.93 35.05
N LEU D 309 7.27 -35.74 34.02
CA LEU D 309 6.73 -34.42 33.68
C LEU D 309 5.63 -33.95 34.65
N SER D 310 4.78 -34.89 35.07
CA SER D 310 3.66 -34.61 35.98
C SER D 310 4.13 -34.22 37.37
N GLU D 311 5.15 -34.94 37.86
CA GLU D 311 5.75 -34.67 39.16
C GLU D 311 6.42 -33.31 39.20
N GLU D 312 7.08 -32.95 38.09
CA GLU D 312 7.77 -31.66 37.95
C GLU D 312 6.78 -30.52 37.65
N GLY D 313 5.63 -30.87 37.08
CA GLY D 313 4.57 -29.89 36.79
C GLY D 313 3.58 -29.74 37.93
N GLY D 314 3.92 -30.32 39.08
CA GLY D 314 3.08 -30.28 40.27
C GLY D 314 1.94 -31.28 40.29
N SER D 315 1.32 -31.51 39.14
CA SER D 315 0.04 -32.22 39.04
C SER D 315 0.15 -33.67 38.53
N LEU D 316 -0.12 -34.62 39.42
CA LEU D 316 -0.15 -36.04 39.05
C LEU D 316 -1.57 -36.53 38.79
N LYS D 317 -2.56 -35.65 39.00
CA LYS D 317 -3.96 -36.00 38.87
C LYS D 317 -4.25 -36.74 37.57
N MET D 318 -3.76 -36.16 36.46
CA MET D 318 -3.98 -36.74 35.14
C MET D 318 -3.28 -38.09 34.98
N TYR D 319 -2.03 -38.16 35.44
CA TYR D 319 -1.25 -39.41 35.43
C TYR D 319 -1.96 -40.50 36.22
N HIS D 320 -2.42 -40.17 37.42
CA HIS D 320 -3.12 -41.11 38.28
C HIS D 320 -4.41 -41.64 37.65
N ILE D 321 -5.14 -40.78 36.96
CA ILE D 321 -6.35 -41.19 36.23
C ILE D 321 -6.02 -42.14 35.07
N ALA D 322 -5.08 -41.74 34.22
CA ALA D 322 -4.58 -42.61 33.14
C ALA D 322 -4.06 -43.93 33.71
N ASP D 323 -3.21 -43.83 34.72
CA ASP D 323 -2.65 -44.98 35.46
C ASP D 323 -3.74 -45.93 35.96
N ARG D 324 -4.74 -45.41 36.67
CA ARG D 324 -5.85 -46.24 37.15
C ARG D 324 -6.62 -46.90 36.00
N LEU D 325 -6.80 -46.15 34.91
CA LEU D 325 -7.56 -46.66 33.78
C LEU D 325 -6.85 -47.82 33.09
N GLU D 326 -5.53 -47.72 32.98
CA GLU D 326 -4.68 -48.79 32.47
C GLU D 326 -5.00 -50.12 33.16
N THR D 327 -5.07 -50.09 34.49
CA THR D 327 -5.30 -51.28 35.30
C THR D 327 -6.73 -51.78 35.11
N VAL D 328 -7.68 -50.86 35.17
CA VAL D 328 -9.08 -51.17 34.96
C VAL D 328 -9.27 -51.90 33.62
N MET D 329 -8.56 -51.45 32.60
CA MET D 329 -8.64 -52.05 31.26
C MET D 329 -8.01 -53.44 31.18
N TRP D 330 -7.04 -53.71 32.07
CA TRP D 330 -6.47 -55.06 32.20
C TRP D 330 -7.42 -55.99 32.96
N GLU D 331 -8.09 -55.47 33.99
CA GLU D 331 -9.08 -56.25 34.76
C GLU D 331 -10.30 -56.61 33.91
N THR D 332 -10.69 -55.68 33.03
CA THR D 332 -11.92 -55.82 32.25
C THR D 332 -11.77 -56.76 31.06
N LYS D 333 -10.84 -56.45 30.16
CA LYS D 333 -10.77 -57.13 28.86
C LYS D 333 -9.38 -57.63 28.47
N LYS D 334 -8.44 -57.59 29.42
CA LYS D 334 -7.07 -58.08 29.21
C LYS D 334 -6.33 -57.30 28.12
N MET D 335 -6.62 -56.00 28.01
CA MET D 335 -5.98 -55.16 27.01
C MET D 335 -4.80 -54.39 27.60
N PHE D 336 -3.94 -53.89 26.72
CA PHE D 336 -2.81 -53.04 27.07
C PHE D 336 -2.98 -51.63 26.51
N PRO D 337 -2.37 -50.62 27.19
CA PRO D 337 -2.33 -49.25 26.67
C PRO D 337 -1.32 -49.09 25.54
N ASN D 338 -1.78 -48.59 24.39
CA ASN D 338 -0.87 -48.22 23.32
C ASN D 338 -0.21 -46.85 23.57
N LEU D 339 0.63 -46.41 22.64
CA LEU D 339 1.42 -45.21 22.81
C LEU D 339 0.57 -43.96 23.01
N ASP D 340 -0.64 -43.97 22.45
CA ASP D 340 -1.52 -42.82 22.51
C ASP D 340 -2.06 -42.52 23.91
N TRP D 341 -2.18 -43.55 24.75
CA TRP D 341 -2.71 -43.37 26.09
C TRP D 341 -1.93 -42.32 26.89
N PHE D 342 -0.63 -42.51 27.08
CA PHE D 342 0.16 -41.63 27.95
C PHE D 342 0.85 -40.43 27.30
N SER D 343 1.06 -40.48 25.98
CA SER D 343 1.56 -39.30 25.26
C SER D 343 0.62 -38.11 25.43
N ALA D 344 -0.68 -38.41 25.55
CA ALA D 344 -1.70 -37.40 25.90
C ALA D 344 -1.38 -36.68 27.21
N VAL D 345 -0.95 -37.43 28.23
CA VAL D 345 -0.62 -36.86 29.53
C VAL D 345 0.62 -35.98 29.43
N SER D 346 1.68 -36.53 28.84
CA SER D 346 2.96 -35.83 28.68
C SER D 346 2.87 -34.61 27.77
N TYR D 347 2.18 -34.74 26.65
CA TYR D 347 1.95 -33.59 25.77
C TYR D 347 1.18 -32.48 26.49
N ASN D 348 0.13 -32.87 27.22
CA ASN D 348 -0.63 -31.93 28.03
C ASN D 348 0.25 -31.15 29.00
N MET D 349 1.09 -31.87 29.73
CA MET D 349 1.96 -31.25 30.74
C MET D 349 2.97 -30.27 30.15
N MET D 350 3.19 -30.35 28.84
CA MET D 350 4.12 -29.45 28.15
C MET D 350 3.41 -28.28 27.49
N GLY D 351 2.09 -28.21 27.71
CA GLY D 351 1.25 -27.11 27.27
C GLY D 351 0.88 -27.16 25.80
N VAL D 352 0.89 -28.35 25.22
CA VAL D 352 0.55 -28.54 23.81
C VAL D 352 -0.96 -28.63 23.68
N PRO D 353 -1.57 -27.76 22.82
CA PRO D 353 -3.01 -27.86 22.56
C PRO D 353 -3.34 -29.15 21.84
N THR D 354 -4.51 -29.71 22.14
CA THR D 354 -5.00 -30.95 21.52
C THR D 354 -4.90 -30.93 20.00
N GLU D 355 -5.11 -29.75 19.40
CA GLU D 355 -5.12 -29.62 17.94
C GLU D 355 -3.70 -29.58 17.38
N MET D 356 -2.71 -29.68 18.26
CA MET D 356 -1.34 -29.79 17.80
C MET D 356 -0.74 -31.17 18.01
N PHE D 357 -1.55 -32.08 18.55
CA PHE D 357 -1.12 -33.44 18.82
C PHE D 357 -0.75 -34.10 17.51
N THR D 358 -1.69 -34.10 16.57
CA THR D 358 -1.45 -34.70 15.28
C THR D 358 -0.40 -33.94 14.47
N PRO D 359 -0.44 -32.58 14.47
CA PRO D 359 0.72 -31.88 13.90
C PRO D 359 2.07 -32.40 14.41
N LEU D 360 2.20 -32.59 15.72
CA LEU D 360 3.43 -33.18 16.29
C LEU D 360 3.73 -34.57 15.74
N PHE D 361 2.68 -35.38 15.59
CA PHE D 361 2.78 -36.69 14.96
C PHE D 361 3.49 -36.58 13.59
N VAL D 362 3.10 -35.57 12.80
CA VAL D 362 3.71 -35.31 11.49
C VAL D 362 5.19 -34.95 11.59
N ILE D 363 5.54 -34.14 12.59
CA ILE D 363 6.92 -33.71 12.78
C ILE D 363 7.83 -34.91 13.05
N ALA D 364 7.31 -35.88 13.79
CA ALA D 364 8.00 -37.13 14.04
C ALA D 364 7.98 -38.05 12.82
N ARG D 365 6.79 -38.37 12.34
CA ARG D 365 6.61 -39.42 11.35
C ARG D 365 7.24 -39.12 9.98
N VAL D 366 7.36 -37.85 9.62
CA VAL D 366 7.96 -37.45 8.35
C VAL D 366 9.30 -38.16 8.07
N THR D 367 10.05 -38.42 9.15
CA THR D 367 11.30 -39.18 9.09
C THR D 367 11.11 -40.58 8.49
N GLY D 368 10.10 -41.30 8.98
CA GLY D 368 9.75 -42.62 8.43
C GLY D 368 9.09 -42.56 7.05
N TRP D 369 8.24 -41.55 6.83
CA TRP D 369 7.65 -41.35 5.52
C TRP D 369 8.74 -41.18 4.47
N ALA D 370 9.69 -40.29 4.76
CA ALA D 370 10.80 -40.01 3.86
C ALA D 370 11.60 -41.28 3.54
N ALA D 371 11.84 -42.11 4.54
CA ALA D 371 12.57 -43.37 4.34
C ALA D 371 11.77 -44.33 3.46
N HIS D 372 10.48 -44.49 3.76
CA HIS D 372 9.63 -45.36 2.94
C HIS D 372 9.49 -44.89 1.49
N ILE D 373 9.56 -43.57 1.30
CA ILE D 373 9.52 -42.94 -0.03
C ILE D 373 10.81 -43.24 -0.77
N ILE D 374 11.94 -42.96 -0.11
CA ILE D 374 13.27 -43.24 -0.67
C ILE D 374 13.37 -44.71 -1.08
N GLU D 375 12.92 -45.58 -0.19
CA GLU D 375 12.95 -47.02 -0.38
C GLU D 375 12.04 -47.47 -1.52
N GLN D 376 10.87 -46.84 -1.64
CA GLN D 376 9.90 -47.25 -2.66
C GLN D 376 10.40 -46.98 -4.08
N ARG D 377 11.09 -45.84 -4.25
CA ARG D 377 11.71 -45.48 -5.52
C ARG D 377 12.76 -46.47 -5.98
N GLN D 378 13.50 -47.04 -5.03
CA GLN D 378 14.63 -47.92 -5.33
C GLN D 378 14.24 -49.27 -5.93
N ASP D 379 13.15 -49.85 -5.44
CA ASP D 379 12.65 -51.12 -5.96
C ASP D 379 11.15 -51.01 -6.22
N ASN D 380 10.82 -50.93 -7.52
CA ASN D 380 9.47 -50.58 -7.98
C ASN D 380 8.50 -51.74 -8.05
N LYS D 381 7.48 -51.67 -7.20
CA LYS D 381 6.35 -52.59 -7.23
C LYS D 381 5.07 -51.78 -7.04
N ILE D 382 4.30 -51.65 -8.13
CA ILE D 382 3.06 -50.86 -8.13
C ILE D 382 1.83 -51.75 -8.04
N ALA D 387 -10.12 -54.68 -6.58
CA ALA D 387 -11.51 -54.29 -6.46
C ALA D 387 -12.50 -55.46 -6.64
N ASN D 388 -13.61 -55.38 -5.92
CA ASN D 388 -14.68 -56.36 -5.97
C ASN D 388 -16.00 -55.71 -6.36
N TYR D 389 -16.43 -55.96 -7.60
CA TYR D 389 -17.67 -55.36 -8.11
C TYR D 389 -18.92 -55.85 -7.38
N THR D 390 -19.69 -54.90 -6.86
CA THR D 390 -20.93 -55.18 -6.14
C THR D 390 -22.09 -54.53 -6.89
N GLY D 391 -21.76 -53.71 -7.88
CA GLY D 391 -22.75 -52.89 -8.60
C GLY D 391 -23.63 -53.63 -9.58
N PRO D 392 -24.44 -52.87 -10.34
CA PRO D 392 -25.43 -53.44 -11.26
C PRO D 392 -24.84 -53.92 -12.58
N GLU D 393 -25.52 -54.90 -13.19
CA GLU D 393 -25.14 -55.47 -14.49
C GLU D 393 -25.29 -54.44 -15.61
N ASP D 394 -24.63 -54.72 -16.73
CA ASP D 394 -24.65 -53.85 -17.91
C ASP D 394 -26.07 -53.50 -18.33
N ARG D 395 -26.45 -52.24 -18.15
CA ARG D 395 -27.79 -51.79 -18.49
C ARG D 395 -27.83 -50.97 -19.78
N PRO D 396 -28.99 -50.95 -20.47
CA PRO D 396 -29.08 -50.13 -21.68
C PRO D 396 -29.06 -48.65 -21.36
N PHE D 397 -28.52 -47.86 -22.26
CA PHE D 397 -28.57 -46.41 -22.13
C PHE D 397 -30.01 -45.93 -22.25
N VAL D 398 -30.42 -45.14 -21.27
CA VAL D 398 -31.70 -44.44 -21.31
C VAL D 398 -31.42 -43.02 -21.80
N SER D 399 -32.18 -42.58 -22.80
CA SER D 399 -32.04 -41.24 -23.34
C SER D 399 -32.56 -40.23 -22.31
N ILE D 400 -32.11 -38.98 -22.41
CA ILE D 400 -32.41 -37.94 -21.40
C ILE D 400 -33.92 -37.73 -21.16
N ASP D 401 -34.69 -37.68 -22.24
CA ASP D 401 -36.15 -37.49 -22.14
C ASP D 401 -36.91 -38.68 -21.52
N ASP D 402 -36.27 -39.85 -21.48
CA ASP D 402 -36.94 -41.07 -21.01
C ASP D 402 -36.61 -41.53 -19.59
N ARG D 403 -35.72 -40.80 -18.90
CA ARG D 403 -35.36 -41.18 -17.53
C ARG D 403 -36.23 -40.51 -16.45
N CYS D 404 -36.21 -41.11 -15.25
CA CYS D 404 -37.02 -40.69 -14.11
C CYS D 404 -36.31 -40.93 -12.79
N PRO E 41 38.73 -20.21 -40.02
CA PRO E 41 37.54 -20.88 -39.49
C PRO E 41 37.60 -21.04 -37.97
N ALA E 42 36.43 -21.05 -37.34
CA ALA E 42 36.31 -21.19 -35.88
C ALA E 42 35.23 -22.19 -35.48
N GLY E 43 34.62 -22.84 -36.47
CA GLY E 43 33.59 -23.85 -36.24
C GLY E 43 32.83 -24.17 -37.51
N ASN E 44 32.03 -25.24 -37.47
CA ASN E 44 31.21 -25.64 -38.61
C ASN E 44 29.78 -25.15 -38.41
N THR E 45 29.12 -24.77 -39.51
CA THR E 45 27.70 -24.41 -39.47
C THR E 45 26.95 -24.91 -40.71
N ALA E 46 25.69 -25.30 -40.52
CA ALA E 46 24.80 -25.61 -41.65
C ALA E 46 23.85 -24.44 -41.97
N LEU E 47 24.10 -23.29 -41.35
CA LEU E 47 23.11 -22.21 -41.31
C LEU E 47 23.20 -21.15 -42.39
N CYS E 48 24.41 -20.76 -42.73
CA CYS E 48 24.58 -19.53 -43.50
C CYS E 48 25.86 -19.46 -44.32
N THR E 49 25.73 -19.04 -45.57
CA THR E 49 26.87 -18.66 -46.40
C THR E 49 26.86 -17.15 -46.70
N VAL E 50 27.94 -16.48 -46.30
CA VAL E 50 28.09 -15.04 -46.50
C VAL E 50 29.22 -14.76 -47.50
N GLY E 51 28.90 -14.00 -48.53
CA GLY E 51 29.91 -13.39 -49.40
C GLY E 51 30.83 -14.30 -50.21
N LYS E 52 30.41 -15.56 -50.39
CA LYS E 52 31.18 -16.53 -51.19
C LYS E 52 31.52 -16.02 -52.61
N SER E 53 30.83 -14.97 -53.04
CA SER E 53 31.05 -14.36 -54.35
C SER E 53 31.17 -12.84 -54.22
N GLY E 54 31.19 -12.40 -52.96
CA GLY E 54 31.34 -10.99 -52.63
C GLY E 54 30.04 -10.23 -52.45
N ASN E 55 28.94 -10.81 -52.92
CA ASN E 55 27.65 -10.12 -52.96
C ASN E 55 26.44 -11.02 -52.71
N ASP E 56 26.68 -12.13 -52.03
CA ASP E 56 25.69 -13.21 -51.89
C ASP E 56 25.40 -13.50 -50.42
N LEU E 57 24.16 -13.88 -50.12
CA LEU E 57 23.81 -14.29 -48.75
C LEU E 57 22.70 -15.35 -48.72
N HIS E 58 22.98 -16.46 -48.06
CA HIS E 58 22.01 -17.56 -47.95
C HIS E 58 21.72 -18.00 -46.50
N TYR E 59 20.44 -18.24 -46.22
CA TYR E 59 20.02 -18.85 -44.97
C TYR E 59 19.60 -20.25 -45.35
N ARG E 60 20.35 -21.23 -44.84
CA ARG E 60 20.11 -22.64 -45.11
C ARG E 60 19.92 -22.96 -46.60
N GLY E 61 20.64 -22.24 -47.47
CA GLY E 61 20.61 -22.48 -48.91
C GLY E 61 19.65 -21.59 -49.69
N TYR E 62 18.90 -20.76 -48.98
CA TYR E 62 17.94 -19.89 -49.62
C TYR E 62 18.48 -18.48 -49.80
N ASP E 63 18.31 -17.95 -51.01
CA ASP E 63 18.75 -16.61 -51.34
C ASP E 63 17.97 -15.58 -50.51
N ILE E 64 18.69 -14.75 -49.76
CA ILE E 64 18.08 -13.67 -48.98
C ILE E 64 17.17 -12.80 -49.83
N LEU E 65 17.47 -12.73 -51.12
CA LEU E 65 16.73 -11.90 -52.05
C LEU E 65 15.33 -12.45 -52.26
N ASP E 66 15.22 -13.78 -52.36
CA ASP E 66 13.93 -14.45 -52.44
C ASP E 66 13.17 -14.32 -51.12
N LEU E 67 13.92 -14.53 -50.03
CA LEU E 67 13.39 -14.48 -48.68
C LEU E 67 12.81 -13.11 -48.37
N ALA E 68 13.57 -12.05 -48.66
CA ALA E 68 13.13 -10.68 -48.38
C ALA E 68 11.91 -10.28 -49.22
N GLU E 69 11.82 -10.82 -50.42
CA GLU E 69 10.69 -10.52 -51.30
C GLU E 69 9.40 -11.29 -50.96
N HIS E 70 9.52 -12.60 -50.73
CA HIS E 70 8.34 -13.47 -50.67
C HIS E 70 7.94 -13.95 -49.28
N CYS E 71 8.72 -13.63 -48.26
CA CYS E 71 8.50 -14.22 -46.95
C CYS E 71 8.11 -13.21 -45.89
N GLU E 72 7.19 -13.61 -45.02
CA GLU E 72 6.98 -12.91 -43.77
C GLU E 72 8.11 -13.29 -42.84
N PHE E 73 8.46 -12.37 -41.94
CA PHE E 73 9.53 -12.64 -41.01
C PHE E 73 9.34 -13.95 -40.26
N GLU E 74 8.10 -14.24 -39.88
CA GLU E 74 7.78 -15.47 -39.14
C GLU E 74 8.18 -16.73 -39.90
N GLU E 75 8.16 -16.68 -41.24
CA GLU E 75 8.57 -17.82 -42.08
C GLU E 75 10.08 -18.03 -42.00
N VAL E 76 10.82 -16.93 -42.00
CA VAL E 76 12.27 -16.96 -41.88
C VAL E 76 12.66 -17.39 -40.46
N ALA E 77 11.92 -16.89 -39.47
CA ALA E 77 12.11 -17.27 -38.08
C ALA E 77 11.86 -18.75 -37.94
N HIS E 78 10.82 -19.23 -38.61
CA HIS E 78 10.52 -20.65 -38.62
C HIS E 78 11.67 -21.42 -39.27
N LEU E 79 12.18 -20.92 -40.40
CA LEU E 79 13.30 -21.56 -41.09
C LEU E 79 14.57 -21.75 -40.25
N LEU E 80 14.89 -20.75 -39.43
CA LEU E 80 16.11 -20.80 -38.61
C LEU E 80 15.94 -21.62 -37.32
N ILE E 81 14.94 -21.26 -36.53
CA ILE E 81 14.62 -21.92 -35.26
C ILE E 81 14.07 -23.33 -35.44
N HIS E 82 13.15 -23.52 -36.39
CA HIS E 82 12.54 -24.83 -36.60
C HIS E 82 13.05 -25.60 -37.83
N GLY E 83 14.07 -25.06 -38.49
CA GLY E 83 14.82 -25.80 -39.51
C GLY E 83 14.34 -25.74 -40.96
N LYS E 84 13.09 -25.31 -41.18
CA LYS E 84 12.52 -25.34 -42.53
C LYS E 84 11.53 -24.21 -42.80
N LEU E 85 11.38 -23.88 -44.08
CA LEU E 85 10.29 -23.04 -44.53
C LEU E 85 8.98 -23.75 -44.20
N PRO E 86 8.08 -23.09 -43.45
CA PRO E 86 6.84 -23.76 -43.05
C PRO E 86 5.80 -23.83 -44.17
N THR E 87 4.95 -24.87 -44.14
CA THR E 87 3.78 -24.92 -45.02
C THR E 87 2.79 -23.85 -44.56
N ARG E 88 1.60 -23.82 -45.15
CA ARG E 88 0.56 -22.91 -44.69
C ARG E 88 0.07 -23.29 -43.29
N ASP E 89 -0.14 -24.59 -43.08
CA ASP E 89 -0.69 -25.10 -41.82
C ASP E 89 0.29 -24.93 -40.65
N GLU E 90 1.58 -25.03 -40.96
CA GLU E 90 2.62 -24.86 -39.97
C GLU E 90 2.77 -23.40 -39.58
N LEU E 91 2.70 -22.52 -40.58
CA LEU E 91 2.76 -21.07 -40.34
C LEU E 91 1.54 -20.57 -39.58
N ASN E 92 0.35 -21.05 -39.96
CA ASN E 92 -0.87 -20.75 -39.20
C ASN E 92 -0.68 -21.09 -37.74
N ALA E 93 -0.17 -22.29 -37.46
CA ALA E 93 -0.01 -22.79 -36.11
C ALA E 93 1.09 -22.04 -35.38
N TYR E 94 2.12 -21.66 -36.13
CA TYR E 94 3.27 -20.95 -35.58
C TYR E 94 2.92 -19.51 -35.19
N LYS E 95 2.13 -18.84 -36.02
CA LYS E 95 1.71 -17.45 -35.76
C LYS E 95 0.72 -17.34 -34.62
N SER E 96 -0.15 -18.35 -34.53
CA SER E 96 -1.12 -18.45 -33.46
C SER E 96 -0.36 -18.70 -32.17
N LYS E 97 0.73 -19.47 -32.28
CA LYS E 97 1.58 -19.81 -31.16
C LYS E 97 2.32 -18.57 -30.64
N LEU E 98 2.92 -17.82 -31.56
CA LEU E 98 3.68 -16.63 -31.20
C LEU E 98 2.77 -15.54 -30.61
N LYS E 99 1.62 -15.31 -31.25
CA LYS E 99 0.61 -14.35 -30.79
C LYS E 99 0.24 -14.54 -29.31
N ALA E 100 0.09 -15.81 -28.91
CA ALA E 100 -0.24 -16.17 -27.54
C ALA E 100 0.94 -16.12 -26.55
N LEU E 101 2.14 -15.82 -27.05
CA LEU E 101 3.33 -15.79 -26.16
C LEU E 101 3.84 -14.37 -25.90
N ARG E 102 3.02 -13.37 -26.21
CA ARG E 102 3.39 -11.96 -26.12
C ARG E 102 3.33 -11.37 -24.71
N GLY E 103 2.97 -12.19 -23.73
CA GLY E 103 2.68 -11.70 -22.39
C GLY E 103 3.87 -11.62 -21.47
N LEU E 104 3.76 -10.79 -20.44
CA LEU E 104 4.82 -10.63 -19.46
C LEU E 104 4.40 -11.15 -18.09
N PRO E 105 5.19 -12.07 -17.51
CA PRO E 105 4.91 -12.56 -16.16
C PRO E 105 4.80 -11.45 -15.13
N ALA E 106 3.90 -11.64 -14.17
CA ALA E 106 3.65 -10.65 -13.12
C ALA E 106 4.95 -10.09 -12.55
N ASN E 107 5.92 -10.96 -12.29
CA ASN E 107 7.15 -10.56 -11.62
C ASN E 107 8.19 -9.91 -12.53
N VAL E 108 8.10 -10.20 -13.82
CA VAL E 108 8.94 -9.53 -14.83
C VAL E 108 8.46 -8.09 -15.01
N ARG E 109 7.15 -7.88 -14.93
CA ARG E 109 6.60 -6.51 -14.94
C ARG E 109 7.17 -5.71 -13.77
N THR E 110 7.19 -6.34 -12.58
CA THR E 110 7.81 -5.76 -11.42
C THR E 110 9.29 -5.43 -11.68
N VAL E 111 9.97 -6.30 -12.41
CA VAL E 111 11.36 -6.06 -12.77
C VAL E 111 11.50 -4.87 -13.72
N LEU E 112 10.79 -4.94 -14.84
CA LEU E 112 10.79 -3.88 -15.82
C LEU E 112 10.46 -2.53 -15.21
N GLU E 113 9.46 -2.46 -14.34
CA GLU E 113 9.03 -1.18 -13.75
C GLU E 113 10.13 -0.56 -12.87
N ALA E 114 11.10 -1.39 -12.48
CA ALA E 114 12.19 -0.95 -11.58
C ALA E 114 13.35 -0.32 -12.34
N LEU E 115 13.32 -0.43 -13.66
CA LEU E 115 14.43 0.05 -14.49
C LEU E 115 14.16 1.47 -14.94
N PRO E 116 15.06 2.41 -14.59
CA PRO E 116 14.80 3.83 -14.82
C PRO E 116 14.69 4.18 -16.31
N ALA E 117 14.12 5.34 -16.61
CA ALA E 117 13.84 5.74 -18.00
C ALA E 117 15.11 5.91 -18.86
N ALA E 118 16.21 6.30 -18.24
CA ALA E 118 17.48 6.54 -18.93
C ALA E 118 18.23 5.25 -19.26
N SER E 119 17.65 4.10 -18.92
CA SER E 119 18.30 2.83 -19.20
C SER E 119 18.55 2.67 -20.70
N HIS E 120 19.73 2.18 -21.05
CA HIS E 120 20.00 1.77 -22.41
C HIS E 120 18.96 0.69 -22.72
N PRO E 121 18.14 0.90 -23.78
CA PRO E 121 17.11 -0.07 -24.18
C PRO E 121 17.68 -1.49 -24.35
N MET E 122 18.93 -1.60 -24.76
CA MET E 122 19.57 -2.90 -24.84
C MET E 122 19.72 -3.56 -23.45
N ASP E 123 20.03 -2.76 -22.43
CA ASP E 123 20.13 -3.27 -21.05
C ASP E 123 18.75 -3.63 -20.47
N VAL E 124 17.71 -2.95 -20.93
CA VAL E 124 16.34 -3.28 -20.55
C VAL E 124 15.97 -4.68 -21.10
N MET E 125 16.32 -4.91 -22.36
CA MET E 125 16.12 -6.22 -22.96
C MET E 125 16.97 -7.28 -22.26
N ARG E 126 18.20 -6.92 -21.96
CA ARG E 126 19.12 -7.78 -21.20
C ARG E 126 18.57 -8.17 -19.83
N THR E 127 18.02 -7.19 -19.11
CA THR E 127 17.49 -7.45 -17.77
C THR E 127 16.24 -8.32 -17.77
N GLY E 128 15.30 -8.00 -18.67
CA GLY E 128 14.04 -8.72 -18.76
C GLY E 128 14.16 -10.17 -19.20
N VAL E 129 15.10 -10.42 -20.11
CA VAL E 129 15.36 -11.77 -20.62
C VAL E 129 15.98 -12.55 -19.49
N SER E 130 16.96 -11.93 -18.84
CA SER E 130 17.60 -12.47 -17.63
C SER E 130 16.56 -12.84 -16.57
N ALA E 131 15.64 -11.92 -16.26
CA ALA E 131 14.55 -12.20 -15.30
C ALA E 131 13.66 -13.35 -15.77
N LEU E 132 13.34 -13.35 -17.06
CA LEU E 132 12.54 -14.41 -17.64
C LEU E 132 13.28 -15.74 -17.47
N GLY E 133 14.59 -15.73 -17.72
CA GLY E 133 15.42 -16.89 -17.42
C GLY E 133 15.16 -17.49 -16.05
N CYS E 134 15.00 -16.64 -15.04
CA CYS E 134 14.70 -17.09 -13.68
C CYS E 134 13.26 -17.55 -13.51
N THR E 135 12.38 -17.06 -14.38
CA THR E 135 10.94 -17.23 -14.20
C THR E 135 10.43 -18.47 -14.94
N LEU E 136 10.82 -18.63 -16.22
CA LEU E 136 10.49 -19.82 -17.01
C LEU E 136 11.77 -20.53 -17.42
N PRO E 137 12.40 -21.23 -16.46
CA PRO E 137 13.71 -21.78 -16.73
C PRO E 137 13.68 -22.95 -17.70
N GLU E 138 14.76 -23.11 -18.45
CA GLU E 138 15.01 -24.28 -19.28
C GLU E 138 15.15 -25.49 -18.34
N LYS E 139 14.54 -26.61 -18.71
CA LYS E 139 14.63 -27.83 -17.91
C LYS E 139 16.03 -28.44 -18.06
N GLU E 140 16.55 -28.97 -16.95
CA GLU E 140 17.93 -29.46 -16.88
C GLU E 140 18.33 -30.40 -18.04
N GLY E 141 17.33 -31.06 -18.65
CA GLY E 141 17.56 -31.87 -19.86
C GLY E 141 18.29 -31.13 -20.99
N HIS E 142 17.78 -29.95 -21.34
CA HIS E 142 18.29 -29.10 -22.43
C HIS E 142 17.87 -29.52 -23.85
N THR E 143 16.68 -30.12 -23.96
CA THR E 143 16.20 -30.65 -25.24
C THR E 143 16.10 -29.60 -26.36
N VAL E 144 16.33 -30.05 -27.60
CA VAL E 144 16.20 -29.21 -28.79
C VAL E 144 14.83 -28.50 -28.80
N SER E 145 13.78 -29.30 -28.57
CA SER E 145 12.41 -28.83 -28.49
C SER E 145 12.21 -27.76 -27.41
N GLY E 146 12.83 -27.97 -26.25
CA GLY E 146 12.76 -27.02 -25.14
C GLY E 146 13.48 -25.73 -25.45
N ALA E 147 14.58 -25.84 -26.19
CA ALA E 147 15.35 -24.69 -26.64
C ALA E 147 14.55 -23.84 -27.64
N ARG E 148 13.77 -24.52 -28.49
CA ARG E 148 12.95 -23.84 -29.48
C ARG E 148 11.77 -23.11 -28.87
N ASP E 149 11.26 -23.66 -27.77
CA ASP E 149 10.19 -23.02 -27.02
C ASP E 149 10.62 -21.72 -26.35
N ILE E 150 11.87 -21.68 -25.90
CA ILE E 150 12.40 -20.47 -25.30
C ILE E 150 12.63 -19.43 -26.39
N ALA E 151 13.29 -19.86 -27.47
CA ALA E 151 13.43 -19.08 -28.68
C ALA E 151 12.11 -18.40 -29.06
N ASP E 152 11.04 -19.19 -29.18
CA ASP E 152 9.73 -18.68 -29.58
C ASP E 152 9.09 -17.74 -28.56
N LYS E 153 9.25 -18.05 -27.28
CA LYS E 153 8.79 -17.17 -26.22
C LYS E 153 9.55 -15.84 -26.28
N LEU E 154 10.88 -15.93 -26.44
CA LEU E 154 11.71 -14.74 -26.59
C LEU E 154 11.31 -13.92 -27.82
N LEU E 155 11.20 -14.56 -28.99
CA LEU E 155 10.81 -13.87 -30.22
C LEU E 155 9.44 -13.20 -30.11
N ALA E 156 8.52 -13.85 -29.40
CA ALA E 156 7.20 -13.28 -29.18
C ALA E 156 7.19 -12.09 -28.21
N SER E 157 7.99 -12.16 -27.15
CA SER E 157 7.87 -11.20 -26.04
C SER E 157 8.93 -10.10 -26.00
N LEU E 158 9.93 -10.16 -26.85
CA LEU E 158 11.01 -9.18 -26.76
C LEU E 158 10.48 -7.76 -27.00
N SER E 159 9.59 -7.63 -27.97
CA SER E 159 8.91 -6.37 -28.20
C SER E 159 8.18 -5.92 -26.94
N SER E 160 7.47 -6.86 -26.32
CA SER E 160 6.71 -6.58 -25.09
C SER E 160 7.59 -6.10 -23.96
N ILE E 161 8.75 -6.72 -23.79
CA ILE E 161 9.72 -6.33 -22.74
C ILE E 161 10.23 -4.90 -22.94
N LEU E 162 10.69 -4.59 -24.15
CA LEU E 162 11.13 -3.24 -24.49
C LEU E 162 10.04 -2.21 -24.23
N LEU E 163 8.87 -2.43 -24.85
CA LEU E 163 7.85 -1.39 -24.93
C LEU E 163 6.97 -1.24 -23.67
N TYR E 164 6.86 -2.30 -22.87
CA TYR E 164 6.28 -2.18 -21.54
C TYR E 164 7.17 -1.32 -20.63
N TRP E 165 8.46 -1.61 -20.57
CA TRP E 165 9.39 -0.76 -19.83
C TRP E 165 9.35 0.68 -20.32
N TYR E 166 9.29 0.84 -21.65
CA TYR E 166 9.39 2.16 -22.26
C TYR E 166 8.23 3.02 -21.87
N HIS E 167 7.01 2.54 -22.15
CA HIS E 167 5.82 3.29 -21.85
C HIS E 167 5.57 3.50 -20.36
N TYR E 168 5.99 2.56 -19.51
CA TYR E 168 5.89 2.80 -18.07
C TYR E 168 6.88 3.89 -17.61
N SER E 169 8.14 3.73 -17.97
CA SER E 169 9.20 4.63 -17.49
C SER E 169 9.06 6.03 -18.09
N HIS E 170 8.64 6.10 -19.34
CA HIS E 170 8.55 7.37 -20.04
C HIS E 170 7.16 8.01 -19.96
N ASN E 171 6.10 7.21 -19.88
CA ASN E 171 4.73 7.74 -19.95
C ASN E 171 3.84 7.36 -18.76
N GLY E 172 4.39 6.55 -17.86
CA GLY E 172 3.70 6.16 -16.62
C GLY E 172 2.48 5.30 -16.87
N GLU E 173 2.45 4.64 -18.03
CA GLU E 173 1.35 3.78 -18.39
C GLU E 173 1.76 2.34 -18.47
N ARG E 174 0.92 1.46 -17.94
CA ARG E 174 1.14 0.03 -18.01
C ARG E 174 0.37 -0.49 -19.22
N ILE E 175 1.09 -0.78 -20.29
CA ILE E 175 0.42 -1.19 -21.52
C ILE E 175 -0.03 -2.64 -21.50
N GLN E 176 -0.93 -2.98 -22.41
CA GLN E 176 -1.36 -4.35 -22.62
C GLN E 176 -0.45 -4.95 -23.68
N PRO E 177 0.31 -6.00 -23.33
CA PRO E 177 1.24 -6.51 -24.34
C PRO E 177 0.54 -7.42 -25.35
N GLU E 178 -0.45 -8.17 -24.91
CA GLU E 178 -1.09 -9.17 -25.74
C GLU E 178 -2.10 -8.54 -26.69
N THR E 179 -1.63 -8.08 -27.84
CA THR E 179 -2.47 -7.38 -28.81
C THR E 179 -2.95 -8.33 -29.88
N ASP E 180 -3.88 -7.87 -30.71
CA ASP E 180 -4.42 -8.68 -31.77
C ASP E 180 -3.62 -8.65 -33.10
N ASP E 181 -2.53 -7.86 -33.13
CA ASP E 181 -1.67 -7.75 -34.32
C ASP E 181 -1.20 -9.11 -34.83
N ASP E 182 -1.17 -9.27 -36.15
CA ASP E 182 -0.88 -10.57 -36.74
C ASP E 182 0.58 -10.83 -37.12
N SER E 183 1.50 -9.96 -36.69
CA SER E 183 2.92 -10.21 -36.91
C SER E 183 3.76 -9.52 -35.84
N ILE E 184 4.99 -9.96 -35.73
CA ILE E 184 5.96 -9.44 -34.77
C ILE E 184 6.26 -7.96 -35.03
N GLY E 185 6.55 -7.65 -36.30
CA GLY E 185 6.75 -6.27 -36.73
C GLY E 185 5.56 -5.42 -36.40
N GLY E 186 4.37 -5.90 -36.74
CA GLY E 186 3.14 -5.16 -36.48
C GLY E 186 2.89 -4.91 -35.00
N HIS E 187 3.29 -5.89 -34.18
CA HIS E 187 3.10 -5.86 -32.73
C HIS E 187 4.04 -4.84 -32.11
N PHE E 188 5.30 -4.87 -32.53
CA PHE E 188 6.29 -3.86 -32.16
C PHE E 188 5.77 -2.45 -32.40
N LEU E 189 5.34 -2.16 -33.63
CA LEU E 189 4.91 -0.81 -34.00
C LEU E 189 3.66 -0.36 -33.23
N HIS E 190 2.72 -1.29 -33.08
CA HIS E 190 1.49 -1.02 -32.32
C HIS E 190 1.86 -0.59 -30.90
N LEU E 191 2.70 -1.36 -30.24
CA LEU E 191 3.10 -1.06 -28.88
C LEU E 191 3.96 0.20 -28.80
N LEU E 192 4.70 0.49 -29.87
CA LEU E 192 5.55 1.70 -29.89
C LEU E 192 4.71 2.97 -29.96
N HIS E 193 3.80 3.01 -30.94
CA HIS E 193 2.97 4.18 -31.26
C HIS E 193 1.58 4.18 -30.64
N GLY E 194 1.19 3.06 -30.02
CA GLY E 194 -0.13 2.96 -29.40
C GLY E 194 -1.26 2.81 -30.41
N GLU E 195 -0.90 2.57 -31.68
CA GLU E 195 -1.88 2.39 -32.75
C GLU E 195 -1.40 1.36 -33.75
N LYS E 196 -2.32 0.67 -34.39
CA LYS E 196 -1.99 -0.32 -35.39
C LYS E 196 -1.25 0.36 -36.55
N PRO E 197 -0.12 -0.21 -37.01
CA PRO E 197 0.63 0.37 -38.13
C PRO E 197 -0.09 0.19 -39.47
N THR E 198 0.23 1.02 -40.46
CA THR E 198 -0.32 0.79 -41.80
C THR E 198 0.14 -0.56 -42.31
N GLN E 199 -0.57 -1.07 -43.31
CA GLN E 199 -0.21 -2.31 -43.98
C GLN E 199 1.23 -2.20 -44.49
N SER E 200 1.57 -0.99 -44.94
CA SER E 200 2.86 -0.69 -45.55
C SER E 200 4.03 -0.72 -44.57
N TRP E 201 3.82 -0.21 -43.36
CA TRP E 201 4.85 -0.28 -42.33
C TRP E 201 5.02 -1.71 -41.85
N GLU E 202 3.92 -2.44 -41.77
CA GLU E 202 3.92 -3.85 -41.40
C GLU E 202 4.74 -4.66 -42.39
N LYS E 203 4.59 -4.35 -43.68
CA LYS E 203 5.33 -5.02 -44.75
C LYS E 203 6.83 -4.69 -44.70
N ALA E 204 7.13 -3.41 -44.51
CA ALA E 204 8.51 -2.96 -44.40
C ALA E 204 9.19 -3.57 -43.16
N MET E 205 8.47 -3.63 -42.05
CA MET E 205 8.98 -4.33 -40.86
C MET E 205 9.30 -5.79 -41.16
N HIS E 206 8.43 -6.47 -41.89
CA HIS E 206 8.70 -7.85 -42.32
C HIS E 206 10.03 -7.99 -43.04
N ILE E 207 10.30 -7.06 -43.95
CA ILE E 207 11.52 -7.09 -44.74
C ILE E 207 12.77 -6.79 -43.90
N SER E 208 12.70 -5.76 -43.06
CA SER E 208 13.85 -5.38 -42.22
C SER E 208 14.33 -6.51 -41.33
N LEU E 209 13.42 -7.07 -40.55
CA LEU E 209 13.71 -8.22 -39.69
C LEU E 209 14.27 -9.41 -40.46
N VAL E 210 13.76 -9.66 -41.67
CA VAL E 210 14.25 -10.76 -42.51
C VAL E 210 15.73 -10.58 -42.87
N LEU E 211 16.10 -9.36 -43.24
CA LEU E 211 17.48 -9.02 -43.63
C LEU E 211 18.46 -9.05 -42.45
N TYR E 212 17.94 -8.85 -41.25
CA TYR E 212 18.76 -8.83 -40.04
C TYR E 212 18.77 -10.18 -39.30
N ALA E 213 18.00 -11.14 -39.82
CA ALA E 213 17.76 -12.40 -39.13
C ALA E 213 19.01 -13.25 -38.83
N GLU E 214 19.94 -13.32 -39.78
CA GLU E 214 21.08 -14.24 -39.69
C GLU E 214 22.30 -13.72 -40.46
N HIS E 215 23.49 -13.94 -39.92
CA HIS E 215 24.71 -13.55 -40.62
C HIS E 215 25.93 -14.37 -40.19
N GLU E 216 25.77 -15.69 -40.13
CA GLU E 216 26.87 -16.62 -39.86
C GLU E 216 27.61 -16.21 -38.58
N PHE E 217 28.93 -16.32 -38.55
CA PHE E 217 29.67 -16.04 -37.34
C PHE E 217 30.08 -14.58 -37.30
N ASN E 218 29.85 -14.01 -36.14
CA ASN E 218 30.23 -12.64 -35.83
C ASN E 218 30.22 -12.58 -34.31
N ALA E 219 30.60 -11.42 -33.77
CA ALA E 219 30.76 -11.26 -32.33
C ALA E 219 29.57 -11.77 -31.50
N SER E 220 28.35 -11.37 -31.86
CA SER E 220 27.16 -11.73 -31.08
C SER E 220 26.85 -13.22 -31.23
N THR E 221 26.89 -13.69 -32.46
CA THR E 221 26.58 -15.09 -32.73
C THR E 221 27.65 -16.01 -32.17
N PHE E 222 28.91 -15.67 -32.38
CA PHE E 222 30.01 -16.45 -31.84
C PHE E 222 29.92 -16.48 -30.32
N THR E 223 29.56 -15.35 -29.73
CA THR E 223 29.41 -15.26 -28.27
C THR E 223 28.37 -16.26 -27.79
N SER E 224 27.25 -16.32 -28.51
CA SER E 224 26.17 -17.24 -28.15
C SER E 224 26.66 -18.68 -28.23
N ARG E 225 27.54 -18.97 -29.19
CA ARG E 225 28.06 -20.33 -29.35
C ARG E 225 29.05 -20.73 -28.27
N VAL E 226 29.86 -19.77 -27.81
CA VAL E 226 30.83 -20.00 -26.76
C VAL E 226 30.12 -20.32 -25.45
N ILE E 227 29.06 -19.58 -25.16
CA ILE E 227 28.26 -19.78 -23.96
C ILE E 227 27.52 -21.13 -24.03
N ALA E 228 26.81 -21.37 -25.14
CA ALA E 228 26.19 -22.67 -25.43
C ALA E 228 27.18 -23.84 -25.32
N GLY E 229 28.42 -23.60 -25.70
CA GLY E 229 29.45 -24.64 -25.70
C GLY E 229 29.86 -25.11 -24.32
N THR E 230 29.65 -24.28 -23.30
CA THR E 230 29.93 -24.67 -21.91
C THR E 230 28.84 -25.54 -21.29
N GLY E 231 27.72 -25.71 -22.00
CA GLY E 231 26.58 -26.44 -21.47
C GLY E 231 25.63 -25.54 -20.71
N SER E 232 25.76 -24.24 -20.96
CA SER E 232 24.91 -23.23 -20.36
C SER E 232 23.52 -23.20 -21.00
N ASP E 233 22.59 -22.46 -20.37
CA ASP E 233 21.20 -22.41 -20.84
C ASP E 233 21.01 -21.38 -21.96
N VAL E 234 19.90 -21.50 -22.68
CA VAL E 234 19.58 -20.65 -23.82
C VAL E 234 19.60 -19.18 -23.47
N TYR E 235 18.90 -18.80 -22.39
CA TYR E 235 18.85 -17.43 -21.93
C TYR E 235 20.23 -16.82 -21.79
N SER E 236 21.12 -17.52 -21.09
CA SER E 236 22.50 -17.06 -20.91
C SER E 236 23.17 -16.81 -22.26
N ALA E 237 23.01 -17.76 -23.17
CA ALA E 237 23.58 -17.61 -24.51
C ALA E 237 22.97 -16.44 -25.31
N ILE E 238 21.70 -16.14 -25.09
CA ILE E 238 21.10 -14.98 -25.75
C ILE E 238 21.49 -13.66 -25.09
N ILE E 239 21.57 -13.68 -23.76
CA ILE E 239 21.97 -12.52 -22.96
C ILE E 239 23.40 -12.06 -23.22
N GLY E 240 24.32 -13.01 -23.31
CA GLY E 240 25.67 -12.71 -23.77
C GLY E 240 25.69 -12.10 -25.17
N ALA E 241 24.89 -12.66 -26.08
CA ALA E 241 24.81 -12.16 -27.47
C ALA E 241 24.26 -10.73 -27.55
N ILE E 242 23.20 -10.47 -26.80
CA ILE E 242 22.67 -9.11 -26.61
C ILE E 242 23.75 -8.16 -26.10
N GLY E 243 24.64 -8.64 -25.24
CA GLY E 243 25.71 -7.79 -24.70
C GLY E 243 26.72 -7.40 -25.76
N ALA E 244 27.14 -8.36 -26.56
CA ALA E 244 28.01 -8.07 -27.71
C ALA E 244 27.31 -7.20 -28.77
N LEU E 245 26.03 -7.47 -29.04
CA LEU E 245 25.32 -6.71 -30.09
C LEU E 245 25.14 -5.23 -29.73
N ARG E 246 25.14 -4.96 -28.43
CA ARG E 246 25.00 -3.62 -27.88
C ARG E 246 26.16 -2.69 -28.26
N GLY E 247 27.34 -3.26 -28.48
CA GLY E 247 28.54 -2.49 -28.82
C GLY E 247 28.38 -1.75 -30.14
N PRO E 248 28.74 -0.46 -30.18
CA PRO E 248 28.55 0.38 -31.37
C PRO E 248 29.22 -0.16 -32.62
N LYS E 249 30.36 -0.84 -32.46
CA LYS E 249 31.10 -1.36 -33.61
C LYS E 249 30.42 -2.59 -34.22
N HIS E 250 29.49 -3.18 -33.47
CA HIS E 250 28.77 -4.36 -33.95
C HIS E 250 27.32 -4.01 -34.28
N GLY E 251 26.41 -4.22 -33.34
CA GLY E 251 24.99 -3.95 -33.57
C GLY E 251 24.57 -2.50 -33.50
N GLY E 252 25.39 -1.64 -32.92
CA GLY E 252 25.01 -0.23 -32.74
C GLY E 252 25.29 0.70 -33.91
N ALA E 253 25.58 0.14 -35.08
CA ALA E 253 26.08 0.93 -36.22
C ALA E 253 25.04 1.82 -36.91
N ASN E 254 23.82 1.34 -37.11
CA ASN E 254 22.85 2.18 -37.84
C ASN E 254 22.33 3.40 -37.05
N GLU E 255 22.46 3.35 -35.73
CA GLU E 255 22.17 4.50 -34.88
C GLU E 255 23.14 5.64 -35.15
N VAL E 256 24.42 5.32 -35.33
CA VAL E 256 25.43 6.34 -35.66
C VAL E 256 25.40 6.72 -37.15
N SER E 257 24.85 5.84 -37.99
CA SER E 257 24.57 6.21 -39.38
C SER E 257 23.51 7.30 -39.42
N LEU E 258 22.47 7.12 -38.61
CA LEU E 258 21.39 8.09 -38.51
C LEU E 258 21.95 9.46 -38.10
N GLU E 259 22.87 9.45 -37.14
CA GLU E 259 23.50 10.68 -36.65
C GLU E 259 24.18 11.46 -37.77
N ILE E 260 24.94 10.76 -38.61
CA ILE E 260 25.61 11.35 -39.78
C ILE E 260 24.61 11.98 -40.75
N GLN E 261 23.54 11.26 -41.07
CA GLN E 261 22.56 11.70 -42.05
C GLN E 261 21.75 12.93 -41.61
N GLN E 262 21.72 13.18 -40.30
CA GLN E 262 20.90 14.26 -39.73
C GLN E 262 21.77 15.42 -39.25
N ARG E 263 23.09 15.30 -39.44
CA ARG E 263 24.05 16.37 -39.18
C ARG E 263 23.81 17.57 -40.07
N TYR E 264 23.28 17.31 -41.27
CA TYR E 264 23.35 18.24 -42.39
C TYR E 264 21.99 18.68 -42.91
N GLU E 265 21.93 19.96 -43.32
CA GLU E 265 20.70 20.56 -43.83
C GLU E 265 20.40 20.10 -45.25
N THR E 266 21.44 19.71 -45.98
CA THR E 266 21.33 19.44 -47.42
C THR E 266 22.37 18.40 -47.90
N PRO E 267 22.10 17.72 -49.04
CA PRO E 267 23.10 16.84 -49.66
C PRO E 267 24.44 17.52 -49.97
N ASP E 268 24.38 18.75 -50.47
CA ASP E 268 25.56 19.57 -50.77
C ASP E 268 26.49 19.71 -49.57
N GLU E 269 25.90 19.97 -48.40
CA GLU E 269 26.63 20.18 -47.16
C GLU E 269 27.25 18.88 -46.64
N ALA E 270 26.47 17.80 -46.70
CA ALA E 270 26.89 16.45 -46.30
C ALA E 270 28.13 16.04 -47.08
N GLU E 271 28.04 16.13 -48.41
CA GLU E 271 29.15 15.87 -49.31
C GLU E 271 30.42 16.64 -48.92
N ALA E 272 30.27 17.95 -48.74
CA ALA E 272 31.36 18.83 -48.41
C ALA E 272 32.07 18.47 -47.11
N ASP E 273 31.28 18.18 -46.07
CA ASP E 273 31.83 17.85 -44.75
C ASP E 273 32.45 16.45 -44.75
N ILE E 274 31.82 15.51 -45.44
CA ILE E 274 32.28 14.13 -45.37
C ILE E 274 33.52 13.85 -46.22
N ARG E 275 33.65 14.50 -47.37
CA ARG E 275 34.90 14.39 -48.13
C ARG E 275 36.04 15.17 -47.47
N LYS E 276 35.69 16.14 -46.62
CA LYS E 276 36.67 16.77 -45.72
C LYS E 276 37.07 15.79 -44.63
N ARG E 277 36.12 14.99 -44.16
CA ARG E 277 36.37 13.97 -43.12
C ARG E 277 37.12 12.76 -43.68
N VAL E 278 36.74 12.29 -44.85
CA VAL E 278 37.43 11.16 -45.48
C VAL E 278 38.83 11.53 -46.00
N GLU E 279 39.02 12.82 -46.30
CA GLU E 279 40.35 13.36 -46.63
C GLU E 279 41.25 13.29 -45.40
N ASN E 280 40.66 13.53 -44.22
CA ASN E 280 41.41 13.46 -42.98
C ASN E 280 41.29 12.11 -42.25
N LYS E 281 41.21 11.02 -43.03
CA LYS E 281 41.42 9.67 -42.53
C LYS E 281 40.37 9.21 -41.51
N GLU E 282 39.12 9.60 -41.73
CA GLU E 282 38.05 9.16 -40.84
C GLU E 282 37.27 7.99 -41.44
N VAL E 283 36.82 7.09 -40.57
CA VAL E 283 35.95 6.00 -40.98
C VAL E 283 34.53 6.54 -41.02
N VAL E 284 33.81 6.24 -42.09
CA VAL E 284 32.40 6.62 -42.17
C VAL E 284 31.54 5.36 -42.06
N ILE E 285 30.81 5.27 -40.96
CA ILE E 285 30.04 4.08 -40.62
C ILE E 285 28.87 3.87 -41.58
N GLY E 286 28.57 2.61 -41.85
CA GLY E 286 27.53 2.21 -42.76
C GLY E 286 28.14 1.82 -44.07
N PHE E 287 29.47 1.81 -44.11
CA PHE E 287 30.22 1.56 -45.34
C PHE E 287 31.31 0.54 -45.17
N GLY E 288 31.48 -0.28 -46.20
CA GLY E 288 32.41 -1.41 -46.14
C GLY E 288 31.84 -2.55 -45.32
N HIS E 289 32.56 -3.67 -45.32
CA HIS E 289 32.10 -4.85 -44.58
C HIS E 289 33.29 -5.80 -44.43
N PRO E 290 33.37 -6.50 -43.27
CA PRO E 290 34.47 -7.46 -43.05
C PRO E 290 34.51 -8.56 -44.12
N VAL E 291 33.34 -9.11 -44.46
CA VAL E 291 33.24 -10.26 -45.36
C VAL E 291 33.06 -9.86 -46.84
N TYR E 292 32.00 -9.11 -47.12
CA TYR E 292 31.65 -8.71 -48.50
C TYR E 292 32.76 -7.90 -49.19
N THR E 293 32.98 -8.20 -50.47
CA THR E 293 34.02 -7.51 -51.24
C THR E 293 33.45 -6.70 -52.41
N ILE E 294 32.20 -6.96 -52.75
CA ILE E 294 31.59 -6.31 -53.91
C ILE E 294 30.38 -5.49 -53.46
N ALA E 295 29.43 -6.14 -52.80
CA ALA E 295 28.27 -5.45 -52.24
C ALA E 295 27.71 -6.21 -51.04
N ASP E 296 26.93 -5.49 -50.22
CA ASP E 296 26.07 -6.09 -49.21
C ASP E 296 24.73 -6.29 -49.89
N PRO E 297 24.33 -7.55 -50.13
CA PRO E 297 23.09 -7.88 -50.85
C PRO E 297 21.83 -7.40 -50.12
N ARG E 298 21.95 -7.16 -48.82
CA ARG E 298 20.85 -6.66 -48.03
C ARG E 298 20.63 -5.16 -48.23
N HIS E 299 21.68 -4.46 -48.68
CA HIS E 299 21.62 -3.03 -48.94
C HIS E 299 20.62 -2.66 -50.05
N GLN E 300 20.71 -3.31 -51.21
CA GLN E 300 19.84 -2.93 -52.32
C GLN E 300 18.37 -3.12 -51.93
N VAL E 301 18.09 -4.16 -51.15
CA VAL E 301 16.74 -4.39 -50.65
C VAL E 301 16.29 -3.22 -49.76
N ILE E 302 17.07 -2.94 -48.71
CA ILE E 302 16.72 -1.92 -47.72
C ILE E 302 16.65 -0.49 -48.28
N LYS E 303 17.54 -0.18 -49.23
CA LYS E 303 17.50 1.13 -49.88
C LYS E 303 16.14 1.33 -50.56
N ARG E 304 15.69 0.29 -51.24
CA ARG E 304 14.38 0.26 -51.91
C ARG E 304 13.23 0.44 -50.90
N VAL E 305 13.30 -0.26 -49.77
CA VAL E 305 12.33 -0.09 -48.68
C VAL E 305 12.36 1.35 -48.18
N ALA E 306 13.54 1.84 -47.83
CA ALA E 306 13.73 3.23 -47.42
C ALA E 306 13.13 4.25 -48.40
N LYS E 307 13.39 4.08 -49.70
CA LYS E 307 12.86 4.98 -50.72
C LYS E 307 11.32 5.01 -50.72
N GLN E 308 10.71 3.82 -50.75
CA GLN E 308 9.26 3.71 -50.76
C GLN E 308 8.66 4.34 -49.51
N LEU E 309 9.19 3.99 -48.34
CA LEU E 309 8.76 4.58 -47.07
C LEU E 309 8.85 6.11 -47.03
N SER E 310 9.89 6.66 -47.67
CA SER E 310 10.12 8.11 -47.70
C SER E 310 9.13 8.82 -48.63
N GLU E 311 8.91 8.22 -49.80
CA GLU E 311 7.96 8.72 -50.81
C GLU E 311 6.53 8.81 -50.28
N GLU E 312 6.13 7.80 -49.51
CA GLU E 312 4.77 7.74 -48.97
C GLU E 312 4.69 8.58 -47.70
N GLY E 313 5.54 8.25 -46.72
CA GLY E 313 5.66 9.01 -45.47
C GLY E 313 5.92 10.50 -45.65
N GLY E 314 6.55 10.87 -46.76
CA GLY E 314 6.72 12.29 -47.12
C GLY E 314 8.15 12.80 -47.31
N SER E 315 8.89 12.93 -46.20
CA SER E 315 10.20 13.65 -46.20
C SER E 315 11.39 12.85 -46.77
N LEU E 316 11.80 13.23 -47.98
CA LEU E 316 12.90 12.58 -48.70
C LEU E 316 14.30 13.15 -48.39
N LYS E 317 14.36 14.14 -47.50
CA LYS E 317 15.61 14.82 -47.15
C LYS E 317 16.67 13.85 -46.62
N MET E 318 16.26 12.99 -45.70
CA MET E 318 17.16 12.00 -45.12
C MET E 318 17.64 11.03 -46.21
N TYR E 319 16.71 10.54 -47.03
CA TYR E 319 17.04 9.62 -48.11
C TYR E 319 18.06 10.24 -49.05
N HIS E 320 17.81 11.49 -49.42
CA HIS E 320 18.66 12.21 -50.35
C HIS E 320 20.07 12.45 -49.80
N ILE E 321 20.18 12.71 -48.51
CA ILE E 321 21.50 12.84 -47.89
C ILE E 321 22.23 11.49 -47.82
N ALA E 322 21.44 10.42 -47.70
CA ALA E 322 21.98 9.07 -47.59
C ALA E 322 22.47 8.57 -48.95
N ASP E 323 21.72 8.90 -49.99
CA ASP E 323 22.05 8.54 -51.37
C ASP E 323 23.28 9.31 -51.91
N ARG E 324 23.33 10.61 -51.63
CA ARG E 324 24.47 11.45 -51.98
C ARG E 324 25.76 10.96 -51.30
N LEU E 325 25.67 10.58 -50.03
CA LEU E 325 26.84 10.07 -49.34
C LEU E 325 27.26 8.70 -49.89
N GLU E 326 26.30 7.89 -50.33
CA GLU E 326 26.61 6.65 -51.04
C GLU E 326 27.53 6.96 -52.24
N THR E 327 27.07 7.92 -53.06
CA THR E 327 27.86 8.41 -54.20
C THR E 327 29.24 8.88 -53.76
N VAL E 328 29.27 9.78 -52.78
CA VAL E 328 30.53 10.35 -52.29
C VAL E 328 31.51 9.29 -51.80
N MET E 329 31.00 8.30 -51.06
CA MET E 329 31.84 7.24 -50.52
C MET E 329 32.37 6.29 -51.60
N TRP E 330 31.61 6.10 -52.68
CA TRP E 330 32.15 5.32 -53.79
C TRP E 330 33.25 6.07 -54.55
N GLU E 331 33.02 7.35 -54.82
CA GLU E 331 33.98 8.20 -55.53
C GLU E 331 35.25 8.45 -54.69
N THR E 332 35.09 8.47 -53.37
CA THR E 332 36.15 8.85 -52.45
C THR E 332 37.07 7.69 -52.09
N LYS E 333 36.48 6.62 -51.58
CA LYS E 333 37.21 5.55 -50.89
C LYS E 333 36.98 4.19 -51.55
N LYS E 334 36.12 4.17 -52.58
CA LYS E 334 35.67 2.94 -53.24
C LYS E 334 35.00 1.98 -52.25
N MET E 335 34.12 2.54 -51.43
CA MET E 335 33.40 1.76 -50.44
C MET E 335 31.91 1.75 -50.75
N PHE E 336 31.33 0.55 -50.69
CA PHE E 336 29.89 0.35 -50.88
C PHE E 336 29.18 0.45 -49.53
N PRO E 337 27.90 0.85 -49.54
CA PRO E 337 27.14 0.89 -48.28
C PRO E 337 26.75 -0.51 -47.81
N ASN E 338 26.68 -0.72 -46.49
CA ASN E 338 26.14 -1.97 -45.95
C ASN E 338 24.74 -1.73 -45.42
N LEU E 339 24.04 -2.80 -45.03
CA LEU E 339 22.65 -2.75 -44.56
C LEU E 339 22.39 -1.64 -43.53
N ASP E 340 23.42 -1.26 -42.79
CA ASP E 340 23.28 -0.28 -41.72
C ASP E 340 23.20 1.18 -42.17
N TRP E 341 23.28 1.41 -43.48
CA TRP E 341 23.25 2.75 -44.00
C TRP E 341 21.83 3.18 -44.39
N PHE E 342 21.11 2.33 -45.12
CA PHE E 342 19.74 2.68 -45.45
C PHE E 342 18.66 2.21 -44.46
N SER E 343 18.99 1.26 -43.58
CA SER E 343 18.02 0.83 -42.55
C SER E 343 17.73 1.98 -41.57
N ALA E 344 18.73 2.83 -41.35
CA ALA E 344 18.58 4.08 -40.60
C ALA E 344 17.45 4.93 -41.16
N VAL E 345 17.45 5.14 -42.47
CA VAL E 345 16.38 5.90 -43.13
C VAL E 345 15.02 5.24 -42.91
N SER E 346 14.92 3.95 -43.20
CA SER E 346 13.61 3.27 -43.19
C SER E 346 12.99 3.12 -41.81
N TYR E 347 13.79 2.79 -40.81
CA TYR E 347 13.27 2.74 -39.44
C TYR E 347 12.79 4.10 -38.97
N ASN E 348 13.57 5.14 -39.30
CA ASN E 348 13.20 6.51 -38.98
C ASN E 348 11.89 6.95 -39.61
N MET E 349 11.63 6.50 -40.84
CA MET E 349 10.38 6.84 -41.54
C MET E 349 9.16 6.25 -40.84
N MET E 350 9.35 5.08 -40.22
CA MET E 350 8.36 4.43 -39.37
C MET E 350 8.39 4.95 -37.92
N GLY E 351 9.06 6.08 -37.71
CA GLY E 351 9.07 6.71 -36.38
C GLY E 351 9.70 5.91 -35.26
N VAL E 352 10.68 5.05 -35.60
CA VAL E 352 11.39 4.30 -34.60
C VAL E 352 12.45 5.20 -33.93
N PRO E 353 12.33 5.42 -32.62
CA PRO E 353 13.37 6.17 -31.91
C PRO E 353 14.72 5.50 -32.14
N THR E 354 15.75 6.30 -32.33
CA THR E 354 17.08 5.80 -32.67
C THR E 354 17.60 4.74 -31.69
N GLU E 355 17.33 4.93 -30.40
CA GLU E 355 17.78 3.99 -29.40
C GLU E 355 17.00 2.67 -29.36
N MET E 356 16.04 2.51 -30.25
CA MET E 356 15.36 1.23 -30.42
C MET E 356 15.82 0.46 -31.65
N PHE E 357 16.79 1.03 -32.37
CA PHE E 357 17.36 0.41 -33.57
C PHE E 357 18.00 -0.93 -33.22
N THR E 358 18.97 -0.91 -32.31
CA THR E 358 19.65 -2.15 -31.92
C THR E 358 18.70 -3.17 -31.29
N PRO E 359 17.75 -2.71 -30.44
CA PRO E 359 16.72 -3.64 -29.92
C PRO E 359 15.91 -4.36 -31.01
N LEU E 360 15.67 -3.68 -32.15
CA LEU E 360 15.03 -4.34 -33.30
C LEU E 360 15.96 -5.35 -33.94
N PHE E 361 17.25 -5.01 -33.95
CA PHE E 361 18.28 -5.92 -34.39
C PHE E 361 18.20 -7.21 -33.53
N VAL E 362 17.99 -7.06 -32.22
CA VAL E 362 17.83 -8.22 -31.29
C VAL E 362 16.60 -9.07 -31.61
N ILE E 363 15.49 -8.42 -31.95
CA ILE E 363 14.25 -9.13 -32.28
C ILE E 363 14.42 -9.96 -33.56
N ALA E 364 15.15 -9.41 -34.53
CA ALA E 364 15.44 -10.17 -35.74
C ALA E 364 16.46 -11.29 -35.49
N ARG E 365 17.57 -10.95 -34.81
CA ARG E 365 18.75 -11.81 -34.83
C ARG E 365 18.70 -12.91 -33.78
N VAL E 366 17.79 -12.76 -32.82
CA VAL E 366 17.52 -13.83 -31.86
C VAL E 366 17.22 -15.17 -32.56
N THR E 367 16.70 -15.09 -33.79
CA THR E 367 16.35 -16.29 -34.57
C THR E 367 17.59 -17.01 -35.11
N GLY E 368 18.55 -16.24 -35.65
CA GLY E 368 19.90 -16.74 -35.91
C GLY E 368 20.58 -17.25 -34.65
N TRP E 369 20.53 -16.48 -33.57
CA TRP E 369 21.12 -16.95 -32.31
C TRP E 369 20.57 -18.32 -31.91
N ALA E 370 19.25 -18.44 -31.90
CA ALA E 370 18.59 -19.67 -31.44
C ALA E 370 19.02 -20.85 -32.29
N ALA E 371 19.20 -20.61 -33.57
CA ALA E 371 19.65 -21.67 -34.48
C ALA E 371 21.11 -22.09 -34.21
N HIS E 372 22.00 -21.13 -34.01
CA HIS E 372 23.40 -21.41 -33.69
C HIS E 372 23.62 -22.07 -32.35
N ILE E 373 22.85 -21.67 -31.34
CA ILE E 373 22.93 -22.27 -30.02
C ILE E 373 22.57 -23.76 -30.12
N ILE E 374 21.44 -24.06 -30.76
CA ILE E 374 20.95 -25.42 -30.96
C ILE E 374 21.97 -26.28 -31.69
N GLU E 375 22.51 -25.72 -32.76
CA GLU E 375 23.52 -26.37 -33.59
C GLU E 375 24.80 -26.64 -32.80
N GLN E 376 25.19 -25.68 -31.97
CA GLN E 376 26.37 -25.82 -31.14
C GLN E 376 26.22 -26.99 -30.17
N ARG E 377 25.06 -27.09 -29.53
CA ARG E 377 24.80 -28.17 -28.60
C ARG E 377 24.90 -29.55 -29.27
N GLN E 378 24.48 -29.62 -30.53
CA GLN E 378 24.36 -30.90 -31.24
C GLN E 378 25.70 -31.51 -31.60
N ASP E 379 26.70 -30.65 -31.82
CA ASP E 379 28.06 -31.11 -32.07
C ASP E 379 29.03 -30.02 -31.65
N ASN E 380 29.47 -30.06 -30.39
CA ASN E 380 30.38 -28.99 -29.94
C ASN E 380 31.79 -29.26 -29.45
N LYS E 381 32.73 -28.81 -30.28
CA LYS E 381 34.00 -28.26 -29.84
C LYS E 381 33.94 -26.86 -30.43
N ILE E 382 34.64 -25.91 -29.81
CA ILE E 382 34.67 -24.53 -30.31
C ILE E 382 36.11 -24.09 -30.54
N ILE E 383 37.02 -25.06 -30.39
CA ILE E 383 38.47 -24.86 -30.38
C ILE E 383 38.88 -24.13 -29.09
N ARG E 384 39.72 -24.80 -28.29
CA ARG E 384 40.15 -24.33 -26.97
C ARG E 384 40.78 -22.92 -26.86
N PRO E 385 41.73 -22.56 -27.76
CA PRO E 385 42.63 -21.41 -27.79
C PRO E 385 42.91 -20.49 -26.60
N SER E 386 44.17 -20.05 -26.58
CA SER E 386 44.71 -19.16 -25.58
C SER E 386 45.32 -17.93 -26.27
N ALA E 387 46.16 -17.22 -25.54
CA ALA E 387 46.63 -15.91 -25.99
C ALA E 387 48.11 -15.88 -26.37
N ASN E 388 48.53 -14.73 -26.89
CA ASN E 388 49.94 -14.39 -27.00
C ASN E 388 50.31 -13.49 -25.83
N TYR E 389 51.25 -13.95 -25.00
CA TYR E 389 51.67 -13.21 -23.80
C TYR E 389 52.63 -12.07 -24.12
N THR E 390 52.38 -10.91 -23.51
CA THR E 390 53.17 -9.69 -23.73
C THR E 390 53.54 -9.00 -22.41
N GLY E 391 53.36 -9.71 -21.29
CA GLY E 391 53.57 -9.11 -19.98
C GLY E 391 54.97 -9.30 -19.45
N PRO E 392 55.17 -9.00 -18.15
CA PRO E 392 56.48 -9.19 -17.51
C PRO E 392 56.86 -10.66 -17.33
N GLU E 393 58.16 -10.94 -17.38
CA GLU E 393 58.68 -12.27 -17.07
C GLU E 393 58.43 -12.55 -15.59
N ASP E 394 58.68 -13.79 -15.15
CA ASP E 394 58.58 -14.13 -13.74
C ASP E 394 59.44 -13.20 -12.87
N ARG E 395 58.84 -12.69 -11.81
CA ARG E 395 59.51 -11.74 -10.92
C ARG E 395 59.32 -12.14 -9.47
N PRO E 396 60.30 -11.80 -8.61
CA PRO E 396 60.16 -12.18 -7.21
C PRO E 396 59.00 -11.46 -6.53
N PHE E 397 58.38 -12.14 -5.58
CA PHE E 397 57.35 -11.54 -4.71
C PHE E 397 57.95 -10.43 -3.82
N VAL E 398 57.18 -9.36 -3.66
CA VAL E 398 57.58 -8.23 -2.82
C VAL E 398 56.57 -8.12 -1.68
N SER E 399 57.07 -8.16 -0.45
CA SER E 399 56.21 -8.04 0.73
C SER E 399 55.55 -6.68 0.79
N ILE E 400 54.41 -6.61 1.47
CA ILE E 400 53.61 -5.39 1.49
C ILE E 400 54.37 -4.16 2.01
N ASP E 401 55.14 -4.34 3.07
CA ASP E 401 55.91 -3.23 3.60
C ASP E 401 57.09 -2.88 2.69
N ASP E 402 57.57 -3.87 1.94
CA ASP E 402 58.71 -3.72 1.03
C ASP E 402 58.38 -2.97 -0.27
N ARG E 403 57.11 -2.71 -0.52
CA ARG E 403 56.73 -1.91 -1.69
C ARG E 403 56.54 -0.44 -1.33
N CYS E 404 56.95 0.45 -2.24
CA CYS E 404 57.01 1.89 -2.00
C CYS E 404 56.72 2.67 -3.28
N PRO F 41 46.47 -17.80 -30.79
CA PRO F 41 46.53 -16.56 -31.56
C PRO F 41 45.23 -15.75 -31.49
N ALA F 42 44.39 -16.07 -30.50
CA ALA F 42 43.09 -15.43 -30.33
C ALA F 42 43.14 -13.96 -29.86
N GLY F 43 44.28 -13.55 -29.31
CA GLY F 43 44.50 -12.18 -28.84
C GLY F 43 45.76 -11.99 -28.00
N ASN F 44 46.01 -10.75 -27.62
CA ASN F 44 47.17 -10.40 -26.77
C ASN F 44 46.78 -10.20 -25.31
N THR F 45 47.65 -10.66 -24.41
CA THR F 45 47.46 -10.42 -22.98
C THR F 45 48.78 -10.17 -22.26
N ALA F 46 48.72 -9.32 -21.23
CA ALA F 46 49.85 -9.07 -20.35
C ALA F 46 49.51 -9.50 -18.91
N LEU F 47 48.45 -10.29 -18.78
CA LEU F 47 47.82 -10.54 -17.48
C LEU F 47 48.27 -11.78 -16.75
N CYS F 48 48.52 -12.86 -17.50
CA CYS F 48 48.65 -14.18 -16.88
C CYS F 48 49.33 -15.20 -17.77
N THR F 49 50.12 -16.07 -17.15
CA THR F 49 50.75 -17.19 -17.86
C THR F 49 50.32 -18.50 -17.22
N VAL F 50 50.02 -19.48 -18.07
CA VAL F 50 49.50 -20.77 -17.65
C VAL F 50 50.31 -21.89 -18.27
N GLY F 51 50.86 -22.75 -17.42
CA GLY F 51 51.55 -23.97 -17.87
C GLY F 51 52.70 -23.84 -18.84
N LYS F 52 53.46 -22.75 -18.72
CA LYS F 52 54.68 -22.56 -19.53
C LYS F 52 55.76 -23.61 -19.24
N SER F 53 55.78 -24.10 -18.00
CA SER F 53 56.67 -25.19 -17.58
C SER F 53 55.88 -26.48 -17.39
N GLY F 54 54.57 -26.36 -17.45
CA GLY F 54 53.69 -27.51 -17.29
C GLY F 54 52.99 -27.57 -15.94
N ASN F 55 53.42 -26.72 -15.01
CA ASN F 55 52.92 -26.76 -13.63
C ASN F 55 52.91 -25.40 -12.94
N ASP F 56 52.77 -24.35 -13.74
CA ASP F 56 53.04 -22.99 -13.30
C ASP F 56 51.90 -22.03 -13.63
N LEU F 57 51.70 -21.04 -12.75
CA LEU F 57 50.67 -20.02 -12.92
C LEU F 57 51.17 -18.68 -12.38
N HIS F 58 51.05 -17.65 -13.20
CA HIS F 58 51.51 -16.30 -12.81
C HIS F 58 50.46 -15.24 -13.15
N TYR F 59 50.18 -14.36 -12.17
CA TYR F 59 49.40 -13.17 -12.41
C TYR F 59 50.37 -12.01 -12.51
N ARG F 60 50.42 -11.35 -13.66
CA ARG F 60 51.35 -10.24 -13.87
C ARG F 60 52.78 -10.53 -13.36
N GLY F 61 53.31 -11.70 -13.71
CA GLY F 61 54.68 -12.07 -13.36
C GLY F 61 54.83 -12.67 -11.97
N TYR F 62 53.81 -12.50 -11.12
CA TYR F 62 53.83 -13.05 -9.77
C TYR F 62 53.34 -14.49 -9.70
N ASP F 63 54.12 -15.33 -9.04
CA ASP F 63 53.81 -16.73 -8.84
C ASP F 63 52.56 -16.90 -7.97
N ILE F 64 51.67 -17.78 -8.41
CA ILE F 64 50.45 -18.10 -7.67
C ILE F 64 50.79 -18.58 -6.25
N LEU F 65 51.85 -19.39 -6.14
CA LEU F 65 52.31 -19.91 -4.85
C LEU F 65 52.57 -18.82 -3.81
N ASP F 66 53.29 -17.77 -4.20
CA ASP F 66 53.58 -16.64 -3.32
C ASP F 66 52.32 -15.83 -3.01
N LEU F 67 51.49 -15.67 -4.03
CA LEU F 67 50.25 -14.89 -3.96
C LEU F 67 49.26 -15.50 -2.98
N ALA F 68 49.00 -16.80 -3.14
CA ALA F 68 48.09 -17.51 -2.26
C ALA F 68 48.64 -17.70 -0.83
N GLU F 69 49.96 -17.79 -0.69
CA GLU F 69 50.56 -17.86 0.64
C GLU F 69 50.48 -16.52 1.37
N HIS F 70 50.83 -15.42 0.69
CA HIS F 70 51.06 -14.16 1.41
C HIS F 70 49.99 -13.06 1.27
N CYS F 71 49.03 -13.23 0.35
CA CYS F 71 48.09 -12.14 0.04
C CYS F 71 46.65 -12.36 0.46
N GLU F 72 46.00 -11.27 0.87
CA GLU F 72 44.55 -11.22 0.96
C GLU F 72 44.07 -11.18 -0.48
N PHE F 73 42.86 -11.69 -0.72
CA PHE F 73 42.26 -11.63 -2.03
C PHE F 73 42.16 -10.19 -2.54
N GLU F 74 41.79 -9.27 -1.64
CA GLU F 74 41.75 -7.84 -1.96
C GLU F 74 43.05 -7.32 -2.60
N GLU F 75 44.20 -7.91 -2.24
CA GLU F 75 45.48 -7.50 -2.83
C GLU F 75 45.63 -7.99 -4.28
N VAL F 76 45.16 -9.21 -4.54
CA VAL F 76 45.21 -9.78 -5.88
C VAL F 76 44.23 -9.03 -6.78
N ALA F 77 43.03 -8.79 -6.26
CA ALA F 77 42.03 -7.93 -6.89
C ALA F 77 42.66 -6.62 -7.37
N HIS F 78 43.39 -5.96 -6.47
CA HIS F 78 44.04 -4.69 -6.76
C HIS F 78 45.09 -4.85 -7.86
N LEU F 79 45.86 -5.94 -7.79
CA LEU F 79 46.88 -6.22 -8.81
C LEU F 79 46.26 -6.42 -10.19
N LEU F 80 45.12 -7.10 -10.23
CA LEU F 80 44.49 -7.40 -11.50
C LEU F 80 43.75 -6.17 -12.04
N ILE F 81 42.87 -5.60 -11.22
CA ILE F 81 42.02 -4.48 -11.62
C ILE F 81 42.77 -3.15 -11.71
N HIS F 82 43.59 -2.86 -10.71
CA HIS F 82 44.31 -1.59 -10.68
C HIS F 82 45.75 -1.68 -11.22
N GLY F 83 46.29 -2.89 -11.31
CA GLY F 83 47.53 -3.11 -12.05
C GLY F 83 48.81 -3.29 -11.26
N LYS F 84 48.70 -3.38 -9.94
CA LYS F 84 49.88 -3.61 -9.09
C LYS F 84 49.54 -4.01 -7.67
N LEU F 85 50.51 -4.67 -7.03
CA LEU F 85 50.42 -5.04 -5.62
C LEU F 85 50.37 -3.78 -4.77
N PRO F 86 49.32 -3.64 -3.96
CA PRO F 86 49.14 -2.36 -3.28
C PRO F 86 50.08 -2.17 -2.08
N THR F 87 50.48 -0.93 -1.82
CA THR F 87 51.17 -0.61 -0.57
C THR F 87 50.18 -0.74 0.58
N ARG F 88 50.67 -0.67 1.82
CA ARG F 88 49.79 -0.76 2.97
C ARG F 88 48.74 0.37 2.97
N ASP F 89 49.19 1.60 2.73
CA ASP F 89 48.27 2.75 2.63
C ASP F 89 47.25 2.51 1.51
N GLU F 90 47.72 2.07 0.35
CA GLU F 90 46.84 1.71 -0.76
C GLU F 90 45.79 0.66 -0.39
N LEU F 91 46.20 -0.41 0.29
CA LEU F 91 45.26 -1.45 0.70
C LEU F 91 44.23 -0.96 1.73
N ASN F 92 44.68 -0.21 2.73
CA ASN F 92 43.78 0.36 3.73
C ASN F 92 42.61 1.12 3.08
N ALA F 93 42.94 1.96 2.10
CA ALA F 93 41.98 2.79 1.39
C ALA F 93 41.02 2.00 0.47
N TYR F 94 41.57 1.01 -0.24
CA TYR F 94 40.83 0.16 -1.18
C TYR F 94 39.76 -0.65 -0.47
N LYS F 95 40.14 -1.21 0.69
CA LYS F 95 39.23 -1.95 1.57
C LYS F 95 38.18 -1.04 2.19
N SER F 96 38.58 0.16 2.57
CA SER F 96 37.60 1.16 3.03
C SER F 96 36.59 1.51 1.93
N LYS F 97 37.07 1.60 0.69
CA LYS F 97 36.23 1.91 -0.45
C LYS F 97 35.33 0.72 -0.81
N LEU F 98 35.90 -0.48 -0.84
CA LEU F 98 35.14 -1.69 -1.19
C LEU F 98 34.08 -2.05 -0.16
N LYS F 99 34.38 -1.77 1.10
CA LYS F 99 33.46 -1.98 2.22
C LYS F 99 32.26 -1.07 2.10
N ALA F 100 32.50 0.18 1.69
CA ALA F 100 31.42 1.15 1.44
C ALA F 100 30.65 0.90 0.12
N LEU F 101 31.13 -0.03 -0.70
CA LEU F 101 30.48 -0.33 -1.97
C LEU F 101 29.58 -1.59 -1.95
N ARG F 102 29.28 -2.09 -0.75
CA ARG F 102 28.49 -3.32 -0.56
C ARG F 102 26.98 -3.16 -0.75
N GLY F 103 26.51 -1.91 -0.82
CA GLY F 103 25.08 -1.64 -0.80
C GLY F 103 24.30 -1.98 -2.06
N LEU F 104 23.00 -2.15 -1.88
CA LEU F 104 22.11 -2.44 -2.98
C LEU F 104 21.11 -1.29 -3.17
N PRO F 105 21.09 -0.71 -4.37
CA PRO F 105 20.14 0.33 -4.74
C PRO F 105 18.69 -0.13 -4.57
N ALA F 106 17.81 0.82 -4.26
CA ALA F 106 16.40 0.57 -3.94
C ALA F 106 15.70 -0.23 -5.02
N ASN F 107 15.96 0.15 -6.27
CA ASN F 107 15.32 -0.46 -7.42
C ASN F 107 15.88 -1.86 -7.64
N VAL F 108 17.17 -2.03 -7.35
CA VAL F 108 17.85 -3.32 -7.48
C VAL F 108 17.30 -4.33 -6.48
N ARG F 109 17.07 -3.87 -5.24
CA ARG F 109 16.41 -4.69 -4.22
C ARG F 109 15.04 -5.21 -4.69
N THR F 110 14.27 -4.31 -5.29
CA THR F 110 12.96 -4.67 -5.85
C THR F 110 13.11 -5.72 -6.94
N VAL F 111 14.11 -5.58 -7.80
CA VAL F 111 14.39 -6.58 -8.82
C VAL F 111 14.65 -7.96 -8.21
N LEU F 112 15.60 -8.05 -7.29
CA LEU F 112 15.97 -9.31 -6.64
C LEU F 112 14.80 -9.98 -5.92
N GLU F 113 13.94 -9.16 -5.32
CA GLU F 113 12.80 -9.68 -4.59
C GLU F 113 11.77 -10.33 -5.53
N ALA F 114 11.80 -9.97 -6.81
CA ALA F 114 10.89 -10.55 -7.81
C ALA F 114 11.38 -11.89 -8.37
N LEU F 115 12.61 -12.26 -8.03
CA LEU F 115 13.22 -13.48 -8.55
C LEU F 115 12.91 -14.62 -7.61
N PRO F 116 12.22 -15.66 -8.09
CA PRO F 116 11.76 -16.70 -7.17
C PRO F 116 12.89 -17.48 -6.54
N ALA F 117 12.59 -18.12 -5.41
CA ALA F 117 13.52 -18.98 -4.68
C ALA F 117 14.20 -20.05 -5.52
N ALA F 118 13.52 -20.58 -6.54
CA ALA F 118 14.10 -21.69 -7.31
C ALA F 118 15.09 -21.23 -8.38
N SER F 119 15.25 -19.91 -8.51
CA SER F 119 16.19 -19.37 -9.48
C SER F 119 17.57 -19.98 -9.32
N HIS F 120 18.19 -20.26 -10.46
CA HIS F 120 19.60 -20.61 -10.48
C HIS F 120 20.34 -19.42 -9.92
N PRO F 121 21.19 -19.65 -8.91
CA PRO F 121 21.92 -18.54 -8.27
C PRO F 121 22.80 -17.74 -9.25
N MET F 122 23.32 -18.40 -10.27
CA MET F 122 24.04 -17.71 -11.34
C MET F 122 23.13 -16.73 -12.12
N ASP F 123 21.90 -17.17 -12.42
CA ASP F 123 20.87 -16.31 -13.04
C ASP F 123 20.49 -15.11 -12.16
N VAL F 124 20.57 -15.28 -10.85
CA VAL F 124 20.29 -14.20 -9.90
C VAL F 124 21.38 -13.14 -9.98
N MET F 125 22.63 -13.60 -10.01
CA MET F 125 23.77 -12.72 -10.19
C MET F 125 23.67 -12.00 -11.54
N ARG F 126 23.46 -12.79 -12.60
CA ARG F 126 23.21 -12.28 -13.96
C ARG F 126 22.17 -11.17 -13.95
N THR F 127 20.99 -11.46 -13.43
CA THR F 127 19.88 -10.50 -13.37
C THR F 127 20.21 -9.24 -12.57
N GLY F 128 20.90 -9.43 -11.44
CA GLY F 128 21.27 -8.31 -10.55
C GLY F 128 22.31 -7.36 -11.13
N VAL F 129 23.38 -7.93 -11.71
CA VAL F 129 24.40 -7.18 -12.42
C VAL F 129 23.74 -6.49 -13.61
N SER F 130 22.79 -7.17 -14.24
CA SER F 130 22.04 -6.59 -15.35
C SER F 130 21.29 -5.35 -14.90
N ALA F 131 20.57 -5.45 -13.77
CA ALA F 131 19.81 -4.32 -13.25
C ALA F 131 20.72 -3.17 -12.79
N LEU F 132 21.87 -3.52 -12.21
CA LEU F 132 22.83 -2.53 -11.72
C LEU F 132 23.42 -1.72 -12.89
N GLY F 133 23.58 -2.38 -14.04
CA GLY F 133 24.03 -1.72 -15.26
C GLY F 133 23.04 -0.66 -15.70
N CYS F 134 21.75 -0.93 -15.51
CA CYS F 134 20.68 0.03 -15.78
C CYS F 134 20.67 1.18 -14.79
N THR F 135 21.16 0.90 -13.57
CA THR F 135 21.01 1.81 -12.47
C THR F 135 22.23 2.72 -12.27
N LEU F 136 23.42 2.12 -12.33
CA LEU F 136 24.68 2.87 -12.25
C LEU F 136 25.48 2.66 -13.54
N PRO F 137 24.93 3.10 -14.68
CA PRO F 137 25.50 2.78 -15.98
C PRO F 137 26.91 3.33 -16.16
N GLU F 138 27.68 2.66 -16.99
CA GLU F 138 28.98 3.18 -17.37
C GLU F 138 28.76 4.45 -18.19
N LYS F 139 29.57 5.48 -17.94
CA LYS F 139 29.53 6.71 -18.74
C LYS F 139 29.97 6.45 -20.17
N GLU F 140 29.50 7.27 -21.10
CA GLU F 140 29.55 6.92 -22.52
C GLU F 140 30.94 6.81 -23.13
N GLY F 141 31.93 7.50 -22.53
CA GLY F 141 33.32 7.51 -23.00
C GLY F 141 34.16 6.27 -22.69
N HIS F 142 33.65 5.43 -21.79
CA HIS F 142 34.32 4.17 -21.42
C HIS F 142 35.76 4.27 -20.88
N THR F 143 36.04 5.31 -20.08
CA THR F 143 37.39 5.47 -19.51
C THR F 143 37.83 4.29 -18.63
N VAL F 144 39.13 4.03 -18.61
CA VAL F 144 39.73 3.00 -17.75
C VAL F 144 39.31 3.18 -16.29
N SER F 145 39.33 4.43 -15.83
CA SER F 145 39.00 4.80 -14.45
C SER F 145 37.58 4.38 -14.06
N GLY F 146 36.63 4.57 -14.98
CA GLY F 146 35.24 4.21 -14.74
C GLY F 146 34.99 2.73 -14.88
N ALA F 147 35.80 2.07 -15.69
CA ALA F 147 35.74 0.62 -15.85
C ALA F 147 36.12 -0.01 -14.53
N ARG F 148 37.23 0.47 -13.95
CA ARG F 148 37.70 0.04 -12.63
C ARG F 148 36.70 0.30 -11.50
N ASP F 149 35.96 1.40 -11.60
CA ASP F 149 34.92 1.76 -10.62
C ASP F 149 33.80 0.74 -10.63
N ILE F 150 33.41 0.33 -11.84
CA ILE F 150 32.37 -0.67 -12.01
C ILE F 150 32.83 -2.02 -11.48
N ALA F 151 34.06 -2.40 -11.84
CA ALA F 151 34.65 -3.66 -11.40
C ALA F 151 34.64 -3.75 -9.87
N ASP F 152 35.07 -2.67 -9.23
CA ASP F 152 35.13 -2.57 -7.76
C ASP F 152 33.77 -2.63 -7.08
N LYS F 153 32.79 -1.90 -7.61
CA LYS F 153 31.42 -1.99 -7.12
C LYS F 153 30.95 -3.43 -7.21
N LEU F 154 31.17 -4.08 -8.36
CA LEU F 154 30.74 -5.47 -8.58
C LEU F 154 31.46 -6.45 -7.66
N LEU F 155 32.76 -6.21 -7.45
CA LEU F 155 33.55 -7.06 -6.58
C LEU F 155 33.00 -7.02 -5.14
N ALA F 156 32.63 -5.82 -4.70
CA ALA F 156 32.12 -5.59 -3.36
C ALA F 156 30.64 -6.00 -3.20
N SER F 157 29.87 -5.99 -4.28
CA SER F 157 28.43 -6.19 -4.13
C SER F 157 27.88 -7.49 -4.71
N LEU F 158 28.71 -8.30 -5.37
CA LEU F 158 28.20 -9.55 -5.91
C LEU F 158 27.64 -10.46 -4.80
N SER F 159 28.28 -10.48 -3.65
CA SER F 159 27.78 -11.25 -2.50
C SER F 159 26.46 -10.68 -2.03
N SER F 160 26.34 -9.35 -2.08
CA SER F 160 25.14 -8.67 -1.64
C SER F 160 23.98 -9.09 -2.51
N ILE F 161 24.15 -8.90 -3.82
CA ILE F 161 23.15 -9.29 -4.81
C ILE F 161 22.67 -10.72 -4.53
N LEU F 162 23.63 -11.64 -4.48
CA LEU F 162 23.36 -13.07 -4.31
C LEU F 162 22.58 -13.33 -3.03
N LEU F 163 23.17 -12.96 -1.91
CA LEU F 163 22.65 -13.35 -0.59
C LEU F 163 21.40 -12.61 -0.12
N TYR F 164 21.22 -11.36 -0.55
CA TYR F 164 19.96 -10.64 -0.34
C TYR F 164 18.81 -11.38 -1.03
N TRP F 165 18.99 -11.77 -2.29
CA TRP F 165 18.00 -12.61 -2.97
C TRP F 165 17.76 -13.90 -2.18
N TYR F 166 18.85 -14.56 -1.79
CA TYR F 166 18.76 -15.85 -1.12
C TYR F 166 17.96 -15.75 0.18
N HIS F 167 18.41 -14.88 1.07
CA HIS F 167 17.73 -14.67 2.34
C HIS F 167 16.30 -14.12 2.26
N TYR F 168 15.99 -13.33 1.23
CA TYR F 168 14.60 -12.91 1.02
C TYR F 168 13.74 -14.04 0.46
N SER F 169 14.15 -14.60 -0.67
CA SER F 169 13.36 -15.65 -1.35
C SER F 169 13.19 -16.89 -0.47
N HIS F 170 14.24 -17.26 0.25
CA HIS F 170 14.23 -18.52 1.00
C HIS F 170 13.72 -18.36 2.43
N ASN F 171 13.95 -17.19 3.02
CA ASN F 171 13.73 -16.99 4.45
C ASN F 171 12.83 -15.80 4.76
N GLY F 172 12.46 -15.06 3.71
CA GLY F 172 11.52 -13.95 3.84
C GLY F 172 12.09 -12.79 4.63
N GLU F 173 13.41 -12.72 4.72
CA GLU F 173 14.07 -11.66 5.46
C GLU F 173 14.82 -10.71 4.55
N ARG F 174 14.76 -9.42 4.87
CA ARG F 174 15.53 -8.41 4.16
C ARG F 174 16.81 -8.12 4.93
N ILE F 175 17.91 -8.73 4.52
CA ILE F 175 19.18 -8.59 5.27
C ILE F 175 19.83 -7.23 5.07
N GLN F 176 20.68 -6.82 6.01
CA GLN F 176 21.55 -5.67 5.80
C GLN F 176 22.77 -6.18 5.04
N PRO F 177 22.97 -5.75 3.79
CA PRO F 177 24.16 -6.19 3.09
C PRO F 177 25.44 -5.46 3.53
N GLU F 178 25.30 -4.28 4.12
CA GLU F 178 26.46 -3.45 4.48
C GLU F 178 26.96 -3.79 5.88
N THR F 179 27.74 -4.86 5.95
CA THR F 179 28.27 -5.36 7.21
C THR F 179 29.58 -4.67 7.57
N ASP F 180 30.13 -4.99 8.74
CA ASP F 180 31.41 -4.43 9.17
C ASP F 180 32.60 -5.38 8.92
N ASP F 181 32.35 -6.47 8.20
CA ASP F 181 33.40 -7.43 7.89
C ASP F 181 34.52 -6.75 7.09
N ASP F 182 35.76 -7.18 7.33
CA ASP F 182 36.91 -6.50 6.76
C ASP F 182 37.45 -7.21 5.52
N SER F 183 36.59 -8.00 4.88
CA SER F 183 36.97 -8.70 3.67
C SER F 183 35.76 -9.30 2.96
N ILE F 184 35.84 -9.27 1.63
CA ILE F 184 34.90 -9.90 0.72
C ILE F 184 34.54 -11.31 1.17
N GLY F 185 35.56 -12.15 1.35
CA GLY F 185 35.39 -13.55 1.76
C GLY F 185 34.61 -13.65 3.06
N GLY F 186 35.03 -12.86 4.05
CA GLY F 186 34.31 -12.75 5.32
C GLY F 186 32.90 -12.17 5.19
N HIS F 187 32.75 -11.16 4.35
CA HIS F 187 31.44 -10.56 4.04
C HIS F 187 30.47 -11.59 3.46
N PHE F 188 30.97 -12.41 2.55
CA PHE F 188 30.17 -13.49 1.95
C PHE F 188 29.67 -14.46 3.00
N LEU F 189 30.61 -15.03 3.76
CA LEU F 189 30.27 -16.04 4.76
C LEU F 189 29.32 -15.49 5.86
N HIS F 190 29.48 -14.20 6.17
CA HIS F 190 28.58 -13.54 7.12
C HIS F 190 27.16 -13.42 6.55
N LEU F 191 27.03 -12.90 5.34
CA LEU F 191 25.72 -12.86 4.70
C LEU F 191 25.12 -14.25 4.56
N LEU F 192 25.97 -15.27 4.38
CA LEU F 192 25.51 -16.62 4.14
C LEU F 192 24.99 -17.31 5.38
N HIS F 193 25.81 -17.29 6.42
CA HIS F 193 25.49 -17.97 7.66
C HIS F 193 24.72 -17.10 8.64
N GLY F 194 24.60 -15.81 8.34
CA GLY F 194 23.98 -14.86 9.26
C GLY F 194 24.81 -14.65 10.52
N GLU F 195 26.09 -15.02 10.47
CA GLU F 195 27.04 -14.77 11.56
C GLU F 195 28.45 -14.59 11.01
N LYS F 196 29.18 -13.63 11.58
CA LYS F 196 30.60 -13.41 11.28
C LYS F 196 31.36 -14.75 11.40
N PRO F 197 32.18 -15.07 10.39
CA PRO F 197 32.95 -16.32 10.38
C PRO F 197 34.18 -16.27 11.29
N THR F 198 34.67 -17.45 11.70
CA THR F 198 35.97 -17.53 12.40
C THR F 198 37.05 -16.94 11.51
N GLN F 199 38.13 -16.47 12.13
CA GLN F 199 39.29 -15.98 11.38
C GLN F 199 39.81 -17.07 10.43
N SER F 200 39.76 -18.31 10.90
CA SER F 200 40.24 -19.45 10.13
C SER F 200 39.51 -19.55 8.80
N TRP F 201 38.18 -19.44 8.83
CA TRP F 201 37.35 -19.49 7.63
C TRP F 201 37.57 -18.30 6.73
N GLU F 202 37.81 -17.14 7.32
CA GLU F 202 38.12 -15.95 6.53
C GLU F 202 39.43 -16.11 5.75
N LYS F 203 40.49 -16.54 6.43
CA LYS F 203 41.79 -16.74 5.78
C LYS F 203 41.76 -17.75 4.65
N ALA F 204 40.94 -18.79 4.82
CA ALA F 204 40.74 -19.80 3.78
C ALA F 204 39.95 -19.26 2.58
N MET F 205 39.01 -18.34 2.85
CA MET F 205 38.28 -17.64 1.78
C MET F 205 39.23 -16.77 0.98
N HIS F 206 40.12 -16.05 1.65
CA HIS F 206 41.16 -15.28 0.97
C HIS F 206 41.89 -16.13 -0.06
N ILE F 207 42.42 -17.26 0.41
CA ILE F 207 43.22 -18.18 -0.39
C ILE F 207 42.43 -18.74 -1.59
N SER F 208 41.20 -19.20 -1.34
CA SER F 208 40.36 -19.75 -2.40
C SER F 208 40.13 -18.74 -3.53
N LEU F 209 39.82 -17.51 -3.16
CA LEU F 209 39.46 -16.48 -4.14
C LEU F 209 40.68 -16.06 -4.95
N VAL F 210 41.85 -16.09 -4.33
CA VAL F 210 43.11 -15.85 -5.01
C VAL F 210 43.31 -16.93 -6.07
N LEU F 211 43.15 -18.20 -5.68
CA LEU F 211 43.38 -19.32 -6.60
C LEU F 211 42.46 -19.27 -7.83
N TYR F 212 41.23 -18.81 -7.62
CA TYR F 212 40.25 -18.65 -8.69
C TYR F 212 40.28 -17.26 -9.34
N ALA F 213 41.23 -16.40 -8.93
CA ALA F 213 41.17 -14.98 -9.35
C ALA F 213 41.24 -14.72 -10.85
N GLU F 214 42.03 -15.52 -11.56
CA GLU F 214 42.39 -15.26 -12.96
C GLU F 214 42.98 -16.53 -13.57
N HIS F 215 42.67 -16.81 -14.83
CA HIS F 215 43.30 -17.97 -15.50
C HIS F 215 43.46 -17.87 -17.03
N GLU F 216 43.96 -16.72 -17.50
CA GLU F 216 44.20 -16.47 -18.93
C GLU F 216 42.92 -16.67 -19.77
N PHE F 217 43.06 -17.16 -21.00
CA PHE F 217 41.91 -17.33 -21.88
C PHE F 217 41.18 -18.63 -21.56
N ASN F 218 39.87 -18.55 -21.58
CA ASN F 218 38.97 -19.69 -21.39
C ASN F 218 37.61 -19.22 -21.84
N ALA F 219 36.60 -20.08 -21.79
CA ALA F 219 35.28 -19.75 -22.33
C ALA F 219 34.69 -18.45 -21.78
N SER F 220 34.78 -18.24 -20.47
CA SER F 220 34.20 -17.04 -19.85
C SER F 220 35.06 -15.80 -20.12
N THR F 221 36.37 -15.95 -19.96
CA THR F 221 37.26 -14.81 -20.21
C THR F 221 37.26 -14.34 -21.67
N PHE F 222 37.28 -15.28 -22.60
CA PHE F 222 37.23 -14.91 -24.01
C PHE F 222 35.92 -14.19 -24.31
N THR F 223 34.82 -14.70 -23.75
CA THR F 223 33.51 -14.07 -23.88
C THR F 223 33.54 -12.60 -23.44
N SER F 224 34.09 -12.34 -22.27
CA SER F 224 34.21 -10.98 -21.78
C SER F 224 34.99 -10.09 -22.77
N ARG F 225 36.00 -10.66 -23.44
CA ARG F 225 36.79 -9.89 -24.41
C ARG F 225 36.08 -9.67 -25.76
N VAL F 226 35.30 -10.66 -26.21
CA VAL F 226 34.48 -10.51 -27.43
C VAL F 226 33.41 -9.43 -27.25
N ILE F 227 32.84 -9.36 -26.05
CA ILE F 227 31.81 -8.38 -25.77
C ILE F 227 32.45 -7.00 -25.66
N ALA F 228 33.56 -6.91 -24.94
CA ALA F 228 34.34 -5.65 -24.85
C ALA F 228 34.86 -5.17 -26.22
N GLY F 229 35.20 -6.10 -27.10
CA GLY F 229 35.75 -5.77 -28.42
C GLY F 229 34.77 -5.14 -29.39
N THR F 230 33.48 -5.21 -29.06
CA THR F 230 32.45 -4.54 -29.86
C THR F 230 32.26 -3.10 -29.41
N GLY F 231 32.86 -2.75 -28.27
CA GLY F 231 32.71 -1.41 -27.69
C GLY F 231 31.60 -1.34 -26.66
N SER F 232 31.09 -2.51 -26.27
CA SER F 232 30.02 -2.65 -25.29
C SER F 232 30.52 -2.34 -23.86
N ASP F 233 29.57 -2.20 -22.92
CA ASP F 233 29.92 -1.77 -21.56
C ASP F 233 30.44 -2.91 -20.69
N VAL F 234 31.17 -2.55 -19.64
CA VAL F 234 31.72 -3.54 -18.70
C VAL F 234 30.66 -4.52 -18.20
N TYR F 235 29.51 -3.99 -17.77
CA TYR F 235 28.41 -4.83 -17.28
C TYR F 235 28.02 -5.88 -18.31
N SER F 236 27.82 -5.49 -19.57
CA SER F 236 27.50 -6.48 -20.62
C SER F 236 28.52 -7.62 -20.71
N ALA F 237 29.80 -7.29 -20.57
CA ALA F 237 30.87 -8.26 -20.78
C ALA F 237 30.96 -9.24 -19.62
N ILE F 238 30.69 -8.74 -18.42
CA ILE F 238 30.70 -9.55 -17.21
C ILE F 238 29.48 -10.46 -17.19
N ILE F 239 28.36 -9.95 -17.69
CA ILE F 239 27.10 -10.71 -17.77
C ILE F 239 27.22 -11.91 -18.69
N GLY F 240 27.91 -11.70 -19.82
CA GLY F 240 28.23 -12.78 -20.75
C GLY F 240 29.17 -13.83 -20.16
N ALA F 241 30.19 -13.38 -19.44
CA ALA F 241 31.13 -14.29 -18.78
C ALA F 241 30.43 -15.14 -17.73
N ILE F 242 29.45 -14.54 -17.05
CA ILE F 242 28.69 -15.25 -16.01
C ILE F 242 27.88 -16.37 -16.68
N GLY F 243 27.22 -16.05 -17.78
CA GLY F 243 26.52 -17.07 -18.57
C GLY F 243 27.44 -18.18 -19.05
N ALA F 244 28.67 -17.83 -19.37
CA ALA F 244 29.64 -18.84 -19.81
C ALA F 244 30.02 -19.73 -18.62
N LEU F 245 30.32 -19.10 -17.50
CA LEU F 245 30.73 -19.82 -16.30
C LEU F 245 29.61 -20.71 -15.74
N ARG F 246 28.37 -20.37 -16.07
CA ARG F 246 27.20 -21.13 -15.62
C ARG F 246 27.19 -22.56 -16.15
N GLY F 247 27.72 -22.75 -17.35
CA GLY F 247 27.78 -24.09 -17.95
C GLY F 247 28.59 -25.03 -17.09
N PRO F 248 28.04 -26.22 -16.80
CA PRO F 248 28.69 -27.18 -15.89
C PRO F 248 30.06 -27.63 -16.38
N LYS F 249 30.26 -27.64 -17.70
CA LYS F 249 31.55 -27.98 -18.29
C LYS F 249 32.64 -26.94 -18.03
N HIS F 250 32.27 -25.77 -17.53
CA HIS F 250 33.22 -24.66 -17.36
C HIS F 250 33.29 -24.16 -15.93
N GLY F 251 32.14 -23.97 -15.28
CA GLY F 251 32.13 -23.52 -13.89
C GLY F 251 31.49 -24.46 -12.91
N GLY F 252 31.11 -25.65 -13.36
CA GLY F 252 30.41 -26.60 -12.49
C GLY F 252 31.21 -27.82 -12.02
N ALA F 253 32.50 -27.84 -12.33
CA ALA F 253 33.34 -28.99 -12.01
C ALA F 253 33.46 -29.29 -10.52
N ASN F 254 33.59 -28.26 -9.69
CA ASN F 254 33.69 -28.53 -8.26
C ASN F 254 32.37 -28.97 -7.58
N GLU F 255 31.24 -28.72 -8.25
CA GLU F 255 29.94 -29.22 -7.78
C GLU F 255 29.85 -30.72 -8.04
N VAL F 256 30.23 -31.13 -9.24
CA VAL F 256 30.27 -32.54 -9.58
C VAL F 256 31.40 -33.28 -8.86
N SER F 257 32.50 -32.58 -8.54
CA SER F 257 33.52 -33.13 -7.65
C SER F 257 32.95 -33.46 -6.28
N LEU F 258 32.19 -32.52 -5.70
CA LEU F 258 31.57 -32.73 -4.40
C LEU F 258 30.67 -33.97 -4.33
N GLU F 259 29.82 -34.17 -5.33
CA GLU F 259 28.89 -35.29 -5.31
C GLU F 259 29.61 -36.65 -5.43
N ILE F 260 30.69 -36.67 -6.22
CA ILE F 260 31.56 -37.85 -6.32
C ILE F 260 32.06 -38.23 -4.93
N GLN F 261 32.82 -37.32 -4.32
CA GLN F 261 33.32 -37.48 -2.96
C GLN F 261 32.24 -37.95 -1.99
N GLN F 262 31.05 -37.36 -2.11
CA GLN F 262 29.93 -37.64 -1.22
C GLN F 262 29.18 -38.97 -1.43
N ARG F 263 29.41 -39.64 -2.56
CA ARG F 263 28.89 -41.00 -2.81
C ARG F 263 29.35 -42.03 -1.78
N TYR F 264 30.51 -41.79 -1.18
CA TYR F 264 31.23 -42.85 -0.47
C TYR F 264 31.37 -42.65 1.04
N GLU F 265 31.26 -43.76 1.76
CA GLU F 265 31.39 -43.78 3.22
C GLU F 265 32.83 -44.06 3.68
N THR F 266 33.63 -44.65 2.80
CA THR F 266 35.02 -45.02 3.14
C THR F 266 35.97 -44.84 1.93
N PRO F 267 37.27 -44.61 2.18
CA PRO F 267 38.25 -44.52 1.09
C PRO F 267 38.39 -45.82 0.30
N ASP F 268 38.40 -46.94 1.02
CA ASP F 268 38.39 -48.28 0.42
C ASP F 268 37.25 -48.42 -0.58
N GLU F 269 36.05 -48.00 -0.17
CA GLU F 269 34.85 -48.12 -1.02
C GLU F 269 34.92 -47.22 -2.25
N ALA F 270 35.41 -45.99 -2.05
CA ALA F 270 35.59 -45.00 -3.12
C ALA F 270 36.55 -45.50 -4.20
N GLU F 271 37.70 -46.00 -3.74
CA GLU F 271 38.73 -46.56 -4.60
C GLU F 271 38.16 -47.63 -5.55
N ALA F 272 37.36 -48.56 -4.99
CA ALA F 272 36.81 -49.68 -5.78
C ALA F 272 35.80 -49.22 -6.83
N ASP F 273 34.95 -48.27 -6.47
CA ASP F 273 33.94 -47.80 -7.39
C ASP F 273 34.55 -46.93 -8.51
N ILE F 274 35.54 -46.11 -8.16
CA ILE F 274 36.22 -45.28 -9.16
C ILE F 274 37.04 -46.07 -10.19
N ARG F 275 37.69 -47.16 -9.78
CA ARG F 275 38.37 -47.98 -10.79
C ARG F 275 37.43 -48.89 -11.60
N LYS F 276 36.25 -49.17 -11.06
CA LYS F 276 35.18 -49.79 -11.85
C LYS F 276 34.78 -48.85 -12.98
N ARG F 277 34.54 -47.59 -12.62
CA ARG F 277 34.15 -46.54 -13.56
C ARG F 277 35.26 -46.21 -14.57
N VAL F 278 36.48 -46.04 -14.08
CA VAL F 278 37.63 -45.74 -14.93
C VAL F 278 37.90 -46.84 -15.97
N GLU F 279 37.83 -48.09 -15.53
CA GLU F 279 37.95 -49.26 -16.42
C GLU F 279 36.86 -49.25 -17.48
N ASN F 280 35.71 -48.66 -17.15
CA ASN F 280 34.60 -48.51 -18.08
C ASN F 280 34.63 -47.17 -18.82
N LYS F 281 35.84 -46.64 -18.97
CA LYS F 281 36.12 -45.42 -19.74
C LYS F 281 35.32 -44.18 -19.30
N GLU F 282 34.95 -44.14 -18.03
CA GLU F 282 34.23 -42.99 -17.49
C GLU F 282 35.16 -41.82 -17.19
N VAL F 283 34.66 -40.61 -17.45
CA VAL F 283 35.37 -39.39 -17.10
C VAL F 283 35.15 -39.09 -15.63
N VAL F 284 36.24 -38.92 -14.89
CA VAL F 284 36.18 -38.47 -13.52
C VAL F 284 36.51 -36.97 -13.50
N ILE F 285 35.48 -36.16 -13.28
CA ILE F 285 35.62 -34.72 -13.22
C ILE F 285 36.49 -34.32 -12.01
N GLY F 286 37.32 -33.30 -12.20
CA GLY F 286 38.24 -32.83 -11.16
C GLY F 286 39.70 -33.16 -11.46
N PHE F 287 39.91 -33.90 -12.56
CA PHE F 287 41.27 -34.35 -12.92
C PHE F 287 41.67 -33.94 -14.33
N GLY F 288 42.96 -33.74 -14.51
CA GLY F 288 43.52 -33.25 -15.76
C GLY F 288 43.25 -31.78 -15.97
N HIS F 289 43.84 -31.24 -17.03
CA HIS F 289 43.63 -29.86 -17.45
C HIS F 289 44.06 -29.70 -18.90
N PRO F 290 43.32 -28.90 -19.70
CA PRO F 290 43.69 -28.78 -21.12
C PRO F 290 44.99 -28.00 -21.36
N VAL F 291 45.46 -27.25 -20.36
CA VAL F 291 46.72 -26.51 -20.51
C VAL F 291 47.90 -27.09 -19.70
N TYR F 292 47.67 -27.43 -18.42
CA TYR F 292 48.70 -28.05 -17.58
C TYR F 292 48.98 -29.48 -18.02
N THR F 293 50.27 -29.80 -18.14
CA THR F 293 50.69 -31.15 -18.51
C THR F 293 51.27 -31.93 -17.32
N ILE F 294 51.71 -31.21 -16.29
CA ILE F 294 52.38 -31.86 -15.15
C ILE F 294 51.53 -31.83 -13.88
N ALA F 295 51.13 -30.63 -13.47
CA ALA F 295 50.30 -30.43 -12.28
C ALA F 295 49.54 -29.09 -12.38
N ASP F 296 48.49 -28.93 -11.56
CA ASP F 296 47.84 -27.64 -11.33
C ASP F 296 48.49 -27.04 -10.09
N PRO F 297 49.17 -25.90 -10.22
CA PRO F 297 49.86 -25.37 -9.04
C PRO F 297 48.88 -24.95 -7.96
N ARG F 298 47.63 -24.75 -8.32
CA ARG F 298 46.59 -24.34 -7.36
C ARG F 298 46.05 -25.55 -6.57
N HIS F 299 46.27 -26.76 -7.07
CA HIS F 299 45.80 -27.97 -6.40
C HIS F 299 46.48 -28.14 -5.05
N GLN F 300 47.81 -28.07 -5.05
CA GLN F 300 48.58 -28.25 -3.82
C GLN F 300 48.12 -27.29 -2.71
N VAL F 301 47.80 -26.05 -3.09
CA VAL F 301 47.46 -25.00 -2.13
C VAL F 301 46.12 -25.27 -1.46
N ILE F 302 45.10 -25.54 -2.27
CA ILE F 302 43.75 -25.75 -1.77
C ILE F 302 43.64 -27.06 -0.97
N LYS F 303 44.52 -28.02 -1.27
CA LYS F 303 44.58 -29.26 -0.51
C LYS F 303 45.01 -28.98 0.93
N ARG F 304 46.06 -28.20 1.11
CA ARG F 304 46.48 -27.78 2.44
C ARG F 304 45.33 -27.06 3.17
N VAL F 305 44.70 -26.11 2.49
CA VAL F 305 43.55 -25.40 3.04
C VAL F 305 42.43 -26.38 3.46
N ALA F 306 42.02 -27.25 2.55
CA ALA F 306 41.02 -28.30 2.83
C ALA F 306 41.41 -29.22 3.99
N LYS F 307 42.70 -29.54 4.08
CA LYS F 307 43.20 -30.36 5.20
C LYS F 307 43.01 -29.62 6.52
N GLN F 308 43.56 -28.41 6.61
CA GLN F 308 43.45 -27.56 7.81
C GLN F 308 42.00 -27.30 8.26
N LEU F 309 41.11 -27.03 7.29
CA LEU F 309 39.68 -26.84 7.54
C LEU F 309 38.99 -28.09 8.10
N SER F 310 39.30 -29.24 7.52
CA SER F 310 38.68 -30.51 7.94
C SER F 310 39.14 -30.94 9.34
N GLU F 311 40.37 -30.60 9.70
CA GLU F 311 40.91 -30.87 11.04
C GLU F 311 40.19 -30.07 12.12
N GLU F 312 39.76 -28.86 11.76
CA GLU F 312 39.04 -28.00 12.68
C GLU F 312 37.62 -28.48 12.89
N GLY F 313 36.91 -28.74 11.79
CA GLY F 313 35.54 -29.27 11.84
C GLY F 313 35.43 -30.68 12.41
N GLY F 314 36.57 -31.35 12.59
CA GLY F 314 36.62 -32.66 13.24
C GLY F 314 36.58 -33.88 12.34
N SER F 315 35.96 -33.73 11.17
CA SER F 315 35.78 -34.84 10.21
C SER F 315 36.72 -34.72 9.00
N LEU F 316 37.63 -35.68 8.87
CA LEU F 316 38.52 -35.76 7.73
C LEU F 316 37.97 -36.72 6.67
N LYS F 317 36.81 -37.29 6.95
CA LYS F 317 36.20 -38.29 6.08
C LYS F 317 36.27 -37.92 4.60
N MET F 318 35.68 -36.78 4.26
CA MET F 318 35.59 -36.34 2.89
C MET F 318 36.97 -36.09 2.30
N TYR F 319 37.85 -35.48 3.10
CA TYR F 319 39.21 -35.21 2.68
C TYR F 319 39.93 -36.51 2.32
N HIS F 320 39.82 -37.51 3.20
CA HIS F 320 40.48 -38.79 3.03
C HIS F 320 39.98 -39.53 1.81
N ILE F 321 38.68 -39.41 1.53
CA ILE F 321 38.11 -39.95 0.29
C ILE F 321 38.68 -39.25 -0.93
N ALA F 322 38.74 -37.92 -0.88
CA ALA F 322 39.32 -37.13 -1.98
C ALA F 322 40.82 -37.38 -2.14
N ASP F 323 41.49 -37.58 -1.00
CA ASP F 323 42.93 -37.80 -0.97
C ASP F 323 43.26 -39.18 -1.53
N ARG F 324 42.51 -40.20 -1.09
CA ARG F 324 42.66 -41.56 -1.61
C ARG F 324 42.42 -41.64 -3.12
N LEU F 325 41.42 -40.91 -3.61
CA LEU F 325 41.09 -40.93 -5.04
C LEU F 325 42.18 -40.30 -5.92
N GLU F 326 42.80 -39.23 -5.42
CA GLU F 326 43.96 -38.63 -6.08
C GLU F 326 44.93 -39.74 -6.49
N THR F 327 45.30 -40.60 -5.54
CA THR F 327 46.22 -41.71 -5.80
C THR F 327 45.67 -42.66 -6.86
N VAL F 328 44.39 -43.03 -6.74
CA VAL F 328 43.76 -43.98 -7.66
C VAL F 328 43.80 -43.51 -9.11
N MET F 329 43.42 -42.25 -9.34
CA MET F 329 43.45 -41.64 -10.67
C MET F 329 44.85 -41.52 -11.27
N TRP F 330 45.85 -41.31 -10.41
CA TRP F 330 47.24 -41.24 -10.83
C TRP F 330 47.75 -42.62 -11.20
N GLU F 331 47.60 -43.57 -10.28
CA GLU F 331 48.10 -44.94 -10.45
C GLU F 331 47.39 -45.65 -11.60
N THR F 332 46.19 -45.19 -11.94
CA THR F 332 45.31 -45.82 -12.93
C THR F 332 45.33 -45.14 -14.31
N LYS F 333 45.28 -43.82 -14.34
CA LYS F 333 45.20 -43.07 -15.60
C LYS F 333 46.26 -41.97 -15.75
N LYS F 334 47.18 -41.89 -14.79
CA LYS F 334 48.24 -40.86 -14.77
C LYS F 334 47.66 -39.45 -14.93
N MET F 335 46.69 -39.14 -14.07
CA MET F 335 46.00 -37.87 -14.10
C MET F 335 46.13 -37.19 -12.76
N PHE F 336 46.67 -35.98 -12.78
CA PHE F 336 46.76 -35.14 -11.60
C PHE F 336 45.42 -34.45 -11.39
N PRO F 337 45.06 -34.15 -10.12
CA PRO F 337 43.85 -33.38 -9.84
C PRO F 337 44.04 -31.88 -10.10
N ASN F 338 42.96 -31.21 -10.49
CA ASN F 338 42.98 -29.77 -10.70
C ASN F 338 42.33 -29.06 -9.51
N LEU F 339 42.28 -27.74 -9.55
CA LEU F 339 41.72 -26.94 -8.45
C LEU F 339 40.33 -27.41 -7.96
N ASP F 340 39.49 -27.84 -8.89
CA ASP F 340 38.11 -28.21 -8.62
C ASP F 340 37.92 -29.48 -7.78
N TRP F 341 39.00 -30.22 -7.58
CA TRP F 341 38.91 -31.43 -6.80
C TRP F 341 38.84 -31.12 -5.30
N PHE F 342 39.88 -30.50 -4.74
CA PHE F 342 39.88 -30.22 -3.31
C PHE F 342 39.11 -28.96 -2.87
N SER F 343 38.85 -28.05 -3.80
CA SER F 343 38.11 -26.83 -3.47
C SER F 343 36.73 -27.20 -2.91
N ALA F 344 36.15 -28.27 -3.46
CA ALA F 344 34.88 -28.82 -3.02
C ALA F 344 34.86 -29.15 -1.53
N VAL F 345 35.96 -29.77 -1.08
CA VAL F 345 36.13 -30.11 0.33
C VAL F 345 36.20 -28.84 1.17
N SER F 346 37.10 -27.93 0.79
CA SER F 346 37.32 -26.71 1.57
C SER F 346 36.06 -25.86 1.65
N TYR F 347 35.36 -25.71 0.53
CA TYR F 347 34.08 -24.99 0.54
C TYR F 347 33.00 -25.73 1.34
N ASN F 348 33.00 -27.06 1.30
CA ASN F 348 32.01 -27.85 2.05
C ASN F 348 32.18 -27.73 3.56
N MET F 349 33.43 -27.61 4.01
CA MET F 349 33.71 -27.53 5.44
C MET F 349 33.30 -26.17 6.01
N MET F 350 33.09 -25.21 5.12
CA MET F 350 32.65 -23.88 5.48
C MET F 350 31.13 -23.67 5.33
N GLY F 351 30.41 -24.76 5.06
CA GLY F 351 28.94 -24.73 5.01
C GLY F 351 28.35 -24.08 3.77
N VAL F 352 29.20 -23.82 2.77
CA VAL F 352 28.75 -23.30 1.48
C VAL F 352 27.92 -24.36 0.77
N PRO F 353 26.66 -24.04 0.44
CA PRO F 353 25.83 -24.97 -0.32
C PRO F 353 26.40 -25.13 -1.74
N THR F 354 26.24 -26.32 -2.32
CA THR F 354 26.79 -26.61 -3.63
C THR F 354 26.44 -25.56 -4.70
N GLU F 355 25.20 -25.08 -4.63
CA GLU F 355 24.66 -24.13 -5.60
C GLU F 355 25.28 -22.74 -5.49
N MET F 356 26.16 -22.59 -4.51
CA MET F 356 26.92 -21.35 -4.35
C MET F 356 28.39 -21.51 -4.76
N PHE F 357 28.76 -22.71 -5.19
CA PHE F 357 30.11 -22.95 -5.70
C PHE F 357 30.44 -22.03 -6.89
N THR F 358 29.63 -22.08 -7.95
CA THR F 358 29.90 -21.26 -9.13
C THR F 358 29.67 -19.75 -8.90
N PRO F 359 28.66 -19.38 -8.10
CA PRO F 359 28.58 -17.97 -7.69
C PRO F 359 29.87 -17.44 -7.01
N LEU F 360 30.51 -18.26 -6.16
CA LEU F 360 31.79 -17.87 -5.55
C LEU F 360 32.91 -17.77 -6.57
N PHE F 361 32.86 -18.62 -7.59
CA PHE F 361 33.82 -18.58 -8.69
C PHE F 361 33.66 -17.22 -9.42
N VAL F 362 32.45 -16.68 -9.43
CA VAL F 362 32.19 -15.37 -10.05
C VAL F 362 32.79 -14.21 -9.24
N ILE F 363 32.64 -14.30 -7.92
CA ILE F 363 33.19 -13.27 -7.03
C ILE F 363 34.71 -13.19 -7.17
N ALA F 364 35.36 -14.34 -7.31
CA ALA F 364 36.80 -14.36 -7.49
C ALA F 364 37.19 -13.92 -8.90
N ARG F 365 36.55 -14.51 -9.90
CA ARG F 365 37.00 -14.38 -11.28
C ARG F 365 36.61 -13.06 -11.95
N VAL F 366 35.63 -12.35 -11.38
CA VAL F 366 35.26 -11.00 -11.83
C VAL F 366 36.50 -10.10 -11.95
N THR F 367 37.45 -10.29 -11.03
CA THR F 367 38.71 -9.53 -11.03
C THR F 367 39.51 -9.76 -12.32
N GLY F 368 39.66 -11.03 -12.70
CA GLY F 368 40.32 -11.38 -13.96
C GLY F 368 39.58 -10.85 -15.18
N TRP F 369 38.26 -11.02 -15.19
CA TRP F 369 37.44 -10.57 -16.31
C TRP F 369 37.56 -9.07 -16.51
N ALA F 370 37.52 -8.32 -15.41
CA ALA F 370 37.56 -6.85 -15.48
C ALA F 370 38.90 -6.37 -16.00
N ALA F 371 39.98 -7.01 -15.55
CA ALA F 371 41.30 -6.74 -16.09
C ALA F 371 41.39 -7.13 -17.57
N HIS F 372 40.76 -8.23 -17.95
CA HIS F 372 40.71 -8.64 -19.36
C HIS F 372 39.90 -7.69 -20.24
N ILE F 373 38.78 -7.23 -19.71
CA ILE F 373 37.93 -6.25 -20.41
C ILE F 373 38.71 -4.98 -20.70
N ILE F 374 39.35 -4.44 -19.67
CA ILE F 374 40.17 -3.23 -19.75
C ILE F 374 41.27 -3.37 -20.81
N GLU F 375 41.96 -4.50 -20.78
CA GLU F 375 43.07 -4.78 -21.69
C GLU F 375 42.62 -4.84 -23.16
N GLN F 376 41.54 -5.59 -23.41
CA GLN F 376 40.96 -5.73 -24.73
C GLN F 376 40.56 -4.39 -25.32
N ARG F 377 40.13 -3.47 -24.45
CA ARG F 377 39.75 -2.14 -24.89
C ARG F 377 40.98 -1.37 -25.32
N GLN F 378 42.09 -1.56 -24.60
CA GLN F 378 43.34 -0.91 -24.99
C GLN F 378 43.97 -1.53 -26.23
N ASP F 379 43.91 -2.85 -26.33
CA ASP F 379 44.37 -3.55 -27.53
C ASP F 379 43.22 -3.60 -28.51
N ASN F 380 42.95 -2.44 -29.11
CA ASN F 380 41.74 -2.17 -29.90
C ASN F 380 41.53 -3.03 -31.16
N LYS F 381 42.23 -4.17 -31.25
CA LYS F 381 42.20 -5.04 -32.44
C LYS F 381 41.44 -6.36 -32.20
N ILE F 382 40.95 -6.94 -33.31
CA ILE F 382 39.98 -8.04 -33.27
C ILE F 382 40.14 -8.99 -34.47
N ILE F 383 39.82 -10.26 -34.27
CA ILE F 383 39.59 -11.17 -35.41
C ILE F 383 38.10 -11.50 -35.50
N ARG F 384 37.51 -11.28 -36.68
CA ARG F 384 36.13 -11.67 -36.92
C ARG F 384 36.08 -13.18 -37.12
N PRO F 385 35.37 -13.91 -36.22
CA PRO F 385 35.34 -15.37 -36.31
C PRO F 385 34.57 -15.81 -37.55
N SER F 386 35.07 -16.85 -38.21
CA SER F 386 34.41 -17.36 -39.40
C SER F 386 34.18 -18.86 -39.28
N ALA F 387 33.40 -19.42 -40.19
CA ALA F 387 33.01 -20.82 -40.11
C ALA F 387 33.27 -21.54 -41.41
N ASN F 388 33.36 -22.87 -41.32
CA ASN F 388 33.22 -23.70 -42.50
C ASN F 388 31.74 -24.04 -42.64
N TYR F 389 31.29 -24.21 -43.88
CA TYR F 389 29.88 -24.42 -44.17
C TYR F 389 29.57 -25.89 -44.49
N THR F 390 28.52 -26.42 -43.86
CA THR F 390 28.10 -27.81 -44.06
C THR F 390 26.64 -27.94 -44.57
N GLY F 391 25.96 -26.81 -44.73
CA GLY F 391 24.54 -26.83 -45.10
C GLY F 391 24.25 -27.11 -46.57
N PRO F 392 22.98 -26.99 -46.97
CA PRO F 392 22.58 -27.25 -48.35
C PRO F 392 23.20 -26.27 -49.37
N GLU F 393 23.51 -26.77 -50.56
CA GLU F 393 23.92 -25.94 -51.69
C GLU F 393 22.80 -24.92 -51.99
N ASP F 394 23.15 -23.86 -52.71
CA ASP F 394 22.17 -22.86 -53.15
C ASP F 394 20.98 -23.50 -53.82
N ARG F 395 19.80 -23.31 -53.23
CA ARG F 395 18.56 -23.90 -53.77
C ARG F 395 17.49 -22.87 -54.11
N PRO F 396 16.69 -23.13 -55.17
CA PRO F 396 15.54 -22.30 -55.53
C PRO F 396 14.53 -22.13 -54.39
N PHE F 397 14.01 -20.92 -54.27
CA PHE F 397 12.99 -20.62 -53.28
C PHE F 397 11.72 -21.38 -53.62
N VAL F 398 11.04 -21.83 -52.56
CA VAL F 398 9.82 -22.61 -52.70
C VAL F 398 8.65 -21.79 -52.14
N SER F 399 7.66 -21.52 -52.99
CA SER F 399 6.44 -20.82 -52.57
C SER F 399 5.72 -21.62 -51.49
N ILE F 400 5.04 -20.93 -50.58
CA ILE F 400 4.46 -21.57 -49.39
C ILE F 400 3.55 -22.79 -49.70
N ASP F 401 2.89 -22.77 -50.84
CA ASP F 401 2.01 -23.85 -51.23
C ASP F 401 2.71 -24.99 -51.97
N ASP F 402 3.98 -24.78 -52.33
CA ASP F 402 4.80 -25.82 -52.93
C ASP F 402 5.61 -26.61 -51.91
N ARG F 403 5.41 -26.35 -50.62
CA ARG F 403 6.24 -26.97 -49.58
C ARG F 403 5.70 -28.35 -49.12
N CYS F 404 6.63 -29.27 -48.85
CA CYS F 404 6.37 -30.69 -48.55
C CYS F 404 5.81 -31.48 -49.74
N PRO G 41 27.07 45.36 -25.84
CA PRO G 41 26.68 44.16 -26.55
C PRO G 41 27.33 42.89 -25.99
N ALA G 42 26.51 42.04 -25.38
CA ALA G 42 26.98 40.86 -24.67
C ALA G 42 27.54 39.74 -25.57
N GLY G 43 26.92 39.56 -26.74
CA GLY G 43 27.32 38.50 -27.67
C GLY G 43 26.66 38.66 -29.03
N ASN G 44 26.80 37.63 -29.86
CA ASN G 44 26.30 37.64 -31.22
C ASN G 44 25.15 36.66 -31.40
N THR G 45 24.20 37.04 -32.25
CA THR G 45 23.07 36.17 -32.56
C THR G 45 22.69 36.28 -34.03
N ALA G 46 22.30 35.15 -34.63
CA ALA G 46 21.69 35.13 -35.95
C ALA G 46 20.15 34.97 -35.83
N LEU G 47 19.67 35.01 -34.59
CA LEU G 47 18.29 34.59 -34.29
C LEU G 47 17.19 35.60 -34.54
N CYS G 48 17.46 36.86 -34.22
CA CYS G 48 16.38 37.81 -34.11
C CYS G 48 16.84 39.26 -34.15
N THR G 49 16.04 40.08 -34.83
CA THR G 49 16.25 41.53 -34.89
C THR G 49 15.03 42.25 -34.34
N VAL G 50 15.29 43.15 -33.39
CA VAL G 50 14.25 43.90 -32.71
C VAL G 50 14.53 45.38 -32.79
N GLY G 51 13.64 46.12 -33.45
CA GLY G 51 13.62 47.59 -33.38
C GLY G 51 14.70 48.36 -34.12
N LYS G 52 14.95 47.98 -35.38
CA LYS G 52 15.91 48.70 -36.23
C LYS G 52 15.27 49.96 -36.81
N SER G 53 14.00 49.84 -37.18
CA SER G 53 13.22 50.97 -37.69
C SER G 53 12.41 51.61 -36.57
N GLY G 54 12.38 50.91 -35.44
CA GLY G 54 11.64 51.34 -34.26
C GLY G 54 10.35 50.57 -34.03
N ASN G 55 10.02 49.70 -34.97
CA ASN G 55 8.72 49.02 -35.01
C ASN G 55 8.78 47.60 -35.57
N ASP G 56 9.99 47.12 -35.88
CA ASP G 56 10.14 45.83 -36.56
C ASP G 56 10.63 44.71 -35.68
N LEU G 57 10.14 43.51 -35.98
CA LEU G 57 10.58 42.30 -35.34
C LEU G 57 10.70 41.16 -36.37
N HIS G 58 11.83 40.45 -36.32
CA HIS G 58 12.09 39.34 -37.23
C HIS G 58 12.64 38.09 -36.53
N TYR G 59 12.20 36.91 -36.97
CA TYR G 59 12.78 35.65 -36.51
C TYR G 59 13.50 35.03 -37.70
N ARG G 60 14.83 34.93 -37.60
CA ARG G 60 15.68 34.46 -38.72
C ARG G 60 15.34 35.17 -40.06
N GLY G 61 15.11 36.48 -39.97
CA GLY G 61 14.85 37.30 -41.14
C GLY G 61 13.39 37.42 -41.54
N TYR G 62 12.51 36.67 -40.89
CA TYR G 62 11.11 36.67 -41.24
C TYR G 62 10.32 37.66 -40.39
N ASP G 63 9.54 38.52 -41.04
CA ASP G 63 8.70 39.51 -40.36
C ASP G 63 7.70 38.78 -39.49
N ILE G 64 7.66 39.15 -38.22
CA ILE G 64 6.65 38.64 -37.27
C ILE G 64 5.19 38.79 -37.78
N LEU G 65 4.96 39.77 -38.63
CA LEU G 65 3.61 40.05 -39.15
C LEU G 65 3.11 38.92 -40.04
N ASP G 66 3.98 38.39 -40.89
CA ASP G 66 3.70 37.26 -41.75
C ASP G 66 3.56 35.97 -40.94
N LEU G 67 4.54 35.74 -40.09
CA LEU G 67 4.60 34.57 -39.22
C LEU G 67 3.32 34.42 -38.38
N ALA G 68 2.97 35.46 -37.63
CA ALA G 68 1.72 35.48 -36.86
C ALA G 68 0.48 35.29 -37.73
N GLU G 69 0.45 35.90 -38.92
CA GLU G 69 -0.69 35.74 -39.81
C GLU G 69 -0.80 34.33 -40.39
N HIS G 70 0.33 33.74 -40.79
CA HIS G 70 0.32 32.51 -41.60
C HIS G 70 0.75 31.22 -40.92
N CYS G 71 1.37 31.31 -39.76
CA CYS G 71 2.01 30.14 -39.18
C CYS G 71 1.34 29.61 -37.91
N GLU G 72 1.25 28.29 -37.84
CA GLU G 72 0.98 27.59 -36.61
C GLU G 72 2.19 27.83 -35.72
N PHE G 73 1.98 27.80 -34.42
CA PHE G 73 3.08 27.92 -33.48
C PHE G 73 4.20 26.89 -33.79
N GLU G 74 3.82 25.65 -34.06
CA GLU G 74 4.77 24.58 -34.36
C GLU G 74 5.76 24.91 -35.47
N GLU G 75 5.31 25.70 -36.44
CA GLU G 75 6.17 26.13 -37.53
C GLU G 75 7.27 27.06 -37.03
N VAL G 76 6.88 27.99 -36.16
CA VAL G 76 7.82 28.95 -35.54
C VAL G 76 8.76 28.22 -34.59
N ALA G 77 8.23 27.23 -33.89
CA ALA G 77 9.04 26.34 -33.06
C ALA G 77 10.07 25.66 -33.90
N HIS G 78 9.63 25.05 -35.00
CA HIS G 78 10.52 24.42 -35.97
C HIS G 78 11.57 25.40 -36.51
N LEU G 79 11.15 26.62 -36.84
CA LEU G 79 12.05 27.64 -37.34
C LEU G 79 13.14 27.98 -36.32
N LEU G 80 12.76 28.01 -35.04
CA LEU G 80 13.69 28.38 -33.99
C LEU G 80 14.58 27.22 -33.56
N ILE G 81 13.97 26.09 -33.21
CA ILE G 81 14.66 24.91 -32.75
C ILE G 81 15.39 24.19 -33.90
N HIS G 82 14.70 24.00 -35.03
CA HIS G 82 15.28 23.28 -36.17
C HIS G 82 15.86 24.17 -37.28
N GLY G 83 15.68 25.48 -37.17
CA GLY G 83 16.46 26.43 -37.97
C GLY G 83 15.79 26.88 -39.26
N LYS G 84 14.64 26.29 -39.56
CA LYS G 84 13.91 26.57 -40.79
C LYS G 84 12.42 26.30 -40.68
N LEU G 85 11.67 27.11 -41.44
CA LEU G 85 10.26 26.90 -41.65
C LEU G 85 10.12 25.56 -42.35
N PRO G 86 9.29 24.66 -41.80
CA PRO G 86 9.28 23.33 -42.36
C PRO G 86 8.42 23.23 -43.62
N THR G 87 8.71 22.23 -44.45
CA THR G 87 7.79 21.81 -45.51
C THR G 87 6.58 21.15 -44.86
N ARG G 88 5.56 20.89 -45.68
CA ARG G 88 4.40 20.11 -45.27
C ARG G 88 4.79 18.76 -44.67
N ASP G 89 5.60 17.99 -45.40
CA ASP G 89 6.01 16.65 -44.97
C ASP G 89 6.79 16.73 -43.67
N GLU G 90 7.65 17.73 -43.56
CA GLU G 90 8.43 18.00 -42.36
C GLU G 90 7.57 18.39 -41.18
N LEU G 91 6.57 19.26 -41.42
CA LEU G 91 5.65 19.70 -40.37
C LEU G 91 4.77 18.55 -39.88
N ASN G 92 4.43 17.63 -40.79
CA ASN G 92 3.70 16.42 -40.42
C ASN G 92 4.45 15.61 -39.40
N ALA G 93 5.63 15.14 -39.78
CA ALA G 93 6.50 14.39 -38.89
C ALA G 93 6.71 15.10 -37.53
N TYR G 94 6.90 16.42 -37.58
CA TYR G 94 7.11 17.22 -36.35
C TYR G 94 5.85 17.29 -35.47
N LYS G 95 4.69 17.48 -36.08
CA LYS G 95 3.44 17.52 -35.31
C LYS G 95 3.16 16.18 -34.68
N SER G 96 3.46 15.13 -35.42
CA SER G 96 3.34 13.75 -34.95
C SER G 96 4.35 13.48 -33.84
N LYS G 97 5.57 13.95 -34.05
CA LYS G 97 6.66 13.72 -33.13
C LYS G 97 6.37 14.37 -31.78
N LEU G 98 5.82 15.59 -31.80
CA LEU G 98 5.52 16.36 -30.58
C LEU G 98 4.34 15.79 -29.81
N LYS G 99 3.33 15.34 -30.55
CA LYS G 99 2.09 14.80 -29.97
C LYS G 99 2.39 13.57 -29.11
N ALA G 100 3.40 12.80 -29.52
CA ALA G 100 3.81 11.62 -28.80
C ALA G 100 4.85 11.91 -27.72
N LEU G 101 5.25 13.17 -27.57
CA LEU G 101 6.20 13.57 -26.50
C LEU G 101 5.51 14.22 -25.31
N ARG G 102 4.18 14.08 -25.24
CA ARG G 102 3.38 14.77 -24.23
C ARG G 102 3.27 14.01 -22.91
N GLY G 103 3.76 12.78 -22.88
CA GLY G 103 3.62 11.95 -21.71
C GLY G 103 4.52 12.37 -20.55
N LEU G 104 4.16 11.92 -19.37
CA LEU G 104 4.95 12.16 -18.19
C LEU G 104 5.39 10.83 -17.59
N PRO G 105 6.71 10.70 -17.34
CA PRO G 105 7.36 9.59 -16.66
C PRO G 105 6.72 9.25 -15.30
N ALA G 106 6.66 7.95 -14.98
CA ALA G 106 6.10 7.46 -13.70
C ALA G 106 6.62 8.22 -12.49
N ASN G 107 7.93 8.46 -12.47
CA ASN G 107 8.56 9.16 -11.39
C ASN G 107 8.32 10.69 -11.40
N VAL G 108 8.19 11.27 -12.59
CA VAL G 108 7.96 12.72 -12.67
C VAL G 108 6.56 13.00 -12.13
N ARG G 109 5.65 12.08 -12.40
CA ARG G 109 4.30 12.16 -11.88
C ARG G 109 4.32 12.21 -10.34
N THR G 110 5.11 11.31 -9.74
CA THR G 110 5.30 11.26 -8.29
C THR G 110 5.93 12.57 -7.76
N VAL G 111 6.84 13.13 -8.54
CA VAL G 111 7.40 14.44 -8.22
C VAL G 111 6.31 15.53 -8.25
N LEU G 112 5.45 15.49 -9.26
CA LEU G 112 4.38 16.48 -9.43
C LEU G 112 3.25 16.34 -8.40
N GLU G 113 2.90 15.10 -8.06
CA GLU G 113 1.86 14.88 -7.06
C GLU G 113 2.31 15.42 -5.67
N ALA G 114 3.62 15.55 -5.47
CA ALA G 114 4.18 15.94 -4.17
C ALA G 114 4.24 17.45 -3.97
N LEU G 115 4.00 18.19 -5.03
CA LEU G 115 4.08 19.65 -4.94
C LEU G 115 2.71 20.20 -4.55
N PRO G 116 2.65 21.02 -3.50
CA PRO G 116 1.35 21.46 -2.99
C PRO G 116 0.55 22.35 -3.96
N ALA G 117 -0.77 22.41 -3.76
CA ALA G 117 -1.67 23.30 -4.51
C ALA G 117 -1.23 24.77 -4.56
N ALA G 118 -0.66 25.26 -3.46
CA ALA G 118 -0.26 26.67 -3.35
C ALA G 118 1.05 27.06 -4.09
N SER G 119 1.80 26.05 -4.54
CA SER G 119 3.02 26.32 -5.32
C SER G 119 2.75 27.37 -6.39
N HIS G 120 3.69 28.30 -6.56
CA HIS G 120 3.72 29.17 -7.74
C HIS G 120 3.76 28.24 -8.95
N PRO G 121 2.88 28.45 -9.94
CA PRO G 121 2.90 27.54 -11.08
C PRO G 121 4.21 27.55 -11.87
N MET G 122 4.97 28.64 -11.79
CA MET G 122 6.28 28.71 -12.42
C MET G 122 7.29 27.79 -11.72
N ASP G 123 7.16 27.67 -10.40
CA ASP G 123 8.00 26.76 -9.59
C ASP G 123 7.69 25.29 -9.88
N VAL G 124 6.42 25.00 -10.18
CA VAL G 124 6.03 23.67 -10.63
C VAL G 124 6.73 23.29 -11.93
N MET G 125 6.62 24.16 -12.94
CA MET G 125 7.32 23.95 -14.20
C MET G 125 8.83 23.81 -13.94
N ARG G 126 9.38 24.71 -13.12
CA ARG G 126 10.79 24.66 -12.72
C ARG G 126 11.14 23.26 -12.19
N THR G 127 10.50 22.84 -11.10
CA THR G 127 10.71 21.52 -10.48
C THR G 127 10.49 20.33 -11.43
N GLY G 128 9.41 20.38 -12.22
CA GLY G 128 9.08 19.31 -13.16
C GLY G 128 10.11 19.19 -14.28
N VAL G 129 10.58 20.32 -14.80
CA VAL G 129 11.64 20.29 -15.81
C VAL G 129 12.89 19.75 -15.16
N SER G 130 13.10 20.16 -13.91
CA SER G 130 14.31 19.75 -13.17
C SER G 130 14.33 18.23 -12.97
N ALA G 131 13.27 17.67 -12.43
CA ALA G 131 13.12 16.21 -12.34
C ALA G 131 13.34 15.50 -13.68
N LEU G 132 12.81 16.09 -14.76
CA LEU G 132 12.95 15.50 -16.10
C LEU G 132 14.42 15.46 -16.53
N GLY G 133 15.17 16.52 -16.25
CA GLY G 133 16.62 16.50 -16.46
C GLY G 133 17.31 15.34 -15.75
N CYS G 134 16.77 14.91 -14.61
CA CYS G 134 17.31 13.74 -13.91
C CYS G 134 16.87 12.44 -14.55
N THR G 135 15.76 12.48 -15.27
CA THR G 135 15.10 11.26 -15.71
C THR G 135 15.46 10.93 -17.15
N LEU G 136 15.39 11.92 -18.02
CA LEU G 136 15.74 11.75 -19.44
C LEU G 136 16.91 12.67 -19.79
N PRO G 137 18.09 12.45 -19.17
CA PRO G 137 19.23 13.39 -19.25
C PRO G 137 19.81 13.59 -20.65
N GLU G 138 20.43 14.75 -20.86
CA GLU G 138 21.30 14.97 -22.02
C GLU G 138 22.54 14.08 -21.90
N LYS G 139 23.00 13.53 -23.01
CA LYS G 139 24.27 12.79 -23.03
C LYS G 139 25.43 13.70 -22.64
N GLU G 140 26.60 13.14 -22.31
CA GLU G 140 27.73 13.99 -21.92
C GLU G 140 28.32 14.75 -23.11
N GLY G 141 28.12 14.19 -24.32
CA GLY G 141 28.56 14.83 -25.55
C GLY G 141 27.95 16.20 -25.85
N HIS G 142 26.64 16.32 -25.69
CA HIS G 142 25.92 17.59 -25.99
C HIS G 142 25.85 17.87 -27.48
N THR G 143 25.33 16.94 -28.28
CA THR G 143 25.25 17.16 -29.71
C THR G 143 24.14 18.17 -30.01
N VAL G 144 24.24 18.89 -31.12
CA VAL G 144 23.15 19.76 -31.56
C VAL G 144 21.84 18.95 -31.58
N SER G 145 21.94 17.71 -32.03
CA SER G 145 20.79 16.80 -32.17
C SER G 145 20.14 16.41 -30.84
N GLY G 146 20.96 16.15 -29.82
CA GLY G 146 20.47 15.91 -28.48
C GLY G 146 19.76 17.12 -27.91
N ALA G 147 20.31 18.31 -28.14
CA ALA G 147 19.71 19.54 -27.61
C ALA G 147 18.33 19.76 -28.20
N ARG G 148 18.20 19.57 -29.51
CA ARG G 148 16.92 19.71 -30.17
C ARG G 148 15.87 18.71 -29.70
N ASP G 149 16.31 17.48 -29.39
CA ASP G 149 15.41 16.47 -28.81
C ASP G 149 14.85 16.88 -27.44
N ILE G 150 15.69 17.47 -26.60
CA ILE G 150 15.24 17.93 -25.30
C ILE G 150 14.33 19.13 -25.48
N ALA G 151 14.73 20.04 -26.36
CA ALA G 151 13.87 21.17 -26.74
C ALA G 151 12.45 20.73 -27.12
N ASP G 152 12.35 19.74 -28.01
CA ASP G 152 11.05 19.25 -28.47
C ASP G 152 10.27 18.58 -27.35
N LYS G 153 10.99 17.87 -26.47
CA LYS G 153 10.34 17.19 -25.34
C LYS G 153 9.73 18.20 -24.38
N LEU G 154 10.52 19.23 -24.04
CA LEU G 154 10.07 20.33 -23.20
C LEU G 154 8.91 21.08 -23.85
N LEU G 155 9.11 21.55 -25.08
CA LEU G 155 8.03 22.21 -25.82
C LEU G 155 6.70 21.44 -25.76
N ALA G 156 6.75 20.13 -26.01
CA ALA G 156 5.54 19.27 -25.99
C ALA G 156 5.06 18.81 -24.60
N SER G 157 5.93 18.83 -23.58
CA SER G 157 5.53 18.32 -22.27
C SER G 157 5.25 19.40 -21.22
N LEU G 158 5.66 20.64 -21.49
CA LEU G 158 5.51 21.73 -20.52
C LEU G 158 4.09 21.93 -20.03
N SER G 159 3.13 21.85 -20.95
CA SER G 159 1.73 21.92 -20.61
C SER G 159 1.30 20.74 -19.74
N SER G 160 1.91 19.57 -19.96
CA SER G 160 1.55 18.37 -19.24
C SER G 160 1.99 18.49 -17.80
N ILE G 161 3.20 18.98 -17.64
CA ILE G 161 3.78 19.21 -16.31
C ILE G 161 2.84 20.06 -15.46
N LEU G 162 2.47 21.25 -15.98
CA LEU G 162 1.69 22.24 -15.23
C LEU G 162 0.31 21.73 -14.89
N LEU G 163 -0.44 21.39 -15.91
CA LEU G 163 -1.85 21.05 -15.76
C LEU G 163 -2.08 19.74 -15.01
N TYR G 164 -1.21 18.76 -15.25
CA TYR G 164 -1.22 17.50 -14.49
C TYR G 164 -1.02 17.80 -13.00
N TRP G 165 -0.03 18.63 -12.68
CA TRP G 165 0.13 19.13 -11.30
C TRP G 165 -1.10 19.88 -10.85
N TYR G 166 -1.58 20.79 -11.69
CA TYR G 166 -2.73 21.62 -11.35
C TYR G 166 -3.99 20.82 -11.02
N HIS G 167 -4.37 19.89 -11.89
CA HIS G 167 -5.58 19.09 -11.64
C HIS G 167 -5.45 18.04 -10.54
N TYR G 168 -4.25 17.54 -10.28
CA TYR G 168 -4.09 16.64 -9.16
C TYR G 168 -4.21 17.38 -7.84
N SER G 169 -3.38 18.40 -7.67
CA SER G 169 -3.35 19.24 -6.46
C SER G 169 -4.65 20.03 -6.21
N HIS G 170 -5.31 20.51 -7.26
CA HIS G 170 -6.53 21.33 -7.10
C HIS G 170 -7.82 20.52 -7.13
N ASN G 171 -7.83 19.45 -7.93
CA ASN G 171 -9.06 18.69 -8.18
C ASN G 171 -8.94 17.20 -7.86
N GLY G 172 -7.79 16.80 -7.32
CA GLY G 172 -7.53 15.42 -6.92
C GLY G 172 -7.65 14.40 -8.04
N GLU G 173 -7.47 14.85 -9.27
CA GLU G 173 -7.63 14.01 -10.45
C GLU G 173 -6.28 13.75 -11.11
N ARG G 174 -6.11 12.55 -11.66
CA ARG G 174 -4.95 12.25 -12.53
C ARG G 174 -5.39 12.26 -13.99
N ILE G 175 -5.17 13.40 -14.66
CA ILE G 175 -5.56 13.57 -16.06
C ILE G 175 -4.62 12.80 -16.98
N GLN G 176 -5.11 12.53 -18.19
CA GLN G 176 -4.34 11.87 -19.23
C GLN G 176 -3.62 12.94 -20.06
N PRO G 177 -2.30 13.11 -19.87
CA PRO G 177 -1.61 14.17 -20.63
C PRO G 177 -1.61 13.95 -22.14
N GLU G 178 -1.48 12.70 -22.58
CA GLU G 178 -1.39 12.38 -24.00
C GLU G 178 -2.76 12.46 -24.65
N THR G 179 -3.12 13.65 -25.12
CA THR G 179 -4.42 13.82 -25.80
C THR G 179 -4.34 13.63 -27.29
N ASP G 180 -5.50 13.69 -27.94
CA ASP G 180 -5.56 13.64 -29.39
C ASP G 180 -5.43 15.02 -30.06
N ASP G 181 -5.29 16.07 -29.24
CA ASP G 181 -5.20 17.44 -29.77
C ASP G 181 -4.04 17.59 -30.75
N ASP G 182 -4.30 18.31 -31.84
CA ASP G 182 -3.33 18.47 -32.92
C ASP G 182 -2.46 19.73 -32.83
N SER G 183 -2.46 20.42 -31.69
CA SER G 183 -1.52 21.52 -31.49
C SER G 183 -1.16 21.71 -30.02
N ILE G 184 -0.02 22.35 -29.77
CA ILE G 184 0.43 22.71 -28.41
C ILE G 184 -0.63 23.57 -27.69
N GLY G 185 -1.08 24.62 -28.37
CA GLY G 185 -2.12 25.51 -27.87
C GLY G 185 -3.41 24.78 -27.55
N GLY G 186 -3.82 23.88 -28.44
CA GLY G 186 -5.05 23.10 -28.21
C GLY G 186 -4.91 22.12 -27.06
N HIS G 187 -3.75 21.45 -27.01
CA HIS G 187 -3.42 20.54 -25.92
C HIS G 187 -3.49 21.25 -24.56
N PHE G 188 -2.88 22.42 -24.45
CA PHE G 188 -2.88 23.22 -23.22
C PHE G 188 -4.28 23.62 -22.79
N LEU G 189 -5.12 24.07 -23.72
CA LEU G 189 -6.48 24.48 -23.37
C LEU G 189 -7.37 23.28 -23.08
N HIS G 190 -7.10 22.15 -23.73
CA HIS G 190 -7.83 20.92 -23.43
C HIS G 190 -7.53 20.49 -22.01
N LEU G 191 -6.25 20.37 -21.69
CA LEU G 191 -5.82 19.98 -20.36
C LEU G 191 -6.37 20.93 -19.28
N LEU G 192 -6.47 22.23 -19.63
CA LEU G 192 -6.91 23.25 -18.68
C LEU G 192 -8.40 23.15 -18.40
N HIS G 193 -9.22 23.24 -19.44
CA HIS G 193 -10.67 23.22 -19.27
C HIS G 193 -11.29 21.82 -19.17
N GLY G 194 -10.53 20.79 -19.51
CA GLY G 194 -11.05 19.42 -19.51
C GLY G 194 -11.86 19.10 -20.76
N GLU G 195 -11.84 19.99 -21.73
CA GLU G 195 -12.55 19.75 -22.99
C GLU G 195 -11.82 20.39 -24.19
N LYS G 196 -12.04 19.83 -25.36
CA LYS G 196 -11.40 20.34 -26.56
C LYS G 196 -11.84 21.80 -26.78
N PRO G 197 -10.87 22.73 -26.97
CA PRO G 197 -11.29 24.12 -27.23
C PRO G 197 -11.88 24.28 -28.62
N THR G 198 -12.57 25.39 -28.87
CA THR G 198 -13.07 25.72 -30.21
C THR G 198 -11.89 25.98 -31.14
N GLN G 199 -12.09 25.66 -32.42
CA GLN G 199 -11.17 26.05 -33.50
C GLN G 199 -10.65 27.48 -33.35
N SER G 200 -11.53 28.38 -32.90
CA SER G 200 -11.24 29.80 -32.78
C SER G 200 -10.21 30.11 -31.68
N TRP G 201 -10.34 29.40 -30.57
CA TRP G 201 -9.39 29.52 -29.47
C TRP G 201 -8.04 28.91 -29.82
N GLU G 202 -8.08 27.82 -30.57
CA GLU G 202 -6.85 27.15 -30.98
C GLU G 202 -5.98 28.04 -31.87
N LYS G 203 -6.62 28.74 -32.81
CA LYS G 203 -5.91 29.65 -33.69
C LYS G 203 -5.37 30.86 -32.93
N ALA G 204 -6.14 31.35 -31.95
CA ALA G 204 -5.72 32.49 -31.13
C ALA G 204 -4.48 32.11 -30.29
N MET G 205 -4.49 30.90 -29.74
CA MET G 205 -3.33 30.36 -29.04
C MET G 205 -2.15 30.27 -29.99
N HIS G 206 -2.39 29.77 -31.20
CA HIS G 206 -1.34 29.71 -32.22
C HIS G 206 -0.64 31.05 -32.35
N ILE G 207 -1.42 32.11 -32.48
CA ILE G 207 -0.91 33.44 -32.73
C ILE G 207 -0.16 33.98 -31.49
N SER G 208 -0.79 33.87 -30.31
CA SER G 208 -0.18 34.31 -29.04
C SER G 208 1.18 33.68 -28.78
N LEU G 209 1.30 32.39 -29.03
CA LEU G 209 2.57 31.67 -28.78
C LEU G 209 3.68 32.06 -29.77
N VAL G 210 3.31 32.37 -31.02
CA VAL G 210 4.24 32.92 -32.02
C VAL G 210 4.84 34.27 -31.55
N LEU G 211 3.97 35.16 -31.09
CA LEU G 211 4.37 36.51 -30.72
C LEU G 211 5.34 36.56 -29.53
N TYR G 212 5.26 35.54 -28.69
CA TYR G 212 6.08 35.44 -27.49
C TYR G 212 7.29 34.49 -27.67
N ALA G 213 7.40 33.85 -28.84
CA ALA G 213 8.39 32.79 -29.05
C ALA G 213 9.87 33.19 -28.90
N GLU G 214 10.20 34.38 -29.38
CA GLU G 214 11.60 34.83 -29.46
C GLU G 214 11.68 36.34 -29.37
N HIS G 215 12.57 36.87 -28.53
CA HIS G 215 12.74 38.33 -28.47
C HIS G 215 14.18 38.80 -28.22
N GLU G 216 15.15 38.16 -28.90
CA GLU G 216 16.56 38.51 -28.82
C GLU G 216 17.09 38.39 -27.38
N PHE G 217 18.05 39.24 -27.02
CA PHE G 217 18.66 39.21 -25.70
C PHE G 217 17.82 39.94 -24.67
N ASN G 218 17.56 39.26 -23.56
CA ASN G 218 16.83 39.81 -22.44
C ASN G 218 17.23 38.98 -21.21
N ALA G 219 16.72 39.33 -20.03
CA ALA G 219 17.17 38.71 -18.80
C ALA G 219 17.15 37.18 -18.85
N SER G 220 16.03 36.61 -19.29
CA SER G 220 15.87 35.16 -19.24
C SER G 220 16.68 34.50 -20.33
N THR G 221 16.63 35.07 -21.53
CA THR G 221 17.42 34.56 -22.62
C THR G 221 18.91 34.67 -22.29
N PHE G 222 19.31 35.81 -21.72
CA PHE G 222 20.70 35.99 -21.29
C PHE G 222 21.11 34.94 -20.25
N THR G 223 20.24 34.71 -19.27
CA THR G 223 20.47 33.65 -18.29
C THR G 223 20.70 32.31 -18.98
N SER G 224 19.87 31.98 -19.96
CA SER G 224 19.98 30.69 -20.65
C SER G 224 21.33 30.59 -21.36
N ARG G 225 21.82 31.73 -21.84
CA ARG G 225 23.10 31.77 -22.55
C ARG G 225 24.32 31.79 -21.62
N VAL G 226 24.21 32.37 -20.42
CA VAL G 226 25.32 32.28 -19.46
C VAL G 226 25.52 30.83 -19.00
N ILE G 227 24.42 30.16 -18.66
CA ILE G 227 24.46 28.76 -18.23
C ILE G 227 24.97 27.80 -19.32
N ALA G 228 24.48 27.94 -20.55
CA ALA G 228 24.98 27.12 -21.66
C ALA G 228 26.45 27.40 -21.94
N GLY G 229 26.88 28.60 -21.58
CA GLY G 229 28.25 29.05 -21.77
C GLY G 229 29.27 28.36 -20.89
N THR G 230 28.84 27.87 -19.72
CA THR G 230 29.74 27.13 -18.84
C THR G 230 29.85 25.67 -19.28
N GLY G 231 29.11 25.30 -20.32
CA GLY G 231 29.12 23.93 -20.84
C GLY G 231 28.07 23.06 -20.18
N SER G 232 27.12 23.70 -19.48
CA SER G 232 26.05 23.01 -18.78
C SER G 232 24.96 22.47 -19.72
N ASP G 233 24.00 21.73 -19.15
CA ASP G 233 23.03 21.00 -19.94
C ASP G 233 21.83 21.87 -20.32
N VAL G 234 21.02 21.39 -21.28
CA VAL G 234 19.87 22.12 -21.77
C VAL G 234 18.86 22.42 -20.66
N TYR G 235 18.58 21.41 -19.83
CA TYR G 235 17.67 21.57 -18.69
C TYR G 235 18.07 22.68 -17.71
N SER G 236 19.35 22.79 -17.39
CA SER G 236 19.85 23.81 -16.44
C SER G 236 19.60 25.22 -16.94
N ALA G 237 20.02 25.46 -18.17
CA ALA G 237 19.85 26.76 -18.83
C ALA G 237 18.39 27.14 -18.99
N ILE G 238 17.52 26.15 -19.21
CA ILE G 238 16.11 26.45 -19.34
C ILE G 238 15.53 26.76 -17.96
N ILE G 239 15.95 25.99 -16.95
CA ILE G 239 15.53 26.21 -15.58
C ILE G 239 15.98 27.58 -15.05
N GLY G 240 17.18 27.99 -15.43
CA GLY G 240 17.66 29.34 -15.10
C GLY G 240 16.79 30.41 -15.74
N ALA G 241 16.45 30.20 -17.00
CA ALA G 241 15.59 31.10 -17.77
C ALA G 241 14.19 31.20 -17.16
N ILE G 242 13.64 30.07 -16.71
CA ILE G 242 12.32 30.05 -16.08
C ILE G 242 12.37 30.90 -14.81
N GLY G 243 13.41 30.70 -14.00
CA GLY G 243 13.58 31.43 -12.75
C GLY G 243 13.62 32.93 -12.93
N ALA G 244 14.29 33.34 -14.01
CA ALA G 244 14.36 34.74 -14.40
C ALA G 244 13.01 35.26 -14.86
N LEU G 245 12.33 34.47 -15.70
CA LEU G 245 11.01 34.83 -16.24
C LEU G 245 9.94 34.91 -15.15
N ARG G 246 10.11 34.15 -14.07
CA ARG G 246 9.21 34.21 -12.93
C ARG G 246 9.10 35.64 -12.41
N GLY G 247 10.20 36.38 -12.46
CA GLY G 247 10.27 37.74 -11.94
C GLY G 247 9.25 38.67 -12.56
N PRO G 248 8.49 39.40 -11.71
CA PRO G 248 7.43 40.31 -12.14
C PRO G 248 7.91 41.39 -13.12
N LYS G 249 9.10 41.93 -12.90
CA LYS G 249 9.64 42.95 -13.81
C LYS G 249 9.89 42.40 -15.21
N HIS G 250 9.83 41.07 -15.35
CA HIS G 250 10.16 40.43 -16.62
C HIS G 250 9.03 39.57 -17.20
N GLY G 251 8.49 38.64 -16.41
CA GLY G 251 7.52 37.69 -16.94
C GLY G 251 6.06 37.96 -16.66
N GLY G 252 5.77 38.75 -15.62
CA GLY G 252 4.37 38.96 -15.20
C GLY G 252 3.78 40.32 -15.51
N ALA G 253 4.00 40.81 -16.72
CA ALA G 253 3.50 42.12 -17.08
C ALA G 253 2.04 42.04 -17.53
N ASN G 254 1.65 40.96 -18.20
CA ASN G 254 0.25 40.82 -18.59
C ASN G 254 -0.70 40.44 -17.45
N GLU G 255 -0.12 40.06 -16.31
CA GLU G 255 -0.87 39.81 -15.09
C GLU G 255 -1.39 41.11 -14.51
N VAL G 256 -0.46 42.05 -14.29
CA VAL G 256 -0.79 43.39 -13.79
C VAL G 256 -1.61 44.17 -14.83
N SER G 257 -1.32 43.96 -16.11
CA SER G 257 -2.18 44.51 -17.16
C SER G 257 -3.63 44.07 -16.99
N LEU G 258 -3.84 42.82 -16.59
CA LEU G 258 -5.19 42.29 -16.32
C LEU G 258 -5.81 42.94 -15.07
N GLU G 259 -5.05 42.92 -13.97
CA GLU G 259 -5.44 43.55 -12.70
C GLU G 259 -5.87 45.01 -12.86
N ILE G 260 -5.27 45.70 -13.81
CA ILE G 260 -5.65 47.09 -14.09
C ILE G 260 -7.00 47.13 -14.82
N GLN G 261 -7.15 46.31 -15.86
CA GLN G 261 -8.35 46.28 -16.69
C GLN G 261 -9.60 45.76 -15.94
N GLN G 262 -9.39 45.14 -14.78
CA GLN G 262 -10.49 44.54 -14.03
C GLN G 262 -11.02 45.44 -12.92
N ARG G 263 -10.27 46.49 -12.60
CA ARG G 263 -10.66 47.48 -11.58
C ARG G 263 -12.00 48.15 -11.93
N TYR G 264 -12.14 48.51 -13.20
CA TYR G 264 -13.17 49.44 -13.66
C TYR G 264 -14.42 48.76 -14.26
N GLU G 265 -15.52 49.51 -14.27
CA GLU G 265 -16.80 49.02 -14.80
C GLU G 265 -17.13 49.64 -16.16
N THR G 266 -16.60 50.83 -16.42
CA THR G 266 -16.80 51.56 -17.68
C THR G 266 -15.46 52.13 -18.18
N PRO G 267 -15.34 52.37 -19.50
CA PRO G 267 -14.15 53.04 -20.05
C PRO G 267 -13.93 54.44 -19.50
N ASP G 268 -15.01 55.20 -19.34
CA ASP G 268 -14.95 56.56 -18.77
C ASP G 268 -14.24 56.58 -17.42
N GLU G 269 -14.66 55.67 -16.55
CA GLU G 269 -14.10 55.49 -15.20
C GLU G 269 -12.60 55.21 -15.25
N ALA G 270 -12.21 54.30 -16.15
CA ALA G 270 -10.82 53.90 -16.35
C ALA G 270 -9.93 55.05 -16.81
N GLU G 271 -10.43 55.85 -17.77
CA GLU G 271 -9.75 57.07 -18.22
C GLU G 271 -9.49 58.01 -17.05
N ALA G 272 -10.48 58.14 -16.16
CA ALA G 272 -10.40 59.04 -15.01
C ALA G 272 -9.39 58.58 -13.96
N ASP G 273 -9.54 57.34 -13.49
CA ASP G 273 -8.65 56.80 -12.47
C ASP G 273 -7.20 56.81 -12.91
N ILE G 274 -6.96 56.49 -14.19
CA ILE G 274 -5.60 56.45 -14.70
C ILE G 274 -5.03 57.86 -14.90
N ARG G 275 -5.85 58.79 -15.39
CA ARG G 275 -5.42 60.17 -15.57
C ARG G 275 -4.89 60.80 -14.28
N LYS G 276 -5.49 60.42 -13.15
CA LYS G 276 -5.03 60.89 -11.85
C LYS G 276 -3.71 60.21 -11.46
N ARG G 277 -3.63 58.90 -11.73
CA ARG G 277 -2.45 58.09 -11.42
C ARG G 277 -1.22 58.51 -12.22
N VAL G 278 -1.41 58.71 -13.53
CA VAL G 278 -0.35 59.20 -14.42
C VAL G 278 0.15 60.57 -13.96
N GLU G 279 -0.80 61.43 -13.57
CA GLU G 279 -0.50 62.74 -13.00
C GLU G 279 0.25 62.57 -11.67
N ASN G 280 -0.04 61.50 -10.95
CA ASN G 280 0.68 61.15 -9.72
C ASN G 280 2.04 60.52 -9.99
N LYS G 281 2.47 60.57 -11.27
CA LYS G 281 3.71 59.93 -11.73
C LYS G 281 3.67 58.41 -11.67
N GLU G 282 2.47 57.84 -11.50
CA GLU G 282 2.32 56.38 -11.41
C GLU G 282 2.60 55.72 -12.76
N VAL G 283 3.43 54.67 -12.73
CA VAL G 283 3.77 53.94 -13.94
C VAL G 283 2.60 53.01 -14.27
N VAL G 284 2.20 52.99 -15.54
CA VAL G 284 1.16 52.08 -16.00
C VAL G 284 1.78 50.92 -16.79
N ILE G 285 1.93 49.79 -16.12
CA ILE G 285 2.60 48.63 -16.71
C ILE G 285 1.78 48.03 -17.85
N GLY G 286 2.45 47.85 -19.00
CA GLY G 286 1.80 47.41 -20.23
C GLY G 286 1.98 48.41 -21.34
N PHE G 287 2.86 49.40 -21.11
CA PHE G 287 3.12 50.47 -22.07
C PHE G 287 4.61 50.81 -22.14
N GLY G 288 5.09 51.07 -23.35
CA GLY G 288 6.50 51.35 -23.58
C GLY G 288 7.35 50.09 -23.54
N HIS G 289 8.47 50.13 -24.26
CA HIS G 289 9.42 49.03 -24.29
C HIS G 289 10.85 49.58 -24.34
N PRO G 290 11.82 48.86 -23.75
CA PRO G 290 13.23 49.29 -23.80
C PRO G 290 13.80 49.48 -25.22
N VAL G 291 13.31 48.70 -26.19
CA VAL G 291 13.90 48.71 -27.53
C VAL G 291 13.07 49.48 -28.55
N TYR G 292 11.77 49.21 -28.60
CA TYR G 292 10.87 49.91 -29.50
C TYR G 292 10.73 51.39 -29.10
N THR G 293 10.49 52.23 -30.11
CA THR G 293 10.29 53.67 -29.90
C THR G 293 9.15 54.23 -30.75
N ILE G 294 8.66 53.45 -31.70
CA ILE G 294 7.47 53.81 -32.47
C ILE G 294 6.27 52.90 -32.12
N ALA G 295 6.43 51.59 -32.28
CA ALA G 295 5.39 50.61 -31.94
C ALA G 295 5.96 49.21 -31.75
N ASP G 296 5.37 48.46 -30.82
CA ASP G 296 5.60 47.03 -30.70
C ASP G 296 4.74 46.41 -31.79
N PRO G 297 5.38 45.78 -32.80
CA PRO G 297 4.61 45.15 -33.87
C PRO G 297 3.65 44.07 -33.36
N ARG G 298 3.94 43.53 -32.18
CA ARG G 298 3.16 42.40 -31.63
C ARG G 298 1.81 42.86 -31.07
N HIS G 299 1.76 44.13 -30.68
CA HIS G 299 0.56 44.75 -30.13
C HIS G 299 -0.66 44.70 -31.07
N GLN G 300 -0.48 45.11 -32.31
CA GLN G 300 -1.60 45.17 -33.25
C GLN G 300 -2.14 43.79 -33.59
N VAL G 301 -1.23 42.82 -33.74
CA VAL G 301 -1.62 41.42 -34.00
C VAL G 301 -2.51 40.89 -32.86
N ILE G 302 -2.06 41.08 -31.62
CA ILE G 302 -2.76 40.55 -30.45
C ILE G 302 -4.05 41.32 -30.10
N LYS G 303 -4.07 42.62 -30.38
CA LYS G 303 -5.26 43.44 -30.19
C LYS G 303 -6.40 42.90 -31.05
N ARG G 304 -6.11 42.64 -32.33
CA ARG G 304 -7.08 42.04 -33.23
C ARG G 304 -7.53 40.69 -32.71
N VAL G 305 -6.60 39.93 -32.15
CA VAL G 305 -6.90 38.65 -31.51
C VAL G 305 -7.83 38.87 -30.30
N ALA G 306 -7.50 39.85 -29.47
CA ALA G 306 -8.34 40.23 -28.32
C ALA G 306 -9.76 40.60 -28.72
N LYS G 307 -9.91 41.39 -29.79
CA LYS G 307 -11.23 41.83 -30.24
C LYS G 307 -12.08 40.69 -30.79
N GLN G 308 -11.50 39.88 -31.68
CA GLN G 308 -12.23 38.79 -32.29
C GLN G 308 -12.69 37.77 -31.23
N LEU G 309 -11.86 37.57 -30.21
CA LEU G 309 -12.18 36.67 -29.10
C LEU G 309 -13.32 37.19 -28.23
N SER G 310 -13.31 38.50 -27.98
CA SER G 310 -14.32 39.17 -27.17
C SER G 310 -15.70 39.19 -27.86
N GLU G 311 -15.69 39.39 -29.18
CA GLU G 311 -16.94 39.43 -29.97
C GLU G 311 -17.66 38.07 -29.97
N GLU G 312 -16.88 37.00 -30.12
CA GLU G 312 -17.38 35.64 -30.04
C GLU G 312 -17.83 35.33 -28.62
N GLY G 313 -16.96 35.67 -27.65
CA GLY G 313 -17.20 35.43 -26.23
C GLY G 313 -18.30 36.28 -25.60
N GLY G 314 -18.99 37.07 -26.42
CA GLY G 314 -20.13 37.85 -25.95
C GLY G 314 -19.79 39.24 -25.42
N SER G 315 -18.85 39.30 -24.46
CA SER G 315 -18.54 40.53 -23.73
C SER G 315 -17.30 41.29 -24.28
N LEU G 316 -17.49 42.56 -24.60
CA LEU G 316 -16.42 43.41 -25.08
C LEU G 316 -16.00 44.44 -24.04
N LYS G 317 -16.62 44.35 -22.87
CA LYS G 317 -16.37 45.27 -21.75
C LYS G 317 -14.88 45.49 -21.46
N MET G 318 -14.17 44.40 -21.18
CA MET G 318 -12.78 44.43 -20.77
C MET G 318 -11.85 44.91 -21.88
N TYR G 319 -12.19 44.57 -23.12
CA TYR G 319 -11.48 45.05 -24.29
C TYR G 319 -11.61 46.57 -24.41
N HIS G 320 -12.85 47.05 -24.30
CA HIS G 320 -13.14 48.47 -24.47
C HIS G 320 -12.41 49.33 -23.45
N ILE G 321 -12.24 48.80 -22.24
CA ILE G 321 -11.45 49.49 -21.22
C ILE G 321 -9.99 49.59 -21.67
N ALA G 322 -9.44 48.49 -22.18
CA ALA G 322 -8.06 48.46 -22.70
C ALA G 322 -7.85 49.39 -23.89
N ASP G 323 -8.86 49.46 -24.77
CA ASP G 323 -8.78 50.29 -25.99
C ASP G 323 -8.82 51.78 -25.64
N ARG G 324 -9.71 52.14 -24.71
CA ARG G 324 -9.80 53.49 -24.18
C ARG G 324 -8.45 53.90 -23.59
N LEU G 325 -7.89 53.02 -22.76
CA LEU G 325 -6.64 53.31 -22.07
C LEU G 325 -5.47 53.50 -23.02
N GLU G 326 -5.45 52.73 -24.11
CA GLU G 326 -4.44 52.93 -25.14
C GLU G 326 -4.41 54.38 -25.60
N THR G 327 -5.59 54.92 -25.90
CA THR G 327 -5.77 56.27 -26.40
C THR G 327 -5.31 57.32 -25.38
N VAL G 328 -5.62 57.07 -24.12
CA VAL G 328 -5.25 57.97 -23.02
C VAL G 328 -3.74 58.04 -22.76
N MET G 329 -3.04 56.91 -22.91
CA MET G 329 -1.59 56.83 -22.68
C MET G 329 -0.79 57.47 -23.82
N TRP G 330 -1.41 57.47 -25.01
CA TRP G 330 -0.91 58.12 -26.21
C TRP G 330 -1.15 59.63 -26.09
N GLU G 331 -2.36 60.00 -25.64
CA GLU G 331 -2.75 61.41 -25.48
C GLU G 331 -1.95 62.07 -24.37
N THR G 332 -1.81 61.39 -23.24
CA THR G 332 -1.09 61.93 -22.10
C THR G 332 0.41 61.84 -22.30
N LYS G 333 0.93 60.62 -22.42
CA LYS G 333 2.38 60.38 -22.48
C LYS G 333 2.94 60.08 -23.87
N LYS G 334 2.07 60.12 -24.88
CA LYS G 334 2.42 59.79 -26.27
C LYS G 334 3.02 58.38 -26.38
N MET G 335 2.60 57.51 -25.46
CA MET G 335 3.17 56.17 -25.32
C MET G 335 2.41 55.11 -26.10
N PHE G 336 3.15 54.11 -26.56
CA PHE G 336 2.56 52.94 -27.21
C PHE G 336 2.31 51.80 -26.23
N PRO G 337 1.26 51.00 -26.48
CA PRO G 337 1.09 49.73 -25.76
C PRO G 337 2.05 48.67 -26.30
N ASN G 338 2.48 47.77 -25.42
CA ASN G 338 3.25 46.61 -25.83
C ASN G 338 2.41 45.33 -25.78
N LEU G 339 3.06 44.20 -26.08
CA LEU G 339 2.41 42.90 -26.18
C LEU G 339 1.55 42.51 -24.96
N ASP G 340 2.03 42.83 -23.76
CA ASP G 340 1.38 42.38 -22.53
C ASP G 340 0.11 43.15 -22.14
N TRP G 341 -0.26 44.14 -22.95
CA TRP G 341 -1.48 44.90 -22.71
C TRP G 341 -2.71 44.14 -23.20
N PHE G 342 -2.78 43.85 -24.50
CA PHE G 342 -3.96 43.15 -25.04
C PHE G 342 -3.93 41.63 -24.93
N SER G 343 -2.76 41.05 -24.63
CA SER G 343 -2.67 39.61 -24.39
C SER G 343 -3.43 39.23 -23.10
N ALA G 344 -3.39 40.12 -22.12
CA ALA G 344 -4.20 39.98 -20.89
C ALA G 344 -5.67 39.77 -21.22
N VAL G 345 -6.16 40.59 -22.14
CA VAL G 345 -7.54 40.52 -22.59
C VAL G 345 -7.84 39.17 -23.25
N SER G 346 -6.99 38.76 -24.20
CA SER G 346 -7.26 37.56 -25.01
C SER G 346 -7.11 36.25 -24.23
N TYR G 347 -6.10 36.16 -23.38
CA TYR G 347 -5.96 35.01 -22.49
C TYR G 347 -7.16 34.89 -21.55
N ASN G 348 -7.61 36.02 -21.02
CA ASN G 348 -8.77 36.06 -20.14
C ASN G 348 -10.05 35.54 -20.82
N MET G 349 -10.23 35.89 -22.09
CA MET G 349 -11.39 35.49 -22.87
C MET G 349 -11.39 34.01 -23.16
N MET G 350 -10.23 33.38 -22.98
CA MET G 350 -10.07 31.95 -23.18
C MET G 350 -9.97 31.20 -21.84
N GLY G 351 -10.36 31.86 -20.75
CA GLY G 351 -10.43 31.22 -19.44
C GLY G 351 -9.12 30.87 -18.75
N VAL G 352 -8.01 31.39 -19.27
CA VAL G 352 -6.70 31.20 -18.66
C VAL G 352 -6.66 31.91 -17.31
N PRO G 353 -6.41 31.15 -16.23
CA PRO G 353 -6.23 31.82 -14.95
C PRO G 353 -4.98 32.69 -15.00
N THR G 354 -5.00 33.79 -14.25
CA THR G 354 -3.90 34.75 -14.24
C THR G 354 -2.56 34.10 -13.92
N GLU G 355 -2.56 33.16 -12.97
CA GLU G 355 -1.32 32.53 -12.54
C GLU G 355 -0.79 31.55 -13.58
N MET G 356 -1.51 31.43 -14.69
CA MET G 356 -1.01 30.65 -15.80
C MET G 356 -0.48 31.48 -16.96
N PHE G 357 -0.46 32.81 -16.77
CA PHE G 357 0.05 33.74 -17.80
C PHE G 357 1.54 33.55 -18.04
N THR G 358 2.35 33.58 -16.98
CA THR G 358 3.77 33.36 -17.15
C THR G 358 4.04 31.91 -17.59
N PRO G 359 3.32 30.92 -17.01
CA PRO G 359 3.44 29.58 -17.60
C PRO G 359 3.30 29.52 -19.14
N LEU G 360 2.39 30.30 -19.73
CA LEU G 360 2.25 30.29 -21.19
C LEU G 360 3.39 30.98 -21.94
N PHE G 361 3.94 32.01 -21.32
CA PHE G 361 5.12 32.68 -21.86
C PHE G 361 6.26 31.63 -21.99
N VAL G 362 6.55 30.90 -20.91
CA VAL G 362 7.48 29.76 -20.94
C VAL G 362 7.24 28.77 -22.11
N ILE G 363 6.00 28.29 -22.24
CA ILE G 363 5.67 27.35 -23.29
C ILE G 363 6.00 27.96 -24.66
N ALA G 364 5.82 29.26 -24.79
CA ALA G 364 6.11 29.93 -26.06
C ALA G 364 7.60 30.17 -26.23
N ARG G 365 8.21 30.73 -25.20
CA ARG G 365 9.57 31.24 -25.27
C ARG G 365 10.65 30.16 -25.13
N VAL G 366 10.27 28.97 -24.69
CA VAL G 366 11.23 27.86 -24.64
C VAL G 366 11.80 27.56 -26.05
N THR G 367 11.06 27.95 -27.09
CA THR G 367 11.53 27.79 -28.46
C THR G 367 12.71 28.72 -28.69
N GLY G 368 12.53 29.99 -28.30
CA GLY G 368 13.59 30.98 -28.38
C GLY G 368 14.79 30.61 -27.53
N TRP G 369 14.52 30.21 -26.29
CA TRP G 369 15.60 29.86 -25.37
C TRP G 369 16.51 28.77 -25.95
N ALA G 370 15.89 27.75 -26.55
CA ALA G 370 16.62 26.57 -27.00
C ALA G 370 17.48 26.86 -28.22
N ALA G 371 16.98 27.73 -29.10
CA ALA G 371 17.77 28.21 -30.23
C ALA G 371 18.98 29.05 -29.77
N HIS G 372 18.78 29.84 -28.71
CA HIS G 372 19.86 30.63 -28.10
C HIS G 372 20.88 29.72 -27.43
N ILE G 373 20.38 28.72 -26.69
CA ILE G 373 21.24 27.69 -26.10
C ILE G 373 22.12 27.02 -27.16
N ILE G 374 21.52 26.65 -28.29
CA ILE G 374 22.21 25.90 -29.34
C ILE G 374 23.21 26.78 -30.05
N GLU G 375 22.88 28.05 -30.18
CA GLU G 375 23.77 29.02 -30.82
C GLU G 375 24.94 29.34 -29.90
N GLN G 376 24.65 29.51 -28.61
CA GLN G 376 25.68 29.76 -27.61
C GLN G 376 26.76 28.69 -27.58
N ARG G 377 26.34 27.42 -27.59
CA ARG G 377 27.26 26.27 -27.60
C ARG G 377 28.16 26.21 -28.84
N GLN G 378 28.07 27.21 -29.69
CA GLN G 378 28.85 27.24 -30.91
C GLN G 378 29.68 28.50 -31.09
N ASP G 379 29.37 29.53 -30.31
CA ASP G 379 30.04 30.84 -30.42
C ASP G 379 30.58 31.32 -29.07
N ASN G 380 30.79 30.37 -28.16
CA ASN G 380 30.88 30.72 -26.75
C ASN G 380 31.50 32.09 -26.32
N LYS G 381 30.60 32.93 -25.80
CA LYS G 381 30.85 34.33 -25.46
C LYS G 381 31.95 34.59 -24.43
N ILE G 382 32.77 35.60 -24.72
CA ILE G 382 33.76 36.12 -23.77
C ILE G 382 33.03 37.01 -22.78
N ILE G 383 32.36 36.37 -21.83
CA ILE G 383 31.65 37.10 -20.78
C ILE G 383 32.62 37.37 -19.64
N ARG G 384 32.87 38.66 -19.41
CA ARG G 384 33.74 39.09 -18.32
C ARG G 384 32.94 39.98 -17.39
N PRO G 385 32.05 39.36 -16.56
CA PRO G 385 31.24 40.17 -15.65
C PRO G 385 32.14 41.07 -14.81
N SER G 386 32.10 42.38 -15.09
CA SER G 386 32.89 43.38 -14.39
C SER G 386 32.08 43.99 -13.27
N ALA G 387 32.54 43.80 -12.04
CA ALA G 387 31.87 44.35 -10.86
C ALA G 387 32.59 45.60 -10.38
N ASN G 388 31.81 46.64 -10.10
CA ASN G 388 32.35 47.85 -9.49
C ASN G 388 32.22 47.74 -7.98
N TYR G 389 33.36 47.66 -7.31
CA TYR G 389 33.41 47.50 -5.86
C TYR G 389 33.10 48.81 -5.13
N THR G 390 32.36 48.70 -4.03
CA THR G 390 32.01 49.83 -3.19
C THR G 390 32.05 49.50 -1.70
N GLY G 391 32.54 48.31 -1.36
CA GLY G 391 32.62 47.87 0.03
C GLY G 391 33.79 48.46 0.79
N PRO G 392 34.01 47.98 2.02
CA PRO G 392 35.07 48.46 2.91
C PRO G 392 36.47 48.11 2.42
N GLU G 393 37.43 48.99 2.69
CA GLU G 393 38.84 48.74 2.40
C GLU G 393 39.37 47.52 3.18
N ASP G 394 40.54 47.02 2.80
CA ASP G 394 41.23 45.98 3.58
C ASP G 394 41.26 46.37 5.05
N ARG G 395 40.79 45.48 5.90
CA ARG G 395 40.75 45.72 7.34
C ARG G 395 41.35 44.52 8.09
N PRO G 396 41.88 44.76 9.31
CA PRO G 396 42.50 43.64 10.01
C PRO G 396 41.48 42.63 10.51
N PHE G 397 41.92 41.40 10.69
CA PHE G 397 41.05 40.37 11.23
C PHE G 397 40.75 40.66 12.68
N VAL G 398 39.48 40.59 13.04
CA VAL G 398 39.07 40.75 14.42
C VAL G 398 38.78 39.38 14.98
N SER G 399 39.51 39.00 16.03
CA SER G 399 39.29 37.74 16.73
C SER G 399 37.91 37.75 17.40
N ILE G 400 37.32 36.57 17.57
CA ILE G 400 35.95 36.47 18.06
C ILE G 400 35.66 37.25 19.37
N ASP G 401 36.55 37.13 20.36
CA ASP G 401 36.39 37.84 21.66
C ASP G 401 36.45 39.37 21.55
N ASP G 402 37.25 39.87 20.60
CA ASP G 402 37.48 41.30 20.46
C ASP G 402 36.37 42.05 19.73
N ARG G 403 35.40 41.32 19.18
CA ARG G 403 34.26 41.97 18.53
C ARG G 403 33.06 42.15 19.49
N CYS G 404 32.38 43.28 19.35
CA CYS G 404 31.45 43.83 20.38
C CYS G 404 31.79 43.46 21.82
N GLY H 43 27.44 46.12 -12.75
CA GLY H 43 26.98 45.68 -11.40
C GLY H 43 27.84 46.22 -10.26
N ASN H 44 27.19 46.58 -9.16
CA ASN H 44 27.86 47.18 -8.01
C ASN H 44 27.81 46.26 -6.79
N THR H 45 28.97 45.76 -6.39
CA THR H 45 29.08 44.91 -5.20
C THR H 45 29.92 45.55 -4.11
N ALA H 46 29.63 45.17 -2.88
CA ALA H 46 30.41 45.59 -1.72
C ALA H 46 30.95 44.36 -0.96
N LEU H 47 30.87 43.20 -1.63
CA LEU H 47 31.06 41.91 -1.00
C LEU H 47 32.47 41.34 -1.04
N CYS H 48 33.21 41.67 -2.09
CA CYS H 48 34.44 40.95 -2.40
C CYS H 48 35.36 41.63 -3.41
N THR H 49 36.66 41.61 -3.12
CA THR H 49 37.67 42.05 -4.08
C THR H 49 38.58 40.88 -4.41
N VAL H 50 38.97 40.79 -5.68
CA VAL H 50 39.84 39.72 -6.15
C VAL H 50 40.96 40.28 -7.02
N GLY H 51 42.17 39.81 -6.76
CA GLY H 51 43.31 40.03 -7.64
C GLY H 51 43.67 41.47 -7.92
N LYS H 52 43.35 42.37 -6.98
CA LYS H 52 43.78 43.77 -7.09
C LYS H 52 45.30 43.94 -7.07
N SER H 53 45.99 42.98 -6.46
CA SER H 53 47.46 42.92 -6.45
C SER H 53 47.95 41.72 -7.25
N GLY H 54 46.99 40.95 -7.76
CA GLY H 54 47.29 39.76 -8.56
C GLY H 54 47.30 38.48 -7.76
N ASN H 55 47.35 38.60 -6.43
CA ASN H 55 47.43 37.46 -5.52
C ASN H 55 46.57 37.58 -4.26
N ASP H 56 45.56 38.44 -4.30
CA ASP H 56 44.79 38.84 -3.11
C ASP H 56 43.31 38.49 -3.23
N LEU H 57 42.71 38.13 -2.09
CA LEU H 57 41.27 37.93 -1.99
C LEU H 57 40.74 38.46 -0.66
N HIS H 58 39.63 39.19 -0.72
CA HIS H 58 38.95 39.69 0.47
C HIS H 58 37.43 39.49 0.45
N TYR H 59 36.87 39.03 1.58
CA TYR H 59 35.42 39.03 1.79
C TYR H 59 35.03 40.17 2.71
N ARG H 60 34.35 41.18 2.16
CA ARG H 60 33.94 42.35 2.94
C ARG H 60 35.15 43.01 3.66
N GLY H 61 36.30 43.05 2.99
CA GLY H 61 37.51 43.69 3.55
C GLY H 61 38.43 42.76 4.33
N TYR H 62 37.94 41.59 4.72
CA TYR H 62 38.76 40.60 5.46
C TYR H 62 39.54 39.68 4.53
N ASP H 63 40.83 39.54 4.81
CA ASP H 63 41.75 38.75 3.99
C ASP H 63 41.40 37.27 4.14
N ILE H 64 41.28 36.58 3.00
CA ILE H 64 40.88 35.17 2.98
C ILE H 64 41.84 34.32 3.81
N LEU H 65 43.11 34.74 3.85
CA LEU H 65 44.15 34.11 4.67
C LEU H 65 43.85 34.18 6.17
N ASP H 66 43.26 35.28 6.63
CA ASP H 66 42.80 35.40 8.02
C ASP H 66 41.57 34.50 8.27
N LEU H 67 40.60 34.56 7.36
CA LEU H 67 39.36 33.79 7.44
C LEU H 67 39.61 32.28 7.42
N ALA H 68 40.44 31.85 6.47
CA ALA H 68 40.90 30.46 6.38
C ALA H 68 41.58 29.93 7.65
N GLU H 69 42.50 30.70 8.23
CA GLU H 69 43.23 30.26 9.43
C GLU H 69 42.37 30.17 10.71
N HIS H 70 41.47 31.12 10.89
CA HIS H 70 40.82 31.31 12.18
C HIS H 70 39.33 30.99 12.25
N CYS H 71 38.63 31.08 11.13
CA CYS H 71 37.18 30.97 11.17
C CYS H 71 36.64 29.58 10.89
N GLU H 72 35.56 29.26 11.58
CA GLU H 72 34.67 28.18 11.17
C GLU H 72 33.98 28.63 9.88
N PHE H 73 33.46 27.68 9.11
CA PHE H 73 32.74 28.06 7.88
C PHE H 73 31.51 28.88 8.25
N GLU H 74 30.85 28.47 9.33
CA GLU H 74 29.70 29.17 9.89
C GLU H 74 29.95 30.67 10.13
N GLU H 75 31.17 31.01 10.56
CA GLU H 75 31.57 32.42 10.75
C GLU H 75 31.53 33.20 9.43
N VAL H 76 32.16 32.62 8.40
CA VAL H 76 32.22 33.23 7.07
C VAL H 76 30.83 33.24 6.43
N ALA H 77 30.03 32.23 6.73
CA ALA H 77 28.68 32.13 6.18
C ALA H 77 27.84 33.25 6.77
N HIS H 78 28.05 33.50 8.06
CA HIS H 78 27.36 34.55 8.79
C HIS H 78 27.84 35.90 8.31
N LEU H 79 29.11 35.97 7.90
CA LEU H 79 29.68 37.22 7.38
C LEU H 79 29.02 37.59 6.05
N LEU H 80 28.84 36.59 5.19
CA LEU H 80 28.35 36.89 3.86
C LEU H 80 26.83 37.13 3.93
N ILE H 81 26.10 36.16 4.50
CA ILE H 81 24.65 36.20 4.55
C ILE H 81 24.12 37.28 5.50
N HIS H 82 24.60 37.30 6.73
CA HIS H 82 24.10 38.24 7.72
C HIS H 82 24.87 39.57 7.85
N GLY H 83 26.06 39.64 7.24
CA GLY H 83 26.74 40.93 7.05
C GLY H 83 27.97 41.21 7.89
N LYS H 84 28.17 40.46 8.97
CA LYS H 84 29.34 40.66 9.81
C LYS H 84 29.86 39.38 10.43
N LEU H 85 31.11 39.42 10.86
CA LEU H 85 31.68 38.37 11.68
C LEU H 85 30.90 38.28 13.00
N PRO H 86 30.38 37.09 13.33
CA PRO H 86 29.55 36.98 14.53
C PRO H 86 30.38 37.02 15.82
N THR H 87 29.79 37.50 16.91
CA THR H 87 30.40 37.38 18.24
C THR H 87 30.25 35.94 18.73
N ARG H 88 30.94 35.61 19.82
CA ARG H 88 30.81 34.28 20.41
C ARG H 88 29.34 33.92 20.57
N ASP H 89 28.59 34.81 21.21
CA ASP H 89 27.16 34.58 21.49
C ASP H 89 26.32 34.44 20.22
N GLU H 90 26.60 35.28 19.23
CA GLU H 90 25.92 35.23 17.92
C GLU H 90 26.22 33.94 17.15
N LEU H 91 27.41 33.37 17.34
CA LEU H 91 27.78 32.14 16.68
C LEU H 91 27.08 30.94 17.32
N ASN H 92 26.99 30.94 18.64
CA ASN H 92 26.25 29.91 19.37
C ASN H 92 24.81 29.77 18.88
N ALA H 93 24.12 30.89 18.78
CA ALA H 93 22.72 30.95 18.35
C ALA H 93 22.56 30.67 16.85
N TYR H 94 23.50 31.17 16.04
CA TYR H 94 23.51 30.88 14.60
C TYR H 94 23.78 29.41 14.29
N LYS H 95 24.64 28.78 15.10
CA LYS H 95 24.92 27.36 14.97
C LYS H 95 23.80 26.48 15.50
N SER H 96 23.07 26.99 16.50
CA SER H 96 21.89 26.30 17.01
C SER H 96 20.76 26.37 15.99
N LYS H 97 20.67 27.49 15.29
CA LYS H 97 19.67 27.70 14.26
C LYS H 97 19.88 26.76 13.08
N LEU H 98 21.10 26.72 12.54
CA LEU H 98 21.42 25.88 11.38
C LEU H 98 21.27 24.38 11.68
N LYS H 99 21.70 23.98 12.88
CA LYS H 99 21.58 22.60 13.34
C LYS H 99 20.13 22.11 13.32
N ALA H 100 19.18 22.99 13.62
CA ALA H 100 17.76 22.62 13.62
C ALA H 100 17.11 22.79 12.26
N LEU H 101 17.90 23.14 11.24
CA LEU H 101 17.38 23.35 9.91
C LEU H 101 17.77 22.28 8.89
N ARG H 102 18.33 21.16 9.37
CA ARG H 102 18.87 20.10 8.51
C ARG H 102 17.82 19.15 7.94
N GLY H 103 16.59 19.22 8.44
CA GLY H 103 15.58 18.24 8.12
C GLY H 103 14.95 18.43 6.75
N LEU H 104 14.22 17.41 6.32
CA LEU H 104 13.68 17.34 4.95
C LEU H 104 12.18 17.12 4.98
N PRO H 105 11.40 18.06 4.45
CA PRO H 105 9.95 17.89 4.43
C PRO H 105 9.51 16.55 3.83
N ALA H 106 8.43 15.99 4.37
CA ALA H 106 7.90 14.70 3.92
C ALA H 106 7.82 14.62 2.40
N ASN H 107 7.27 15.66 1.79
CA ASN H 107 6.99 15.69 0.36
C ASN H 107 8.28 15.82 -0.45
N VAL H 108 9.25 16.52 0.13
CA VAL H 108 10.58 16.69 -0.45
C VAL H 108 11.33 15.35 -0.41
N ARG H 109 11.11 14.56 0.63
CA ARG H 109 11.71 13.22 0.69
C ARG H 109 11.16 12.36 -0.45
N THR H 110 9.88 12.55 -0.72
CA THR H 110 9.16 11.86 -1.78
C THR H 110 9.75 12.25 -3.15
N VAL H 111 10.02 13.53 -3.33
CA VAL H 111 10.59 14.00 -4.57
C VAL H 111 11.99 13.39 -4.76
N LEU H 112 12.80 13.45 -3.70
CA LEU H 112 14.15 12.91 -3.73
C LEU H 112 14.17 11.42 -4.07
N GLU H 113 13.33 10.65 -3.41
CA GLU H 113 13.26 9.20 -3.67
C GLU H 113 12.91 8.85 -5.11
N ALA H 114 12.27 9.77 -5.84
CA ALA H 114 11.83 9.52 -7.22
C ALA H 114 12.92 9.78 -8.26
N LEU H 115 14.01 10.40 -7.84
CA LEU H 115 15.12 10.68 -8.74
C LEU H 115 16.07 9.46 -8.82
N PRO H 116 16.34 8.97 -10.04
CA PRO H 116 17.16 7.77 -10.23
C PRO H 116 18.56 7.89 -9.64
N ALA H 117 19.17 6.74 -9.36
CA ALA H 117 20.55 6.70 -8.87
C ALA H 117 21.58 7.33 -9.82
N ALA H 118 21.31 7.32 -11.13
CA ALA H 118 22.26 7.89 -12.09
C ALA H 118 22.16 9.40 -12.26
N SER H 119 21.22 10.03 -11.58
CA SER H 119 21.11 11.48 -11.61
C SER H 119 22.46 12.15 -11.34
N HIS H 120 22.69 13.26 -12.05
CA HIS H 120 23.80 14.14 -11.74
C HIS H 120 23.52 14.72 -10.36
N PRO H 121 24.45 14.53 -9.40
CA PRO H 121 24.29 15.13 -8.07
C PRO H 121 23.87 16.61 -8.09
N MET H 122 24.38 17.37 -9.05
CA MET H 122 23.97 18.77 -9.20
C MET H 122 22.48 18.88 -9.51
N ASP H 123 21.99 18.01 -10.39
CA ASP H 123 20.56 17.98 -10.74
C ASP H 123 19.69 17.51 -9.56
N VAL H 124 20.26 16.66 -8.70
CA VAL H 124 19.57 16.26 -7.47
C VAL H 124 19.40 17.46 -6.55
N MET H 125 20.50 18.14 -6.31
CA MET H 125 20.49 19.35 -5.51
C MET H 125 19.55 20.36 -6.12
N ARG H 126 19.64 20.52 -7.44
CA ARG H 126 18.78 21.43 -8.17
C ARG H 126 17.29 21.12 -7.93
N THR H 127 16.92 19.84 -8.01
CA THR H 127 15.53 19.43 -7.88
C THR H 127 15.04 19.57 -6.44
N GLY H 128 15.88 19.18 -5.49
CA GLY H 128 15.61 19.37 -4.08
C GLY H 128 15.29 20.81 -3.75
N VAL H 129 16.20 21.72 -4.14
CA VAL H 129 16.04 23.15 -3.86
C VAL H 129 14.76 23.60 -4.51
N SER H 130 14.52 23.12 -5.73
CA SER H 130 13.34 23.54 -6.48
C SER H 130 12.06 23.13 -5.79
N ALA H 131 12.00 21.88 -5.31
CA ALA H 131 10.86 21.36 -4.54
C ALA H 131 10.66 22.11 -3.22
N LEU H 132 11.76 22.52 -2.58
CA LEU H 132 11.70 23.28 -1.33
C LEU H 132 11.10 24.68 -1.55
N GLY H 133 11.37 25.27 -2.71
CA GLY H 133 10.79 26.56 -3.04
C GLY H 133 9.27 26.49 -3.19
N CYS H 134 8.75 25.31 -3.53
CA CYS H 134 7.32 25.06 -3.60
C CYS H 134 6.75 24.83 -2.22
N THR H 135 7.59 24.35 -1.32
CA THR H 135 7.16 23.80 -0.06
C THR H 135 7.23 24.88 1.04
N LEU H 136 8.34 25.62 1.07
CA LEU H 136 8.50 26.75 1.99
C LEU H 136 8.81 28.01 1.19
N PRO H 137 7.81 28.54 0.46
CA PRO H 137 8.09 29.63 -0.47
C PRO H 137 8.43 30.94 0.25
N GLU H 138 9.14 31.82 -0.44
CA GLU H 138 9.37 33.19 0.00
C GLU H 138 8.04 33.93 0.07
N LYS H 139 7.81 34.67 1.16
CA LYS H 139 6.61 35.50 1.27
C LYS H 139 6.63 36.56 0.18
N GLU H 140 5.45 36.93 -0.33
CA GLU H 140 5.33 37.84 -1.48
C GLU H 140 6.18 39.13 -1.34
N GLY H 141 6.32 39.62 -0.12
CA GLY H 141 7.09 40.83 0.14
C GLY H 141 8.59 40.81 -0.15
N HIS H 142 9.20 39.62 -0.13
CA HIS H 142 10.63 39.47 -0.42
C HIS H 142 11.48 40.40 0.47
N THR H 143 11.43 40.18 1.78
CA THR H 143 12.21 40.96 2.75
C THR H 143 13.62 40.41 2.89
N VAL H 144 14.54 41.27 3.34
CA VAL H 144 15.94 40.89 3.54
C VAL H 144 16.06 39.79 4.60
N SER H 145 15.23 39.87 5.63
CA SER H 145 15.17 38.89 6.70
C SER H 145 14.72 37.51 6.19
N GLY H 146 13.68 37.52 5.36
CA GLY H 146 13.14 36.31 4.77
C GLY H 146 14.11 35.66 3.78
N ALA H 147 14.87 36.48 3.06
CA ALA H 147 15.88 35.96 2.14
C ALA H 147 16.95 35.22 2.90
N ARG H 148 17.40 35.81 4.02
CA ARG H 148 18.42 35.21 4.89
C ARG H 148 17.97 33.92 5.56
N ASP H 149 16.69 33.86 5.93
CA ASP H 149 16.11 32.64 6.50
C ASP H 149 16.12 31.50 5.49
N ILE H 150 15.81 31.85 4.24
CA ILE H 150 15.82 30.86 3.18
C ILE H 150 17.26 30.40 2.91
N ALA H 151 18.15 31.36 2.74
CA ALA H 151 19.56 31.08 2.54
C ALA H 151 20.14 30.17 3.62
N ASP H 152 19.80 30.44 4.89
CA ASP H 152 20.24 29.62 6.01
C ASP H 152 19.65 28.20 5.96
N LYS H 153 18.38 28.10 5.55
CA LYS H 153 17.71 26.81 5.37
C LYS H 153 18.43 25.97 4.31
N LEU H 154 18.71 26.60 3.17
CA LEU H 154 19.47 25.94 2.11
C LEU H 154 20.86 25.58 2.60
N LEU H 155 21.55 26.53 3.24
CA LEU H 155 22.87 26.25 3.83
C LEU H 155 22.88 24.98 4.69
N ALA H 156 21.95 24.93 5.63
CA ALA H 156 21.84 23.81 6.55
C ALA H 156 21.39 22.48 5.92
N SER H 157 20.59 22.54 4.84
CA SER H 157 19.96 21.32 4.30
C SER H 157 20.44 20.83 2.93
N LEU H 158 21.33 21.56 2.27
CA LEU H 158 21.81 21.11 0.96
C LEU H 158 22.47 19.73 1.07
N SER H 159 23.24 19.55 2.14
CA SER H 159 23.88 18.28 2.44
C SER H 159 22.88 17.17 2.61
N SER H 160 21.75 17.48 3.27
CA SER H 160 20.72 16.50 3.51
C SER H 160 20.03 16.11 2.22
N ILE H 161 19.67 17.11 1.40
CA ILE H 161 19.08 16.88 0.09
C ILE H 161 19.93 15.89 -0.72
N LEU H 162 21.22 16.19 -0.83
CA LEU H 162 22.13 15.38 -1.62
C LEU H 162 22.25 13.98 -1.05
N LEU H 163 22.58 13.91 0.23
CA LEU H 163 22.96 12.62 0.83
C LEU H 163 21.76 11.70 1.10
N TYR H 164 20.63 12.28 1.48
CA TYR H 164 19.39 11.52 1.52
C TYR H 164 19.06 10.85 0.18
N TRP H 165 19.10 11.60 -0.92
CA TRP H 165 18.94 10.98 -2.25
C TRP H 165 20.00 9.91 -2.48
N TYR H 166 21.24 10.24 -2.15
CA TYR H 166 22.34 9.34 -2.43
C TYR H 166 22.14 7.96 -1.80
N HIS H 167 21.91 7.93 -0.49
CA HIS H 167 21.83 6.67 0.20
C HIS H 167 20.54 5.92 -0.10
N TYR H 168 19.46 6.65 -0.40
CA TYR H 168 18.25 5.97 -0.77
C TYR H 168 18.49 5.28 -2.09
N SER H 169 18.91 6.05 -3.09
CA SER H 169 19.01 5.55 -4.46
C SER H 169 20.12 4.51 -4.67
N HIS H 170 21.21 4.61 -3.91
CA HIS H 170 22.39 3.72 -4.09
C HIS H 170 22.43 2.57 -3.09
N ASN H 171 21.80 2.76 -1.94
CA ASN H 171 21.91 1.81 -0.85
C ASN H 171 20.55 1.40 -0.29
N GLY H 172 19.51 2.09 -0.72
CA GLY H 172 18.14 1.78 -0.31
C GLY H 172 17.79 2.15 1.13
N GLU H 173 18.61 3.03 1.72
CA GLU H 173 18.43 3.44 3.13
C GLU H 173 17.81 4.83 3.18
N ARG H 174 16.87 5.02 4.11
CA ARG H 174 16.34 6.33 4.42
C ARG H 174 17.06 6.83 5.66
N ILE H 175 18.13 7.58 5.47
CA ILE H 175 18.93 8.03 6.59
C ILE H 175 18.22 9.10 7.42
N GLN H 176 18.77 9.36 8.60
CA GLN H 176 18.37 10.48 9.44
C GLN H 176 19.20 11.73 9.11
N PRO H 177 18.59 12.72 8.43
CA PRO H 177 19.30 13.96 8.11
C PRO H 177 19.68 14.80 9.33
N GLU H 178 18.89 14.74 10.41
CA GLU H 178 19.11 15.60 11.58
C GLU H 178 20.09 14.96 12.55
N THR H 179 21.37 15.26 12.38
CA THR H 179 22.41 14.66 13.23
C THR H 179 22.80 15.58 14.37
N ASP H 180 23.56 15.06 15.33
CA ASP H 180 24.12 15.89 16.40
C ASP H 180 25.45 16.58 16.05
N ASP H 181 25.87 16.50 14.79
CA ASP H 181 27.12 17.15 14.37
C ASP H 181 27.03 18.65 14.57
N ASP H 182 28.12 19.23 15.04
CA ASP H 182 28.15 20.66 15.36
C ASP H 182 28.70 21.55 14.24
N SER H 183 28.85 21.00 13.04
CA SER H 183 29.14 21.84 11.86
C SER H 183 28.58 21.28 10.56
N ILE H 184 28.35 22.18 9.61
CA ILE H 184 27.91 21.86 8.25
C ILE H 184 28.85 20.84 7.60
N GLY H 185 30.15 21.14 7.64
CA GLY H 185 31.16 20.24 7.07
C GLY H 185 31.17 18.87 7.72
N GLY H 186 30.98 18.84 9.05
CA GLY H 186 30.91 17.60 9.82
C GLY H 186 29.68 16.80 9.44
N HIS H 187 28.56 17.51 9.31
CA HIS H 187 27.29 16.93 8.91
C HIS H 187 27.36 16.26 7.53
N PHE H 188 27.91 16.98 6.54
CA PHE H 188 28.10 16.41 5.21
C PHE H 188 28.81 15.06 5.34
N LEU H 189 29.98 15.07 5.99
CA LEU H 189 30.82 13.87 6.13
C LEU H 189 30.16 12.71 6.91
N HIS H 190 29.44 13.03 7.99
CA HIS H 190 28.68 12.02 8.73
C HIS H 190 27.61 11.35 7.84
N LEU H 191 26.76 12.16 7.21
CA LEU H 191 25.78 11.63 6.27
C LEU H 191 26.42 10.83 5.13
N LEU H 192 27.60 11.27 4.67
CA LEU H 192 28.30 10.62 3.55
C LEU H 192 28.78 9.21 3.85
N HIS H 193 29.56 9.09 4.93
CA HIS H 193 30.27 7.86 5.29
C HIS H 193 29.50 7.01 6.30
N GLY H 194 28.52 7.60 6.97
CA GLY H 194 27.71 6.87 7.95
C GLY H 194 28.32 6.83 9.35
N GLU H 195 29.38 7.59 9.57
CA GLU H 195 29.98 7.74 10.90
C GLU H 195 30.48 9.17 11.11
N LYS H 196 30.49 9.62 12.36
CA LYS H 196 31.01 10.93 12.70
C LYS H 196 32.47 11.00 12.23
N PRO H 197 32.83 12.10 11.51
CA PRO H 197 34.21 12.26 11.04
C PRO H 197 35.17 12.65 12.18
N THR H 198 36.48 12.53 11.94
CA THR H 198 37.49 13.03 12.87
C THR H 198 37.43 14.55 12.96
N GLN H 199 37.92 15.10 14.07
CA GLN H 199 38.00 16.54 14.26
C GLN H 199 38.90 17.15 13.17
N SER H 200 39.92 16.39 12.81
CA SER H 200 40.84 16.71 11.73
C SER H 200 40.13 16.94 10.39
N TRP H 201 39.29 15.97 9.98
CA TRP H 201 38.51 16.11 8.75
C TRP H 201 37.56 17.28 8.90
N GLU H 202 36.95 17.40 10.06
CA GLU H 202 36.01 18.47 10.36
C GLU H 202 36.63 19.85 10.13
N LYS H 203 37.85 20.04 10.61
CA LYS H 203 38.60 21.30 10.44
C LYS H 203 39.00 21.54 8.99
N ALA H 204 39.40 20.47 8.29
CA ALA H 204 39.74 20.56 6.87
C ALA H 204 38.55 21.06 6.05
N MET H 205 37.36 20.50 6.33
CA MET H 205 36.12 20.94 5.67
C MET H 205 35.78 22.40 5.94
N HIS H 206 36.02 22.86 7.17
CA HIS H 206 35.80 24.25 7.54
C HIS H 206 36.58 25.13 6.57
N ILE H 207 37.88 24.84 6.49
CA ILE H 207 38.80 25.60 5.67
C ILE H 207 38.40 25.54 4.21
N SER H 208 38.10 24.32 3.73
CA SER H 208 37.69 24.10 2.35
C SER H 208 36.51 24.97 1.98
N LEU H 209 35.51 25.05 2.86
CA LEU H 209 34.27 25.75 2.53
C LEU H 209 34.49 27.27 2.56
N VAL H 210 35.28 27.73 3.54
CA VAL H 210 35.70 29.14 3.61
C VAL H 210 36.32 29.59 2.29
N LEU H 211 37.25 28.80 1.76
CA LEU H 211 37.96 29.17 0.54
C LEU H 211 37.06 29.23 -0.70
N TYR H 212 35.97 28.48 -0.68
CA TYR H 212 35.05 28.36 -1.82
C TYR H 212 33.78 29.21 -1.70
N ALA H 213 33.59 29.84 -0.54
CA ALA H 213 32.33 30.51 -0.20
C ALA H 213 31.91 31.70 -1.10
N GLU H 214 32.88 32.44 -1.62
CA GLU H 214 32.63 33.66 -2.38
C GLU H 214 33.81 34.01 -3.30
N HIS H 215 33.51 34.49 -4.50
CA HIS H 215 34.59 34.90 -5.41
C HIS H 215 34.13 35.96 -6.41
N GLU H 216 33.42 36.97 -5.92
CA GLU H 216 32.98 38.09 -6.75
C GLU H 216 32.17 37.62 -7.97
N PHE H 217 32.30 38.32 -9.11
CA PHE H 217 31.52 38.00 -10.31
C PHE H 217 32.12 36.85 -11.10
N ASN H 218 31.25 35.95 -11.53
CA ASN H 218 31.57 34.83 -12.39
C ASN H 218 30.24 34.36 -12.98
N ALA H 219 30.24 33.24 -13.70
CA ALA H 219 29.02 32.78 -14.39
C ALA H 219 27.83 32.52 -13.48
N SER H 220 28.04 31.75 -12.40
CA SER H 220 26.96 31.38 -11.49
C SER H 220 26.49 32.55 -10.62
N THR H 221 27.45 33.30 -10.06
CA THR H 221 27.11 34.47 -9.25
C THR H 221 26.32 35.49 -10.07
N PHE H 222 26.78 35.79 -11.27
CA PHE H 222 26.07 36.71 -12.14
C PHE H 222 24.67 36.19 -12.50
N THR H 223 24.60 34.92 -12.89
CA THR H 223 23.29 34.28 -13.16
C THR H 223 22.32 34.53 -11.99
N SER H 224 22.81 34.37 -10.76
CA SER H 224 21.99 34.58 -9.57
C SER H 224 21.51 36.03 -9.52
N ARG H 225 22.42 36.97 -9.78
CA ARG H 225 22.07 38.39 -9.78
C ARG H 225 21.08 38.74 -10.89
N VAL H 226 21.26 38.14 -12.07
CA VAL H 226 20.35 38.36 -13.20
C VAL H 226 18.91 37.92 -12.86
N ILE H 227 18.80 36.79 -12.19
CA ILE H 227 17.49 36.22 -11.78
C ILE H 227 16.87 37.03 -10.62
N ALA H 228 17.69 37.37 -9.62
CA ALA H 228 17.26 38.27 -8.55
C ALA H 228 16.87 39.65 -9.08
N GLY H 229 17.49 40.04 -10.19
CA GLY H 229 17.29 41.38 -10.76
C GLY H 229 15.93 41.58 -11.40
N THR H 230 15.28 40.48 -11.79
CA THR H 230 13.93 40.56 -12.36
C THR H 230 12.85 40.49 -11.31
N GLY H 231 13.23 40.54 -10.03
CA GLY H 231 12.25 40.48 -8.94
C GLY H 231 11.89 39.06 -8.52
N SER H 232 12.67 38.08 -8.95
CA SER H 232 12.36 36.69 -8.67
C SER H 232 12.75 36.28 -7.25
N ASP H 233 12.33 35.09 -6.86
CA ASP H 233 12.53 34.60 -5.51
C ASP H 233 13.94 34.05 -5.33
N VAL H 234 14.32 33.80 -4.07
CA VAL H 234 15.67 33.34 -3.70
C VAL H 234 15.99 31.97 -4.29
N TYR H 235 15.07 31.02 -4.12
CA TYR H 235 15.28 29.68 -4.69
C TYR H 235 15.62 29.73 -6.18
N SER H 236 14.84 30.49 -6.96
CA SER H 236 15.08 30.63 -8.40
C SER H 236 16.47 31.15 -8.72
N ALA H 237 16.91 32.16 -7.98
CA ALA H 237 18.24 32.71 -8.24
C ALA H 237 19.33 31.68 -7.90
N ILE H 238 19.08 30.88 -6.88
CA ILE H 238 20.08 29.88 -6.45
C ILE H 238 20.13 28.72 -7.43
N ILE H 239 18.95 28.30 -7.89
CA ILE H 239 18.78 27.21 -8.86
C ILE H 239 19.50 27.50 -10.18
N GLY H 240 19.35 28.72 -10.70
CA GLY H 240 20.07 29.13 -11.91
C GLY H 240 21.58 29.06 -11.74
N ALA H 241 22.06 29.62 -10.62
CA ALA H 241 23.47 29.59 -10.25
C ALA H 241 23.99 28.14 -10.12
N ILE H 242 23.23 27.27 -9.46
CA ILE H 242 23.54 25.84 -9.45
C ILE H 242 23.67 25.28 -10.88
N GLY H 243 22.72 25.62 -11.75
CA GLY H 243 22.76 25.23 -13.16
C GLY H 243 24.00 25.74 -13.90
N ALA H 244 24.41 26.97 -13.62
CA ALA H 244 25.65 27.49 -14.18
C ALA H 244 26.87 26.74 -13.65
N LEU H 245 26.87 26.45 -12.35
CA LEU H 245 28.02 25.76 -11.72
C LEU H 245 28.15 24.31 -12.18
N ARG H 246 27.04 23.70 -12.60
CA ARG H 246 27.03 22.35 -13.18
C ARG H 246 27.96 22.22 -14.40
N GLY H 247 28.13 23.32 -15.14
CA GLY H 247 28.94 23.31 -16.37
C GLY H 247 30.42 23.10 -16.06
N PRO H 248 31.05 22.11 -16.72
CA PRO H 248 32.41 21.68 -16.39
C PRO H 248 33.48 22.75 -16.64
N LYS H 249 33.17 23.77 -17.45
CA LYS H 249 34.11 24.85 -17.68
C LYS H 249 34.15 25.81 -16.49
N HIS H 250 33.20 25.64 -15.56
CA HIS H 250 33.03 26.55 -14.42
C HIS H 250 33.16 25.84 -13.07
N GLY H 251 32.30 24.84 -12.84
CA GLY H 251 32.18 24.25 -11.52
C GLY H 251 32.92 22.97 -11.25
N GLY H 252 33.24 22.22 -12.28
CA GLY H 252 33.78 20.88 -12.09
C GLY H 252 35.24 20.67 -12.45
N ALA H 253 36.07 21.66 -12.11
CA ALA H 253 37.50 21.64 -12.44
C ALA H 253 38.34 20.71 -11.56
N ASN H 254 38.02 20.62 -10.27
CA ASN H 254 38.76 19.72 -9.39
C ASN H 254 38.47 18.23 -9.60
N GLU H 255 37.45 17.94 -10.42
CA GLU H 255 37.17 16.56 -10.84
C GLU H 255 38.23 16.12 -11.84
N VAL H 256 38.57 17.00 -12.78
CA VAL H 256 39.62 16.67 -13.72
C VAL H 256 41.05 16.80 -13.15
N SER H 257 41.27 17.70 -12.19
CA SER H 257 42.57 17.76 -11.51
C SER H 257 42.88 16.40 -10.89
N LEU H 258 41.84 15.79 -10.32
CA LEU H 258 41.91 14.50 -9.68
C LEU H 258 42.23 13.40 -10.69
N GLU H 259 41.58 13.45 -11.85
CA GLU H 259 41.81 12.46 -12.89
C GLU H 259 43.22 12.54 -13.42
N ILE H 260 43.75 13.77 -13.51
CA ILE H 260 45.13 14.00 -13.93
C ILE H 260 46.09 13.43 -12.87
N GLN H 261 45.85 13.77 -11.61
CA GLN H 261 46.72 13.30 -10.52
C GLN H 261 46.69 11.78 -10.35
N GLN H 262 45.57 11.15 -10.71
CA GLN H 262 45.41 9.69 -10.56
C GLN H 262 45.90 8.82 -11.73
N ARG H 263 46.23 9.46 -12.86
CA ARG H 263 46.81 8.78 -14.03
C ARG H 263 48.14 8.06 -13.72
N TYR H 264 48.88 8.59 -12.75
CA TYR H 264 50.30 8.26 -12.60
C TYR H 264 50.60 7.52 -11.30
N GLU H 265 51.63 6.68 -11.34
CA GLU H 265 52.12 5.97 -10.16
C GLU H 265 53.29 6.68 -9.49
N THR H 266 53.89 7.62 -10.22
CA THR H 266 55.09 8.35 -9.76
C THR H 266 55.11 9.81 -10.22
N PRO H 267 55.80 10.70 -9.46
CA PRO H 267 55.98 12.09 -9.89
C PRO H 267 56.84 12.22 -11.14
N ASP H 268 57.84 11.35 -11.27
CA ASP H 268 58.61 11.23 -12.50
C ASP H 268 57.70 10.96 -13.71
N GLU H 269 56.90 9.91 -13.65
CA GLU H 269 56.01 9.57 -14.75
C GLU H 269 55.08 10.74 -15.10
N ALA H 270 54.53 11.38 -14.09
CA ALA H 270 53.71 12.58 -14.26
C ALA H 270 54.47 13.71 -14.94
N GLU H 271 55.72 13.92 -14.52
CA GLU H 271 56.53 14.97 -15.12
C GLU H 271 56.74 14.72 -16.61
N ALA H 272 57.08 13.48 -16.96
CA ALA H 272 57.35 13.12 -18.36
C ALA H 272 56.12 13.31 -19.25
N ASP H 273 54.97 12.88 -18.76
CA ASP H 273 53.74 12.90 -19.54
C ASP H 273 53.08 14.28 -19.59
N ILE H 274 53.19 15.07 -18.53
CA ILE H 274 52.65 16.45 -18.61
C ILE H 274 53.57 17.40 -19.37
N ARG H 275 54.89 17.25 -19.24
CA ARG H 275 55.73 18.13 -20.05
C ARG H 275 55.77 17.70 -21.52
N LYS H 276 55.19 16.52 -21.79
CA LYS H 276 54.90 16.05 -23.15
C LYS H 276 53.62 16.70 -23.71
N ARG H 277 52.52 16.63 -22.94
CA ARG H 277 51.23 17.22 -23.34
C ARG H 277 51.31 18.74 -23.50
N VAL H 278 52.09 19.38 -22.63
CA VAL H 278 52.28 20.83 -22.68
C VAL H 278 52.99 21.25 -23.97
N GLU H 279 53.97 20.45 -24.38
CA GLU H 279 54.67 20.68 -25.64
C GLU H 279 53.67 20.58 -26.79
N ASN H 280 52.71 19.68 -26.65
CA ASN H 280 51.59 19.58 -27.59
C ASN H 280 50.56 20.68 -27.38
N LYS H 281 50.91 21.68 -26.57
CA LYS H 281 50.07 22.83 -26.29
C LYS H 281 48.72 22.48 -25.66
N GLU H 282 48.65 21.31 -25.01
CA GLU H 282 47.44 20.89 -24.29
C GLU H 282 47.23 21.72 -23.02
N VAL H 283 45.97 21.99 -22.69
CA VAL H 283 45.62 22.75 -21.49
C VAL H 283 45.70 21.84 -20.27
N VAL H 284 46.42 22.29 -19.25
CA VAL H 284 46.49 21.56 -18.00
C VAL H 284 45.62 22.26 -16.96
N ILE H 285 44.48 21.64 -16.67
CA ILE H 285 43.46 22.21 -15.78
C ILE H 285 43.97 22.25 -14.34
N GLY H 286 43.55 23.28 -13.60
CA GLY H 286 44.00 23.49 -12.23
C GLY H 286 45.11 24.50 -12.20
N PHE H 287 45.39 25.09 -13.35
CA PHE H 287 46.46 26.06 -13.46
C PHE H 287 46.02 27.34 -14.15
N GLY H 288 46.54 28.46 -13.65
CA GLY H 288 46.20 29.78 -14.17
C GLY H 288 44.83 30.23 -13.71
N HIS H 289 44.55 31.51 -13.96
CA HIS H 289 43.29 32.08 -13.53
C HIS H 289 43.01 33.33 -14.34
N PRO H 290 41.75 33.56 -14.72
CA PRO H 290 41.35 34.74 -15.50
C PRO H 290 41.72 36.07 -14.83
N VAL H 291 41.65 36.12 -13.50
CA VAL H 291 41.86 37.37 -12.77
C VAL H 291 43.23 37.47 -12.05
N TYR H 292 43.54 36.49 -11.19
CA TYR H 292 44.85 36.40 -10.55
C TYR H 292 45.98 36.36 -11.57
N THR H 293 47.02 37.17 -11.35
CA THR H 293 48.16 37.24 -12.27
C THR H 293 49.49 36.79 -11.65
N ILE H 294 49.49 36.62 -10.33
CA ILE H 294 50.68 36.17 -9.61
C ILE H 294 50.43 34.80 -8.99
N ALA H 295 49.34 34.70 -8.22
CA ALA H 295 48.95 33.47 -7.55
C ALA H 295 47.48 33.53 -7.13
N ASP H 296 46.92 32.36 -6.85
CA ASP H 296 45.64 32.24 -6.16
C ASP H 296 45.94 32.06 -4.66
N PRO H 297 45.49 33.00 -3.80
CA PRO H 297 45.73 32.93 -2.37
C PRO H 297 45.05 31.74 -1.72
N ARG H 298 44.00 31.23 -2.36
CA ARG H 298 43.29 30.09 -1.80
C ARG H 298 44.16 28.83 -1.97
N HIS H 299 45.05 28.85 -2.96
CA HIS H 299 45.88 27.69 -3.25
C HIS H 299 46.81 27.27 -2.09
N GLN H 300 47.59 28.22 -1.56
CA GLN H 300 48.60 27.89 -0.56
C GLN H 300 47.94 27.33 0.68
N VAL H 301 46.78 27.90 1.00
CA VAL H 301 45.94 27.40 2.09
C VAL H 301 45.52 25.93 1.87
N ILE H 302 44.94 25.62 0.71
CA ILE H 302 44.40 24.27 0.47
C ILE H 302 45.50 23.22 0.27
N LYS H 303 46.70 23.69 -0.07
CA LYS H 303 47.86 22.82 -0.22
C LYS H 303 48.31 22.26 1.14
N ARG H 304 48.24 23.10 2.18
CA ARG H 304 48.61 22.66 3.51
C ARG H 304 47.59 21.66 4.05
N VAL H 305 46.32 21.95 3.80
CA VAL H 305 45.24 21.07 4.20
C VAL H 305 45.46 19.69 3.56
N ALA H 306 45.77 19.70 2.26
CA ALA H 306 46.03 18.47 1.52
C ALA H 306 47.20 17.66 2.10
N LYS H 307 48.27 18.34 2.49
CA LYS H 307 49.45 17.67 3.01
C LYS H 307 49.12 17.02 4.35
N GLN H 308 48.57 17.82 5.26
CA GLN H 308 48.08 17.36 6.56
C GLN H 308 47.20 16.11 6.45
N LEU H 309 46.20 16.16 5.58
CA LEU H 309 45.27 15.04 5.35
C LEU H 309 45.94 13.78 4.84
N SER H 310 46.83 13.94 3.85
CA SER H 310 47.56 12.83 3.27
C SER H 310 48.53 12.19 4.26
N GLU H 311 49.12 12.99 5.14
CA GLU H 311 50.05 12.48 6.17
C GLU H 311 49.33 11.62 7.21
N GLU H 312 48.08 11.97 7.51
CA GLU H 312 47.22 11.20 8.42
C GLU H 312 46.51 10.02 7.72
N GLY H 313 46.11 10.23 6.47
CA GLY H 313 45.57 9.17 5.62
C GLY H 313 46.61 8.10 5.40
N GLY H 314 47.85 8.53 5.17
CA GLY H 314 48.97 7.63 4.90
C GLY H 314 49.56 7.87 3.52
N SER H 315 48.67 8.00 2.52
CA SER H 315 49.06 8.15 1.12
C SER H 315 49.45 9.59 0.73
N LEU H 316 50.75 9.84 0.60
CA LEU H 316 51.25 11.09 0.02
C LEU H 316 51.35 10.99 -1.52
N LYS H 317 51.08 9.81 -2.07
CA LYS H 317 51.22 9.55 -3.50
C LYS H 317 50.58 10.65 -4.33
N MET H 318 49.27 10.82 -4.17
CA MET H 318 48.53 11.85 -4.89
C MET H 318 49.07 13.25 -4.63
N TYR H 319 49.43 13.53 -3.37
CA TYR H 319 50.01 14.83 -3.01
C TYR H 319 51.35 15.06 -3.69
N HIS H 320 52.22 14.05 -3.66
CA HIS H 320 53.52 14.13 -4.32
C HIS H 320 53.44 14.35 -5.82
N ILE H 321 52.45 13.74 -6.47
CA ILE H 321 52.19 13.96 -7.89
C ILE H 321 51.81 15.40 -8.15
N ALA H 322 50.88 15.93 -7.37
CA ALA H 322 50.38 17.31 -7.52
C ALA H 322 51.45 18.39 -7.22
N ASP H 323 52.29 18.11 -6.22
CA ASP H 323 53.36 19.03 -5.81
C ASP H 323 54.41 19.17 -6.93
N ARG H 324 54.74 18.04 -7.54
CA ARG H 324 55.65 17.96 -8.70
C ARG H 324 55.15 18.72 -9.94
N LEU H 325 53.88 18.50 -10.29
CA LEU H 325 53.29 19.18 -11.43
C LEU H 325 53.20 20.70 -11.24
N GLU H 326 52.97 21.13 -10.00
CA GLU H 326 53.04 22.55 -9.67
C GLU H 326 54.37 23.17 -10.12
N THR H 327 55.46 22.48 -9.83
CA THR H 327 56.80 22.87 -10.25
C THR H 327 56.95 22.82 -11.77
N VAL H 328 56.49 21.73 -12.36
CA VAL H 328 56.61 21.50 -13.80
C VAL H 328 55.80 22.53 -14.58
N MET H 329 54.63 22.90 -14.07
CA MET H 329 53.81 23.89 -14.74
C MET H 329 54.43 25.27 -14.66
N TRP H 330 55.12 25.57 -13.56
CA TRP H 330 55.90 26.79 -13.45
C TRP H 330 57.13 26.74 -14.39
N GLU H 331 58.00 25.76 -14.22
CA GLU H 331 59.20 25.62 -15.08
C GLU H 331 58.90 25.70 -16.58
N THR H 332 57.78 25.10 -16.97
CA THR H 332 57.42 24.92 -18.36
C THR H 332 56.64 26.10 -18.98
N LYS H 333 55.60 26.57 -18.29
CA LYS H 333 54.72 27.60 -18.84
C LYS H 333 54.54 28.81 -17.92
N LYS H 334 55.37 28.88 -16.88
CA LYS H 334 55.28 29.94 -15.86
C LYS H 334 53.82 30.19 -15.47
N MET H 335 53.19 29.13 -14.96
CA MET H 335 51.79 29.15 -14.55
C MET H 335 51.64 28.66 -13.13
N PHE H 336 50.78 29.32 -12.37
CA PHE H 336 50.51 28.96 -10.98
C PHE H 336 49.29 28.02 -10.82
N PRO H 337 49.31 27.19 -9.77
CA PRO H 337 48.12 26.40 -9.43
C PRO H 337 47.02 27.28 -8.88
N ASN H 338 45.77 26.99 -9.25
CA ASN H 338 44.61 27.60 -8.61
C ASN H 338 43.96 26.64 -7.61
N LEU H 339 43.07 27.15 -6.79
CA LEU H 339 42.38 26.38 -5.73
C LEU H 339 41.93 24.95 -6.09
N ASP H 340 41.52 24.73 -7.35
CA ASP H 340 41.03 23.42 -7.78
C ASP H 340 42.14 22.39 -8.05
N TRP H 341 43.40 22.81 -8.01
CA TRP H 341 44.47 21.85 -8.15
C TRP H 341 44.61 20.99 -6.88
N PHE H 342 44.96 21.60 -5.75
CA PHE H 342 45.14 20.83 -4.52
C PHE H 342 43.85 20.40 -3.80
N SER H 343 42.73 21.06 -4.07
CA SER H 343 41.49 20.67 -3.41
C SER H 343 40.99 19.29 -3.84
N ALA H 344 41.40 18.82 -5.02
CA ALA H 344 41.15 17.44 -5.43
C ALA H 344 41.81 16.46 -4.45
N VAL H 345 43.02 16.79 -4.02
CA VAL H 345 43.76 15.95 -3.08
C VAL H 345 43.10 15.93 -1.69
N SER H 346 42.80 17.10 -1.14
CA SER H 346 42.17 17.21 0.17
C SER H 346 40.80 16.50 0.22
N TYR H 347 39.93 16.80 -0.74
CA TYR H 347 38.63 16.11 -0.83
C TYR H 347 38.74 14.59 -0.98
N ASN H 348 39.64 14.15 -1.85
CA ASN H 348 39.88 12.71 -2.05
C ASN H 348 40.32 11.98 -0.76
N MET H 349 41.17 12.65 0.02
CA MET H 349 41.69 12.08 1.27
C MET H 349 40.61 11.95 2.33
N MET H 350 39.58 12.80 2.26
CA MET H 350 38.43 12.67 3.15
C MET H 350 37.38 11.70 2.58
N GLY H 351 37.75 11.00 1.51
CA GLY H 351 36.91 9.98 0.92
C GLY H 351 35.71 10.53 0.19
N VAL H 352 35.82 11.75 -0.31
CA VAL H 352 34.70 12.35 -1.06
C VAL H 352 34.67 11.84 -2.51
N PRO H 353 33.56 11.23 -2.93
CA PRO H 353 33.41 10.83 -4.32
C PRO H 353 33.56 12.06 -5.21
N THR H 354 34.23 11.86 -6.34
CA THR H 354 34.50 12.93 -7.29
C THR H 354 33.20 13.61 -7.74
N GLU H 355 32.16 12.80 -7.93
CA GLU H 355 30.82 13.29 -8.35
C GLU H 355 30.21 14.26 -7.35
N MET H 356 30.78 14.30 -6.15
CA MET H 356 30.29 15.20 -5.12
C MET H 356 31.13 16.46 -4.90
N PHE H 357 32.22 16.60 -5.66
CA PHE H 357 33.08 17.79 -5.60
C PHE H 357 32.29 19.07 -5.86
N THR H 358 31.54 19.11 -6.97
CA THR H 358 30.79 20.31 -7.35
C THR H 358 29.64 20.61 -6.36
N PRO H 359 28.90 19.57 -5.90
CA PRO H 359 27.96 19.76 -4.79
C PRO H 359 28.53 20.47 -3.54
N LEU H 360 29.74 20.12 -3.13
CA LEU H 360 30.39 20.83 -1.99
C LEU H 360 30.75 22.29 -2.32
N PHE H 361 31.07 22.56 -3.58
CA PHE H 361 31.25 23.92 -4.09
C PHE H 361 29.91 24.69 -3.95
N VAL H 362 28.80 24.01 -4.22
CA VAL H 362 27.45 24.56 -3.99
C VAL H 362 27.17 24.89 -2.53
N ILE H 363 27.46 23.94 -1.64
CA ILE H 363 27.30 24.12 -0.20
C ILE H 363 28.16 25.27 0.33
N ALA H 364 29.33 25.48 -0.29
CA ALA H 364 30.19 26.58 0.09
C ALA H 364 29.75 27.91 -0.52
N ARG H 365 29.45 27.92 -1.82
CA ARG H 365 29.27 29.15 -2.58
C ARG H 365 27.87 29.74 -2.42
N VAL H 366 26.95 28.96 -1.85
CA VAL H 366 25.57 29.42 -1.65
C VAL H 366 25.55 30.65 -0.74
N THR H 367 26.56 30.74 0.12
CA THR H 367 26.72 31.87 1.03
C THR H 367 26.96 33.15 0.23
N GLY H 368 27.96 33.12 -0.65
CA GLY H 368 28.22 34.23 -1.57
C GLY H 368 27.02 34.55 -2.46
N TRP H 369 26.40 33.51 -3.02
CA TRP H 369 25.25 33.72 -3.88
C TRP H 369 24.18 34.46 -3.11
N ALA H 370 23.81 33.93 -1.95
CA ALA H 370 22.76 34.55 -1.14
C ALA H 370 23.06 36.02 -0.90
N ALA H 371 24.32 36.31 -0.58
CA ALA H 371 24.74 37.68 -0.34
C ALA H 371 24.63 38.54 -1.59
N HIS H 372 24.93 37.97 -2.76
CA HIS H 372 24.81 38.71 -4.03
C HIS H 372 23.35 38.94 -4.42
N ILE H 373 22.52 37.93 -4.20
CA ILE H 373 21.06 38.05 -4.40
C ILE H 373 20.48 39.20 -3.58
N ILE H 374 20.85 39.26 -2.29
CA ILE H 374 20.38 40.30 -1.37
C ILE H 374 20.84 41.69 -1.82
N GLU H 375 22.07 41.75 -2.33
CA GLU H 375 22.70 42.99 -2.77
C GLU H 375 22.06 43.50 -4.06
N GLN H 376 21.77 42.57 -4.97
CA GLN H 376 21.07 42.89 -6.22
C GLN H 376 19.69 43.48 -5.97
N ARG H 377 18.99 42.98 -4.95
CA ARG H 377 17.69 43.51 -4.57
C ARG H 377 17.76 44.96 -4.11
N GLN H 378 18.79 45.29 -3.33
CA GLN H 378 18.94 46.63 -2.75
C GLN H 378 19.26 47.69 -3.81
N ASP H 379 20.22 47.40 -4.67
CA ASP H 379 20.64 48.37 -5.68
C ASP H 379 20.04 47.96 -7.02
N ASN H 380 18.71 47.86 -7.03
CA ASN H 380 17.95 47.39 -8.19
C ASN H 380 18.18 48.24 -9.44
N LYS H 381 19.13 47.78 -10.25
CA LYS H 381 19.58 48.47 -11.44
C LYS H 381 20.13 47.39 -12.36
N ILE H 382 19.30 46.93 -13.29
CA ILE H 382 19.71 45.92 -14.26
C ILE H 382 19.96 46.56 -15.63
N ILE H 383 21.15 46.31 -16.19
CA ILE H 383 21.49 46.76 -17.54
C ILE H 383 20.93 45.78 -18.59
N ARG H 384 20.27 46.34 -19.61
CA ARG H 384 19.68 45.53 -20.68
C ARG H 384 20.77 44.94 -21.57
N PRO H 385 20.89 43.59 -21.60
CA PRO H 385 21.88 42.97 -22.49
C PRO H 385 21.46 43.16 -23.95
N SER H 386 22.46 43.34 -24.82
CA SER H 386 22.23 43.57 -26.25
C SER H 386 23.12 42.66 -27.11
N ALA H 387 22.76 42.50 -28.37
CA ALA H 387 23.45 41.56 -29.25
C ALA H 387 23.81 42.23 -30.55
N ASN H 388 24.90 41.78 -31.16
CA ASN H 388 25.17 42.12 -32.56
C ASN H 388 24.50 41.07 -33.41
N TYR H 389 23.92 41.51 -34.52
CA TYR H 389 23.20 40.61 -35.41
C TYR H 389 24.12 40.17 -36.52
N THR H 390 24.20 38.86 -36.71
CA THR H 390 25.03 38.23 -37.74
C THR H 390 24.16 37.38 -38.66
N GLY H 391 22.85 37.48 -38.50
CA GLY H 391 21.94 36.60 -39.21
C GLY H 391 21.52 37.10 -40.57
N PRO H 392 20.53 36.41 -41.17
CA PRO H 392 20.03 36.75 -42.49
C PRO H 392 19.32 38.11 -42.48
N GLU H 393 19.51 38.87 -43.55
CA GLU H 393 18.74 40.09 -43.80
C GLU H 393 17.26 39.74 -43.93
N ASP H 394 16.39 40.70 -43.67
CA ASP H 394 14.95 40.52 -43.83
C ASP H 394 14.58 39.94 -45.22
N ARG H 395 13.85 38.82 -45.20
CA ARG H 395 13.47 38.08 -46.40
C ARG H 395 11.94 37.90 -46.47
N PRO H 396 11.38 37.75 -47.68
CA PRO H 396 9.93 37.57 -47.74
C PRO H 396 9.51 36.22 -47.20
N PHE H 397 8.28 36.14 -46.71
CA PHE H 397 7.69 34.91 -46.23
C PHE H 397 7.55 33.91 -47.37
N VAL H 398 7.83 32.64 -47.10
CA VAL H 398 7.61 31.59 -48.09
C VAL H 398 6.48 30.73 -47.58
N SER H 399 5.44 30.61 -48.41
CA SER H 399 4.27 29.83 -48.05
C SER H 399 4.64 28.36 -47.93
N ILE H 400 3.93 27.64 -47.06
CA ILE H 400 4.24 26.23 -46.79
C ILE H 400 4.33 25.34 -48.06
N ASP H 401 3.33 25.45 -48.92
CA ASP H 401 3.29 24.68 -50.16
C ASP H 401 4.39 25.10 -51.14
N ASP H 402 5.01 26.25 -50.87
CA ASP H 402 6.01 26.83 -51.75
C ASP H 402 7.44 26.65 -51.26
N ARG H 403 7.62 25.93 -50.14
CA ARG H 403 8.98 25.70 -49.64
C ARG H 403 9.44 24.28 -49.89
N CYS H 404 10.75 24.13 -50.14
CA CYS H 404 11.35 22.84 -50.46
C CYS H 404 12.66 22.65 -49.69
N GLY I 43 -22.26 48.34 14.42
CA GLY I 43 -21.86 47.93 13.02
C GLY I 43 -22.56 48.71 11.92
N ASN I 44 -21.87 48.88 10.81
CA ASN I 44 -22.38 49.65 9.67
C ASN I 44 -22.46 48.80 8.41
N THR I 45 -23.66 48.58 7.91
CA THR I 45 -23.86 47.77 6.71
C THR I 45 -24.66 48.48 5.62
N ALA I 46 -24.38 48.12 4.38
CA ALA I 46 -25.11 48.62 3.22
C ALA I 46 -25.75 47.46 2.43
N LEU I 47 -25.89 46.33 3.11
CA LEU I 47 -26.22 45.05 2.46
C LEU I 47 -27.68 44.67 2.48
N CYS I 48 -28.37 45.02 3.57
CA CYS I 48 -29.67 44.45 3.84
C CYS I 48 -30.55 45.22 4.83
N THR I 49 -31.82 45.37 4.49
CA THR I 49 -32.81 45.91 5.43
C THR I 49 -33.86 44.88 5.78
N VAL I 50 -34.16 44.78 7.08
CA VAL I 50 -35.11 43.79 7.58
C VAL I 50 -36.20 44.45 8.43
N GLY I 51 -37.45 44.13 8.12
CA GLY I 51 -38.60 44.51 8.94
C GLY I 51 -38.65 45.98 9.29
N LYS I 52 -38.45 46.84 8.30
CA LYS I 52 -38.60 48.29 8.47
C LYS I 52 -40.09 48.64 8.54
N SER I 53 -40.92 47.70 8.09
CA SER I 53 -42.37 47.79 8.13
C SER I 53 -42.93 46.55 8.82
N GLY I 54 -41.99 45.70 9.25
CA GLY I 54 -42.33 44.43 9.91
C GLY I 54 -42.79 43.32 9.00
N ASN I 55 -42.59 43.47 7.69
CA ASN I 55 -42.90 42.44 6.70
C ASN I 55 -42.06 42.53 5.42
N ASP I 56 -40.94 43.24 5.49
CA ASP I 56 -40.15 43.58 4.30
C ASP I 56 -38.69 43.11 4.42
N LEU I 57 -38.13 42.65 3.29
CA LEU I 57 -36.70 42.28 3.22
C LEU I 57 -36.04 42.78 1.92
N HIS I 58 -34.85 43.34 2.04
CA HIS I 58 -34.11 43.86 0.89
C HIS I 58 -32.63 43.51 0.87
N TYR I 59 -32.13 43.13 -0.30
CA TYR I 59 -30.71 42.94 -0.56
C TYR I 59 -30.24 44.08 -1.44
N ARG I 60 -29.44 44.98 -0.87
CA ARG I 60 -28.89 46.11 -1.61
C ARG I 60 -29.99 46.92 -2.30
N GLY I 61 -31.14 47.05 -1.64
CA GLY I 61 -32.28 47.83 -2.15
C GLY I 61 -33.31 47.06 -2.95
N TYR I 62 -32.99 45.81 -3.31
CA TYR I 62 -33.89 44.96 -4.09
C TYR I 62 -34.78 44.09 -3.22
N ASP I 63 -36.09 44.19 -3.45
CA ASP I 63 -37.09 43.44 -2.70
C ASP I 63 -36.93 41.93 -2.88
N ILE I 64 -36.99 41.21 -1.76
CA ILE I 64 -36.80 39.74 -1.78
C ILE I 64 -37.83 39.03 -2.66
N LEU I 65 -39.03 39.60 -2.76
CA LEU I 65 -40.09 39.05 -3.60
C LEU I 65 -39.75 39.08 -5.11
N ASP I 66 -39.06 40.14 -5.53
CA ASP I 66 -38.60 40.28 -6.91
C ASP I 66 -37.45 39.30 -7.20
N LEU I 67 -36.52 39.23 -6.26
CA LEU I 67 -35.35 38.37 -6.35
C LEU I 67 -35.72 36.90 -6.37
N ALA I 68 -36.47 36.48 -5.35
CA ALA I 68 -36.99 35.10 -5.26
C ALA I 68 -37.77 34.67 -6.50
N GLU I 69 -38.63 35.55 -7.02
CA GLU I 69 -39.43 35.23 -8.21
C GLU I 69 -38.64 35.15 -9.51
N HIS I 70 -37.66 36.04 -9.68
CA HIS I 70 -37.05 36.23 -11.00
C HIS I 70 -35.59 35.78 -11.16
N CYS I 71 -34.84 35.71 -10.06
CA CYS I 71 -33.41 35.44 -10.16
C CYS I 71 -33.03 33.99 -9.93
N GLU I 72 -32.09 33.51 -10.73
CA GLU I 72 -31.34 32.32 -10.35
C GLU I 72 -30.61 32.63 -9.04
N PHE I 73 -30.35 31.61 -8.24
CA PHE I 73 -29.64 31.84 -7.00
C PHE I 73 -28.30 32.55 -7.28
N GLU I 74 -27.61 32.11 -8.32
CA GLU I 74 -26.34 32.70 -8.77
C GLU I 74 -26.40 34.20 -9.06
N GLU I 75 -27.56 34.68 -9.52
CA GLU I 75 -27.76 36.12 -9.72
C GLU I 75 -27.70 36.89 -8.40
N VAL I 76 -28.36 36.35 -7.40
CA VAL I 76 -28.37 36.92 -6.07
C VAL I 76 -26.97 36.80 -5.45
N ALA I 77 -26.34 35.64 -5.64
CA ALA I 77 -25.00 35.41 -5.10
C ALA I 77 -24.03 36.45 -5.64
N HIS I 78 -24.16 36.71 -6.94
CA HIS I 78 -23.39 37.76 -7.64
C HIS I 78 -23.67 39.16 -7.08
N LEU I 79 -24.87 39.35 -6.54
CA LEU I 79 -25.28 40.65 -6.00
C LEU I 79 -24.57 40.87 -4.67
N LEU I 80 -24.53 39.81 -3.86
CA LEU I 80 -23.97 39.94 -2.53
C LEU I 80 -22.45 39.94 -2.62
N ILE I 81 -21.88 38.91 -3.24
CA ILE I 81 -20.44 38.80 -3.38
C ILE I 81 -19.82 39.90 -4.26
N HIS I 82 -20.26 40.01 -5.52
CA HIS I 82 -19.61 40.96 -6.43
C HIS I 82 -20.20 42.38 -6.49
N GLY I 83 -21.35 42.58 -5.84
CA GLY I 83 -21.88 43.94 -5.61
C GLY I 83 -23.07 44.41 -6.44
N LYS I 84 -23.36 43.72 -7.54
CA LYS I 84 -24.43 44.15 -8.46
C LYS I 84 -25.14 42.97 -9.10
N LEU I 85 -26.38 43.17 -9.54
CA LEU I 85 -27.06 42.19 -10.40
C LEU I 85 -26.30 42.05 -11.71
N PRO I 86 -26.01 40.80 -12.12
CA PRO I 86 -25.19 40.60 -13.31
C PRO I 86 -25.96 40.81 -14.62
N THR I 87 -25.26 41.26 -15.66
CA THR I 87 -25.82 41.25 -17.01
C THR I 87 -25.79 39.81 -17.52
N ARG I 88 -26.48 39.54 -18.64
CA ARG I 88 -26.47 38.19 -19.21
C ARG I 88 -25.05 37.64 -19.38
N ASP I 89 -24.15 38.46 -19.92
CA ASP I 89 -22.76 38.04 -20.13
C ASP I 89 -21.97 37.87 -18.83
N GLU I 90 -22.20 38.78 -17.88
CA GLU I 90 -21.64 38.63 -16.55
C GLU I 90 -22.11 37.34 -15.88
N LEU I 91 -23.37 36.97 -16.13
CA LEU I 91 -23.95 35.76 -15.56
C LEU I 91 -23.46 34.50 -16.26
N ASN I 92 -23.23 34.59 -17.57
CA ASN I 92 -22.69 33.45 -18.32
C ASN I 92 -21.28 33.09 -17.86
N ALA I 93 -20.44 34.11 -17.70
CA ALA I 93 -19.04 33.90 -17.33
C ALA I 93 -18.88 33.52 -15.85
N TYR I 94 -19.79 34.02 -15.01
CA TYR I 94 -19.78 33.72 -13.58
C TYR I 94 -20.20 32.28 -13.30
N LYS I 95 -21.22 31.81 -14.00
CA LYS I 95 -21.69 30.43 -13.87
C LYS I 95 -20.67 29.47 -14.45
N SER I 96 -20.00 29.89 -15.51
CA SER I 96 -18.91 29.13 -16.09
C SER I 96 -17.75 29.04 -15.11
N LYS I 97 -17.51 30.15 -14.39
CA LYS I 97 -16.47 30.21 -13.38
C LYS I 97 -16.74 29.25 -12.22
N LEU I 98 -17.93 29.29 -11.66
CA LEU I 98 -18.29 28.46 -10.50
C LEU I 98 -18.30 26.97 -10.81
N LYS I 99 -18.73 26.65 -12.03
CA LYS I 99 -18.81 25.30 -12.55
C LYS I 99 -17.44 24.62 -12.50
N ALA I 100 -16.39 25.39 -12.76
CA ALA I 100 -15.03 24.86 -12.77
C ALA I 100 -14.37 24.99 -11.39
N LEU I 101 -15.18 25.26 -10.38
CA LEU I 101 -14.68 25.44 -9.03
C LEU I 101 -15.19 24.40 -8.04
N ARG I 102 -15.86 23.38 -8.54
CA ARG I 102 -16.48 22.36 -7.72
C ARG I 102 -15.51 21.28 -7.24
N GLY I 103 -14.26 21.34 -7.71
CA GLY I 103 -13.30 20.30 -7.45
C GLY I 103 -12.71 20.32 -6.05
N LEU I 104 -12.21 19.16 -5.63
CA LEU I 104 -11.72 18.97 -4.28
C LEU I 104 -10.26 18.54 -4.35
N PRO I 105 -9.35 19.37 -3.79
CA PRO I 105 -7.91 19.07 -3.79
C PRO I 105 -7.59 17.70 -3.21
N ALA I 106 -6.53 17.06 -3.71
CA ALA I 106 -6.15 15.69 -3.31
C ALA I 106 -6.07 15.55 -1.81
N ASN I 107 -5.46 16.54 -1.18
CA ASN I 107 -5.20 16.53 0.24
C ASN I 107 -6.49 16.75 1.01
N VAL I 108 -7.38 17.55 0.44
CA VAL I 108 -8.67 17.83 1.07
C VAL I 108 -9.53 16.58 1.00
N ARG I 109 -9.51 15.86 -0.13
CA ARG I 109 -10.13 14.53 -0.18
C ARG I 109 -9.68 13.63 1.00
N THR I 110 -8.38 13.61 1.25
CA THR I 110 -7.80 12.77 2.29
C THR I 110 -8.35 13.16 3.68
N VAL I 111 -8.42 14.46 3.95
CA VAL I 111 -9.03 14.98 5.18
C VAL I 111 -10.49 14.54 5.31
N LEU I 112 -11.26 14.75 4.25
CA LEU I 112 -12.66 14.38 4.24
C LEU I 112 -12.86 12.90 4.56
N GLU I 113 -12.05 12.04 3.94
CA GLU I 113 -12.18 10.58 4.08
C GLU I 113 -11.96 10.09 5.51
N ALA I 114 -11.33 10.94 6.33
CA ALA I 114 -10.88 10.58 7.68
C ALA I 114 -11.91 10.96 8.75
N LEU I 115 -12.89 11.75 8.35
CA LEU I 115 -14.02 12.10 9.18
C LEU I 115 -15.08 10.97 9.19
N PRO I 116 -15.43 10.50 10.39
CA PRO I 116 -16.39 9.39 10.54
C PRO I 116 -17.75 9.70 9.93
N ALA I 117 -18.47 8.65 9.56
CA ALA I 117 -19.84 8.77 9.07
C ALA I 117 -20.78 9.49 10.05
N ALA I 118 -20.45 9.46 11.34
CA ALA I 118 -21.30 10.02 12.40
C ALA I 118 -21.03 11.51 12.69
N SER I 119 -20.02 12.07 12.05
CA SER I 119 -19.74 13.49 12.18
C SER I 119 -20.98 14.31 11.89
N HIS I 120 -21.11 15.39 12.62
CA HIS I 120 -22.09 16.41 12.29
C HIS I 120 -21.75 16.97 10.89
N PRO I 121 -22.73 16.96 9.95
CA PRO I 121 -22.47 17.57 8.64
C PRO I 121 -21.91 19.00 8.69
N MET I 122 -22.27 19.75 9.73
CA MET I 122 -21.74 21.11 9.88
C MET I 122 -20.25 21.07 10.23
N ASP I 123 -19.86 20.08 11.04
CA ASP I 123 -18.46 19.90 11.42
C ASP I 123 -17.62 19.38 10.23
N VAL I 124 -18.31 18.66 9.33
CA VAL I 124 -17.66 18.18 8.13
C VAL I 124 -17.38 19.37 7.23
N MET I 125 -18.37 20.22 7.04
CA MET I 125 -18.16 21.45 6.28
C MET I 125 -17.16 22.35 6.99
N ARG I 126 -17.25 22.42 8.32
CA ARG I 126 -16.28 23.18 9.11
C ARG I 126 -14.85 22.69 8.81
N THR I 127 -14.63 21.38 8.82
CA THR I 127 -13.28 20.80 8.66
C THR I 127 -12.75 20.96 7.22
N GLY I 128 -13.63 20.72 6.24
CA GLY I 128 -13.27 20.85 4.84
C GLY I 128 -12.81 22.26 4.49
N VAL I 129 -13.61 23.25 4.86
CA VAL I 129 -13.31 24.66 4.63
C VAL I 129 -12.01 25.03 5.36
N SER I 130 -11.82 24.45 6.55
CA SER I 130 -10.61 24.66 7.31
C SER I 130 -9.39 24.06 6.58
N ALA I 131 -9.55 22.87 6.00
CA ALA I 131 -8.46 22.25 5.24
C ALA I 131 -8.17 23.00 3.93
N LEU I 132 -9.21 23.57 3.35
CA LEU I 132 -9.06 24.33 2.11
C LEU I 132 -8.30 25.63 2.40
N GLY I 133 -8.56 26.23 3.56
CA GLY I 133 -7.83 27.42 4.00
C GLY I 133 -6.33 27.21 4.12
N CYS I 134 -5.92 26.00 4.50
CA CYS I 134 -4.52 25.61 4.52
C CYS I 134 -3.96 25.42 3.11
N THR I 135 -4.84 25.08 2.18
CA THR I 135 -4.44 24.53 0.89
C THR I 135 -4.37 25.61 -0.20
N LEU I 136 -5.40 26.47 -0.24
CA LEU I 136 -5.41 27.63 -1.13
C LEU I 136 -5.60 28.87 -0.27
N PRO I 137 -4.56 29.23 0.51
CA PRO I 137 -4.73 30.28 1.51
C PRO I 137 -4.98 31.65 0.89
N GLU I 138 -5.52 32.57 1.67
CA GLU I 138 -5.60 33.96 1.26
C GLU I 138 -4.19 34.54 1.19
N LYS I 139 -3.90 35.26 0.13
CA LYS I 139 -2.62 35.95 -0.01
C LYS I 139 -2.53 37.07 1.04
N GLU I 140 -1.35 37.20 1.65
CA GLU I 140 -1.12 38.10 2.79
C GLU I 140 -1.69 39.52 2.62
N GLY I 141 -1.78 39.99 1.38
CA GLY I 141 -2.34 41.31 1.09
C GLY I 141 -3.82 41.52 1.32
N HIS I 142 -4.59 40.44 1.44
CA HIS I 142 -6.04 40.52 1.68
C HIS I 142 -6.75 41.56 0.80
N THR I 143 -6.88 41.25 -0.49
CA THR I 143 -7.59 42.13 -1.43
C THR I 143 -9.06 41.78 -1.50
N VAL I 144 -9.86 42.73 -1.99
CA VAL I 144 -11.29 42.53 -2.19
C VAL I 144 -11.53 41.44 -3.22
N SER I 145 -10.80 41.53 -4.33
CA SER I 145 -10.87 40.56 -5.42
C SER I 145 -10.49 39.13 -5.00
N GLY I 146 -9.47 39.01 -4.15
CA GLY I 146 -9.06 37.72 -3.59
C GLY I 146 -10.08 37.14 -2.64
N ALA I 147 -10.72 38.00 -1.85
CA ALA I 147 -11.79 37.56 -0.96
C ALA I 147 -12.97 37.02 -1.78
N ARG I 148 -13.29 37.71 -2.86
CA ARG I 148 -14.36 37.26 -3.75
C ARG I 148 -14.05 35.92 -4.42
N ASP I 149 -12.76 35.68 -4.72
CA ASP I 149 -12.28 34.42 -5.30
C ASP I 149 -12.50 33.29 -4.30
N ILE I 150 -12.10 33.53 -3.06
CA ILE I 150 -12.30 32.53 -2.01
C ILE I 150 -13.80 32.24 -1.81
N ALA I 151 -14.60 33.30 -1.74
CA ALA I 151 -16.04 33.17 -1.55
C ALA I 151 -16.66 32.35 -2.69
N ASP I 152 -16.30 32.69 -3.93
CA ASP I 152 -16.77 31.97 -5.10
C ASP I 152 -16.35 30.49 -5.09
N LYS I 153 -15.13 30.21 -4.61
CA LYS I 153 -14.62 28.85 -4.44
C LYS I 153 -15.37 28.08 -3.36
N LEU I 154 -15.60 28.74 -2.23
CA LEU I 154 -16.39 28.17 -1.15
C LEU I 154 -17.81 27.88 -1.62
N LEU I 155 -18.44 28.87 -2.24
CA LEU I 155 -19.78 28.74 -2.79
C LEU I 155 -19.97 27.52 -3.71
N ALA I 156 -18.99 27.30 -4.57
CA ALA I 156 -19.10 26.27 -5.59
C ALA I 156 -18.75 24.89 -5.05
N SER I 157 -17.86 24.85 -4.05
CA SER I 157 -17.36 23.56 -3.59
C SER I 157 -17.93 23.11 -2.24
N LEU I 158 -18.84 23.90 -1.65
CA LEU I 158 -19.40 23.53 -0.36
C LEU I 158 -20.24 22.25 -0.47
N SER I 159 -21.05 22.19 -1.52
CA SER I 159 -21.82 21.00 -1.82
C SER I 159 -20.90 19.81 -1.98
N SER I 160 -19.75 20.01 -2.62
CA SER I 160 -18.78 18.94 -2.85
C SER I 160 -18.09 18.47 -1.58
N ILE I 161 -17.65 19.41 -0.75
CA ILE I 161 -17.08 19.04 0.56
C ILE I 161 -18.08 18.12 1.28
N LEU I 162 -19.34 18.56 1.36
CA LEU I 162 -20.40 17.82 2.05
C LEU I 162 -20.62 16.43 1.45
N LEU I 163 -20.92 16.37 0.17
CA LEU I 163 -21.46 15.14 -0.40
C LEU I 163 -20.40 14.05 -0.70
N TYR I 164 -19.18 14.48 -1.04
CA TYR I 164 -18.03 13.59 -1.13
C TYR I 164 -17.77 12.87 0.20
N TRP I 165 -17.73 13.63 1.30
CA TRP I 165 -17.60 13.00 2.62
C TRP I 165 -18.77 12.07 2.85
N TYR I 166 -19.97 12.58 2.55
CA TYR I 166 -21.18 11.81 2.79
C TYR I 166 -21.17 10.44 2.13
N HIS I 167 -20.88 10.39 0.84
CA HIS I 167 -20.96 9.17 0.08
C HIS I 167 -19.77 8.25 0.31
N TYR I 168 -18.64 8.80 0.71
CA TYR I 168 -17.53 7.96 1.08
C TYR I 168 -17.86 7.25 2.38
N SER I 169 -18.15 8.03 3.41
CA SER I 169 -18.36 7.47 4.75
C SER I 169 -19.61 6.59 4.83
N HIS I 170 -20.66 6.93 4.08
CA HIS I 170 -21.93 6.19 4.20
C HIS I 170 -22.10 5.06 3.19
N ASN I 171 -21.44 5.16 2.05
CA ASN I 171 -21.65 4.22 0.98
C ASN I 171 -20.35 3.67 0.42
N GLY I 172 -19.23 4.21 0.92
CA GLY I 172 -17.90 3.74 0.52
C GLY I 172 -17.50 4.11 -0.89
N GLU I 173 -18.22 5.08 -1.49
CA GLU I 173 -18.02 5.52 -2.88
C GLU I 173 -17.24 6.84 -2.92
N ARG I 174 -16.26 6.94 -3.81
CA ARG I 174 -15.60 8.22 -4.07
C ARG I 174 -16.26 8.90 -5.26
N ILE I 175 -17.19 9.81 -4.99
CA ILE I 175 -17.93 10.46 -6.08
C ILE I 175 -17.09 11.47 -6.87
N GLN I 176 -17.54 11.76 -8.08
CA GLN I 176 -17.03 12.88 -8.86
C GLN I 176 -17.76 14.18 -8.53
N PRO I 177 -17.08 15.09 -7.81
CA PRO I 177 -17.67 16.39 -7.46
C PRO I 177 -17.95 17.32 -8.65
N GLU I 178 -17.24 17.17 -9.76
CA GLU I 178 -17.36 18.12 -10.87
C GLU I 178 -18.34 17.65 -11.93
N THR I 179 -19.63 17.94 -11.73
CA THR I 179 -20.67 17.51 -12.67
C THR I 179 -20.96 18.56 -13.75
N ASP I 180 -21.80 18.20 -14.72
CA ASP I 180 -22.21 19.16 -15.76
C ASP I 180 -23.43 20.04 -15.39
N ASP I 181 -23.92 19.95 -14.15
CA ASP I 181 -25.05 20.76 -13.72
C ASP I 181 -24.79 22.26 -13.87
N ASP I 182 -25.86 22.99 -14.21
CA ASP I 182 -25.74 24.39 -14.54
C ASP I 182 -26.19 25.31 -13.42
N SER I 183 -26.51 24.73 -12.27
CA SER I 183 -26.73 25.54 -11.08
C SER I 183 -26.13 24.86 -9.85
N ILE I 184 -25.81 25.68 -8.85
CA ILE I 184 -25.37 25.23 -7.54
C ILE I 184 -26.40 24.31 -6.91
N GLY I 185 -27.64 24.77 -6.87
CA GLY I 185 -28.72 23.98 -6.31
C GLY I 185 -28.81 22.63 -6.97
N GLY I 186 -28.77 22.61 -8.31
CA GLY I 186 -28.83 21.38 -9.11
C GLY I 186 -27.67 20.42 -8.83
N HIS I 187 -26.48 21.00 -8.70
CA HIS I 187 -25.26 20.28 -8.32
C HIS I 187 -25.44 19.51 -7.00
N PHE I 188 -25.88 20.24 -5.98
CA PHE I 188 -26.12 19.66 -4.65
C PHE I 188 -27.05 18.45 -4.74
N LEU I 189 -28.16 18.58 -5.48
CA LEU I 189 -29.17 17.53 -5.57
C LEU I 189 -28.65 16.32 -6.34
N HIS I 190 -27.88 16.59 -7.38
CA HIS I 190 -27.26 15.55 -8.20
C HIS I 190 -26.31 14.73 -7.34
N LEU I 191 -25.42 15.41 -6.64
CA LEU I 191 -24.44 14.75 -5.77
C LEU I 191 -25.12 13.98 -4.66
N LEU I 192 -26.20 14.54 -4.11
CA LEU I 192 -26.93 13.90 -3.02
C LEU I 192 -27.67 12.63 -3.46
N HIS I 193 -28.43 12.73 -4.55
CA HIS I 193 -29.27 11.63 -5.04
C HIS I 193 -28.63 10.71 -6.09
N GLY I 194 -27.48 11.10 -6.64
CA GLY I 194 -26.76 10.26 -7.64
C GLY I 194 -27.33 10.33 -9.06
N GLU I 195 -28.24 11.27 -9.28
CA GLU I 195 -28.81 11.51 -10.60
C GLU I 195 -29.17 12.98 -10.74
N LYS I 196 -29.26 13.47 -11.97
CA LYS I 196 -29.64 14.87 -12.22
C LYS I 196 -31.07 15.12 -11.72
N PRO I 197 -31.30 16.21 -10.96
CA PRO I 197 -32.67 16.47 -10.50
C PRO I 197 -33.58 16.95 -11.64
N THR I 198 -34.88 16.98 -11.40
CA THR I 198 -35.82 17.54 -12.37
C THR I 198 -35.60 19.04 -12.50
N GLN I 199 -36.12 19.61 -13.59
CA GLN I 199 -36.16 21.05 -13.80
C GLN I 199 -36.83 21.73 -12.58
N SER I 200 -37.92 21.14 -12.13
CA SER I 200 -38.74 21.63 -11.03
C SER I 200 -37.98 21.75 -9.71
N TRP I 201 -37.28 20.68 -9.32
CA TRP I 201 -36.52 20.67 -8.09
C TRP I 201 -35.41 21.71 -8.15
N GLU I 202 -34.82 21.89 -9.34
CA GLU I 202 -33.77 22.88 -9.52
C GLU I 202 -34.26 24.30 -9.22
N LYS I 203 -35.38 24.69 -9.81
CA LYS I 203 -35.92 26.03 -9.56
C LYS I 203 -36.38 26.22 -8.12
N ALA I 204 -36.89 25.16 -7.51
CA ALA I 204 -37.25 25.21 -6.11
C ALA I 204 -36.00 25.46 -5.27
N MET I 205 -34.89 24.86 -5.69
CA MET I 205 -33.60 25.04 -5.06
C MET I 205 -33.03 26.44 -5.28
N HIS I 206 -33.32 27.03 -6.43
CA HIS I 206 -32.91 28.41 -6.71
C HIS I 206 -33.57 29.35 -5.71
N ILE I 207 -34.89 29.27 -5.65
CA ILE I 207 -35.69 30.14 -4.81
C ILE I 207 -35.30 29.99 -3.34
N SER I 208 -35.28 28.75 -2.87
CA SER I 208 -34.88 28.45 -1.50
C SER I 208 -33.54 29.12 -1.14
N LEU I 209 -32.52 28.96 -1.98
CA LEU I 209 -31.18 29.50 -1.67
C LEU I 209 -31.15 31.03 -1.71
N VAL I 210 -32.02 31.62 -2.52
CA VAL I 210 -32.22 33.06 -2.54
C VAL I 210 -32.82 33.52 -1.21
N LEU I 211 -33.83 32.79 -0.74
CA LEU I 211 -34.54 33.17 0.50
C LEU I 211 -33.64 33.13 1.73
N TYR I 212 -32.60 32.29 1.69
CA TYR I 212 -31.69 32.08 2.82
C TYR I 212 -30.37 32.86 2.76
N ALA I 213 -30.12 33.52 1.62
CA ALA I 213 -28.80 34.07 1.30
C ALA I 213 -28.24 35.16 2.21
N GLU I 214 -29.12 35.95 2.83
CA GLU I 214 -28.70 37.13 3.56
C GLU I 214 -29.80 37.62 4.50
N HIS I 215 -29.42 38.00 5.72
CA HIS I 215 -30.39 38.51 6.68
C HIS I 215 -29.78 39.48 7.69
N GLU I 216 -28.95 40.39 7.21
CA GLU I 216 -28.35 41.44 8.03
C GLU I 216 -27.60 40.84 9.25
N PHE I 217 -27.77 41.41 10.45
CA PHE I 217 -27.01 41.00 11.64
C PHE I 217 -27.70 39.91 12.44
N ASN I 218 -26.95 38.87 12.73
CA ASN I 218 -27.39 37.76 13.57
C ASN I 218 -26.13 37.12 14.16
N ALA I 219 -26.27 36.00 14.87
CA ALA I 219 -25.10 35.37 15.54
C ALA I 219 -23.96 35.04 14.58
N SER I 220 -24.30 34.28 13.52
CA SER I 220 -23.32 33.84 12.54
C SER I 220 -22.73 34.99 11.74
N THR I 221 -23.60 35.86 11.19
CA THR I 221 -23.14 37.01 10.41
C THR I 221 -22.24 37.92 11.23
N PHE I 222 -22.63 38.21 12.46
CA PHE I 222 -21.82 39.02 13.36
C PHE I 222 -20.49 38.34 13.67
N THR I 223 -20.53 37.05 13.99
CA THR I 223 -19.33 36.24 14.19
C THR I 223 -18.35 36.38 13.02
N SER I 224 -18.88 36.34 11.79
CA SER I 224 -18.04 36.53 10.61
C SER I 224 -17.38 37.92 10.64
N ARG I 225 -18.16 38.94 10.99
CA ARG I 225 -17.64 40.31 11.06
C ARG I 225 -16.66 40.51 12.21
N VAL I 226 -16.91 39.89 13.36
CA VAL I 226 -15.98 39.98 14.51
C VAL I 226 -14.61 39.39 14.15
N ILE I 227 -14.60 38.23 13.52
CA ILE I 227 -13.37 37.57 13.06
C ILE I 227 -12.66 38.34 11.94
N ALA I 228 -13.42 38.85 10.97
CA ALA I 228 -12.86 39.77 9.97
C ALA I 228 -12.27 41.03 10.63
N GLY I 229 -12.86 41.41 11.76
CA GLY I 229 -12.53 42.67 12.43
C GLY I 229 -11.12 42.68 12.98
N THR I 230 -10.53 41.49 13.12
CA THR I 230 -9.18 41.36 13.66
C THR I 230 -8.11 41.33 12.58
N GLY I 231 -8.51 41.44 11.31
CA GLY I 231 -7.56 41.26 10.20
C GLY I 231 -7.37 39.81 9.81
N SER I 232 -8.20 38.92 10.33
CA SER I 232 -8.15 37.50 10.01
C SER I 232 -8.64 37.20 8.58
N ASP I 233 -8.41 35.97 8.13
CA ASP I 233 -8.69 35.58 6.75
C ASP I 233 -10.13 35.12 6.53
N VAL I 234 -10.53 35.07 5.25
CA VAL I 234 -11.91 34.77 4.86
C VAL I 234 -12.37 33.41 5.37
N TYR I 235 -11.55 32.38 5.18
CA TYR I 235 -11.83 31.06 5.72
C TYR I 235 -12.18 31.11 7.20
N SER I 236 -11.32 31.73 8.01
CA SER I 236 -11.57 31.85 9.44
C SER I 236 -12.92 32.47 9.78
N ALA I 237 -13.22 33.61 9.15
CA ALA I 237 -14.49 34.27 9.42
C ALA I 237 -15.67 33.37 9.02
N ILE I 238 -15.53 32.67 7.90
CA ILE I 238 -16.62 31.79 7.46
C ILE I 238 -16.81 30.62 8.41
N ILE I 239 -15.69 30.09 8.90
CA ILE I 239 -15.63 28.95 9.81
C ILE I 239 -16.29 29.27 11.16
N GLY I 240 -16.06 30.47 11.67
CA GLY I 240 -16.74 30.91 12.89
C GLY I 240 -18.24 30.99 12.67
N ALA I 241 -18.62 31.57 11.53
CA ALA I 241 -20.02 31.70 11.15
C ALA I 241 -20.69 30.32 11.04
N ILE I 242 -19.99 29.37 10.40
CA ILE I 242 -20.47 27.97 10.38
C ILE I 242 -20.70 27.44 11.80
N GLY I 243 -19.73 27.67 12.70
CA GLY I 243 -19.85 27.22 14.09
C GLY I 243 -21.05 27.79 14.84
N ALA I 244 -21.34 29.07 14.60
CA ALA I 244 -22.49 29.71 15.22
C ALA I 244 -23.77 29.14 14.65
N LEU I 245 -23.78 28.92 13.33
CA LEU I 245 -24.98 28.39 12.67
C LEU I 245 -25.27 26.93 13.07
N ARG I 246 -24.25 26.21 13.51
CA ARG I 246 -24.39 24.85 14.04
C ARG I 246 -25.39 24.79 15.20
N GLY I 247 -25.41 25.83 16.03
CA GLY I 247 -26.24 25.83 17.23
C GLY I 247 -27.73 25.84 16.95
N PRO I 248 -28.49 24.90 17.55
CA PRO I 248 -29.93 24.74 17.29
C PRO I 248 -30.77 26.00 17.46
N LYS I 249 -30.33 26.93 18.32
CA LYS I 249 -31.07 28.17 18.54
C LYS I 249 -30.96 29.15 17.37
N HIS I 250 -30.14 28.81 16.37
CA HIS I 250 -29.84 29.68 15.24
C HIS I 250 -30.03 28.98 13.90
N GLY I 251 -29.31 27.87 13.70
CA GLY I 251 -29.26 27.22 12.40
C GLY I 251 -30.21 26.09 12.17
N GLY I 252 -30.61 25.41 13.24
CA GLY I 252 -31.43 24.20 13.13
C GLY I 252 -32.88 24.39 12.72
N ALA I 253 -33.53 25.39 13.33
CA ALA I 253 -35.00 25.55 13.34
C ALA I 253 -35.87 24.70 12.40
N ASN I 254 -35.55 24.64 11.11
CA ASN I 254 -36.40 23.85 10.21
C ASN I 254 -36.32 22.33 10.41
N GLU I 255 -35.29 21.88 11.13
CA GLU I 255 -35.19 20.48 11.52
C GLU I 255 -36.32 20.14 12.49
N VAL I 256 -36.51 20.97 13.50
CA VAL I 256 -37.60 20.72 14.46
C VAL I 256 -39.00 20.97 13.89
N SER I 257 -39.11 21.91 12.95
CA SER I 257 -40.36 22.12 12.23
C SER I 257 -40.78 20.85 11.51
N LEU I 258 -39.78 20.10 11.04
CA LEU I 258 -39.99 18.84 10.33
C LEU I 258 -40.44 17.73 11.27
N GLU I 259 -39.82 17.65 12.45
CA GLU I 259 -40.23 16.69 13.47
C GLU I 259 -41.68 16.99 13.88
N ILE I 260 -42.00 18.27 14.07
CA ILE I 260 -43.36 18.71 14.46
C ILE I 260 -44.39 18.32 13.41
N GLN I 261 -44.08 18.60 12.15
CA GLN I 261 -44.99 18.26 11.06
C GLN I 261 -45.11 16.75 10.87
N GLN I 262 -44.05 16.01 11.19
CA GLN I 262 -44.04 14.56 10.99
C GLN I 262 -44.69 13.73 12.11
N ARG I 263 -44.81 14.33 13.30
CA ARG I 263 -45.50 13.72 14.47
C ARG I 263 -46.91 13.20 14.19
N TYR I 264 -47.58 13.76 13.17
CA TYR I 264 -49.03 13.61 13.03
C TYR I 264 -49.47 12.88 11.77
N GLU I 265 -50.55 12.12 11.89
CA GLU I 265 -51.13 11.41 10.76
C GLU I 265 -52.09 12.29 9.98
N THR I 266 -52.66 13.29 10.67
CA THR I 266 -53.74 14.13 10.12
C THR I 266 -53.69 15.59 10.65
N PRO I 267 -54.34 16.55 9.94
CA PRO I 267 -54.38 17.93 10.44
C PRO I 267 -55.21 18.14 11.71
N ASP I 268 -56.30 17.39 11.85
CA ASP I 268 -57.12 17.46 13.06
C ASP I 268 -56.28 17.09 14.29
N GLU I 269 -55.54 15.99 14.19
CA GLU I 269 -54.65 15.50 15.27
C GLU I 269 -53.59 16.53 15.61
N ALA I 270 -53.07 17.20 14.59
CA ALA I 270 -52.05 18.24 14.72
C ALA I 270 -52.60 19.45 15.47
N GLU I 271 -53.77 19.93 15.05
CA GLU I 271 -54.42 21.06 15.69
C GLU I 271 -54.69 20.76 17.16
N ALA I 272 -55.30 19.59 17.41
CA ALA I 272 -55.67 19.17 18.76
C ALA I 272 -54.47 19.07 19.71
N ASP I 273 -53.35 18.58 19.19
CA ASP I 273 -52.15 18.42 20.00
C ASP I 273 -51.39 19.73 20.21
N ILE I 274 -51.32 20.56 19.16
CA ILE I 274 -50.62 21.85 19.29
C ILE I 274 -51.37 22.85 20.17
N ARG I 275 -52.69 22.87 20.10
CA ARG I 275 -53.40 23.78 21.00
C ARG I 275 -53.37 23.32 22.45
N LYS I 276 -53.08 22.03 22.67
CA LYS I 276 -52.75 21.52 24.01
C LYS I 276 -51.40 22.03 24.50
N ARG I 277 -50.37 21.92 23.65
CA ARG I 277 -49.01 22.36 24.00
C ARG I 277 -48.93 23.87 24.20
N VAL I 278 -49.64 24.62 23.36
CA VAL I 278 -49.69 26.08 23.43
C VAL I 278 -50.34 26.53 24.74
N GLU I 279 -51.48 25.92 25.08
CA GLU I 279 -52.16 26.21 26.35
C GLU I 279 -51.27 25.81 27.52
N ASN I 280 -50.39 24.85 27.26
CA ASN I 280 -49.40 24.39 28.24
C ASN I 280 -48.15 25.29 28.23
N LYS I 281 -48.20 26.33 27.39
CA LYS I 281 -47.16 27.35 27.28
C LYS I 281 -45.86 26.91 26.61
N GLU I 282 -45.93 25.83 25.83
CA GLU I 282 -44.78 25.37 25.06
C GLU I 282 -44.55 26.22 23.81
N VAL I 283 -43.28 26.53 23.55
CA VAL I 283 -42.86 27.22 22.33
C VAL I 283 -43.02 26.27 21.14
N VAL I 284 -43.71 26.75 20.10
CA VAL I 284 -43.81 26.03 18.84
C VAL I 284 -42.87 26.70 17.85
N ILE I 285 -41.87 25.94 17.42
CA ILE I 285 -40.79 26.45 16.60
C ILE I 285 -41.25 26.62 15.15
N GLY I 286 -40.68 27.63 14.48
CA GLY I 286 -41.03 27.96 13.11
C GLY I 286 -41.99 29.12 13.05
N PHE I 287 -42.23 29.73 14.21
CA PHE I 287 -43.19 30.81 14.33
C PHE I 287 -42.61 32.02 15.03
N GLY I 288 -43.02 33.20 14.58
CA GLY I 288 -42.56 34.46 15.14
C GLY I 288 -41.12 34.76 14.76
N HIS I 289 -40.67 35.96 15.08
CA HIS I 289 -39.34 36.39 14.70
C HIS I 289 -38.89 37.51 15.62
N PRO I 290 -37.58 37.61 15.87
CA PRO I 290 -37.07 38.73 16.66
C PRO I 290 -37.28 40.11 16.01
N VAL I 291 -37.14 40.20 14.68
CA VAL I 291 -37.21 41.51 14.00
C VAL I 291 -38.54 41.83 13.30
N TYR I 292 -39.02 40.91 12.45
CA TYR I 292 -40.33 41.02 11.80
C TYR I 292 -41.46 41.15 12.82
N THR I 293 -42.45 42.00 12.54
CA THR I 293 -43.55 42.21 13.47
C THR I 293 -44.93 41.90 12.88
N ILE I 294 -44.99 41.80 11.56
CA ILE I 294 -46.25 41.46 10.89
C ILE I 294 -46.12 40.10 10.23
N ALA I 295 -45.03 39.90 9.50
CA ALA I 295 -44.81 38.67 8.74
C ALA I 295 -43.34 38.55 8.34
N ASP I 296 -42.94 37.33 8.03
CA ASP I 296 -41.68 37.05 7.34
C ASP I 296 -42.02 36.97 5.84
N PRO I 297 -41.52 37.93 5.03
CA PRO I 297 -41.83 37.93 3.60
C PRO I 297 -41.33 36.67 2.89
N ARG I 298 -40.27 36.06 3.41
CA ARG I 298 -39.73 34.86 2.82
C ARG I 298 -40.72 33.68 2.97
N HIS I 299 -41.51 33.71 4.04
CA HIS I 299 -42.49 32.64 4.32
C HIS I 299 -43.43 32.34 3.15
N GLN I 300 -44.07 33.38 2.61
CA GLN I 300 -45.14 33.21 1.63
C GLN I 300 -44.58 32.61 0.37
N VAL I 301 -43.33 32.94 0.07
CA VAL I 301 -42.61 32.42 -1.08
C VAL I 301 -42.32 30.91 -0.95
N ILE I 302 -41.81 30.48 0.19
CA ILE I 302 -41.42 29.08 0.33
C ILE I 302 -42.63 28.16 0.44
N LYS I 303 -43.69 28.66 1.09
CA LYS I 303 -44.96 27.93 1.16
C LYS I 303 -45.49 27.63 -0.25
N ARG I 304 -45.41 28.63 -1.14
CA ARG I 304 -45.76 28.46 -2.55
C ARG I 304 -44.89 27.36 -3.18
N VAL I 305 -43.57 27.50 -3.05
CA VAL I 305 -42.63 26.46 -3.45
C VAL I 305 -43.01 25.10 -2.85
N ALA I 306 -43.34 25.07 -1.56
CA ALA I 306 -43.71 23.82 -0.88
C ALA I 306 -44.92 23.14 -1.50
N LYS I 307 -45.97 23.91 -1.78
CA LYS I 307 -47.21 23.39 -2.35
C LYS I 307 -46.98 22.74 -3.70
N GLN I 308 -46.31 23.46 -4.60
CA GLN I 308 -45.97 22.96 -5.94
C GLN I 308 -45.16 21.67 -5.89
N LEU I 309 -44.18 21.60 -4.99
CA LEU I 309 -43.37 20.39 -4.79
C LEU I 309 -44.15 19.21 -4.23
N SER I 310 -45.14 19.49 -3.38
CA SER I 310 -45.97 18.49 -2.76
C SER I 310 -46.94 17.91 -3.78
N GLU I 311 -47.47 18.76 -4.64
CA GLU I 311 -48.43 18.36 -5.67
C GLU I 311 -47.80 17.49 -6.75
N GLU I 312 -46.55 17.80 -7.10
CA GLU I 312 -45.81 17.05 -8.12
C GLU I 312 -45.51 15.61 -7.68
N GLY I 313 -45.09 15.44 -6.43
CA GLY I 313 -44.96 14.12 -5.82
C GLY I 313 -46.32 13.45 -5.59
N GLY I 314 -47.33 14.28 -5.30
CA GLY I 314 -48.68 13.80 -5.02
C GLY I 314 -49.07 13.95 -3.56
N SER I 315 -48.07 13.93 -2.67
CA SER I 315 -48.29 13.95 -1.22
C SER I 315 -48.39 15.36 -0.65
N LEU I 316 -49.62 15.81 -0.43
CA LEU I 316 -49.89 17.08 0.22
C LEU I 316 -50.02 16.93 1.74
N LYS I 317 -49.71 15.73 2.25
CA LYS I 317 -49.93 15.41 3.67
C LYS I 317 -49.16 16.36 4.59
N MET I 318 -47.84 16.32 4.51
CA MET I 318 -46.98 17.15 5.36
C MET I 318 -47.27 18.65 5.18
N TYR I 319 -47.54 19.04 3.93
CA TYR I 319 -47.92 20.41 3.62
C TYR I 319 -49.23 20.79 4.31
N HIS I 320 -50.19 19.88 4.28
CA HIS I 320 -51.50 20.12 4.87
C HIS I 320 -51.46 20.32 6.37
N ILE I 321 -50.56 19.60 7.05
CA ILE I 321 -50.40 19.71 8.50
C ILE I 321 -49.85 21.08 8.86
N ALA I 322 -48.87 21.54 8.06
CA ALA I 322 -48.19 22.82 8.28
C ALA I 322 -49.12 24.03 8.04
N ASP I 323 -49.98 23.92 7.04
CA ASP I 323 -50.92 24.98 6.68
C ASP I 323 -51.96 25.13 7.78
N ARG I 324 -52.36 23.98 8.34
CA ARG I 324 -53.27 23.91 9.46
C ARG I 324 -52.68 24.53 10.73
N LEU I 325 -51.46 24.12 11.09
CA LEU I 325 -50.82 24.65 12.29
C LEU I 325 -50.55 26.15 12.16
N GLU I 326 -50.32 26.60 10.92
CA GLU I 326 -50.18 28.02 10.63
C GLU I 326 -51.43 28.78 11.11
N THR I 327 -52.59 28.36 10.61
CA THR I 327 -53.89 28.90 11.03
C THR I 327 -54.11 28.76 12.54
N VAL I 328 -53.77 27.60 13.10
CA VAL I 328 -53.93 27.36 14.53
C VAL I 328 -53.08 28.29 15.41
N MET I 329 -51.84 28.52 14.98
CA MET I 329 -50.91 29.41 15.71
C MET I 329 -51.39 30.85 15.68
N TRP I 330 -51.95 31.25 14.55
CA TRP I 330 -52.49 32.59 14.43
C TRP I 330 -53.67 32.77 15.40
N GLU I 331 -54.59 31.80 15.41
CA GLU I 331 -55.82 31.91 16.21
C GLU I 331 -55.59 31.91 17.72
N THR I 332 -54.59 31.16 18.16
CA THR I 332 -54.32 30.99 19.58
C THR I 332 -53.35 32.04 20.12
N LYS I 333 -52.26 32.27 19.39
CA LYS I 333 -51.21 33.12 19.90
C LYS I 333 -50.82 34.30 19.01
N LYS I 334 -51.62 34.52 17.96
CA LYS I 334 -51.35 35.59 16.99
C LYS I 334 -49.90 35.51 16.56
N MET I 335 -49.54 34.38 15.94
CA MET I 335 -48.17 34.15 15.52
C MET I 335 -48.12 33.74 14.05
N PHE I 336 -47.21 34.40 13.34
CA PHE I 336 -46.99 34.13 11.93
C PHE I 336 -45.83 33.16 11.74
N PRO I 337 -45.84 32.38 10.65
CA PRO I 337 -44.70 31.51 10.42
C PRO I 337 -43.52 32.33 9.92
N ASN I 338 -42.31 31.92 10.30
CA ASN I 338 -41.10 32.39 9.64
C ASN I 338 -40.67 31.34 8.63
N LEU I 339 -39.63 31.65 7.86
CA LEU I 339 -39.15 30.81 6.75
C LEU I 339 -38.88 29.33 7.11
N ASP I 340 -38.44 29.08 8.36
CA ASP I 340 -38.21 27.73 8.84
C ASP I 340 -39.44 26.84 8.99
N TRP I 341 -40.64 27.40 8.85
CA TRP I 341 -41.83 26.56 8.91
C TRP I 341 -42.04 25.75 7.63
N PHE I 342 -42.25 26.41 6.48
CA PHE I 342 -42.51 25.66 5.25
C PHE I 342 -41.26 25.16 4.51
N SER I 343 -40.09 25.71 4.78
CA SER I 343 -38.89 25.25 4.07
C SER I 343 -38.63 23.78 4.34
N ALA I 344 -39.00 23.31 5.53
CA ALA I 344 -38.95 21.90 5.90
C ALA I 344 -39.80 21.01 4.98
N VAL I 345 -40.97 21.50 4.57
CA VAL I 345 -41.83 20.77 3.63
C VAL I 345 -41.15 20.66 2.26
N SER I 346 -40.71 21.81 1.72
CA SER I 346 -40.09 21.88 0.40
C SER I 346 -38.79 21.08 0.33
N TYR I 347 -37.92 21.21 1.32
CA TYR I 347 -36.69 20.41 1.36
C TYR I 347 -36.97 18.90 1.43
N ASN I 348 -37.80 18.51 2.39
CA ASN I 348 -38.17 17.11 2.57
C ASN I 348 -38.75 16.48 1.31
N MET I 349 -39.49 17.30 0.57
CA MET I 349 -40.09 16.88 -0.71
C MET I 349 -39.00 16.64 -1.75
N MET I 350 -37.90 17.38 -1.67
CA MET I 350 -36.79 17.18 -2.59
C MET I 350 -35.86 16.08 -2.09
N GLY I 351 -36.27 15.40 -1.02
CA GLY I 351 -35.55 14.25 -0.51
C GLY I 351 -34.30 14.61 0.24
N VAL I 352 -34.24 15.83 0.77
CA VAL I 352 -33.11 16.27 1.58
C VAL I 352 -33.22 15.76 3.02
N PRO I 353 -32.26 14.93 3.45
CA PRO I 353 -32.24 14.45 4.82
C PRO I 353 -32.21 15.64 5.78
N THR I 354 -32.87 15.48 6.92
CA THR I 354 -32.95 16.54 7.92
C THR I 354 -31.56 17.09 8.26
N GLU I 355 -30.57 16.20 8.33
CA GLU I 355 -29.22 16.59 8.76
C GLU I 355 -28.44 17.42 7.75
N MET I 356 -28.98 17.56 6.54
CA MET I 356 -28.38 18.48 5.56
C MET I 356 -29.08 19.84 5.42
N PHE I 357 -30.15 20.06 6.19
CA PHE I 357 -30.89 21.32 6.18
C PHE I 357 -29.99 22.48 6.53
N THR I 358 -29.25 22.35 7.64
CA THR I 358 -28.35 23.41 8.07
C THR I 358 -27.17 23.58 7.10
N PRO I 359 -26.59 22.47 6.59
CA PRO I 359 -25.62 22.62 5.50
C PRO I 359 -26.12 23.38 4.25
N LEU I 360 -27.42 23.28 3.94
CA LEU I 360 -27.99 24.04 2.82
C LEU I 360 -28.10 25.52 3.14
N PHE I 361 -28.42 25.81 4.40
CA PHE I 361 -28.46 27.16 4.92
C PHE I 361 -27.06 27.80 4.74
N VAL I 362 -26.02 27.04 5.11
CA VAL I 362 -24.62 27.45 4.90
C VAL I 362 -24.28 27.77 3.45
N ILE I 363 -24.70 26.91 2.53
CA ILE I 363 -24.44 27.08 1.10
C ILE I 363 -25.08 28.37 0.59
N ALA I 364 -26.21 28.75 1.18
CA ALA I 364 -26.91 29.97 0.81
C ALA I 364 -26.32 31.20 1.48
N ARG I 365 -26.08 31.11 2.78
CA ARG I 365 -25.74 32.27 3.58
C ARG I 365 -24.26 32.68 3.44
N VAL I 366 -23.43 31.80 2.86
CA VAL I 366 -22.02 32.11 2.63
C VAL I 366 -21.92 33.39 1.78
N THR I 367 -22.91 33.60 0.92
CA THR I 367 -22.99 34.77 0.04
C THR I 367 -23.09 36.06 0.87
N GLY I 368 -24.03 36.08 1.81
CA GLY I 368 -24.13 37.20 2.75
C GLY I 368 -22.90 37.34 3.65
N TRP I 369 -22.43 36.20 4.17
CA TRP I 369 -21.24 36.19 5.02
C TRP I 369 -20.07 36.83 4.29
N ALA I 370 -19.83 36.38 3.06
CA ALA I 370 -18.67 36.89 2.32
C ALA I 370 -18.78 38.40 2.14
N ALA I 371 -19.98 38.86 1.81
CA ALA I 371 -20.20 40.28 1.57
C ALA I 371 -20.02 41.09 2.87
N HIS I 372 -20.37 40.49 4.00
CA HIS I 372 -20.21 41.13 5.30
C HIS I 372 -18.76 41.18 5.71
N ILE I 373 -18.03 40.10 5.39
CA ILE I 373 -16.58 40.05 5.59
C ILE I 373 -15.89 41.15 4.80
N ILE I 374 -16.23 41.26 3.53
CA ILE I 374 -15.66 42.27 2.62
C ILE I 374 -15.96 43.68 3.13
N GLU I 375 -17.20 43.86 3.58
CA GLU I 375 -17.68 45.14 4.04
C GLU I 375 -17.03 45.52 5.37
N GLN I 376 -16.88 44.55 6.28
CA GLN I 376 -16.21 44.80 7.56
C GLN I 376 -14.75 45.22 7.34
N ARG I 377 -14.10 44.58 6.35
CA ARG I 377 -12.74 44.94 5.99
C ARG I 377 -12.63 46.38 5.49
N GLN I 378 -13.65 46.82 4.75
CA GLN I 378 -13.65 48.13 4.10
C GLN I 378 -13.66 49.30 5.06
N ASP I 379 -14.40 49.19 6.15
CA ASP I 379 -14.41 50.25 7.16
C ASP I 379 -14.33 49.63 8.54
N ASN I 380 -13.10 49.39 8.97
CA ASN I 380 -12.84 48.52 10.11
C ASN I 380 -12.78 49.19 11.47
N LYS I 381 -13.95 49.42 12.03
CA LYS I 381 -14.10 49.80 13.43
C LYS I 381 -14.75 48.61 14.13
N ILE I 382 -14.08 48.09 15.17
CA ILE I 382 -14.65 47.03 16.00
C ILE I 382 -14.68 47.47 17.46
N ILE I 383 -15.72 48.23 17.82
CA ILE I 383 -15.90 48.70 19.19
C ILE I 383 -15.66 47.57 20.18
N ARG I 384 -14.65 47.74 21.04
CA ARG I 384 -14.19 46.68 21.96
C ARG I 384 -15.29 46.25 22.93
N PRO I 385 -15.69 44.96 22.88
CA PRO I 385 -16.72 44.46 23.81
C PRO I 385 -16.27 44.54 25.27
N SER I 386 -17.19 44.98 26.13
CA SER I 386 -16.96 45.09 27.56
C SER I 386 -18.02 44.27 28.32
N ALA I 387 -17.75 43.97 29.57
CA ALA I 387 -18.64 43.11 30.36
C ALA I 387 -19.01 43.77 31.68
N ASN I 388 -20.03 43.23 32.33
CA ASN I 388 -20.35 43.58 33.71
C ASN I 388 -19.86 42.48 34.62
N TYR I 389 -19.32 42.85 35.78
CA TYR I 389 -18.71 41.88 36.68
C TYR I 389 -19.65 41.43 37.80
N THR I 390 -19.84 40.11 37.91
CA THR I 390 -20.70 39.48 38.91
C THR I 390 -19.94 38.50 39.83
N GLY I 391 -18.62 38.39 39.63
CA GLY I 391 -17.81 37.45 40.39
C GLY I 391 -17.38 37.96 41.75
N PRO I 392 -16.48 37.22 42.41
CA PRO I 392 -16.03 37.54 43.75
C PRO I 392 -15.12 38.77 43.79
N GLU I 393 -15.23 39.57 44.83
CA GLU I 393 -14.35 40.72 45.00
C GLU I 393 -12.90 40.26 45.18
N ASP I 394 -11.96 41.20 45.05
CA ASP I 394 -10.54 40.90 45.21
C ASP I 394 -10.25 40.15 46.52
N ARG I 395 -9.68 38.95 46.41
CA ARG I 395 -9.37 38.11 47.57
C ARG I 395 -7.87 37.78 47.67
N PRO I 396 -7.38 37.49 48.88
CA PRO I 396 -5.96 37.18 48.99
C PRO I 396 -5.68 35.80 48.43
N PHE I 397 -4.48 35.63 47.88
CA PHE I 397 -4.05 34.34 47.35
C PHE I 397 -3.95 33.29 48.47
N VAL I 398 -4.58 32.14 48.23
CA VAL I 398 -4.52 31.03 49.16
C VAL I 398 -3.44 30.10 48.65
N SER I 399 -2.43 29.84 49.47
CA SER I 399 -1.37 28.92 49.10
C SER I 399 -1.95 27.53 48.85
N ILE I 400 -1.29 26.74 48.01
CA ILE I 400 -1.78 25.40 47.67
C ILE I 400 -2.05 24.52 48.91
N ASP I 401 -1.23 24.67 49.95
CA ASP I 401 -1.45 23.92 51.18
C ASP I 401 -2.62 24.45 52.00
N ASP I 402 -2.94 25.72 51.81
CA ASP I 402 -4.02 26.36 52.53
C ASP I 402 -5.41 26.12 51.95
N ARG I 403 -5.49 25.46 50.79
CA ARG I 403 -6.78 25.05 50.21
C ARG I 403 -7.16 23.72 50.88
N CYS I 404 -8.43 23.35 50.84
CA CYS I 404 -8.90 22.23 51.67
C CYS I 404 -9.07 20.88 50.96
N PRO J 41 -21.44 47.36 27.04
CA PRO J 41 -21.45 46.24 27.98
C PRO J 41 -22.16 45.03 27.39
N ALA J 42 -21.36 44.11 26.85
CA ALA J 42 -21.86 43.00 26.05
C ALA J 42 -22.61 41.90 26.85
N GLY J 43 -22.22 41.68 28.09
CA GLY J 43 -22.85 40.64 28.92
C GLY J 43 -22.29 40.66 30.33
N ASN J 44 -22.55 39.61 31.08
CA ASN J 44 -22.09 39.48 32.46
C ASN J 44 -21.10 38.34 32.63
N THR J 45 -20.11 38.54 33.50
CA THR J 45 -19.07 37.55 33.75
C THR J 45 -18.63 37.54 35.21
N ALA J 46 -18.45 36.34 35.75
CA ALA J 46 -17.84 36.18 37.08
C ALA J 46 -16.32 35.94 36.98
N LEU J 47 -15.78 35.98 35.76
CA LEU J 47 -14.46 35.41 35.48
C LEU J 47 -13.25 36.31 35.67
N CYS J 48 -13.42 37.61 35.44
CA CYS J 48 -12.27 38.48 35.33
C CYS J 48 -12.60 39.96 35.38
N THR J 49 -11.85 40.68 36.22
CA THR J 49 -11.83 42.14 36.24
C THR J 49 -10.52 42.66 35.64
N VAL J 50 -10.64 43.61 34.70
CA VAL J 50 -9.48 44.20 34.03
C VAL J 50 -9.52 45.73 34.15
N GLY J 51 -8.51 46.30 34.79
CA GLY J 51 -8.28 47.75 34.78
C GLY J 51 -9.30 48.64 35.48
N LYS J 52 -9.55 48.35 36.76
CA LYS J 52 -10.33 49.24 37.61
C LYS J 52 -9.44 50.32 38.25
N SER J 53 -8.33 49.87 38.84
CA SER J 53 -7.35 50.77 39.46
C SER J 53 -6.45 51.40 38.37
N GLY J 54 -6.51 50.82 37.18
CA GLY J 54 -5.76 51.30 36.01
C GLY J 54 -4.54 50.45 35.68
N ASN J 55 -4.35 49.37 36.42
CA ASN J 55 -3.14 48.56 36.34
C ASN J 55 -3.31 47.18 36.97
N ASP J 56 -4.57 46.77 37.11
CA ASP J 56 -4.93 45.56 37.83
C ASP J 56 -5.50 44.49 36.91
N LEU J 57 -5.33 43.24 37.33
CA LEU J 57 -5.91 42.09 36.65
C LEU J 57 -6.15 40.98 37.67
N HIS J 58 -7.35 40.41 37.61
CA HIS J 58 -7.77 39.35 38.53
C HIS J 58 -8.49 38.24 37.77
N TYR J 59 -8.22 37.00 38.15
CA TYR J 59 -8.96 35.84 37.63
C TYR J 59 -9.75 35.31 38.82
N ARG J 60 -11.07 35.20 38.68
CA ARG J 60 -11.95 34.78 39.79
C ARG J 60 -11.55 35.44 41.13
N GLY J 61 -11.21 36.73 41.05
CA GLY J 61 -10.80 37.51 42.22
C GLY J 61 -9.33 37.46 42.59
N TYR J 62 -8.58 36.51 42.02
CA TYR J 62 -7.16 36.33 42.35
C TYR J 62 -6.26 37.24 41.53
N ASP J 63 -5.35 37.94 42.23
CA ASP J 63 -4.43 38.91 41.63
C ASP J 63 -3.44 38.16 40.75
N ILE J 64 -3.32 38.62 39.52
CA ILE J 64 -2.43 38.00 38.52
C ILE J 64 -0.97 37.98 38.98
N LEU J 65 -0.59 38.95 39.81
CA LEU J 65 0.74 39.00 40.42
C LEU J 65 1.04 37.79 41.32
N ASP J 66 0.09 37.41 42.16
CA ASP J 66 0.22 36.23 43.02
C ASP J 66 0.18 34.96 42.18
N LEU J 67 -0.83 34.87 41.31
CA LEU J 67 -1.02 33.76 40.40
C LEU J 67 0.25 33.47 39.58
N ALA J 68 0.72 34.47 38.84
CA ALA J 68 1.97 34.37 38.09
C ALA J 68 3.19 34.04 38.97
N GLU J 69 3.23 34.57 40.20
CA GLU J 69 4.34 34.27 41.11
C GLU J 69 4.33 32.82 41.60
N HIS J 70 3.17 32.35 42.05
CA HIS J 70 3.08 31.11 42.82
C HIS J 70 2.45 29.87 42.16
N CYS J 71 1.96 29.98 40.93
CA CYS J 71 1.18 28.88 40.34
C CYS J 71 1.81 28.24 39.11
N GLU J 72 1.63 26.93 38.99
CA GLU J 72 1.82 26.29 37.71
C GLU J 72 0.67 26.71 36.79
N PHE J 73 0.92 26.76 35.50
CA PHE J 73 -0.14 27.01 34.54
C PHE J 73 -1.34 26.08 34.80
N GLU J 74 -1.07 24.79 34.96
CA GLU J 74 -2.11 23.82 35.24
C GLU J 74 -3.05 24.24 36.39
N GLU J 75 -2.51 24.98 37.37
CA GLU J 75 -3.32 25.46 38.51
C GLU J 75 -4.36 26.51 38.07
N VAL J 76 -3.92 27.44 37.21
CA VAL J 76 -4.77 28.49 36.65
C VAL J 76 -5.74 27.89 35.61
N ALA J 77 -5.28 26.87 34.89
CA ALA J 77 -6.16 26.12 34.00
C ALA J 77 -7.31 25.58 34.80
N HIS J 78 -6.97 24.96 35.94
CA HIS J 78 -7.94 24.37 36.84
C HIS J 78 -8.87 25.46 37.41
N LEU J 79 -8.29 26.60 37.77
CA LEU J 79 -9.05 27.73 38.26
C LEU J 79 -10.07 28.24 37.24
N LEU J 80 -9.68 28.28 35.97
CA LEU J 80 -10.60 28.75 34.92
C LEU J 80 -11.59 27.68 34.45
N ILE J 81 -11.08 26.50 34.11
CA ILE J 81 -11.92 25.42 33.57
C ILE J 81 -12.77 24.78 34.68
N HIS J 82 -12.16 24.47 35.82
CA HIS J 82 -12.84 23.78 36.90
C HIS J 82 -13.38 24.67 38.03
N GLY J 83 -13.05 25.96 37.98
CA GLY J 83 -13.70 26.95 38.84
C GLY J 83 -13.01 27.27 40.17
N LYS J 84 -11.91 26.60 40.47
CA LYS J 84 -11.17 26.86 41.71
C LYS J 84 -9.69 26.50 41.62
N LEU J 85 -8.91 27.09 42.53
CA LEU J 85 -7.52 26.71 42.71
C LEU J 85 -7.46 25.32 43.31
N PRO J 86 -6.76 24.39 42.64
CA PRO J 86 -6.82 23.01 43.07
C PRO J 86 -6.02 22.78 44.37
N THR J 87 -6.39 21.75 45.11
CA THR J 87 -5.57 21.29 46.21
C THR J 87 -4.44 20.48 45.61
N ARG J 88 -3.49 20.11 46.45
CA ARG J 88 -2.31 19.32 46.06
C ARG J 88 -2.68 17.98 45.41
N ASP J 89 -3.67 17.29 45.97
CA ASP J 89 -4.09 15.98 45.47
C ASP J 89 -5.02 16.10 44.26
N GLU J 90 -5.82 17.17 44.22
CA GLU J 90 -6.58 17.53 43.01
C GLU J 90 -5.65 17.86 41.85
N LEU J 91 -4.64 18.68 42.14
CA LEU J 91 -3.64 19.06 41.13
C LEU J 91 -2.84 17.86 40.58
N ASN J 92 -2.43 16.97 41.48
CA ASN J 92 -1.73 15.73 41.09
C ASN J 92 -2.58 14.87 40.14
N ALA J 93 -3.89 14.86 40.39
CA ALA J 93 -4.81 14.10 39.57
C ALA J 93 -5.07 14.79 38.23
N TYR J 94 -5.16 16.12 38.26
CA TYR J 94 -5.38 16.92 37.04
C TYR J 94 -4.19 16.82 36.08
N LYS J 95 -2.99 16.97 36.62
CA LYS J 95 -1.75 16.85 35.83
C LYS J 95 -1.60 15.46 35.22
N SER J 96 -1.92 14.44 36.02
CA SER J 96 -1.94 13.04 35.57
C SER J 96 -3.01 12.82 34.49
N LYS J 97 -4.14 13.49 34.63
CA LYS J 97 -5.21 13.37 33.65
C LYS J 97 -4.80 13.98 32.32
N LEU J 98 -4.15 15.14 32.37
CA LEU J 98 -3.77 15.87 31.16
C LEU J 98 -2.62 15.19 30.41
N LYS J 99 -1.69 14.63 31.18
CA LYS J 99 -0.52 13.92 30.67
C LYS J 99 -0.93 12.78 29.74
N ALA J 100 -2.08 12.19 30.04
CA ALA J 100 -2.58 11.04 29.28
C ALA J 100 -3.56 11.46 28.21
N LEU J 101 -3.85 12.77 28.12
CA LEU J 101 -4.74 13.31 27.09
C LEU J 101 -3.98 13.98 25.95
N ARG J 102 -2.68 13.69 25.87
CA ARG J 102 -1.79 14.29 24.89
C ARG J 102 -1.84 13.58 23.54
N GLY J 103 -2.49 12.42 23.48
CA GLY J 103 -2.50 11.62 22.27
C GLY J 103 -3.31 12.21 21.13
N LEU J 104 -3.02 11.73 19.92
CA LEU J 104 -3.75 12.14 18.74
C LEU J 104 -4.32 10.91 18.08
N PRO J 105 -5.64 10.92 17.81
CA PRO J 105 -6.38 9.89 17.10
C PRO J 105 -5.75 9.52 15.76
N ALA J 106 -5.85 8.25 15.38
CA ALA J 106 -5.32 7.78 14.09
C ALA J 106 -5.82 8.59 12.90
N ASN J 107 -7.10 8.92 12.88
CA ASN J 107 -7.65 9.71 11.79
C ASN J 107 -7.21 11.17 11.82
N VAL J 108 -7.04 11.72 13.02
CA VAL J 108 -6.59 13.10 13.16
C VAL J 108 -5.16 13.21 12.61
N ARG J 109 -4.37 12.17 12.82
CA ARG J 109 -3.02 12.08 12.27
C ARG J 109 -3.02 12.20 10.73
N THR J 110 -3.88 11.41 10.08
CA THR J 110 -4.09 11.46 8.63
C THR J 110 -4.47 12.87 8.16
N VAL J 111 -5.37 13.53 8.90
CA VAL J 111 -5.75 14.92 8.63
C VAL J 111 -4.57 15.90 8.72
N LEU J 112 -3.77 15.78 9.77
CA LEU J 112 -2.61 16.64 9.98
C LEU J 112 -1.51 16.39 8.94
N GLU J 113 -1.29 15.13 8.57
CA GLU J 113 -0.31 14.79 7.52
C GLU J 113 -0.72 15.39 6.15
N ALA J 114 -2.00 15.70 6.00
CA ALA J 114 -2.49 16.17 4.73
C ALA J 114 -2.35 17.69 4.56
N LEU J 115 -2.00 18.38 5.65
CA LEU J 115 -1.89 19.84 5.60
C LEU J 115 -0.46 20.21 5.26
N PRO J 116 -0.26 21.08 4.26
CA PRO J 116 1.10 21.36 3.76
C PRO J 116 1.98 22.14 4.76
N ALA J 117 3.30 22.07 4.56
CA ALA J 117 4.27 22.79 5.39
C ALA J 117 4.03 24.29 5.50
N ALA J 118 3.56 24.91 4.41
CA ALA J 118 3.36 26.38 4.32
C ALA J 118 2.10 26.88 5.02
N SER J 119 1.31 25.96 5.55
CA SER J 119 0.08 26.32 6.24
C SER J 119 0.40 27.28 7.37
N HIS J 120 -0.46 28.27 7.55
CA HIS J 120 -0.43 29.08 8.74
C HIS J 120 -0.69 28.15 9.91
N PRO J 121 0.23 28.12 10.89
CA PRO J 121 0.07 27.24 12.05
C PRO J 121 -1.24 27.44 12.81
N MET J 122 -1.80 28.64 12.76
CA MET J 122 -3.11 28.89 13.36
C MET J 122 -4.20 28.13 12.59
N ASP J 123 -4.00 27.97 11.29
CA ASP J 123 -4.95 27.24 10.44
C ASP J 123 -4.81 25.72 10.66
N VAL J 124 -3.61 25.28 11.06
CA VAL J 124 -3.38 23.87 11.39
C VAL J 124 -4.13 23.50 12.64
N MET J 125 -3.88 24.22 13.73
CA MET J 125 -4.64 24.05 14.96
C MET J 125 -6.13 24.10 14.68
N ARG J 126 -6.56 25.11 13.95
CA ARG J 126 -7.96 25.24 13.55
C ARG J 126 -8.47 23.91 12.95
N THR J 127 -7.74 23.39 11.97
CA THR J 127 -8.16 22.19 11.25
C THR J 127 -8.13 20.94 12.14
N GLY J 128 -7.15 20.91 13.05
CA GLY J 128 -6.98 19.78 13.95
C GLY J 128 -8.09 19.69 14.99
N VAL J 129 -8.41 20.84 15.61
CA VAL J 129 -9.48 20.90 16.60
C VAL J 129 -10.78 20.59 15.89
N SER J 130 -10.96 21.17 14.70
CA SER J 130 -12.13 20.86 13.87
C SER J 130 -12.26 19.34 13.64
N ALA J 131 -11.21 18.71 13.12
CA ALA J 131 -11.20 17.24 12.96
C ALA J 131 -11.47 16.49 14.27
N LEU J 132 -10.97 17.01 15.39
CA LEU J 132 -11.19 16.40 16.70
C LEU J 132 -12.66 16.46 17.15
N GLY J 133 -13.32 17.58 16.88
CA GLY J 133 -14.74 17.67 17.18
C GLY J 133 -15.57 16.62 16.45
N CYS J 134 -15.14 16.24 15.24
CA CYS J 134 -15.81 15.15 14.51
C CYS J 134 -15.49 13.79 15.11
N THR J 135 -14.33 13.70 15.74
CA THR J 135 -13.78 12.44 16.21
C THR J 135 -14.16 12.12 17.68
N LEU J 136 -14.05 13.11 18.55
CA LEU J 136 -14.45 12.92 19.96
C LEU J 136 -15.51 13.94 20.33
N PRO J 137 -16.70 13.84 19.72
CA PRO J 137 -17.65 14.95 19.81
C PRO J 137 -18.28 15.13 21.20
N GLU J 138 -18.76 16.34 21.44
CA GLU J 138 -19.66 16.60 22.57
C GLU J 138 -20.94 15.76 22.43
N LYS J 139 -21.42 15.23 23.56
CA LYS J 139 -22.72 14.56 23.65
C LYS J 139 -23.83 15.59 23.51
N GLU J 140 -24.96 15.20 22.91
CA GLU J 140 -26.01 16.15 22.54
C GLU J 140 -26.56 17.02 23.69
N GLY J 141 -26.49 16.50 24.91
CA GLY J 141 -26.93 17.23 26.10
C GLY J 141 -26.10 18.42 26.54
N HIS J 142 -24.83 18.47 26.15
CA HIS J 142 -23.98 19.63 26.44
C HIS J 142 -23.68 19.90 27.91
N THR J 143 -23.63 18.87 28.73
CA THR J 143 -23.40 18.99 30.17
C THR J 143 -22.12 19.75 30.51
N VAL J 144 -22.08 20.32 31.71
CA VAL J 144 -20.93 21.13 32.15
C VAL J 144 -19.67 20.27 32.28
N SER J 145 -19.83 19.08 32.84
CA SER J 145 -18.77 18.10 32.98
C SER J 145 -18.16 17.74 31.62
N GLY J 146 -19.01 17.40 30.66
CA GLY J 146 -18.61 17.17 29.28
C GLY J 146 -17.79 18.28 28.67
N ALA J 147 -18.20 19.53 28.87
CA ALA J 147 -17.45 20.69 28.34
C ALA J 147 -16.04 20.77 28.92
N ARG J 148 -15.93 20.55 30.23
CA ARG J 148 -14.61 20.56 30.89
C ARG J 148 -13.70 19.43 30.39
N ASP J 149 -14.31 18.30 30.04
CA ASP J 149 -13.55 17.18 29.48
C ASP J 149 -12.94 17.53 28.11
N ILE J 150 -13.74 18.18 27.26
CA ILE J 150 -13.25 18.69 25.97
C ILE J 150 -12.19 19.75 26.17
N ALA J 151 -12.48 20.74 27.02
CA ALA J 151 -11.51 21.78 27.40
C ALA J 151 -10.13 21.23 27.80
N ASP J 152 -10.13 20.24 28.69
CA ASP J 152 -8.90 19.58 29.14
C ASP J 152 -8.24 18.81 28.02
N LYS J 153 -9.07 18.24 27.14
CA LYS J 153 -8.55 17.49 25.98
C LYS J 153 -7.78 18.41 25.07
N LEU J 154 -8.37 19.56 24.74
CA LEU J 154 -7.73 20.57 23.90
C LEU J 154 -6.54 21.19 24.60
N LEU J 155 -6.69 21.47 25.89
CA LEU J 155 -5.59 22.00 26.67
C LEU J 155 -4.36 21.09 26.52
N ALA J 156 -4.55 19.78 26.72
CA ALA J 156 -3.47 18.81 26.68
C ALA J 156 -2.99 18.49 25.27
N SER J 157 -3.81 18.71 24.25
CA SER J 157 -3.44 18.20 22.93
C SER J 157 -3.11 19.28 21.88
N LEU J 158 -3.37 20.54 22.21
CA LEU J 158 -3.12 21.60 21.22
C LEU J 158 -1.67 21.62 20.76
N SER J 159 -0.74 21.47 21.69
CA SER J 159 0.67 21.35 21.34
C SER J 159 0.92 20.16 20.44
N SER J 160 0.26 19.04 20.74
CA SER J 160 0.44 17.82 19.99
C SER J 160 0.01 18.02 18.54
N ILE J 161 -1.17 18.58 18.36
CA ILE J 161 -1.69 18.88 17.04
C ILE J 161 -0.67 19.71 16.24
N LEU J 162 -0.19 20.80 16.85
CA LEU J 162 0.70 21.74 16.18
C LEU J 162 2.02 21.11 15.78
N LEU J 163 2.73 20.58 16.76
CA LEU J 163 4.11 20.15 16.55
C LEU J 163 4.20 18.83 15.78
N TYR J 164 3.15 18.02 15.91
CA TYR J 164 3.03 16.81 15.10
C TYR J 164 2.89 17.19 13.63
N TRP J 165 2.06 18.20 13.37
CA TRP J 165 1.99 18.79 12.03
C TRP J 165 3.34 19.36 11.59
N TYR J 166 3.90 20.24 12.41
CA TYR J 166 5.17 20.88 12.14
C TYR J 166 6.28 19.89 11.81
N HIS J 167 6.48 18.90 12.67
CA HIS J 167 7.57 17.96 12.43
C HIS J 167 7.36 17.01 11.24
N TYR J 168 6.11 16.61 10.98
CA TYR J 168 5.89 15.78 9.82
C TYR J 168 6.12 16.57 8.53
N SER J 169 5.40 17.67 8.37
CA SER J 169 5.47 18.48 7.17
C SER J 169 6.84 19.13 6.94
N HIS J 170 7.55 19.55 7.99
CA HIS J 170 8.85 20.20 7.79
C HIS J 170 10.04 19.25 7.83
N ASN J 171 9.93 18.19 8.64
CA ASN J 171 11.05 17.30 8.88
C ASN J 171 10.78 15.85 8.49
N GLY J 172 9.57 15.61 7.99
CA GLY J 172 9.17 14.29 7.49
C GLY J 172 9.19 13.21 8.55
N GLU J 173 9.07 13.61 9.81
CA GLU J 173 9.11 12.67 10.90
C GLU J 173 7.78 12.63 11.62
N ARG J 174 7.42 11.43 12.09
CA ARG J 174 6.24 11.25 12.96
C ARG J 174 6.70 11.16 14.42
N ILE J 175 6.65 12.30 15.11
CA ILE J 175 7.05 12.40 16.51
C ILE J 175 6.06 11.68 17.42
N GLN J 176 6.53 11.36 18.63
CA GLN J 176 5.71 10.77 19.67
C GLN J 176 5.10 11.93 20.46
N PRO J 177 3.77 12.10 20.40
CA PRO J 177 3.26 13.25 21.16
C PRO J 177 3.09 12.97 22.67
N GLU J 178 2.90 11.71 23.03
CA GLU J 178 2.66 11.33 24.43
C GLU J 178 4.02 11.22 25.16
N THR J 179 4.57 12.36 25.60
CA THR J 179 5.88 12.35 26.30
C THR J 179 5.72 12.15 27.80
N ASP J 180 6.83 12.16 28.52
CA ASP J 180 6.84 12.08 29.99
C ASP J 180 7.03 13.45 30.68
N ASP J 181 6.99 14.54 29.92
CA ASP J 181 7.07 15.88 30.51
C ASP J 181 5.91 16.11 31.47
N ASP J 182 6.19 16.86 32.53
CA ASP J 182 5.21 17.04 33.60
C ASP J 182 4.49 18.39 33.57
N SER J 183 4.42 19.01 32.39
CA SER J 183 3.63 20.23 32.21
C SER J 183 3.35 20.55 30.74
N ILE J 184 2.32 21.36 30.52
CA ILE J 184 1.93 21.83 29.20
C ILE J 184 3.11 22.58 28.53
N GLY J 185 3.73 23.50 29.26
CA GLY J 185 4.85 24.28 28.73
C GLY J 185 6.09 23.46 28.42
N GLY J 186 6.36 22.45 29.25
CA GLY J 186 7.50 21.55 29.05
C GLY J 186 7.31 20.62 27.88
N HIS J 187 6.12 20.04 27.80
CA HIS J 187 5.67 19.24 26.66
C HIS J 187 5.87 20.00 25.35
N PHE J 188 5.28 21.20 25.26
CA PHE J 188 5.38 22.05 24.06
C PHE J 188 6.83 22.22 23.61
N LEU J 189 7.70 22.67 24.52
CA LEU J 189 9.12 22.88 24.20
C LEU J 189 9.84 21.59 23.82
N HIS J 190 9.44 20.48 24.44
CA HIS J 190 10.04 19.17 24.16
C HIS J 190 9.73 18.79 22.72
N LEU J 191 8.44 18.83 22.39
CA LEU J 191 8.02 18.50 21.04
C LEU J 191 8.60 19.44 19.99
N LEU J 192 8.79 20.72 20.36
CA LEU J 192 9.38 21.70 19.44
C LEU J 192 10.86 21.44 19.12
N HIS J 193 11.71 21.44 20.16
CA HIS J 193 13.15 21.30 19.97
C HIS J 193 13.62 19.84 19.92
N GLY J 194 12.72 18.90 20.19
CA GLY J 194 13.06 17.49 20.19
C GLY J 194 13.85 17.08 21.43
N GLU J 195 13.96 18.02 22.38
CA GLU J 195 14.63 17.74 23.65
C GLU J 195 13.91 18.33 24.85
N LYS J 196 13.99 17.63 25.98
CA LYS J 196 13.40 18.12 27.21
C LYS J 196 14.02 19.49 27.53
N PRO J 197 13.17 20.47 27.88
CA PRO J 197 13.71 21.80 28.18
C PRO J 197 14.35 21.83 29.57
N THR J 198 15.14 22.86 29.85
CA THR J 198 15.72 23.09 31.17
C THR J 198 14.58 23.38 32.15
N GLN J 199 14.84 23.18 33.45
CA GLN J 199 13.85 23.47 34.47
C GLN J 199 13.47 24.95 34.42
N SER J 200 14.49 25.79 34.22
CA SER J 200 14.35 27.24 34.08
C SER J 200 13.34 27.63 32.98
N TRP J 201 13.52 27.04 31.79
CA TRP J 201 12.58 27.26 30.68
C TRP J 201 11.19 26.73 31.00
N GLU J 202 11.11 25.58 31.64
CA GLU J 202 9.80 25.06 32.05
C GLU J 202 9.05 26.09 32.89
N LYS J 203 9.75 26.74 33.80
CA LYS J 203 9.15 27.76 34.67
C LYS J 203 8.78 29.04 33.93
N ALA J 204 9.64 29.48 33.01
CA ALA J 204 9.32 30.60 32.10
C ALA J 204 8.00 30.34 31.36
N MET J 205 7.80 29.12 30.88
CA MET J 205 6.58 28.75 30.18
C MET J 205 5.36 28.82 31.10
N HIS J 206 5.51 28.34 32.34
CA HIS J 206 4.43 28.41 33.33
C HIS J 206 3.95 29.85 33.45
N ILE J 207 4.87 30.78 33.64
CA ILE J 207 4.55 32.18 33.88
C ILE J 207 3.87 32.82 32.67
N SER J 208 4.41 32.57 31.49
CA SER J 208 3.88 33.14 30.25
C SER J 208 2.45 32.69 29.96
N LEU J 209 2.19 31.40 30.17
CA LEU J 209 0.88 30.81 29.86
C LEU J 209 -0.20 31.31 30.81
N VAL J 210 0.18 31.54 32.08
CA VAL J 210 -0.71 32.14 33.07
C VAL J 210 -1.13 33.57 32.66
N LEU J 211 -0.14 34.35 32.24
CA LEU J 211 -0.34 35.75 31.88
C LEU J 211 -1.29 35.94 30.71
N TYR J 212 -1.30 34.98 29.79
CA TYR J 212 -2.10 35.00 28.58
C TYR J 212 -3.41 34.22 28.71
N ALA J 213 -3.63 33.60 29.87
CA ALA J 213 -4.74 32.65 30.06
C ALA J 213 -6.15 33.26 29.96
N GLU J 214 -6.34 34.47 30.50
CA GLU J 214 -7.67 35.06 30.59
C GLU J 214 -7.58 36.58 30.56
N HIS J 215 -8.54 37.21 29.89
CA HIS J 215 -8.54 38.67 29.82
C HIS J 215 -9.91 39.26 29.47
N GLU J 216 -10.96 38.65 30.03
CA GLU J 216 -12.33 39.15 29.92
C GLU J 216 -12.80 39.25 28.46
N PHE J 217 -13.71 40.19 28.18
CA PHE J 217 -14.27 40.33 26.84
C PHE J 217 -13.31 41.01 25.88
N ASN J 218 -13.07 40.31 24.78
CA ASN J 218 -12.25 40.77 23.69
C ASN J 218 -12.78 40.04 22.47
N ALA J 219 -12.15 40.23 21.32
CA ALA J 219 -12.64 39.67 20.06
C ALA J 219 -12.70 38.14 20.06
N SER J 220 -11.64 37.49 20.52
CA SER J 220 -11.59 36.02 20.50
C SER J 220 -12.56 35.46 21.54
N THR J 221 -12.48 35.99 22.76
CA THR J 221 -13.42 35.60 23.81
C THR J 221 -14.89 35.86 23.44
N PHE J 222 -15.18 37.03 22.86
CA PHE J 222 -16.54 37.37 22.48
C PHE J 222 -17.09 36.40 21.44
N THR J 223 -16.28 36.08 20.44
CA THR J 223 -16.67 35.13 19.40
C THR J 223 -17.02 33.76 20.00
N SER J 224 -16.24 33.32 20.99
CA SER J 224 -16.49 32.06 21.64
C SER J 224 -17.84 32.11 22.37
N ARG J 225 -18.19 33.29 22.87
CA ARG J 225 -19.45 33.45 23.61
C ARG J 225 -20.65 33.61 22.69
N VAL J 226 -20.45 34.16 21.50
CA VAL J 226 -21.54 34.27 20.53
C VAL J 226 -21.95 32.88 20.04
N ILE J 227 -20.95 32.03 19.80
CA ILE J 227 -21.18 30.69 19.24
C ILE J 227 -21.82 29.76 20.29
N ALA J 228 -21.27 29.74 21.49
CA ALA J 228 -21.87 29.02 22.62
C ALA J 228 -23.32 29.47 22.84
N GLY J 229 -23.59 30.73 22.50
CA GLY J 229 -24.90 31.34 22.71
C GLY J 229 -26.02 30.78 21.85
N THR J 230 -25.67 30.20 20.70
CA THR J 230 -26.64 29.63 19.78
C THR J 230 -26.93 28.18 20.15
N GLY J 231 -26.26 27.68 21.18
CA GLY J 231 -26.41 26.30 21.58
C GLY J 231 -25.38 25.38 20.95
N SER J 232 -24.41 25.96 20.24
CA SER J 232 -23.38 25.21 19.55
C SER J 232 -22.41 24.48 20.50
N ASP J 233 -21.58 23.63 19.90
CA ASP J 233 -20.68 22.77 20.65
C ASP J 233 -19.41 23.52 21.05
N VAL J 234 -18.67 22.96 21.99
CA VAL J 234 -17.45 23.59 22.48
C VAL J 234 -16.43 23.77 21.36
N TYR J 235 -16.21 22.71 20.57
CA TYR J 235 -15.24 22.78 19.48
C TYR J 235 -15.51 23.94 18.52
N SER J 236 -16.76 24.12 18.09
CA SER J 236 -17.12 25.25 17.23
C SER J 236 -16.75 26.61 17.83
N ALA J 237 -17.07 26.78 19.11
CA ALA J 237 -16.86 28.06 19.78
C ALA J 237 -15.37 28.37 19.91
N ILE J 238 -14.57 27.33 20.11
CA ILE J 238 -13.12 27.49 20.23
C ILE J 238 -12.48 27.73 18.87
N ILE J 239 -13.02 27.09 17.83
CA ILE J 239 -12.53 27.30 16.46
C ILE J 239 -12.82 28.70 15.94
N GLY J 240 -13.97 29.25 16.30
CA GLY J 240 -14.25 30.66 16.04
C GLY J 240 -13.26 31.59 16.73
N ALA J 241 -12.97 31.31 18.00
CA ALA J 241 -12.05 32.12 18.80
C ALA J 241 -10.63 32.11 18.22
N ILE J 242 -10.14 30.93 17.83
CA ILE J 242 -8.85 30.76 17.17
C ILE J 242 -8.76 31.61 15.88
N GLY J 243 -9.85 31.61 15.11
CA GLY J 243 -9.94 32.40 13.87
C GLY J 243 -9.77 33.88 14.12
N ALA J 244 -10.41 34.37 15.18
CA ALA J 244 -10.32 35.76 15.60
C ALA J 244 -8.93 36.10 16.09
N LEU J 245 -8.36 35.20 16.91
CA LEU J 245 -7.02 35.38 17.46
C LEU J 245 -5.96 35.41 16.36
N ARG J 246 -6.26 34.72 15.26
CA ARG J 246 -5.33 34.65 14.13
C ARG J 246 -5.05 36.05 13.65
N GLY J 247 -6.11 36.87 13.56
CA GLY J 247 -6.00 38.23 13.05
C GLY J 247 -4.89 39.02 13.72
N PRO J 248 -4.02 39.66 12.92
CA PRO J 248 -2.88 40.45 13.39
C PRO J 248 -3.24 41.46 14.47
N LYS J 249 -4.38 42.15 14.30
CA LYS J 249 -4.79 43.21 15.24
C LYS J 249 -5.18 42.66 16.63
N HIS J 250 -5.11 41.34 16.79
CA HIS J 250 -5.56 40.71 18.04
C HIS J 250 -4.53 39.72 18.64
N GLY J 251 -4.09 38.75 17.87
CA GLY J 251 -3.16 37.75 18.39
C GLY J 251 -1.73 37.83 17.89
N GLY J 252 -1.47 38.73 16.94
CA GLY J 252 -0.14 38.86 16.33
C GLY J 252 0.72 40.03 16.75
N ALA J 253 0.47 40.57 17.94
CA ALA J 253 1.19 41.76 18.40
C ALA J 253 2.65 41.47 18.73
N ASN J 254 2.91 40.34 19.42
CA ASN J 254 4.27 40.04 19.86
C ASN J 254 5.22 39.58 18.74
N GLU J 255 4.65 39.14 17.62
CA GLU J 255 5.41 38.77 16.44
C GLU J 255 6.08 40.00 15.83
N VAL J 256 5.33 41.08 15.70
CA VAL J 256 5.88 42.36 15.22
C VAL J 256 6.71 43.11 16.29
N SER J 257 6.42 42.86 17.56
CA SER J 257 7.28 43.34 18.65
C SER J 257 8.72 42.81 18.50
N LEU J 258 8.83 41.51 18.19
CA LEU J 258 10.13 40.89 17.94
C LEU J 258 10.78 41.48 16.68
N GLU J 259 9.99 41.61 15.62
CA GLU J 259 10.42 42.16 14.33
C GLU J 259 11.02 43.57 14.47
N ILE J 260 10.34 44.43 15.21
CA ILE J 260 10.83 45.78 15.49
C ILE J 260 12.14 45.69 16.27
N GLN J 261 12.16 44.83 17.29
CA GLN J 261 13.32 44.65 18.16
C GLN J 261 14.53 44.06 17.42
N GLN J 262 14.29 43.37 16.30
CA GLN J 262 15.36 42.72 15.54
C GLN J 262 15.96 43.61 14.45
N ARG J 263 15.40 44.80 14.26
CA ARG J 263 15.92 45.78 13.28
C ARG J 263 17.28 46.31 13.71
N TYR J 264 17.51 46.38 15.02
CA TYR J 264 18.56 47.21 15.58
C TYR J 264 19.71 46.41 16.20
N GLU J 265 20.93 46.91 16.01
CA GLU J 265 22.15 46.27 16.52
C GLU J 265 22.51 46.78 17.91
N THR J 266 22.28 48.07 18.13
CA THR J 266 22.54 48.72 19.40
C THR J 266 21.27 49.43 19.91
N PRO J 267 21.12 49.58 21.24
CA PRO J 267 19.98 50.29 21.82
C PRO J 267 19.89 51.76 21.39
N ASP J 268 21.04 52.37 21.15
CA ASP J 268 21.11 53.74 20.61
C ASP J 268 20.53 53.82 19.21
N GLU J 269 20.82 52.81 18.40
CA GLU J 269 20.29 52.71 17.03
C GLU J 269 18.77 52.63 17.04
N ALA J 270 18.24 51.91 18.02
CA ALA J 270 16.81 51.77 18.23
C ALA J 270 16.14 53.08 18.61
N GLU J 271 16.63 53.73 19.68
CA GLU J 271 16.11 55.01 20.13
C GLU J 271 16.03 55.99 18.95
N ALA J 272 17.14 56.12 18.24
CA ALA J 272 17.25 57.03 17.10
C ALA J 272 16.18 56.77 16.03
N ASP J 273 16.12 55.53 15.57
CA ASP J 273 15.19 55.14 14.51
C ASP J 273 13.75 55.24 14.97
N ILE J 274 13.49 54.82 16.21
CA ILE J 274 12.12 54.80 16.76
C ILE J 274 11.60 56.21 17.04
N ARG J 275 12.38 57.03 17.74
CA ARG J 275 11.92 58.38 18.08
C ARG J 275 11.78 59.26 16.84
N LYS J 276 12.40 58.83 15.74
CA LYS J 276 12.12 59.39 14.41
C LYS J 276 10.79 58.83 13.88
N ARG J 277 10.63 57.51 13.94
CA ARG J 277 9.41 56.83 13.50
C ARG J 277 8.14 57.39 14.14
N VAL J 278 8.17 57.54 15.47
CA VAL J 278 7.05 58.09 16.24
C VAL J 278 6.71 59.54 15.84
N GLU J 279 7.75 60.35 15.60
CA GLU J 279 7.58 61.73 15.17
C GLU J 279 6.81 61.83 13.85
N ASN J 280 6.77 60.72 13.10
CA ASN J 280 6.02 60.67 11.85
C ASN J 280 4.57 60.17 12.03
N LYS J 281 4.04 60.35 13.24
CA LYS J 281 2.72 59.86 13.64
C LYS J 281 2.67 58.35 13.90
N GLU J 282 3.66 57.63 13.38
CA GLU J 282 3.66 56.16 13.35
C GLU J 282 3.40 55.48 14.70
N VAL J 283 2.54 54.47 14.66
CA VAL J 283 2.24 53.63 15.82
C VAL J 283 3.42 52.68 16.05
N VAL J 284 3.75 52.43 17.32
CA VAL J 284 4.72 51.38 17.67
C VAL J 284 3.99 50.26 18.42
N ILE J 285 3.78 49.15 17.71
CA ILE J 285 3.04 48.00 18.23
C ILE J 285 3.78 47.36 19.41
N GLY J 286 3.03 47.14 20.49
CA GLY J 286 3.59 46.60 21.72
C GLY J 286 3.30 47.47 22.92
N PHE J 287 2.80 48.67 22.66
CA PHE J 287 2.57 49.66 23.72
C PHE J 287 1.11 50.11 23.76
N GLY J 288 0.65 50.50 24.94
CA GLY J 288 -0.73 50.95 25.12
C GLY J 288 -1.73 49.81 25.10
N HIS J 289 -2.94 50.10 25.60
CA HIS J 289 -4.00 49.10 25.69
C HIS J 289 -5.38 49.76 25.78
N PRO J 290 -6.42 49.12 25.19
CA PRO J 290 -7.75 49.71 25.27
C PRO J 290 -8.28 49.89 26.69
N VAL J 291 -7.94 48.97 27.59
CA VAL J 291 -8.49 48.97 28.96
C VAL J 291 -7.57 49.65 30.00
N TYR J 292 -6.29 49.27 30.04
CA TYR J 292 -5.36 49.84 31.03
C TYR J 292 -5.00 51.30 30.71
N THR J 293 -4.78 52.10 31.77
CA THR J 293 -4.38 53.52 31.61
C THR J 293 -3.14 53.91 32.44
N ILE J 294 -2.74 53.06 33.37
CA ILE J 294 -1.53 53.31 34.18
C ILE J 294 -0.43 52.28 33.87
N ALA J 295 -0.81 51.00 33.80
CA ALA J 295 0.09 49.91 33.44
C ALA J 295 -0.67 48.63 33.04
N ASP J 296 -0.02 47.79 32.23
CA ASP J 296 -0.43 46.40 32.06
C ASP J 296 0.26 45.66 33.20
N PRO J 297 -0.54 45.09 34.13
CA PRO J 297 0.04 44.34 35.25
C PRO J 297 0.94 43.19 34.79
N ARG J 298 0.70 42.67 33.59
CA ARG J 298 1.41 41.50 33.09
C ARG J 298 2.81 41.82 32.57
N HIS J 299 2.99 43.06 32.11
CA HIS J 299 4.25 43.51 31.51
C HIS J 299 5.44 43.33 32.46
N GLN J 300 5.27 43.79 33.70
CA GLN J 300 6.30 43.74 34.73
C GLN J 300 6.79 42.32 35.00
N VAL J 301 5.86 41.36 34.94
CA VAL J 301 6.12 39.97 35.28
C VAL J 301 6.91 39.28 34.16
N ILE J 302 6.54 39.55 32.91
CA ILE J 302 7.20 38.94 31.77
C ILE J 302 8.55 39.59 31.48
N LYS J 303 8.69 40.86 31.86
CA LYS J 303 9.99 41.54 31.78
C LYS J 303 11.00 40.83 32.67
N ARG J 304 10.58 40.49 33.88
CA ARG J 304 11.43 39.75 34.82
C ARG J 304 11.84 38.41 34.22
N VAL J 305 10.88 37.68 33.67
CA VAL J 305 11.14 36.40 32.96
C VAL J 305 12.15 36.59 31.81
N ALA J 306 11.89 37.59 30.96
CA ALA J 306 12.78 37.94 29.86
C ALA J 306 14.22 38.21 30.33
N LYS J 307 14.39 39.04 31.35
CA LYS J 307 15.73 39.35 31.84
C LYS J 307 16.43 38.08 32.28
N GLN J 308 15.78 37.30 33.15
CA GLN J 308 16.35 36.06 33.65
C GLN J 308 16.68 35.08 32.52
N LEU J 309 15.82 35.01 31.51
CA LEU J 309 16.05 34.17 30.34
C LEU J 309 17.22 34.64 29.48
N SER J 310 17.34 35.96 29.33
CA SER J 310 18.42 36.55 28.53
C SER J 310 19.76 36.39 29.22
N GLU J 311 19.78 36.64 30.53
CA GLU J 311 20.97 36.49 31.38
C GLU J 311 21.60 35.11 31.22
N GLU J 312 20.86 34.09 31.62
CA GLU J 312 21.36 32.72 31.73
C GLU J 312 21.53 32.07 30.36
N GLY J 313 20.98 32.72 29.33
CA GLY J 313 21.15 32.29 27.95
C GLY J 313 22.30 32.99 27.24
N GLY J 314 23.00 33.85 27.98
CA GLY J 314 24.18 34.54 27.46
C GLY J 314 23.91 35.90 26.84
N SER J 315 22.89 35.97 25.98
CA SER J 315 22.64 37.18 25.19
C SER J 315 21.58 38.09 25.82
N LEU J 316 22.03 39.24 26.32
CA LEU J 316 21.14 40.25 26.90
C LEU J 316 20.83 41.34 25.88
N LYS J 317 21.32 41.15 24.66
CA LYS J 317 21.21 42.13 23.59
C LYS J 317 19.77 42.57 23.34
N MET J 318 18.93 41.63 22.92
CA MET J 318 17.54 41.90 22.56
C MET J 318 16.76 42.46 23.75
N TYR J 319 17.06 41.99 24.95
CA TYR J 319 16.46 42.52 26.18
C TYR J 319 16.80 44.01 26.36
N HIS J 320 18.05 44.38 26.07
CA HIS J 320 18.48 45.77 26.22
C HIS J 320 17.81 46.72 25.23
N ILE J 321 17.60 46.25 24.00
CA ILE J 321 16.91 47.06 22.99
C ILE J 321 15.44 47.31 23.37
N ALA J 322 14.74 46.25 23.76
CA ALA J 322 13.34 46.38 24.19
C ALA J 322 13.25 47.31 25.39
N ASP J 323 14.14 47.08 26.36
CA ASP J 323 14.17 47.86 27.59
C ASP J 323 14.43 49.34 27.33
N ARG J 324 15.38 49.63 26.44
CA ARG J 324 15.68 50.99 26.02
C ARG J 324 14.46 51.67 25.42
N LEU J 325 13.69 50.91 24.65
CA LEU J 325 12.57 51.46 23.91
C LEU J 325 11.37 51.78 24.80
N GLU J 326 11.22 51.05 25.91
CA GLU J 326 10.17 51.34 26.90
C GLU J 326 10.38 52.72 27.49
N THR J 327 11.60 52.99 27.96
CA THR J 327 11.97 54.31 28.47
C THR J 327 11.65 55.42 27.46
N VAL J 328 12.06 55.19 26.21
CA VAL J 328 11.85 56.15 25.12
C VAL J 328 10.37 56.39 24.80
N MET J 329 9.59 55.32 24.67
CA MET J 329 8.15 55.41 24.40
C MET J 329 7.36 56.13 25.50
N TRP J 330 7.91 56.12 26.70
CA TRP J 330 7.33 56.82 27.85
C TRP J 330 7.67 58.31 27.83
N GLU J 331 8.82 58.65 27.26
CA GLU J 331 9.24 60.05 27.10
C GLU J 331 8.51 60.70 25.92
N THR J 332 8.41 59.96 24.83
CA THR J 332 7.90 60.48 23.56
C THR J 332 6.36 60.59 23.51
N LYS J 333 5.67 59.45 23.55
CA LYS J 333 4.20 59.44 23.52
C LYS J 333 3.57 59.22 24.90
N LYS J 334 4.42 59.06 25.92
CA LYS J 334 4.02 58.82 27.31
C LYS J 334 3.26 57.49 27.46
N MET J 335 3.72 56.47 26.74
CA MET J 335 3.01 55.21 26.66
C MET J 335 3.70 54.06 27.39
N PHE J 336 2.91 53.27 28.11
CA PHE J 336 3.39 52.05 28.75
C PHE J 336 3.43 50.89 27.77
N PRO J 337 4.35 49.93 28.01
CA PRO J 337 4.33 48.66 27.28
C PRO J 337 3.28 47.71 27.83
N ASN J 338 2.69 46.92 26.93
CA ASN J 338 1.78 45.83 27.31
C ASN J 338 2.47 44.47 27.32
N LEU J 339 1.69 43.41 27.57
CA LEU J 339 2.23 42.04 27.63
C LEU J 339 3.13 41.66 26.43
N ASP J 340 2.72 42.05 25.22
CA ASP J 340 3.35 41.63 23.97
C ASP J 340 4.71 42.26 23.65
N TRP J 341 5.15 43.23 24.46
CA TRP J 341 6.48 43.79 24.26
C TRP J 341 7.57 42.81 24.71
N PHE J 342 7.55 42.41 25.98
CA PHE J 342 8.60 41.52 26.48
C PHE J 342 8.43 40.02 26.26
N SER J 343 7.21 39.55 25.95
CA SER J 343 7.04 38.13 25.61
C SER J 343 7.74 37.76 24.30
N ALA J 344 7.85 38.74 23.39
CA ALA J 344 8.63 38.58 22.17
C ALA J 344 10.08 38.24 22.51
N VAL J 345 10.62 38.93 23.51
CA VAL J 345 11.98 38.70 23.98
C VAL J 345 12.11 37.31 24.65
N SER J 346 11.17 36.98 25.54
CA SER J 346 11.25 35.73 26.30
C SER J 346 10.99 34.46 25.48
N TYR J 347 10.01 34.50 24.58
CA TYR J 347 9.75 33.36 23.68
C TYR J 347 10.91 33.12 22.71
N ASN J 348 11.49 34.22 22.22
CA ASN J 348 12.68 34.17 21.37
C ASN J 348 13.88 33.53 22.08
N MET J 349 14.06 33.88 23.36
CA MET J 349 15.19 33.35 24.16
C MET J 349 15.05 31.86 24.44
N MET J 350 13.85 31.34 24.23
CA MET J 350 13.59 29.91 24.38
C MET J 350 13.46 29.20 23.03
N GLY J 351 13.78 29.91 21.94
CA GLY J 351 13.84 29.32 20.61
C GLY J 351 12.51 29.01 19.94
N VAL J 352 11.45 29.66 20.42
CA VAL J 352 10.15 29.59 19.76
C VAL J 352 10.20 30.44 18.50
N PRO J 353 9.96 29.83 17.32
CA PRO J 353 9.93 30.64 16.09
C PRO J 353 8.75 31.62 16.12
N THR J 354 8.81 32.67 15.31
CA THR J 354 7.77 33.69 15.23
C THR J 354 6.38 33.10 14.99
N GLU J 355 6.28 32.19 14.01
CA GLU J 355 5.01 31.65 13.55
C GLU J 355 4.31 30.81 14.62
N MET J 356 4.99 30.59 15.74
CA MET J 356 4.38 29.84 16.84
C MET J 356 3.98 30.69 18.04
N PHE J 357 4.14 32.00 17.92
CA PHE J 357 3.71 32.94 18.97
C PHE J 357 2.20 32.88 19.22
N THR J 358 1.39 33.03 18.17
CA THR J 358 -0.06 32.98 18.38
C THR J 358 -0.52 31.58 18.76
N PRO J 359 0.05 30.52 18.15
CA PRO J 359 -0.26 29.18 18.67
C PRO J 359 -0.10 29.04 20.20
N LEU J 360 0.96 29.64 20.77
CA LEU J 360 1.17 29.58 22.22
C LEU J 360 0.05 30.30 23.00
N PHE J 361 -0.29 31.51 22.54
CA PHE J 361 -1.46 32.28 22.99
C PHE J 361 -2.74 31.41 23.06
N VAL J 362 -3.04 30.71 21.97
CA VAL J 362 -4.15 29.73 21.95
C VAL J 362 -4.04 28.72 23.10
N ILE J 363 -2.84 28.16 23.28
CA ILE J 363 -2.64 27.12 24.28
C ILE J 363 -2.91 27.67 25.68
N ALA J 364 -2.67 28.97 25.86
CA ALA J 364 -2.89 29.62 27.13
C ALA J 364 -4.35 30.05 27.27
N ARG J 365 -4.85 30.75 26.25
CA ARG J 365 -6.16 31.37 26.31
C ARG J 365 -7.35 30.39 26.11
N VAL J 366 -7.08 29.17 25.67
CA VAL J 366 -8.13 28.17 25.58
C VAL J 366 -8.80 27.92 26.94
N THR J 367 -8.03 28.08 28.02
CA THR J 367 -8.56 27.97 29.37
C THR J 367 -9.65 29.02 29.59
N GLY J 368 -9.31 30.29 29.31
CA GLY J 368 -10.27 31.39 29.36
C GLY J 368 -11.50 31.19 28.50
N TRP J 369 -11.28 30.83 27.23
CA TRP J 369 -12.38 30.64 26.30
C TRP J 369 -13.35 29.63 26.86
N ALA J 370 -12.82 28.53 27.40
CA ALA J 370 -13.66 27.44 27.89
C ALA J 370 -14.47 27.85 29.11
N ALA J 371 -13.83 28.58 30.02
CA ALA J 371 -14.53 29.18 31.17
C ALA J 371 -15.67 30.11 30.72
N HIS J 372 -15.41 30.90 29.67
CA HIS J 372 -16.42 31.82 29.13
C HIS J 372 -17.53 31.06 28.41
N ILE J 373 -17.15 29.98 27.72
CA ILE J 373 -18.13 29.14 27.03
C ILE J 373 -19.04 28.44 28.03
N ILE J 374 -18.48 28.01 29.15
CA ILE J 374 -19.24 27.33 30.20
C ILE J 374 -20.23 28.28 30.86
N GLU J 375 -19.81 29.54 30.97
CA GLU J 375 -20.56 30.57 31.70
C GLU J 375 -21.69 31.10 30.82
N GLN J 376 -21.38 31.27 29.53
CA GLN J 376 -22.38 31.70 28.55
C GLN J 376 -23.58 30.76 28.52
N ARG J 377 -23.32 29.46 28.52
CA ARG J 377 -24.36 28.45 28.46
C ARG J 377 -25.30 28.50 29.66
N GLN J 378 -24.82 29.07 30.77
CA GLN J 378 -25.57 29.08 32.01
C GLN J 378 -26.37 30.37 32.19
N ASP J 379 -26.07 31.37 31.39
CA ASP J 379 -26.64 32.71 31.57
C ASP J 379 -26.62 33.43 30.21
N ASN J 380 -27.51 33.02 29.32
CA ASN J 380 -27.47 33.50 27.93
C ASN J 380 -27.94 34.93 27.67
N LYS J 381 -27.71 35.40 26.45
CA LYS J 381 -27.63 36.83 26.15
C LYS J 381 -28.42 37.31 24.91
N ILE J 382 -28.90 38.55 24.98
CA ILE J 382 -29.51 39.25 23.85
C ILE J 382 -28.51 40.19 23.16
N ILE J 383 -28.33 40.00 21.85
CA ILE J 383 -27.53 40.90 21.01
C ILE J 383 -27.73 40.62 19.52
N SER J 386 -26.38 45.98 17.13
CA SER J 386 -27.34 46.22 16.04
C SER J 386 -26.72 47.02 14.90
N ALA J 387 -27.15 46.73 13.67
CA ALA J 387 -26.58 47.38 12.48
C ALA J 387 -27.22 48.73 12.16
N ASN J 388 -26.38 49.69 11.80
CA ASN J 388 -26.84 50.94 11.19
C ASN J 388 -26.80 50.83 9.68
N TYR J 389 -27.98 50.89 9.04
CA TYR J 389 -28.08 50.81 7.59
C TYR J 389 -27.57 52.07 6.89
N THR J 390 -26.74 51.87 5.88
CA THR J 390 -26.11 52.95 5.13
C THR J 390 -26.15 52.74 3.61
N GLY J 391 -26.97 51.82 3.15
CA GLY J 391 -27.05 51.46 1.73
C GLY J 391 -28.11 52.23 0.97
N PRO J 392 -28.38 51.81 -0.28
CA PRO J 392 -29.41 52.45 -1.13
C PRO J 392 -30.84 52.24 -0.61
N GLU J 393 -31.72 53.21 -0.84
CA GLU J 393 -33.15 53.01 -0.56
C GLU J 393 -33.74 51.93 -1.47
N ASP J 394 -34.96 51.46 -1.15
CA ASP J 394 -35.65 50.48 -1.99
C ASP J 394 -35.63 50.93 -3.44
N ARG J 395 -35.18 50.04 -4.33
CA ARG J 395 -35.18 50.32 -5.76
C ARG J 395 -35.99 49.28 -6.52
N PRO J 396 -36.53 49.65 -7.71
CA PRO J 396 -37.26 48.65 -8.48
C PRO J 396 -36.30 47.59 -9.04
N PHE J 397 -36.81 46.39 -9.23
CA PHE J 397 -36.05 45.31 -9.82
C PHE J 397 -35.77 45.65 -11.28
N VAL J 398 -34.55 45.39 -11.71
CA VAL J 398 -34.21 45.54 -13.12
C VAL J 398 -34.06 44.13 -13.72
N SER J 399 -34.91 43.81 -14.69
CA SER J 399 -34.81 42.55 -15.40
C SER J 399 -33.42 42.40 -16.04
N ILE J 400 -33.00 41.17 -16.29
CA ILE J 400 -31.62 40.92 -16.74
C ILE J 400 -31.23 41.52 -18.09
N ASP J 401 -32.17 41.56 -19.04
CA ASP J 401 -31.95 42.21 -20.33
C ASP J 401 -31.80 43.74 -20.23
N ASP J 402 -32.20 44.30 -19.09
CA ASP J 402 -32.24 45.75 -18.91
C ASP J 402 -31.07 46.27 -18.09
N ARG J 403 -30.27 45.37 -17.53
CA ARG J 403 -29.06 45.81 -16.83
C ARG J 403 -27.97 46.23 -17.82
N CYS J 404 -27.33 47.36 -17.49
CA CYS J 404 -26.63 48.24 -18.46
C CYS J 404 -26.93 48.01 -19.95
#